data_9IM2
#
_entry.id   9IM2
#
_cell.length_a   1.00
_cell.length_b   1.00
_cell.length_c   1.00
_cell.angle_alpha   90.00
_cell.angle_beta   90.00
_cell.angle_gamma   90.00
#
_symmetry.space_group_name_H-M   'P 1'
#
loop_
_entity.id
_entity.type
_entity.pdbx_description
1 polymer 'Primase D5'
2 polymer "DNA (5'-D(P*TP*TP*TP*TP*TP*TP*T)-3')"
3 non-polymer 'ADENOSINE MONOPHOSPHATE'
4 non-polymer "ADENOSINE-5'-TRIPHOSPHATE"
5 non-polymer 'MAGNESIUM ION'
6 non-polymer "ADENOSINE-5'-DIPHOSPHATE"
#
loop_
_entity_poly.entity_id
_entity_poly.type
_entity_poly.pdbx_seq_one_letter_code
_entity_poly.pdbx_strand_id
1 'polypeptide(L)'
;MDAAIRGNDVIFVLKTIGVPSACRQNEDPRFVEAFKCDELERYIDNNPECTLFESLRDEEAYSIVRIFMDVDLDACLDEI
DYLTAIQDFIIEVSNCVARFAFTECGAIHENVIKSMRSNFSLTKSTNRDKTSFHIIFLDTYTTMDTLIAMKRTLLELSRS
SENPLTRSIDTAVYRRKTTLRVVGTRKNPNCDTIHVMQPPHDNIEDYLFTYVDMNNNSYYFSLQRRLEDLVPDKLWEPGF
ISFEDAIKRVSKIFINSIINFNDLDENNFTTVPLVIDYVTPCALCKKRSHKHPHQLSLENGAIRIYKTGNPHSCKVKIVP
LDGNKLFNIAQRILDTNSVLLTERGDHIVWINNSWKFNSEEPLITKLILSIRHQLPKEYSSELLCPRKRKTVEANIRDML
VDSVETDTYPDKLPFKNGVLDLVDGMFYSGDDAKKYTCTVSTGFKFDDTKFVEDSPEMEELMNIINDIQPLTDENKKNRE
LYEKTLSSCLCGATKGCLTFFFGETATGKSTTKRLLKSAIGDLFVETGQTILTDVLDKGPNPFIANMHLKRSVFCSELPD
FACSGSKKIRSDNIKKLTEPCVIGRPCFSNKINNRNHATIIIDTNYKPVFDRIDNALMRRIAVVRFRTHFSQPSGREAAE
NNDAYDKVKLLDEGLDGKIQNNRYRFAFLYLLVKWYKKYHIPIMKLYPTPEEIPDFAFYLKIGTLLVSSSVKHIPLMTDL
SKKGYILYDNVVTLPLTTFQQKISKYFNSRLFGHDIESFINRHKKFANVSDEYLQYIFIEDISSP
;
E,F,A,B,C,D
2 'polydeoxyribonucleotide' (DT)(DT)(DT)(DT)(DT)(DT)(DT) X
#
loop_
_chem_comp.id
_chem_comp.type
_chem_comp.name
_chem_comp.formula
ADP non-polymer ADENOSINE-5'-DIPHOSPHATE 'C10 H15 N5 O10 P2'
AMP non-polymer 'ADENOSINE MONOPHOSPHATE' 'C10 H14 N5 O7 P'
ATP non-polymer ADENOSINE-5'-TRIPHOSPHATE 'C10 H16 N5 O13 P3'
DT DNA linking THYMIDINE-5'-MONOPHOSPHATE 'C10 H15 N2 O8 P'
MG non-polymer 'MAGNESIUM ION' 'Mg 2'
#
# COMPACT_ATOMS: atom_id res chain seq x y z
N PHE A 240 -4.40 60.62 3.30
CA PHE A 240 -3.00 60.55 2.90
C PHE A 240 -2.38 59.20 3.31
N ILE A 241 -2.46 58.24 2.39
CA ILE A 241 -1.87 56.93 2.63
C ILE A 241 -0.43 56.86 2.12
N SER A 242 -0.08 57.65 1.12
CA SER A 242 1.24 57.55 0.49
C SER A 242 2.32 58.25 1.32
N PHE A 243 2.42 57.89 2.60
CA PHE A 243 3.55 58.38 3.39
C PHE A 243 4.80 57.55 3.11
N GLU A 244 4.66 56.23 3.07
CA GLU A 244 5.77 55.34 2.79
C GLU A 244 5.48 54.26 1.76
N ASP A 245 4.22 53.90 1.55
CA ASP A 245 3.94 52.76 0.67
C ASP A 245 4.07 53.13 -0.80
N ALA A 246 3.34 54.15 -1.25
CA ALA A 246 3.30 54.46 -2.67
C ALA A 246 4.59 55.13 -3.15
N ILE A 247 5.19 55.99 -2.32
CA ILE A 247 6.38 56.70 -2.75
C ILE A 247 7.54 55.74 -2.95
N LYS A 248 7.65 54.71 -2.12
CA LYS A 248 8.69 53.71 -2.35
C LYS A 248 8.36 52.83 -3.55
N ARG A 249 7.07 52.59 -3.82
CA ARG A 249 6.71 51.87 -5.04
C ARG A 249 7.16 52.64 -6.27
N VAL A 250 7.02 53.97 -6.25
CA VAL A 250 7.58 54.79 -7.31
C VAL A 250 9.11 54.73 -7.30
N SER A 251 9.71 54.64 -6.12
CA SER A 251 11.16 54.69 -6.02
C SER A 251 11.83 53.43 -6.59
N LYS A 252 11.32 52.24 -6.24
CA LYS A 252 12.03 51.02 -6.60
C LYS A 252 12.15 50.85 -8.11
N ILE A 253 11.09 51.18 -8.86
CA ILE A 253 11.10 50.93 -10.29
C ILE A 253 12.23 51.69 -10.98
N PHE A 254 12.59 52.87 -10.46
CA PHE A 254 13.73 53.63 -10.95
C PHE A 254 14.95 53.25 -10.11
N ILE A 255 15.81 52.41 -10.67
CA ILE A 255 16.98 51.92 -9.93
C ILE A 255 17.94 53.06 -9.63
N ASN A 256 18.06 54.02 -10.54
CA ASN A 256 18.96 55.15 -10.34
C ASN A 256 18.47 56.02 -9.19
N SER A 257 19.42 56.67 -8.52
CA SER A 257 19.12 57.48 -7.36
C SER A 257 18.36 58.74 -7.76
N ILE A 258 17.61 59.28 -6.79
CA ILE A 258 16.80 60.48 -6.99
C ILE A 258 17.17 61.49 -5.91
N ILE A 259 17.44 62.72 -6.32
CA ILE A 259 17.76 63.78 -5.37
C ILE A 259 16.53 64.51 -4.86
N ASN A 260 15.42 64.50 -5.61
CA ASN A 260 14.20 65.15 -5.17
C ASN A 260 13.50 64.42 -4.03
N PHE A 261 13.93 63.21 -3.69
CA PHE A 261 13.34 62.40 -2.63
C PHE A 261 13.61 62.95 -1.23
N ASN A 262 14.22 64.13 -1.10
CA ASN A 262 14.49 64.68 0.23
C ASN A 262 13.18 64.97 0.97
N ASP A 263 12.19 65.53 0.28
CA ASP A 263 10.91 65.81 0.91
C ASP A 263 9.80 65.80 -0.14
N LEU A 264 8.71 65.11 0.17
CA LEU A 264 7.53 65.07 -0.68
C LEU A 264 6.29 65.15 0.19
N ASP A 265 5.17 65.51 -0.43
CA ASP A 265 3.91 65.60 0.28
C ASP A 265 2.76 65.46 -0.71
N GLU A 266 1.57 65.19 -0.19
CA GLU A 266 0.40 65.03 -1.05
C GLU A 266 0.07 66.33 -1.78
N ASN A 267 0.22 67.47 -1.10
CA ASN A 267 -0.11 68.74 -1.73
C ASN A 267 0.78 69.03 -2.93
N ASN A 268 2.07 68.75 -2.83
CA ASN A 268 3.02 68.95 -3.90
C ASN A 268 3.34 67.67 -4.65
N PHE A 269 2.44 66.68 -4.62
CA PHE A 269 2.71 65.41 -5.27
C PHE A 269 2.76 65.55 -6.78
N THR A 270 1.87 66.36 -7.37
CA THR A 270 1.81 66.49 -8.82
C THR A 270 2.61 67.68 -9.35
N THR A 271 2.72 68.76 -8.60
CA THR A 271 3.24 70.00 -9.17
C THR A 271 4.75 69.93 -9.39
N VAL A 272 5.49 69.16 -8.59
CA VAL A 272 6.94 69.16 -8.68
C VAL A 272 7.41 68.18 -9.75
N PRO A 273 8.16 68.63 -10.75
CA PRO A 273 8.80 67.71 -11.69
C PRO A 273 10.09 67.17 -11.10
N LEU A 274 10.09 65.89 -10.73
CA LEU A 274 11.26 65.30 -10.12
C LEU A 274 12.38 65.13 -11.14
N VAL A 275 13.61 65.43 -10.71
CA VAL A 275 14.81 65.27 -11.53
C VAL A 275 15.71 64.26 -10.84
N ILE A 276 16.13 63.24 -11.58
CA ILE A 276 16.92 62.15 -11.02
C ILE A 276 18.24 62.06 -11.78
N ASP A 277 19.26 61.57 -11.09
CA ASP A 277 20.57 61.35 -11.66
C ASP A 277 20.65 59.94 -12.25
N TYR A 278 21.55 59.77 -13.22
CA TYR A 278 21.68 58.51 -13.93
C TYR A 278 23.13 58.02 -13.86
N VAL A 279 23.33 56.91 -13.16
CA VAL A 279 24.59 56.18 -13.20
C VAL A 279 24.47 54.88 -13.99
N THR A 280 23.25 54.48 -14.34
CA THR A 280 22.95 53.30 -15.12
C THR A 280 21.95 53.67 -16.20
N PRO A 281 21.79 52.85 -17.23
CA PRO A 281 20.77 53.14 -18.25
C PRO A 281 19.39 53.21 -17.62
N CYS A 282 18.52 54.00 -18.26
CA CYS A 282 17.21 54.30 -17.69
C CYS A 282 16.42 53.03 -17.44
N ALA A 283 15.70 53.01 -16.32
CA ALA A 283 14.98 51.81 -15.91
C ALA A 283 13.73 51.57 -16.75
N LEU A 284 13.03 52.64 -17.13
CA LEU A 284 11.79 52.55 -17.88
C LEU A 284 12.00 52.56 -19.39
N CYS A 285 13.24 52.33 -19.84
CA CYS A 285 13.57 52.41 -21.26
C CYS A 285 14.97 51.86 -21.52
N LYS A 286 15.46 52.01 -22.74
CA LYS A 286 16.88 51.90 -23.04
C LYS A 286 17.29 53.24 -23.66
N LYS A 287 17.58 54.22 -22.81
CA LYS A 287 17.91 55.57 -23.25
C LYS A 287 19.07 56.07 -22.39
N ARG A 288 19.36 57.37 -22.49
CA ARG A 288 20.51 57.96 -21.81
C ARG A 288 20.07 59.20 -21.01
N SER A 289 20.06 59.06 -19.69
CA SER A 289 20.05 60.17 -18.73
C SER A 289 18.71 60.91 -18.63
N HIS A 290 17.76 60.60 -19.51
CA HIS A 290 16.42 61.20 -19.47
C HIS A 290 16.50 62.72 -19.32
N LYS A 291 16.99 63.36 -20.38
CA LYS A 291 17.25 64.80 -20.36
C LYS A 291 16.02 65.59 -19.91
N HIS A 292 14.84 65.15 -20.32
CA HIS A 292 13.61 65.79 -19.85
C HIS A 292 13.19 65.19 -18.53
N PRO A 293 12.89 66.01 -17.51
CA PRO A 293 12.49 65.46 -16.22
C PRO A 293 11.16 64.73 -16.30
N HIS A 294 10.98 63.77 -15.40
CA HIS A 294 9.76 62.99 -15.35
C HIS A 294 8.65 63.78 -14.65
N GLN A 295 7.45 63.20 -14.62
CA GLN A 295 6.30 63.85 -14.04
C GLN A 295 5.34 62.79 -13.53
N LEU A 296 4.69 63.12 -12.41
CA LEU A 296 3.76 62.24 -11.71
C LEU A 296 2.35 62.82 -11.79
N SER A 297 1.37 61.94 -11.96
CA SER A 297 -0.03 62.35 -12.07
C SER A 297 -0.90 61.36 -11.32
N LEU A 298 -2.10 61.81 -10.95
CA LEU A 298 -3.08 60.99 -10.26
C LEU A 298 -4.39 61.03 -11.04
N GLU A 299 -4.97 59.85 -11.28
CA GLU A 299 -6.22 59.76 -12.01
C GLU A 299 -6.91 58.45 -11.68
N ASN A 300 -8.18 58.54 -11.27
CA ASN A 300 -9.00 57.36 -10.96
C ASN A 300 -8.34 56.49 -9.90
N GLY A 301 -7.73 57.12 -8.89
CA GLY A 301 -7.04 56.38 -7.87
C GLY A 301 -5.82 55.64 -8.34
N ALA A 302 -5.22 56.08 -9.45
CA ALA A 302 -4.07 55.43 -10.04
C ALA A 302 -2.96 56.45 -10.26
N ILE A 303 -1.73 56.05 -9.97
CA ILE A 303 -0.56 56.92 -10.12
C ILE A 303 0.05 56.65 -11.49
N ARG A 304 0.39 57.71 -12.20
CA ARG A 304 0.96 57.61 -13.53
C ARG A 304 2.29 58.36 -13.58
N ILE A 305 3.28 57.74 -14.21
CA ILE A 305 4.61 58.33 -14.37
C ILE A 305 4.88 58.48 -15.87
N TYR A 306 5.21 59.70 -16.30
CA TYR A 306 5.45 59.94 -17.72
C TYR A 306 6.54 60.98 -17.88
N LYS A 307 7.28 60.88 -18.98
CA LYS A 307 8.37 61.80 -19.27
C LYS A 307 7.82 63.08 -19.90
N THR A 308 8.25 64.22 -19.38
CA THR A 308 7.84 65.50 -19.95
C THR A 308 8.54 65.75 -21.28
N GLY A 309 8.04 66.73 -22.01
CA GLY A 309 8.61 67.07 -23.30
C GLY A 309 8.03 66.24 -24.42
N ASN A 310 8.73 65.18 -24.80
CA ASN A 310 8.25 64.25 -25.82
C ASN A 310 7.92 62.92 -25.15
N PRO A 311 6.64 62.62 -24.88
CA PRO A 311 6.29 61.36 -24.22
C PRO A 311 6.67 60.12 -25.02
N HIS A 312 6.79 60.25 -26.34
CA HIS A 312 7.13 59.10 -27.18
C HIS A 312 8.56 58.63 -26.98
N SER A 313 9.41 59.42 -26.31
CA SER A 313 10.79 59.05 -26.09
C SER A 313 10.99 58.17 -24.86
N CYS A 314 9.94 57.89 -24.10
CA CYS A 314 10.03 57.06 -22.91
C CYS A 314 8.78 56.19 -22.84
N LYS A 315 8.58 55.55 -21.69
CA LYS A 315 7.44 54.67 -21.47
C LYS A 315 6.70 55.09 -20.21
N VAL A 316 5.37 55.08 -20.29
CA VAL A 316 4.52 55.47 -19.17
C VAL A 316 4.39 54.30 -18.21
N LYS A 317 4.45 54.60 -16.90
CA LYS A 317 4.35 53.58 -15.87
C LYS A 317 3.11 53.82 -15.01
N ILE A 318 2.51 52.72 -14.55
CA ILE A 318 1.27 52.74 -13.79
C ILE A 318 1.51 52.13 -12.41
N VAL A 319 0.98 52.79 -11.38
CA VAL A 319 1.08 52.33 -9.99
C VAL A 319 -0.33 52.28 -9.41
N PRO A 320 -0.71 51.21 -8.72
CA PRO A 320 -2.07 51.13 -8.16
C PRO A 320 -2.19 51.78 -6.80
N LEU A 321 -3.41 51.76 -6.26
CA LEU A 321 -3.70 52.26 -4.92
C LEU A 321 -3.98 51.08 -3.99
N ASP A 322 -4.10 51.38 -2.70
CA ASP A 322 -4.37 50.35 -1.71
C ASP A 322 -5.74 49.74 -1.95
N GLY A 323 -5.82 48.42 -1.79
CA GLY A 323 -7.07 47.71 -2.00
C GLY A 323 -7.69 47.19 -0.71
N ASN A 324 -7.78 45.87 -0.58
CA ASN A 324 -8.39 45.28 0.60
C ASN A 324 -7.52 45.51 1.83
N LYS A 325 -8.19 45.77 2.97
CA LYS A 325 -7.46 45.88 4.22
C LYS A 325 -6.83 44.55 4.61
N LEU A 326 -7.53 43.45 4.36
CA LEU A 326 -7.02 42.14 4.73
C LEU A 326 -5.75 41.79 3.95
N PHE A 327 -5.71 42.15 2.68
CA PHE A 327 -4.50 41.90 1.89
C PHE A 327 -3.33 42.73 2.43
N ASN A 328 -3.57 43.97 2.81
CA ASN A 328 -2.52 44.79 3.39
C ASN A 328 -2.02 44.19 4.69
N ILE A 329 -2.94 43.69 5.52
CA ILE A 329 -2.55 43.05 6.77
C ILE A 329 -1.72 41.81 6.51
N ALA A 330 -2.11 41.01 5.52
CA ALA A 330 -1.35 39.82 5.18
C ALA A 330 0.06 40.18 4.70
N GLN A 331 0.17 41.22 3.87
CA GLN A 331 1.48 41.66 3.41
C GLN A 331 2.33 42.15 4.58
N ARG A 332 1.72 42.90 5.50
CA ARG A 332 2.45 43.38 6.67
C ARG A 332 2.95 42.22 7.52
N ILE A 333 2.12 41.19 7.71
CA ILE A 333 2.54 40.03 8.49
C ILE A 333 3.67 39.30 7.79
N LEU A 334 3.55 39.10 6.48
CA LEU A 334 4.59 38.39 5.74
C LEU A 334 5.90 39.17 5.68
N ASP A 335 5.84 40.49 5.85
CA ASP A 335 7.06 41.30 5.81
C ASP A 335 8.00 40.96 6.96
N THR A 336 7.47 40.48 8.08
CA THR A 336 8.29 40.21 9.26
C THR A 336 8.99 38.86 9.22
N ASN A 337 8.73 38.05 8.19
CA ASN A 337 9.35 36.73 8.05
C ASN A 337 9.07 35.86 9.27
N SER A 338 7.86 35.95 9.81
CA SER A 338 7.48 35.15 10.96
C SER A 338 6.99 33.76 10.58
N VAL A 339 6.70 33.52 9.31
CA VAL A 339 6.23 32.23 8.83
C VAL A 339 7.03 31.84 7.60
N LEU A 340 7.50 30.59 7.56
CA LEU A 340 8.32 30.11 6.46
C LEU A 340 7.75 28.80 5.94
N LEU A 341 8.10 28.49 4.69
CA LEU A 341 7.65 27.28 4.03
C LEU A 341 8.85 26.35 3.80
N THR A 342 8.71 25.09 4.20
CA THR A 342 9.78 24.13 4.09
C THR A 342 9.68 23.35 2.77
N GLU A 343 10.65 22.47 2.54
CA GLU A 343 10.65 21.67 1.32
C GLU A 343 9.62 20.55 1.37
N ARG A 344 9.24 20.10 2.57
CA ARG A 344 8.29 19.02 2.72
C ARG A 344 6.84 19.47 2.58
N GLY A 345 6.60 20.72 2.19
CA GLY A 345 5.26 21.21 2.07
C GLY A 345 4.63 21.70 3.35
N ASP A 346 5.39 21.76 4.44
CA ASP A 346 4.89 22.21 5.72
C ASP A 346 5.30 23.65 5.99
N HIS A 347 4.59 24.29 6.91
CA HIS A 347 4.85 25.67 7.30
C HIS A 347 5.32 25.72 8.74
N ILE A 348 6.34 26.54 8.99
CA ILE A 348 6.86 26.76 10.34
C ILE A 348 6.60 28.19 10.74
N VAL A 349 6.33 28.40 12.03
CA VAL A 349 5.96 29.70 12.55
C VAL A 349 6.89 30.06 13.69
N TRP A 350 6.90 31.35 14.03
CA TRP A 350 7.75 31.89 15.09
C TRP A 350 6.84 32.32 16.23
N ILE A 351 6.60 31.41 17.17
CA ILE A 351 5.72 31.65 18.31
C ILE A 351 6.49 31.37 19.59
N ASN A 352 6.39 32.30 20.55
CA ASN A 352 7.02 32.14 21.87
C ASN A 352 8.53 31.95 21.76
N ASN A 353 9.17 32.75 20.90
CA ASN A 353 10.62 32.75 20.74
C ASN A 353 11.16 31.36 20.43
N SER A 354 10.45 30.63 19.57
CA SER A 354 10.87 29.29 19.17
C SER A 354 10.15 28.91 17.90
N TRP A 355 10.89 28.39 16.92
CA TRP A 355 10.30 27.96 15.67
C TRP A 355 9.47 26.70 15.88
N LYS A 356 8.16 26.83 15.79
CA LYS A 356 7.25 25.72 15.95
C LYS A 356 6.78 25.21 14.60
N PHE A 357 6.78 23.89 14.44
CA PHE A 357 6.43 23.25 13.18
C PHE A 357 5.37 22.19 13.44
N ASN A 358 4.21 22.36 12.81
CA ASN A 358 3.15 21.37 12.90
C ASN A 358 2.20 21.58 11.74
N SER A 359 1.41 20.54 11.45
CA SER A 359 0.52 20.54 10.29
C SER A 359 -0.95 20.40 10.63
N GLU A 360 -1.30 19.81 11.78
CA GLU A 360 -2.68 19.52 12.12
C GLU A 360 -3.30 20.56 13.06
N GLU A 361 -2.62 21.68 13.28
CA GLU A 361 -3.12 22.72 14.16
C GLU A 361 -3.11 24.07 13.45
N PRO A 362 -4.01 24.97 13.83
CA PRO A 362 -4.04 26.31 13.21
C PRO A 362 -2.97 27.23 13.79
N LEU A 363 -1.71 26.94 13.46
CA LEU A 363 -0.60 27.74 13.96
C LEU A 363 -0.64 29.15 13.40
N ILE A 364 -1.03 29.30 12.13
CA ILE A 364 -0.99 30.62 11.50
C ILE A 364 -2.01 31.55 12.15
N THR A 365 -3.20 31.05 12.45
CA THR A 365 -4.21 31.87 13.12
C THR A 365 -3.74 32.31 14.50
N LYS A 366 -3.09 31.40 15.24
CA LYS A 366 -2.53 31.76 16.53
C LYS A 366 -1.48 32.85 16.38
N LEU A 367 -0.62 32.73 15.36
CA LEU A 367 0.40 33.73 15.12
C LEU A 367 -0.23 35.09 14.82
N ILE A 368 -1.28 35.10 14.00
CA ILE A 368 -1.96 36.36 13.67
C ILE A 368 -2.55 36.99 14.93
N LEU A 369 -3.26 36.19 15.73
CA LEU A 369 -3.88 36.72 16.93
C LEU A 369 -2.82 37.19 17.93
N SER A 370 -1.64 36.58 17.91
CA SER A 370 -0.58 37.01 18.82
C SER A 370 0.04 38.33 18.36
N ILE A 371 0.28 38.49 17.05
CA ILE A 371 1.03 39.63 16.57
C ILE A 371 0.08 40.77 16.18
N ARG A 372 -1.21 40.61 16.45
CA ARG A 372 -2.16 41.69 16.19
C ARG A 372 -1.76 42.99 16.87
N HIS A 373 -1.06 42.91 18.01
CA HIS A 373 -0.73 44.12 18.75
C HIS A 373 0.22 45.04 17.97
N GLN A 374 1.21 44.47 17.30
CA GLN A 374 2.21 45.28 16.60
C GLN A 374 1.61 46.09 15.46
N LEU A 375 0.49 45.66 14.91
CA LEU A 375 -0.13 46.35 13.81
C LEU A 375 -0.77 47.65 14.28
N PRO A 376 -1.04 48.59 13.36
CA PRO A 376 -1.75 49.81 13.75
C PRO A 376 -3.11 49.51 14.35
N LYS A 377 -3.57 50.43 15.20
CA LYS A 377 -4.78 50.19 15.99
C LYS A 377 -5.99 49.93 15.09
N GLU A 378 -6.12 50.70 14.00
CA GLU A 378 -7.28 50.57 13.13
C GLU A 378 -7.39 49.19 12.52
N TYR A 379 -6.31 48.41 12.48
CA TYR A 379 -6.36 47.06 11.98
C TYR A 379 -6.75 46.04 13.04
N SER A 380 -6.50 46.34 14.32
CA SER A 380 -6.60 45.32 15.36
C SER A 380 -8.00 44.72 15.43
N SER A 381 -9.03 45.57 15.37
CA SER A 381 -10.40 45.07 15.42
C SER A 381 -10.67 44.08 14.31
N GLU A 382 -10.13 44.33 13.12
CA GLU A 382 -10.37 43.44 11.99
C GLU A 382 -9.82 42.05 12.21
N LEU A 383 -8.94 41.87 13.19
CA LEU A 383 -8.39 40.55 13.48
C LEU A 383 -9.16 39.80 14.55
N LEU A 384 -10.22 40.39 15.10
CA LEU A 384 -10.97 39.71 16.16
C LEU A 384 -11.89 38.63 15.59
N CYS A 385 -12.47 38.87 14.42
CA CYS A 385 -13.42 37.92 13.85
C CYS A 385 -12.68 36.74 13.24
N PRO A 386 -13.06 35.50 13.56
CA PRO A 386 -12.34 34.34 13.02
C PRO A 386 -12.38 34.23 11.51
N ARG A 387 -13.48 34.65 10.87
CA ARG A 387 -13.56 34.53 9.41
C ARG A 387 -12.52 35.42 8.73
N LYS A 388 -12.34 36.64 9.21
CA LYS A 388 -11.32 37.52 8.65
C LYS A 388 -9.93 36.93 8.89
N ARG A 389 -9.72 36.29 10.04
CA ARG A 389 -8.45 35.62 10.28
C ARG A 389 -8.21 34.51 9.29
N LYS A 390 -9.26 33.73 8.97
CA LYS A 390 -9.12 32.67 7.98
C LYS A 390 -8.81 33.24 6.59
N THR A 391 -9.45 34.36 6.24
CA THR A 391 -9.14 35.00 4.96
C THR A 391 -7.69 35.47 4.91
N VAL A 392 -7.21 36.07 6.00
CA VAL A 392 -5.82 36.51 6.05
C VAL A 392 -4.88 35.31 5.95
N GLU A 393 -5.24 34.21 6.61
CA GLU A 393 -4.42 33.01 6.53
C GLU A 393 -4.35 32.47 5.10
N ALA A 394 -5.47 32.46 4.39
CA ALA A 394 -5.46 32.03 3.00
C ALA A 394 -4.60 32.94 2.15
N ASN A 395 -4.72 34.25 2.36
CA ASN A 395 -3.89 35.20 1.61
C ASN A 395 -2.41 34.95 1.86
N ILE A 396 -2.04 34.74 3.13
CA ILE A 396 -0.63 34.49 3.46
C ILE A 396 -0.15 33.21 2.81
N ARG A 397 -0.95 32.15 2.88
CA ARG A 397 -0.58 30.89 2.25
C ARG A 397 -0.45 31.02 0.74
N ASP A 398 -1.15 31.99 0.13
CA ASP A 398 -1.09 32.13 -1.32
C ASP A 398 0.23 32.73 -1.79
N MET A 399 0.92 33.50 -0.96
CA MET A 399 2.10 34.24 -1.38
C MET A 399 3.42 33.56 -1.00
N LEU A 400 3.38 32.30 -0.56
CA LEU A 400 4.59 31.54 -0.26
C LEU A 400 4.82 30.55 -1.39
N VAL A 401 5.91 30.73 -2.12
CA VAL A 401 6.18 29.91 -3.29
C VAL A 401 7.57 29.27 -3.20
N ASP A 402 8.47 29.91 -2.46
CA ASP A 402 9.86 29.48 -2.38
C ASP A 402 10.12 28.77 -1.06
N SER A 403 10.76 27.61 -1.13
CA SER A 403 11.11 26.84 0.05
C SER A 403 12.45 27.27 0.62
N VAL A 404 12.67 26.95 1.89
CA VAL A 404 13.90 27.30 2.58
C VAL A 404 14.38 26.08 3.36
N GLU A 405 15.68 25.80 3.27
CA GLU A 405 16.27 24.68 3.98
C GLU A 405 16.51 25.03 5.45
N THR A 406 16.29 24.06 6.32
CA THR A 406 16.38 24.26 7.77
C THR A 406 17.58 23.53 8.34
N ASP A 407 18.07 24.04 9.47
CA ASP A 407 19.18 23.46 10.22
C ASP A 407 20.43 23.34 9.35
N THR A 408 20.95 24.49 8.95
CA THR A 408 22.13 24.58 8.10
C THR A 408 23.40 24.93 8.88
N TYR A 409 23.33 25.03 10.20
CA TYR A 409 24.47 25.43 11.03
C TYR A 409 24.85 24.29 11.96
N PRO A 410 25.90 23.52 11.66
CA PRO A 410 26.29 22.41 12.54
C PRO A 410 26.97 22.85 13.82
N ASP A 411 27.31 24.12 13.96
CA ASP A 411 28.04 24.61 15.12
C ASP A 411 27.17 25.32 16.15
N LYS A 412 25.84 25.17 16.05
CA LYS A 412 24.91 25.85 16.93
C LYS A 412 24.18 24.84 17.80
N LEU A 413 23.90 25.22 19.04
CA LEU A 413 23.18 24.39 19.99
C LEU A 413 21.94 25.13 20.46
N PRO A 414 20.73 24.64 20.17
CA PRO A 414 19.52 25.38 20.55
C PRO A 414 19.09 25.11 21.98
N PHE A 415 18.39 26.09 22.54
CA PHE A 415 17.82 25.97 23.88
C PHE A 415 16.34 26.31 23.85
N LYS A 416 15.71 26.41 25.03
CA LYS A 416 14.31 26.79 25.09
C LYS A 416 14.08 28.28 24.87
N ASN A 417 15.13 29.09 25.05
CA ASN A 417 14.96 30.54 24.93
C ASN A 417 16.09 31.18 24.13
N GLY A 418 16.81 30.41 23.32
CA GLY A 418 17.87 30.96 22.51
C GLY A 418 18.78 29.86 22.01
N VAL A 419 19.89 30.29 21.38
CA VAL A 419 20.86 29.38 20.81
C VAL A 419 22.25 29.80 21.28
N LEU A 420 23.18 28.86 21.21
CA LEU A 420 24.56 29.08 21.61
C LEU A 420 25.47 28.69 20.45
N ASP A 421 26.41 29.57 20.11
CA ASP A 421 27.38 29.30 19.06
C ASP A 421 28.63 28.68 19.67
N LEU A 422 28.99 27.48 19.20
CA LEU A 422 30.13 26.78 19.77
C LEU A 422 31.47 27.44 19.44
N VAL A 423 31.48 28.42 18.53
CA VAL A 423 32.73 29.12 18.22
C VAL A 423 33.03 30.17 19.27
N ASP A 424 32.08 31.05 19.55
CA ASP A 424 32.28 32.12 20.51
C ASP A 424 31.71 31.83 21.89
N GLY A 425 30.79 30.88 22.01
CA GLY A 425 30.19 30.59 23.30
C GLY A 425 29.21 31.63 23.78
N MET A 426 28.64 32.43 22.88
CA MET A 426 27.71 33.49 23.24
C MET A 426 26.29 32.98 23.04
N PHE A 427 25.44 33.17 24.05
CA PHE A 427 24.08 32.67 24.02
C PHE A 427 23.16 33.77 23.47
N TYR A 428 22.67 33.56 22.25
CA TYR A 428 21.77 34.51 21.62
C TYR A 428 20.34 34.32 22.12
N SER A 429 19.50 35.32 21.85
CA SER A 429 18.11 35.27 22.28
C SER A 429 17.29 36.18 21.38
N GLY A 430 15.97 36.02 21.44
CA GLY A 430 15.09 36.84 20.65
C GLY A 430 15.24 36.54 19.16
N ASP A 431 15.15 37.60 18.35
CA ASP A 431 15.26 37.44 16.90
C ASP A 431 16.62 36.92 16.49
N ASP A 432 17.64 37.06 17.33
CA ASP A 432 18.94 36.49 17.03
C ASP A 432 18.84 34.98 16.88
N ALA A 433 18.08 34.33 17.77
CA ALA A 433 17.81 32.91 17.60
C ALA A 433 16.93 32.67 16.38
N LYS A 434 16.01 33.59 16.07
CA LYS A 434 15.16 33.45 14.90
C LYS A 434 15.95 33.47 13.60
N LYS A 435 17.13 34.08 13.61
CA LYS A 435 17.95 34.13 12.40
C LYS A 435 18.33 32.73 11.94
N TYR A 436 18.68 31.85 12.87
CA TYR A 436 19.04 30.47 12.57
C TYR A 436 17.82 29.59 12.79
N THR A 437 17.41 28.87 11.74
CA THR A 437 16.24 28.00 11.83
C THR A 437 16.65 26.74 12.58
N CYS A 438 16.24 26.64 13.84
CA CYS A 438 16.52 25.48 14.69
C CYS A 438 15.23 24.74 14.94
N THR A 439 15.12 23.53 14.40
CA THR A 439 13.89 22.76 14.53
C THR A 439 13.74 22.18 15.93
N VAL A 440 14.82 21.66 16.50
CA VAL A 440 14.77 20.99 17.80
C VAL A 440 15.59 21.80 18.80
N SER A 441 15.37 21.51 20.08
CA SER A 441 16.03 22.23 21.15
C SER A 441 16.42 21.26 22.26
N THR A 442 17.27 21.75 23.18
CA THR A 442 17.73 20.92 24.28
C THR A 442 16.61 20.56 25.25
N GLY A 443 15.51 21.32 25.24
CA GLY A 443 14.38 21.03 26.08
C GLY A 443 14.44 21.60 27.48
N PHE A 444 15.55 22.26 27.85
CA PHE A 444 15.68 22.90 29.14
C PHE A 444 16.19 24.32 28.96
N LYS A 445 15.73 25.22 29.82
CA LYS A 445 16.08 26.62 29.69
C LYS A 445 17.54 26.85 30.05
N PHE A 446 18.21 27.65 29.23
CA PHE A 446 19.61 28.00 29.49
C PHE A 446 19.70 28.97 30.66
N ASP A 447 20.68 28.73 31.53
CA ASP A 447 20.93 29.59 32.69
C ASP A 447 22.37 30.08 32.62
N ASP A 448 22.54 31.40 32.57
CA ASP A 448 23.88 31.97 32.52
C ASP A 448 24.57 31.95 33.88
N THR A 449 23.80 32.14 34.96
CA THR A 449 24.40 32.18 36.29
C THR A 449 25.03 30.84 36.65
N LYS A 450 24.34 29.73 36.34
CA LYS A 450 24.89 28.42 36.64
C LYS A 450 26.10 28.10 35.77
N PHE A 451 26.16 28.66 34.57
CA PHE A 451 27.24 28.41 33.62
C PHE A 451 28.46 29.23 34.05
N VAL A 452 29.15 28.75 35.09
CA VAL A 452 30.31 29.41 35.64
C VAL A 452 31.44 28.38 35.78
N GLU A 453 32.65 28.91 35.94
CA GLU A 453 33.84 28.06 36.02
C GLU A 453 34.27 27.77 37.46
N ASP A 454 33.88 28.60 38.42
CA ASP A 454 34.28 28.44 39.82
C ASP A 454 33.07 28.08 40.66
N SER A 455 33.09 26.89 41.25
CA SER A 455 32.04 26.39 42.11
C SER A 455 32.50 25.07 42.73
N PRO A 456 31.91 24.66 43.85
CA PRO A 456 32.17 23.30 44.35
C PRO A 456 31.75 22.23 43.36
N GLU A 457 30.70 22.48 42.58
CA GLU A 457 30.12 21.45 41.73
C GLU A 457 31.08 21.04 40.63
N MET A 458 31.71 22.00 39.94
CA MET A 458 32.61 21.63 38.86
C MET A 458 33.90 21.00 39.38
N GLU A 459 34.37 21.44 40.55
CA GLU A 459 35.51 20.78 41.18
C GLU A 459 35.20 19.32 41.46
N GLU A 460 34.04 19.06 42.08
CA GLU A 460 33.61 17.68 42.28
C GLU A 460 33.44 16.95 40.95
N LEU A 461 33.07 17.67 39.89
CA LEU A 461 32.86 17.04 38.60
C LEU A 461 34.17 16.49 38.03
N MET A 462 35.23 17.31 37.97
CA MET A 462 36.44 16.69 37.45
C MET A 462 37.12 15.79 38.48
N ASN A 463 36.80 15.92 39.78
CA ASN A 463 37.23 14.89 40.71
C ASN A 463 36.62 13.54 40.34
N ILE A 464 35.31 13.55 40.02
CA ILE A 464 34.62 12.33 39.60
C ILE A 464 35.23 11.80 38.31
N ILE A 465 35.50 12.69 37.34
CA ILE A 465 36.03 12.21 36.07
C ILE A 465 37.44 11.67 36.23
N ASN A 466 38.23 12.24 37.15
CA ASN A 466 39.57 11.71 37.42
C ASN A 466 39.48 10.35 38.08
N ASP A 467 38.50 10.16 38.96
CA ASP A 467 38.26 8.83 39.51
C ASP A 467 37.86 7.85 38.42
N ILE A 468 37.04 8.29 37.46
CA ILE A 468 36.64 7.43 36.36
C ILE A 468 37.83 7.09 35.47
N GLN A 469 38.59 8.11 35.08
CA GLN A 469 39.74 7.94 34.20
C GLN A 469 40.98 8.50 34.88
N PRO A 470 41.99 7.68 35.19
CA PRO A 470 43.18 8.20 35.87
C PRO A 470 43.92 9.21 35.00
N LEU A 471 44.50 10.22 35.66
CA LEU A 471 45.29 11.24 34.98
C LEU A 471 46.73 10.75 34.82
N THR A 472 46.87 9.71 34.00
CA THR A 472 48.16 9.09 33.73
C THR A 472 48.50 9.19 32.25
N ASP A 473 49.79 9.28 31.97
CA ASP A 473 50.25 9.31 30.58
C ASP A 473 49.97 8.00 29.86
N GLU A 474 49.77 6.90 30.59
CA GLU A 474 49.41 5.64 29.97
C GLU A 474 48.06 5.73 29.27
N ASN A 475 47.10 6.40 29.91
CA ASN A 475 45.77 6.58 29.34
C ASN A 475 45.61 7.94 28.67
N LYS A 476 46.71 8.66 28.44
CA LYS A 476 46.63 9.99 27.84
C LYS A 476 46.00 9.91 26.45
N LYS A 477 46.43 8.96 25.63
CA LYS A 477 45.79 8.77 24.33
C LYS A 477 44.35 8.32 24.48
N ASN A 478 44.09 7.41 25.43
CA ASN A 478 42.73 6.98 25.69
C ASN A 478 41.87 8.14 26.18
N ARG A 479 42.43 8.98 27.05
CA ARG A 479 41.69 10.16 27.52
C ARG A 479 41.39 11.10 26.37
N GLU A 480 42.36 11.33 25.49
CA GLU A 480 42.15 12.23 24.35
C GLU A 480 41.07 11.69 23.43
N LEU A 481 41.09 10.38 23.15
CA LEU A 481 40.06 9.79 22.29
C LEU A 481 38.69 9.88 22.95
N TYR A 482 38.64 9.65 24.27
CA TYR A 482 37.38 9.77 25.00
C TYR A 482 36.83 11.20 24.93
N GLU A 483 37.72 12.19 25.10
CA GLU A 483 37.29 13.58 25.01
C GLU A 483 36.79 13.92 23.60
N LYS A 484 37.49 13.42 22.57
CA LYS A 484 37.04 13.65 21.21
C LYS A 484 35.67 13.05 20.97
N THR A 485 35.45 11.82 21.45
CA THR A 485 34.16 11.17 21.26
C THR A 485 33.06 11.93 21.98
N LEU A 486 33.34 12.40 23.20
CA LEU A 486 32.32 13.17 23.93
C LEU A 486 32.03 14.50 23.24
N SER A 487 33.06 15.16 22.70
CA SER A 487 32.86 16.46 22.08
C SER A 487 32.15 16.34 20.74
N SER A 488 32.30 15.20 20.05
CA SER A 488 31.68 15.05 18.74
C SER A 488 30.17 15.07 18.80
N CYS A 489 29.58 14.90 19.99
CA CYS A 489 28.13 14.87 20.11
C CYS A 489 27.50 16.22 19.79
N LEU A 490 28.15 17.30 20.19
CA LEU A 490 27.55 18.62 20.02
C LEU A 490 27.49 19.03 18.56
N CYS A 491 28.49 18.66 17.76
CA CYS A 491 28.54 19.08 16.37
C CYS A 491 27.38 18.47 15.58
N GLY A 492 26.74 19.30 14.76
CA GLY A 492 25.61 18.89 13.95
C GLY A 492 25.97 18.35 12.58
N ALA A 493 27.25 18.19 12.28
CA ALA A 493 27.68 17.69 10.98
C ALA A 493 27.55 16.16 10.96
N THR A 494 28.12 15.54 9.92
CA THR A 494 28.09 14.10 9.76
C THR A 494 29.39 13.51 10.28
N LYS A 495 29.27 12.47 11.11
CA LYS A 495 30.43 11.80 11.71
C LYS A 495 30.69 10.49 10.97
N GLY A 496 31.94 10.28 10.59
CA GLY A 496 32.33 9.13 9.80
C GLY A 496 32.77 7.91 10.56
N CYS A 497 32.63 7.89 11.88
CA CYS A 497 33.07 6.74 12.67
C CYS A 497 32.26 6.66 13.95
N LEU A 498 32.03 5.42 14.40
CA LEU A 498 31.33 5.15 15.65
C LEU A 498 32.34 4.75 16.72
N THR A 499 31.84 4.61 17.94
CA THR A 499 32.70 4.35 19.09
C THR A 499 32.18 3.15 19.88
N PHE A 500 33.13 2.37 20.40
CA PHE A 500 32.82 1.20 21.21
C PHE A 500 33.38 1.40 22.62
N PHE A 501 32.56 1.11 23.62
CA PHE A 501 32.97 1.09 25.01
C PHE A 501 33.11 -0.37 25.44
N PHE A 502 34.25 -0.70 26.04
CA PHE A 502 34.58 -2.08 26.39
C PHE A 502 34.83 -2.18 27.88
N GLY A 503 34.15 -3.11 28.53
CA GLY A 503 34.48 -3.41 29.91
C GLY A 503 33.24 -3.80 30.70
N GLU A 504 33.29 -3.50 32.00
CA GLU A 504 32.20 -3.78 32.93
C GLU A 504 31.37 -2.52 33.13
N THR A 505 30.05 -2.67 33.06
CA THR A 505 29.14 -1.54 33.13
C THR A 505 29.19 -0.89 34.52
N ALA A 506 28.74 0.37 34.55
CA ALA A 506 28.60 1.18 35.76
C ALA A 506 29.96 1.54 36.37
N THR A 507 31.04 1.02 35.81
CA THR A 507 32.39 1.42 36.21
C THR A 507 32.94 2.49 35.27
N GLY A 508 32.18 3.55 35.08
CA GLY A 508 32.50 4.57 34.12
C GLY A 508 31.95 4.33 32.73
N LYS A 509 31.56 3.08 32.44
CA LYS A 509 30.96 2.77 31.15
C LYS A 509 29.52 3.25 31.04
N SER A 510 28.84 3.47 32.16
CA SER A 510 27.44 3.84 32.14
C SER A 510 27.11 5.12 32.90
N THR A 511 27.97 5.54 33.84
CA THR A 511 27.70 6.77 34.58
C THR A 511 27.69 7.98 33.66
N THR A 512 28.76 8.14 32.86
CA THR A 512 28.85 9.27 31.95
C THR A 512 27.64 9.32 31.02
N LYS A 513 27.06 8.16 30.70
CA LYS A 513 25.87 8.13 29.87
C LYS A 513 24.76 8.97 30.47
N ARG A 514 24.42 8.76 31.75
CA ARG A 514 23.39 9.60 32.34
C ARG A 514 23.90 11.03 32.57
N LEU A 515 25.20 11.24 32.51
CA LEU A 515 25.70 12.61 32.39
C LEU A 515 25.36 13.19 31.03
N LEU A 516 25.62 12.42 29.96
CA LEU A 516 25.27 12.88 28.63
C LEU A 516 23.76 13.02 28.46
N LYS A 517 23.00 12.12 29.07
CA LYS A 517 21.55 12.29 29.14
C LYS A 517 21.19 13.66 29.70
N SER A 518 21.95 14.12 30.70
CA SER A 518 21.71 15.44 31.24
C SER A 518 22.24 16.55 30.35
N ALA A 519 23.29 16.25 29.56
CA ALA A 519 23.98 17.30 28.83
C ALA A 519 23.12 17.86 27.70
N ILE A 520 22.54 17.00 26.88
CA ILE A 520 21.87 17.42 25.65
C ILE A 520 20.38 17.13 25.66
N GLY A 521 19.84 16.66 26.78
CA GLY A 521 18.40 16.45 26.90
C GLY A 521 17.79 15.59 25.81
N ASP A 522 16.94 16.20 24.98
CA ASP A 522 16.25 15.44 23.94
C ASP A 522 17.19 15.02 22.82
N LEU A 523 18.32 15.72 22.65
CA LEU A 523 19.23 15.38 21.56
C LEU A 523 19.77 13.96 21.71
N PHE A 524 19.87 13.46 22.93
CA PHE A 524 20.30 12.09 23.16
C PHE A 524 19.16 11.12 22.84
N VAL A 525 19.53 9.93 22.39
CA VAL A 525 18.55 8.86 22.18
C VAL A 525 19.24 7.54 22.46
N GLU A 526 18.44 6.57 22.93
CA GLU A 526 18.91 5.22 23.22
C GLU A 526 18.15 4.23 22.38
N THR A 527 18.87 3.34 21.71
CA THR A 527 18.27 2.32 20.86
C THR A 527 18.98 0.99 21.09
N GLY A 528 18.21 -0.09 21.09
CA GLY A 528 18.77 -1.40 21.32
C GLY A 528 19.60 -1.90 20.15
N GLN A 529 20.22 -3.05 20.34
CA GLN A 529 21.08 -3.66 19.33
C GLN A 529 20.29 -4.20 18.15
N THR A 530 18.96 -4.25 18.24
CA THR A 530 18.15 -4.85 17.18
C THR A 530 18.39 -4.17 15.83
N ILE A 531 18.79 -2.89 15.84
CA ILE A 531 19.05 -2.18 14.59
C ILE A 531 20.16 -2.87 13.80
N LEU A 532 21.15 -3.41 14.51
CA LEU A 532 22.22 -4.16 13.85
C LEU A 532 21.81 -5.58 13.49
N THR A 533 20.62 -6.02 13.91
CA THR A 533 20.16 -7.37 13.67
C THR A 533 19.04 -7.47 12.65
N ASP A 534 17.97 -6.69 12.80
CA ASP A 534 16.82 -6.80 11.92
C ASP A 534 17.13 -6.19 10.56
N VAL A 535 16.22 -6.39 9.60
CA VAL A 535 16.36 -5.90 8.24
C VAL A 535 15.73 -4.52 8.13
N LEU A 536 16.38 -3.64 7.37
CA LEU A 536 15.95 -2.25 7.27
C LEU A 536 15.19 -1.93 5.98
N ASP A 537 15.28 -2.79 4.96
CA ASP A 537 14.71 -2.45 3.67
C ASP A 537 13.18 -2.50 3.68
N LYS A 538 12.61 -3.52 4.30
CA LYS A 538 11.17 -3.74 4.26
C LYS A 538 10.55 -3.53 5.64
N GLY A 539 9.36 -2.95 5.66
CA GLY A 539 8.62 -2.75 6.88
C GLY A 539 8.92 -1.42 7.54
N PRO A 540 8.03 -0.99 8.43
CA PRO A 540 8.27 0.27 9.15
C PRO A 540 9.47 0.15 10.10
N ASN A 541 10.15 1.27 10.29
CA ASN A 541 11.28 1.34 11.22
C ASN A 541 11.23 2.67 11.95
N PRO A 542 10.59 2.71 13.12
CA PRO A 542 10.54 3.95 13.91
C PRO A 542 11.92 4.45 14.33
N PHE A 543 12.91 3.55 14.45
CA PHE A 543 14.24 3.98 14.87
C PHE A 543 14.87 4.92 13.84
N ILE A 544 14.73 4.59 12.56
CA ILE A 544 15.31 5.43 11.51
C ILE A 544 14.68 6.82 11.52
N ALA A 545 13.36 6.90 11.64
CA ALA A 545 12.70 8.20 11.70
C ALA A 545 13.05 8.95 12.98
N ASN A 546 13.27 8.22 14.08
CA ASN A 546 13.54 8.87 15.36
C ASN A 546 14.96 9.42 15.42
N MET A 547 15.93 8.71 14.83
CA MET A 547 17.32 9.16 14.91
C MET A 547 17.58 10.40 14.06
N HIS A 548 16.64 10.77 13.19
CA HIS A 548 16.82 11.95 12.35
C HIS A 548 16.93 13.20 13.21
N LEU A 549 17.87 14.07 12.85
CA LEU A 549 18.12 15.35 13.52
C LEU A 549 18.55 15.16 14.97
N LYS A 550 18.97 13.96 15.34
CA LYS A 550 19.52 13.72 16.67
C LYS A 550 21.03 13.97 16.67
N ARG A 551 21.61 13.98 17.87
CA ARG A 551 23.04 14.24 18.00
C ARG A 551 23.78 13.18 18.81
N SER A 552 23.11 12.13 19.26
CA SER A 552 23.77 11.06 20.00
C SER A 552 22.86 9.84 20.02
N VAL A 553 23.37 8.71 19.57
CA VAL A 553 22.66 7.44 19.60
C VAL A 553 23.46 6.46 20.42
N PHE A 554 22.88 5.97 21.51
CA PHE A 554 23.54 5.07 22.43
C PHE A 554 22.89 3.70 22.39
N CYS A 555 23.70 2.66 22.26
CA CYS A 555 23.24 1.28 22.32
C CYS A 555 24.04 0.56 23.39
N SER A 556 23.35 -0.18 24.26
CA SER A 556 23.98 -0.85 25.39
C SER A 556 23.42 -2.26 25.51
N GLU A 557 23.94 -3.00 26.50
CA GLU A 557 23.52 -4.37 26.79
C GLU A 557 23.72 -5.27 25.58
N LEU A 558 24.91 -5.21 25.00
CA LEU A 558 25.21 -6.01 23.82
C LEU A 558 25.37 -7.47 24.19
N PRO A 559 24.60 -8.38 23.60
CA PRO A 559 24.77 -9.80 23.90
C PRO A 559 26.09 -10.34 23.33
N ASP A 560 26.58 -11.40 23.96
CA ASP A 560 27.80 -12.04 23.50
C ASP A 560 27.54 -12.80 22.21
N PHE A 561 28.22 -12.40 21.13
CA PHE A 561 28.01 -13.03 19.83
C PHE A 561 28.69 -14.39 19.72
N ALA A 562 29.67 -14.68 20.59
CA ALA A 562 30.34 -15.97 20.56
C ALA A 562 29.46 -17.09 21.10
N CYS A 563 28.32 -16.78 21.73
CA CYS A 563 27.42 -17.79 22.22
C CYS A 563 26.83 -18.58 21.05
N SER A 564 26.56 -19.87 21.31
CA SER A 564 25.98 -20.72 20.28
C SER A 564 24.59 -20.22 19.89
N GLY A 565 24.35 -20.14 18.59
CA GLY A 565 23.08 -19.67 18.08
C GLY A 565 22.91 -18.17 18.06
N SER A 566 23.93 -17.41 18.46
CA SER A 566 23.85 -15.96 18.49
C SER A 566 24.42 -15.39 17.19
N LYS A 567 23.67 -14.49 16.57
CA LYS A 567 24.11 -13.88 15.33
C LYS A 567 25.29 -12.95 15.59
N LYS A 568 26.13 -12.80 14.57
CA LYS A 568 27.28 -11.91 14.62
C LYS A 568 26.97 -10.63 13.87
N ILE A 569 27.61 -9.54 14.30
CA ILE A 569 27.29 -8.22 13.76
C ILE A 569 27.66 -8.17 12.29
N ARG A 570 26.67 -7.86 11.45
CA ARG A 570 26.89 -7.78 10.02
C ARG A 570 27.56 -6.46 9.66
N SER A 571 28.62 -6.53 8.85
CA SER A 571 29.39 -5.35 8.50
C SER A 571 28.57 -4.36 7.66
N ASP A 572 27.49 -4.82 7.03
CA ASP A 572 26.69 -3.93 6.20
C ASP A 572 26.07 -2.81 7.03
N ASN A 573 25.68 -3.12 8.27
CA ASN A 573 25.09 -2.09 9.13
C ASN A 573 26.10 -0.98 9.42
N ILE A 574 27.32 -1.36 9.81
CA ILE A 574 28.35 -0.35 10.10
C ILE A 574 28.67 0.43 8.83
N LYS A 575 28.76 -0.25 7.69
CA LYS A 575 29.08 0.43 6.44
C LYS A 575 28.00 1.45 6.09
N LYS A 576 26.73 1.08 6.21
CA LYS A 576 25.65 1.99 5.84
C LYS A 576 25.50 3.13 6.83
N LEU A 577 25.77 2.89 8.11
CA LEU A 577 25.56 3.92 9.13
C LEU A 577 26.61 5.04 9.08
N THR A 578 27.65 4.91 8.27
CA THR A 578 28.70 5.93 8.24
C THR A 578 28.54 6.96 7.13
N GLU A 579 27.79 6.64 6.07
CA GLU A 579 27.60 7.61 5.00
C GLU A 579 26.66 8.73 5.45
N PRO A 580 26.82 9.94 4.90
CA PRO A 580 25.88 11.02 5.25
C PRO A 580 24.44 10.72 4.87
N CYS A 581 24.22 9.99 3.79
CA CYS A 581 22.88 9.61 3.36
C CYS A 581 22.62 8.16 3.76
N VAL A 582 21.61 7.95 4.60
CA VAL A 582 21.22 6.63 5.06
C VAL A 582 20.00 6.20 4.27
N ILE A 583 20.03 4.98 3.73
CA ILE A 583 18.95 4.45 2.92
C ILE A 583 17.99 3.68 3.81
N GLY A 584 16.72 4.08 3.79
CA GLY A 584 15.71 3.41 4.58
C GLY A 584 14.31 3.78 4.16
N ARG A 585 13.43 2.78 4.04
CA ARG A 585 12.05 3.01 3.60
C ARG A 585 11.10 2.76 4.76
N PRO A 586 10.54 3.79 5.39
CA PRO A 586 9.47 3.57 6.36
C PRO A 586 8.18 3.16 5.67
N CYS A 587 7.33 2.46 6.41
CA CYS A 587 6.03 2.07 5.87
C CYS A 587 5.15 3.30 5.70
N PHE A 588 4.21 3.21 4.77
CA PHE A 588 3.28 4.27 4.41
C PHE A 588 3.98 5.49 3.84
N SER A 589 5.27 5.39 3.53
CA SER A 589 6.03 6.50 2.97
C SER A 589 6.99 5.98 1.93
N ASN A 590 7.37 6.87 1.00
CA ASN A 590 8.32 6.54 -0.05
C ASN A 590 9.68 7.18 0.18
N LYS A 591 9.91 7.75 1.37
CA LYS A 591 11.19 8.37 1.67
C LYS A 591 12.30 7.33 1.68
N ILE A 592 13.45 7.70 1.13
CA ILE A 592 14.59 6.79 1.04
C ILE A 592 15.88 7.38 1.60
N ASN A 593 15.96 8.69 1.81
CA ASN A 593 17.18 9.33 2.28
C ASN A 593 17.00 9.87 3.68
N ASN A 594 18.00 9.66 4.53
CA ASN A 594 18.01 10.21 5.87
C ASN A 594 19.37 10.82 6.15
N ARG A 595 19.37 11.89 6.95
CA ARG A 595 20.60 12.59 7.32
C ARG A 595 20.99 12.21 8.74
N ASN A 596 22.24 11.80 8.92
CA ASN A 596 22.75 11.37 10.22
C ASN A 596 23.57 12.50 10.84
N HIS A 597 23.13 12.99 12.00
CA HIS A 597 23.84 14.03 12.73
C HIS A 597 24.25 13.56 14.13
N ALA A 598 24.23 12.26 14.37
CA ALA A 598 24.41 11.72 15.71
C ALA A 598 25.63 10.81 15.76
N THR A 599 26.39 10.93 16.85
CA THR A 599 27.49 10.02 17.12
C THR A 599 26.95 8.71 17.67
N ILE A 600 27.42 7.60 17.13
CA ILE A 600 26.98 6.28 17.55
C ILE A 600 27.95 5.74 18.60
N ILE A 601 27.42 5.37 19.76
CA ILE A 601 28.23 4.80 20.83
C ILE A 601 27.58 3.49 21.27
N ILE A 602 28.36 2.41 21.24
CA ILE A 602 27.88 1.07 21.56
C ILE A 602 28.72 0.51 22.70
N ASP A 603 28.07 0.02 23.74
CA ASP A 603 28.72 -0.45 24.95
C ASP A 603 28.64 -1.98 25.04
N THR A 604 29.72 -2.61 25.51
CA THR A 604 29.77 -4.06 25.57
C THR A 604 30.83 -4.51 26.57
N ASN A 605 30.78 -5.79 26.90
CA ASN A 605 31.77 -6.44 27.75
C ASN A 605 32.55 -7.53 27.03
N TYR A 606 32.26 -7.79 25.76
CA TYR A 606 32.92 -8.83 24.99
C TYR A 606 33.33 -8.28 23.63
N LYS A 607 34.35 -8.90 23.05
CA LYS A 607 34.85 -8.45 21.75
C LYS A 607 33.80 -8.73 20.68
N PRO A 608 33.48 -7.77 19.82
CA PRO A 608 32.46 -8.00 18.79
C PRO A 608 32.94 -8.98 17.73
N VAL A 609 31.96 -9.61 17.08
CA VAL A 609 32.20 -10.56 16.01
C VAL A 609 31.54 -10.04 14.74
N PHE A 610 32.32 -9.99 13.66
CA PHE A 610 31.85 -9.47 12.38
C PHE A 610 31.91 -10.55 11.32
N ASP A 611 30.92 -10.53 10.41
CA ASP A 611 30.85 -11.54 9.37
C ASP A 611 31.97 -11.36 8.35
N ARG A 612 32.17 -10.13 7.88
CA ARG A 612 33.14 -9.84 6.83
C ARG A 612 34.26 -9.00 7.39
N ILE A 613 35.49 -9.33 7.00
CA ILE A 613 36.68 -8.59 7.41
C ILE A 613 37.32 -8.00 6.17
N ASP A 614 37.48 -6.68 6.15
CA ASP A 614 38.04 -5.98 5.00
C ASP A 614 38.59 -4.65 5.47
N ASN A 615 39.35 -4.00 4.58
CA ASN A 615 39.94 -2.71 4.90
C ASN A 615 38.87 -1.67 5.19
N ALA A 616 37.82 -1.65 4.36
CA ALA A 616 36.74 -0.68 4.53
C ALA A 616 36.03 -0.84 5.86
N LEU A 617 36.11 -2.02 6.48
CA LEU A 617 35.44 -2.22 7.76
C LEU A 617 36.23 -1.58 8.90
N MET A 618 37.47 -2.03 9.11
CA MET A 618 38.21 -1.52 10.26
C MET A 618 38.82 -0.15 10.01
N ARG A 619 38.72 0.40 8.80
CA ARG A 619 39.06 1.80 8.61
C ARG A 619 37.96 2.73 9.12
N ARG A 620 36.97 2.21 9.84
CA ARG A 620 35.88 3.01 10.39
C ARG A 620 35.53 2.63 11.82
N ILE A 621 36.46 2.06 12.58
CA ILE A 621 36.19 1.55 13.93
C ILE A 621 37.19 2.16 14.90
N ALA A 622 36.67 2.73 15.99
CA ALA A 622 37.49 3.26 17.07
C ALA A 622 36.87 2.87 18.40
N VAL A 623 37.71 2.50 19.36
CA VAL A 623 37.28 2.02 20.66
C VAL A 623 38.05 2.74 21.75
N VAL A 624 37.56 2.59 22.99
CA VAL A 624 38.23 3.10 24.18
C VAL A 624 38.30 1.98 25.21
N ARG A 625 39.21 2.13 26.15
CA ARG A 625 39.46 1.12 27.18
C ARG A 625 38.98 1.66 28.53
N PHE A 626 38.06 0.95 29.16
CA PHE A 626 37.56 1.30 30.49
C PHE A 626 38.25 0.40 31.51
N ARG A 627 39.51 0.71 31.80
CA ARG A 627 40.32 -0.09 32.71
C ARG A 627 40.30 0.50 34.11
N THR A 628 39.12 0.51 34.72
CA THR A 628 38.94 0.98 36.09
C THR A 628 37.64 0.40 36.62
N HIS A 629 37.70 -0.28 37.76
CA HIS A 629 36.56 -0.96 38.35
C HIS A 629 36.28 -0.37 39.73
N PHE A 630 35.04 0.05 39.95
CA PHE A 630 34.60 0.53 41.26
C PHE A 630 33.75 -0.55 41.91
N SER A 631 34.04 -0.85 43.17
CA SER A 631 33.39 -1.95 43.87
C SER A 631 33.08 -1.51 45.30
N GLN A 632 32.73 -2.48 46.12
CA GLN A 632 32.32 -2.29 47.51
C GLN A 632 33.33 -2.92 48.45
N PRO A 633 33.34 -2.52 49.72
CA PRO A 633 34.30 -3.12 50.68
C PRO A 633 34.15 -4.63 50.83
N SER A 634 33.00 -5.20 50.45
CA SER A 634 32.85 -6.65 50.51
C SER A 634 33.83 -7.34 49.59
N GLY A 635 34.02 -6.82 48.38
CA GLY A 635 34.94 -7.41 47.43
C GLY A 635 36.12 -6.50 47.10
N ARG A 636 36.35 -5.49 47.94
CA ARG A 636 37.40 -4.52 47.67
C ARG A 636 38.80 -5.13 47.76
N GLU A 637 38.94 -6.31 48.34
CA GLU A 637 40.24 -6.95 48.49
C GLU A 637 40.53 -7.97 47.40
N ALA A 638 39.54 -8.80 47.03
CA ALA A 638 39.76 -9.80 46.00
C ALA A 638 40.04 -9.16 44.64
N ALA A 639 39.30 -8.11 44.30
CA ALA A 639 39.44 -7.45 43.01
C ALA A 639 40.47 -6.33 43.02
N GLU A 640 41.08 -6.01 44.17
CA GLU A 640 42.05 -4.94 44.22
C GLU A 640 43.28 -5.25 43.38
N ASN A 641 43.81 -6.46 43.51
CA ASN A 641 45.00 -6.86 42.79
C ASN A 641 44.64 -7.64 41.52
N ASN A 642 43.93 -6.96 40.63
CA ASN A 642 43.52 -7.54 39.36
C ASN A 642 44.22 -6.83 38.21
N ASP A 643 44.70 -7.61 37.25
CA ASP A 643 45.43 -7.04 36.11
C ASP A 643 44.53 -6.15 35.27
N ALA A 644 43.29 -6.57 35.04
CA ALA A 644 42.40 -5.81 34.18
C ALA A 644 41.89 -4.53 34.86
N TYR A 645 42.00 -4.43 36.18
CA TYR A 645 41.51 -3.27 36.92
C TYR A 645 42.71 -2.53 37.50
N ASP A 646 43.02 -1.38 36.92
CA ASP A 646 44.16 -0.58 37.38
C ASP A 646 43.84 0.25 38.61
N LYS A 647 42.58 0.32 39.02
CA LYS A 647 42.21 1.06 40.22
C LYS A 647 40.89 0.51 40.75
N VAL A 648 40.78 0.45 42.07
CA VAL A 648 39.57 0.02 42.75
C VAL A 648 39.17 1.10 43.76
N LYS A 649 37.91 1.52 43.70
CA LYS A 649 37.42 2.59 44.56
C LYS A 649 36.10 2.17 45.18
N LEU A 650 35.80 2.73 46.36
CA LEU A 650 34.58 2.41 47.06
C LEU A 650 33.37 2.99 46.33
N LEU A 651 32.22 2.36 46.56
CA LEU A 651 30.98 2.78 45.92
C LEU A 651 30.44 4.03 46.59
N ASP A 652 29.85 4.92 45.79
CA ASP A 652 29.23 6.15 46.27
C ASP A 652 27.74 6.11 46.00
N GLU A 653 26.97 6.64 46.95
CA GLU A 653 25.51 6.62 46.86
C GLU A 653 24.90 7.96 46.47
N GLY A 654 25.39 9.06 47.04
CA GLY A 654 24.82 10.37 46.74
C GLY A 654 25.17 10.91 45.38
N LEU A 655 26.17 10.32 44.71
CA LEU A 655 26.56 10.79 43.38
C LEU A 655 25.42 10.63 42.39
N ASP A 656 24.74 9.47 42.43
CA ASP A 656 23.61 9.24 41.53
C ASP A 656 22.49 10.23 41.81
N GLY A 657 22.19 10.49 43.08
CA GLY A 657 21.15 11.45 43.40
C GLY A 657 21.49 12.85 42.94
N LYS A 658 22.76 13.25 43.08
CA LYS A 658 23.16 14.60 42.69
C LYS A 658 23.16 14.76 41.18
N ILE A 659 23.64 13.76 40.44
CA ILE A 659 23.59 13.86 38.99
C ILE A 659 22.15 13.81 38.49
N GLN A 660 21.29 13.02 39.14
CA GLN A 660 19.87 13.03 38.81
C GLN A 660 19.22 14.37 39.14
N ASN A 661 19.73 15.08 40.13
CA ASN A 661 19.30 16.45 40.39
C ASN A 661 20.00 17.43 39.45
N ASN A 662 20.84 16.94 38.54
CA ASN A 662 21.43 17.73 37.48
C ASN A 662 22.32 18.84 38.07
N ARG A 663 22.99 18.51 39.17
CA ARG A 663 23.80 19.51 39.88
C ARG A 663 24.99 19.95 39.06
N TYR A 664 25.52 19.07 38.20
CA TYR A 664 26.74 19.36 37.43
C TYR A 664 26.46 19.48 35.94
N ARG A 665 25.21 19.77 35.57
CA ARG A 665 24.86 19.83 34.15
C ARG A 665 25.58 20.98 33.45
N PHE A 666 25.58 22.17 34.05
CA PHE A 666 26.18 23.32 33.39
C PHE A 666 27.70 23.25 33.42
N ALA A 667 28.27 22.69 34.50
CA ALA A 667 29.71 22.43 34.50
C ALA A 667 30.08 21.42 33.43
N PHE A 668 29.24 20.38 33.24
CA PHE A 668 29.46 19.42 32.17
C PHE A 668 29.41 20.09 30.81
N LEU A 669 28.44 20.99 30.62
CA LEU A 669 28.34 21.73 29.37
C LEU A 669 29.56 22.60 29.14
N TYR A 670 30.05 23.24 30.20
CA TYR A 670 31.25 24.07 30.09
C TYR A 670 32.46 23.22 29.70
N LEU A 671 32.61 22.04 30.31
CA LEU A 671 33.71 21.16 29.98
C LEU A 671 33.62 20.69 28.53
N LEU A 672 32.42 20.33 28.08
CA LEU A 672 32.23 19.91 26.70
C LEU A 672 32.54 21.04 25.73
N VAL A 673 32.11 22.27 26.07
CA VAL A 673 32.40 23.42 25.23
C VAL A 673 33.91 23.67 25.15
N LYS A 674 34.60 23.56 26.28
CA LYS A 674 36.05 23.74 26.28
C LYS A 674 36.73 22.67 25.42
N TRP A 675 36.28 21.42 25.53
CA TRP A 675 36.85 20.36 24.72
C TRP A 675 36.60 20.61 23.24
N TYR A 676 35.40 21.06 22.88
CA TYR A 676 35.10 21.39 21.50
C TYR A 676 35.99 22.54 20.99
N LYS A 677 36.20 23.55 21.84
CA LYS A 677 37.06 24.65 21.48
C LYS A 677 38.50 24.19 21.25
N LYS A 678 38.99 23.30 22.11
CA LYS A 678 40.36 22.84 22.00
C LYS A 678 40.57 21.77 20.95
N TYR A 679 39.50 21.16 20.44
CA TYR A 679 39.64 20.05 19.50
C TYR A 679 39.05 20.33 18.13
N HIS A 680 37.78 20.73 18.06
CA HIS A 680 37.04 20.72 16.81
C HIS A 680 37.01 22.06 16.09
N ILE A 681 37.58 23.13 16.67
CA ILE A 681 37.55 24.42 16.01
C ILE A 681 38.28 24.41 14.67
N PRO A 682 39.51 23.90 14.55
CA PRO A 682 40.13 23.84 13.21
C PRO A 682 39.38 22.94 12.25
N ILE A 683 38.93 21.78 12.73
CA ILE A 683 38.19 20.83 11.89
C ILE A 683 37.49 19.83 12.80
N MET A 684 36.40 19.25 12.33
CA MET A 684 35.65 18.23 13.05
C MET A 684 35.85 16.90 12.35
N LYS A 685 36.74 16.06 12.89
CA LYS A 685 37.06 14.78 12.28
C LYS A 685 37.20 13.72 13.37
N LEU A 686 36.96 12.47 12.97
CA LEU A 686 37.13 11.32 13.85
C LEU A 686 38.02 10.31 13.17
N TYR A 687 38.99 9.79 13.90
CA TYR A 687 39.97 8.86 13.34
C TYR A 687 39.82 7.48 13.95
N PRO A 688 39.65 6.44 13.15
CA PRO A 688 39.55 5.09 13.69
C PRO A 688 40.87 4.61 14.27
N THR A 689 40.77 3.62 15.16
CA THR A 689 41.93 3.01 15.81
C THR A 689 41.85 1.50 15.64
N PRO A 690 42.22 0.99 14.46
CA PRO A 690 42.11 -0.44 14.18
C PRO A 690 43.33 -1.25 14.61
N GLU A 691 43.72 -1.10 15.88
CA GLU A 691 44.82 -1.88 16.44
C GLU A 691 44.50 -2.49 17.81
N GLU A 692 43.54 -1.96 18.55
CA GLU A 692 43.16 -2.57 19.83
C GLU A 692 42.55 -3.95 19.61
N ILE A 693 41.74 -4.09 18.58
CA ILE A 693 41.13 -5.40 18.27
C ILE A 693 42.24 -6.36 17.79
N PRO A 694 42.38 -7.53 18.41
CA PRO A 694 43.43 -8.46 17.95
C PRO A 694 43.24 -8.91 16.50
N ASP A 695 41.99 -9.02 16.04
CA ASP A 695 41.75 -9.45 14.66
C ASP A 695 42.33 -8.47 13.66
N PHE A 696 42.16 -7.16 13.92
CA PHE A 696 42.69 -6.16 12.99
C PHE A 696 44.22 -6.18 12.97
N ALA A 697 44.85 -6.34 14.13
CA ALA A 697 46.30 -6.44 14.19
C ALA A 697 46.79 -7.68 13.45
N PHE A 698 46.08 -8.80 13.61
CA PHE A 698 46.44 -10.01 12.88
C PHE A 698 46.31 -9.82 11.38
N TYR A 699 45.25 -9.15 10.94
CA TYR A 699 45.08 -8.87 9.52
C TYR A 699 46.20 -7.98 9.00
N LEU A 700 46.59 -6.96 9.77
CA LEU A 700 47.69 -6.10 9.36
C LEU A 700 49.00 -6.87 9.26
N LYS A 701 49.25 -7.76 10.23
CA LYS A 701 50.46 -8.57 10.19
C LYS A 701 50.46 -9.50 8.98
N ILE A 702 49.30 -10.09 8.66
CA ILE A 702 49.18 -10.94 7.48
C ILE A 702 49.49 -10.13 6.22
N GLY A 703 48.93 -8.93 6.12
CA GLY A 703 49.14 -8.11 4.94
C GLY A 703 50.58 -7.65 4.78
N THR A 704 51.22 -7.27 5.87
CA THR A 704 52.56 -6.69 5.80
C THR A 704 53.68 -7.72 5.75
N LEU A 705 53.39 -9.00 6.02
CA LEU A 705 54.42 -10.02 6.05
C LEU A 705 54.61 -10.74 4.72
N LEU A 706 53.80 -10.41 3.71
CA LEU A 706 53.88 -11.05 2.41
C LEU A 706 54.13 -10.00 1.34
N VAL A 707 54.93 -10.34 0.33
CA VAL A 707 55.23 -9.46 -0.78
C VAL A 707 54.92 -10.19 -2.08
N SER A 708 54.33 -9.49 -3.03
CA SER A 708 54.00 -10.08 -4.31
C SER A 708 55.27 -10.37 -5.11
N SER A 709 55.19 -11.38 -5.97
CA SER A 709 56.32 -11.74 -6.81
C SER A 709 56.62 -10.64 -7.81
N SER A 710 57.91 -10.41 -8.07
CA SER A 710 58.36 -9.37 -8.97
C SER A 710 59.48 -9.91 -9.85
N VAL A 711 59.95 -9.08 -10.78
CA VAL A 711 61.02 -9.47 -11.69
C VAL A 711 62.32 -9.74 -10.94
N LYS A 712 62.49 -9.16 -9.75
CA LYS A 712 63.71 -9.32 -8.97
C LYS A 712 63.92 -10.74 -8.48
N HIS A 713 62.92 -11.61 -8.59
CA HIS A 713 63.03 -12.99 -8.11
C HIS A 713 63.80 -13.89 -9.07
N ILE A 714 64.11 -13.43 -10.29
CA ILE A 714 64.85 -14.27 -11.23
C ILE A 714 66.22 -14.68 -10.70
N PRO A 715 67.06 -13.76 -10.19
CA PRO A 715 68.34 -14.20 -9.62
C PRO A 715 68.19 -15.11 -8.41
N LEU A 716 67.06 -15.03 -7.70
CA LEU A 716 66.81 -15.84 -6.52
C LEU A 716 66.04 -17.12 -6.85
N MET A 717 65.97 -17.50 -8.13
CA MET A 717 65.23 -18.71 -8.50
C MET A 717 65.86 -19.95 -7.87
N THR A 718 67.20 -20.00 -7.83
CA THR A 718 67.87 -21.11 -7.17
C THR A 718 67.52 -21.16 -5.68
N ASP A 719 67.46 -20.00 -5.03
CA ASP A 719 67.07 -19.95 -3.63
C ASP A 719 65.62 -20.40 -3.45
N LEU A 720 64.73 -19.97 -4.36
CA LEU A 720 63.33 -20.36 -4.26
C LEU A 720 63.13 -21.85 -4.54
N SER A 721 64.06 -22.46 -5.29
CA SER A 721 63.96 -23.89 -5.56
C SER A 721 64.06 -24.70 -4.27
N LYS A 722 64.96 -24.30 -3.36
CA LYS A 722 65.09 -24.97 -2.08
C LYS A 722 63.88 -24.74 -1.18
N LYS A 723 63.06 -23.72 -1.48
CA LYS A 723 61.89 -23.39 -0.68
C LYS A 723 60.61 -23.96 -1.26
N GLY A 724 60.70 -24.81 -2.28
CA GLY A 724 59.53 -25.40 -2.89
C GLY A 724 58.87 -24.56 -3.95
N TYR A 725 59.45 -23.41 -4.31
CA TYR A 725 58.89 -22.53 -5.32
C TYR A 725 59.48 -22.87 -6.69
N ILE A 726 58.61 -23.06 -7.68
CA ILE A 726 59.04 -23.33 -9.04
C ILE A 726 58.32 -22.35 -9.97
N LEU A 727 58.92 -22.13 -11.14
CA LEU A 727 58.42 -21.14 -12.09
C LEU A 727 57.47 -21.83 -13.07
N TYR A 728 56.19 -21.51 -12.97
CA TYR A 728 55.18 -21.99 -13.90
C TYR A 728 54.34 -20.80 -14.35
N ASP A 729 53.98 -20.79 -15.64
CA ASP A 729 53.28 -19.68 -16.29
C ASP A 729 53.89 -18.32 -15.93
N ASN A 730 55.22 -18.31 -15.73
CA ASN A 730 55.97 -17.11 -15.36
C ASN A 730 55.49 -16.55 -14.02
N VAL A 731 55.41 -17.42 -13.03
CA VAL A 731 55.09 -17.02 -11.65
C VAL A 731 55.56 -18.14 -10.73
N VAL A 732 55.82 -17.80 -9.48
CA VAL A 732 56.28 -18.78 -8.50
C VAL A 732 55.08 -19.54 -7.96
N THR A 733 55.23 -20.84 -7.79
CA THR A 733 54.21 -21.68 -7.17
C THR A 733 54.87 -22.65 -6.21
N LEU A 734 54.23 -22.91 -5.09
CA LEU A 734 54.73 -23.80 -4.07
C LEU A 734 53.60 -24.72 -3.63
N PRO A 735 53.93 -25.90 -3.09
CA PRO A 735 52.88 -26.78 -2.56
C PRO A 735 52.14 -26.10 -1.42
N LEU A 736 50.82 -26.32 -1.38
CA LEU A 736 49.99 -25.68 -0.37
C LEU A 736 50.30 -26.23 1.02
N THR A 737 50.59 -27.54 1.12
CA THR A 737 50.94 -28.13 2.41
C THR A 737 52.19 -27.49 3.00
N THR A 738 53.21 -27.28 2.16
CA THR A 738 54.37 -26.52 2.59
C THR A 738 53.98 -25.12 3.04
N PHE A 739 52.95 -24.54 2.40
CA PHE A 739 52.55 -23.20 2.77
C PHE A 739 51.92 -23.17 4.16
N GLN A 740 51.03 -24.12 4.47
CA GLN A 740 50.50 -24.16 5.83
C GLN A 740 51.60 -24.43 6.84
N GLN A 741 52.54 -25.32 6.50
CA GLN A 741 53.63 -25.60 7.42
C GLN A 741 54.46 -24.35 7.70
N LYS A 742 54.80 -23.60 6.66
CA LYS A 742 55.60 -22.40 6.83
C LYS A 742 54.83 -21.34 7.63
N ILE A 743 53.54 -21.16 7.33
CA ILE A 743 52.78 -20.13 8.03
C ILE A 743 52.53 -20.52 9.48
N SER A 744 52.42 -21.82 9.77
CA SER A 744 52.25 -22.29 11.14
C SER A 744 53.56 -22.29 11.92
N LYS A 745 54.70 -22.29 11.22
CA LYS A 745 55.98 -22.14 11.92
C LYS A 745 56.03 -20.83 12.71
N TYR A 746 55.41 -19.78 12.20
CA TYR A 746 55.41 -18.48 12.86
C TYR A 746 54.11 -18.17 13.59
N PHE A 747 52.98 -18.65 13.09
CA PHE A 747 51.67 -18.38 13.68
C PHE A 747 51.11 -19.65 14.29
N ASN A 748 50.59 -19.55 15.50
CA ASN A 748 49.99 -20.71 16.17
C ASN A 748 48.73 -21.13 15.42
N SER A 749 48.67 -22.41 15.03
CA SER A 749 47.53 -22.90 14.29
C SER A 749 46.27 -22.94 15.15
N ARG A 750 46.41 -23.25 16.45
CA ARG A 750 45.26 -23.41 17.32
C ARG A 750 44.44 -22.13 17.47
N LEU A 751 45.02 -20.98 17.12
CA LEU A 751 44.34 -19.70 17.27
C LEU A 751 43.87 -19.09 15.96
N PHE A 752 44.60 -19.29 14.86
CA PHE A 752 44.27 -18.65 13.59
C PHE A 752 44.17 -19.66 12.46
N GLY A 753 43.85 -20.92 12.77
CA GLY A 753 43.71 -21.90 11.70
C GLY A 753 42.58 -21.57 10.75
N HIS A 754 41.43 -21.17 11.30
CA HIS A 754 40.30 -20.80 10.45
C HIS A 754 40.62 -19.57 9.62
N ASP A 755 41.28 -18.58 10.21
CA ASP A 755 41.65 -17.37 9.46
C ASP A 755 42.60 -17.70 8.32
N ILE A 756 43.61 -18.53 8.59
CA ILE A 756 44.57 -18.91 7.56
C ILE A 756 43.88 -19.69 6.45
N GLU A 757 42.98 -20.61 6.82
CA GLU A 757 42.26 -21.37 5.81
C GLU A 757 41.38 -20.47 4.96
N SER A 758 40.72 -19.49 5.58
CA SER A 758 39.88 -18.56 4.82
C SER A 758 40.73 -17.73 3.87
N PHE A 759 41.89 -17.26 4.32
CA PHE A 759 42.78 -16.51 3.43
C PHE A 759 43.25 -17.38 2.28
N ILE A 760 43.56 -18.64 2.56
CA ILE A 760 44.00 -19.55 1.49
C ILE A 760 42.89 -19.73 0.47
N ASN A 761 41.65 -19.93 0.94
CA ASN A 761 40.53 -20.05 0.01
C ASN A 761 40.34 -18.77 -0.79
N ARG A 762 40.55 -17.61 -0.17
CA ARG A 762 40.40 -16.35 -0.88
C ARG A 762 41.44 -16.21 -1.99
N HIS A 763 42.70 -16.50 -1.68
CA HIS A 763 43.79 -16.23 -2.61
C HIS A 763 44.27 -17.46 -3.37
N LYS A 764 43.56 -18.58 -3.28
CA LYS A 764 44.05 -19.82 -3.88
C LYS A 764 44.13 -19.68 -5.41
N LYS A 765 45.24 -20.17 -5.97
CA LYS A 765 45.45 -20.18 -7.40
C LYS A 765 45.93 -21.57 -7.81
N PHE A 766 45.55 -21.99 -9.01
CA PHE A 766 45.84 -23.32 -9.50
C PHE A 766 47.11 -23.31 -10.34
N ALA A 767 48.02 -24.23 -10.04
CA ALA A 767 49.23 -24.43 -10.84
C ALA A 767 49.26 -25.78 -11.54
N ASN A 768 48.47 -26.74 -11.08
CA ASN A 768 48.41 -28.07 -11.68
C ASN A 768 47.06 -28.68 -11.31
N VAL A 769 46.91 -29.98 -11.56
CA VAL A 769 45.67 -30.66 -11.22
C VAL A 769 45.53 -30.86 -9.71
N SER A 770 46.63 -30.79 -8.97
CA SER A 770 46.57 -31.00 -7.53
C SER A 770 47.43 -30.03 -6.74
N ASP A 771 48.04 -29.03 -7.38
CA ASP A 771 48.90 -28.07 -6.70
C ASP A 771 48.19 -26.73 -6.61
N GLU A 772 48.15 -26.18 -5.40
CA GLU A 772 47.58 -24.86 -5.15
C GLU A 772 48.63 -23.96 -4.53
N TYR A 773 48.57 -22.67 -4.87
CA TYR A 773 49.62 -21.74 -4.47
C TYR A 773 49.04 -20.33 -4.42
N LEU A 774 49.86 -19.41 -3.93
CA LEU A 774 49.56 -17.98 -3.93
C LEU A 774 50.72 -17.24 -4.56
N GLN A 775 50.44 -16.09 -5.16
CA GLN A 775 51.50 -15.28 -5.76
C GLN A 775 52.10 -14.31 -4.75
N TYR A 776 52.46 -14.83 -3.59
CA TYR A 776 53.08 -14.06 -2.52
C TYR A 776 54.21 -14.86 -1.92
N ILE A 777 55.19 -14.16 -1.36
CA ILE A 777 56.34 -14.78 -0.70
C ILE A 777 56.61 -14.04 0.59
N PHE A 778 56.99 -14.79 1.63
CA PHE A 778 57.39 -14.17 2.88
C PHE A 778 58.74 -13.49 2.73
N ILE A 779 58.93 -12.40 3.48
CA ILE A 779 60.21 -11.71 3.46
C ILE A 779 61.30 -12.61 4.03
N GLU A 780 61.01 -13.31 5.11
CA GLU A 780 61.97 -14.24 5.70
C GLU A 780 62.11 -15.52 4.89
N ASP A 781 61.16 -15.79 3.98
CA ASP A 781 61.26 -16.98 3.14
C ASP A 781 62.40 -16.88 2.14
N ILE A 782 62.71 -15.67 1.66
CA ILE A 782 63.78 -15.46 0.70
C ILE A 782 65.10 -15.05 1.36
N SER A 783 65.07 -14.63 2.63
CA SER A 783 66.26 -14.22 3.35
C SER A 783 66.65 -15.31 4.34
N SER A 784 67.89 -15.74 4.29
CA SER A 784 68.37 -16.78 5.19
C SER A 784 68.35 -16.29 6.63
N PRO A 785 67.93 -17.12 7.59
CA PRO A 785 67.87 -16.75 9.01
C PRO A 785 69.23 -16.41 9.59
N LEU B 321 -14.90 51.13 22.83
CA LEU B 321 -14.62 50.36 24.03
C LEU B 321 -15.13 48.93 23.91
N ASP B 322 -16.40 48.79 23.56
CA ASP B 322 -17.04 47.49 23.43
C ASP B 322 -16.79 46.98 22.01
N GLY B 323 -15.74 46.16 21.87
CA GLY B 323 -15.39 45.60 20.59
C GLY B 323 -16.18 44.35 20.27
N ASN B 324 -15.49 43.29 19.86
CA ASN B 324 -16.13 42.02 19.57
C ASN B 324 -16.65 41.42 20.87
N LYS B 325 -17.97 41.33 21.00
CA LYS B 325 -18.56 40.80 22.23
C LYS B 325 -18.18 39.34 22.44
N LEU B 326 -18.18 38.55 21.37
CA LEU B 326 -17.83 37.14 21.49
C LEU B 326 -16.39 36.96 21.93
N PHE B 327 -15.49 37.84 21.48
CA PHE B 327 -14.11 37.77 21.95
C PHE B 327 -14.03 38.08 23.44
N ASN B 328 -14.83 39.04 23.91
CA ASN B 328 -14.86 39.33 25.34
C ASN B 328 -15.36 38.11 26.12
N ILE B 329 -16.40 37.45 25.62
CA ILE B 329 -16.91 36.26 26.28
C ILE B 329 -15.86 35.16 26.32
N ALA B 330 -15.14 34.98 25.21
CA ALA B 330 -14.09 33.95 25.16
C ALA B 330 -12.98 34.26 26.16
N GLN B 331 -12.56 35.52 26.24
CA GLN B 331 -11.53 35.88 27.22
C GLN B 331 -12.01 35.66 28.64
N ARG B 332 -13.27 36.02 28.91
CA ARG B 332 -13.83 35.84 30.25
C ARG B 332 -13.87 34.36 30.62
N ILE B 333 -14.25 33.51 29.67
CA ILE B 333 -14.24 32.07 29.93
C ILE B 333 -12.83 31.57 30.17
N LEU B 334 -11.88 32.01 29.35
CA LEU B 334 -10.53 31.47 29.43
C LEU B 334 -9.81 31.89 30.71
N ASP B 335 -10.11 33.07 31.25
CA ASP B 335 -9.37 33.50 32.43
C ASP B 335 -9.69 32.67 33.68
N THR B 336 -10.72 31.81 33.63
CA THR B 336 -11.05 30.94 34.75
C THR B 336 -10.28 29.62 34.72
N ASN B 337 -9.45 29.39 33.71
CA ASN B 337 -8.65 28.18 33.59
C ASN B 337 -9.51 26.92 33.65
N SER B 338 -10.67 26.96 33.00
CA SER B 338 -11.56 25.82 32.95
C SER B 338 -11.25 24.86 31.81
N VAL B 339 -10.37 25.25 30.89
CA VAL B 339 -9.98 24.41 29.75
C VAL B 339 -8.48 24.54 29.56
N LEU B 340 -7.83 23.41 29.29
CA LEU B 340 -6.38 23.37 29.17
C LEU B 340 -5.98 22.57 27.94
N LEU B 341 -4.78 22.84 27.44
CA LEU B 341 -4.20 22.14 26.30
C LEU B 341 -3.00 21.34 26.77
N THR B 342 -2.96 20.07 26.39
CA THR B 342 -1.87 19.17 26.77
C THR B 342 -0.81 19.13 25.68
N GLU B 343 0.37 18.63 26.05
CA GLU B 343 1.45 18.44 25.09
C GLU B 343 1.14 17.33 24.08
N ARG B 344 0.09 16.56 24.32
CA ARG B 344 -0.30 15.47 23.43
C ARG B 344 -1.21 15.94 22.30
N GLY B 345 -1.50 17.24 22.23
CA GLY B 345 -2.34 17.78 21.19
C GLY B 345 -3.82 17.73 21.46
N ASP B 346 -4.23 17.26 22.64
CA ASP B 346 -5.64 17.15 23.00
C ASP B 346 -5.99 18.20 24.05
N HIS B 347 -7.26 18.58 24.08
CA HIS B 347 -7.76 19.56 25.03
C HIS B 347 -8.53 18.85 26.15
N ILE B 348 -8.38 19.35 27.37
CA ILE B 348 -9.09 18.83 28.53
C ILE B 348 -9.96 19.94 29.10
N VAL B 349 -11.10 19.55 29.67
CA VAL B 349 -12.07 20.48 30.20
C VAL B 349 -12.45 20.06 31.61
N TRP B 350 -13.04 21.00 32.35
CA TRP B 350 -13.41 20.81 33.75
C TRP B 350 -14.93 20.92 33.86
N ILE B 351 -15.62 19.80 33.86
CA ILE B 351 -17.07 19.76 33.91
C ILE B 351 -17.50 18.80 35.01
N ASN B 352 -18.58 19.17 35.73
CA ASN B 352 -19.15 18.34 36.79
C ASN B 352 -18.09 17.95 37.81
N ASN B 353 -17.23 18.91 38.16
CA ASN B 353 -16.14 18.70 39.11
C ASN B 353 -15.25 17.53 38.68
N SER B 354 -14.97 17.44 37.39
CA SER B 354 -14.14 16.36 36.87
C SER B 354 -13.41 16.83 35.62
N TRP B 355 -12.16 16.38 35.48
CA TRP B 355 -11.37 16.66 34.30
C TRP B 355 -11.64 15.60 33.25
N LYS B 356 -12.20 16.00 32.11
CA LYS B 356 -12.52 15.09 31.03
C LYS B 356 -11.86 15.56 29.74
N PHE B 357 -11.36 14.61 28.97
CA PHE B 357 -10.75 14.90 27.67
C PHE B 357 -11.26 13.91 26.64
N ASN B 358 -11.50 14.41 25.44
CA ASN B 358 -11.97 13.57 24.34
C ASN B 358 -11.74 14.32 23.04
N SER B 359 -11.51 13.57 21.96
CA SER B 359 -11.26 14.15 20.65
C SER B 359 -12.49 14.19 19.77
N GLU B 360 -13.43 13.26 19.96
CA GLU B 360 -14.59 13.12 19.10
C GLU B 360 -15.86 13.72 19.70
N GLU B 361 -15.75 14.41 20.83
CA GLU B 361 -16.94 14.97 21.46
C GLU B 361 -16.85 16.48 21.56
N PRO B 362 -17.98 17.18 21.49
CA PRO B 362 -17.99 18.66 21.62
C PRO B 362 -17.91 19.09 23.08
N LEU B 363 -16.76 18.82 23.70
CA LEU B 363 -16.60 19.14 25.11
C LEU B 363 -16.58 20.66 25.35
N ILE B 364 -15.97 21.41 24.43
CA ILE B 364 -15.87 22.86 24.62
C ILE B 364 -17.24 23.52 24.61
N THR B 365 -18.11 23.10 23.67
CA THR B 365 -19.45 23.68 23.61
C THR B 365 -20.26 23.34 24.85
N LYS B 366 -20.13 22.11 25.34
CA LYS B 366 -20.81 21.72 26.57
C LYS B 366 -20.32 22.58 27.73
N LEU B 367 -19.01 22.80 27.82
CA LEU B 367 -18.47 23.65 28.88
C LEU B 367 -19.02 25.07 28.77
N ILE B 368 -19.10 25.61 27.57
CA ILE B 368 -19.61 26.96 27.38
C ILE B 368 -21.06 27.04 27.84
N LEU B 369 -21.87 26.07 27.41
CA LEU B 369 -23.28 26.08 27.79
C LEU B 369 -23.46 25.94 29.30
N SER B 370 -22.65 25.09 29.93
CA SER B 370 -22.75 24.92 31.37
C SER B 370 -22.32 26.18 32.12
N ILE B 371 -21.25 26.83 31.65
CA ILE B 371 -20.73 28.00 32.34
C ILE B 371 -21.52 29.27 32.05
N ARG B 372 -22.42 29.22 31.07
CA ARG B 372 -23.28 30.36 30.73
C ARG B 372 -23.90 31.03 31.96
N HIS B 373 -24.27 30.25 32.97
CA HIS B 373 -25.03 30.79 34.10
C HIS B 373 -24.25 31.85 34.87
N GLN B 374 -22.96 31.59 35.15
CA GLN B 374 -22.20 32.48 36.00
C GLN B 374 -21.75 33.76 35.31
N LEU B 375 -21.89 33.85 33.99
CA LEU B 375 -21.57 35.08 33.28
C LEU B 375 -22.66 36.12 33.53
N PRO B 376 -22.34 37.40 33.32
CA PRO B 376 -23.38 38.44 33.45
C PRO B 376 -24.51 38.22 32.46
N LYS B 377 -25.70 38.66 32.87
CA LYS B 377 -26.92 38.26 32.17
C LYS B 377 -27.02 38.78 30.74
N GLU B 378 -26.19 39.75 30.37
CA GLU B 378 -26.24 40.26 29.00
C GLU B 378 -25.51 39.37 28.01
N TYR B 379 -24.85 38.30 28.48
CA TYR B 379 -24.20 37.35 27.59
C TYR B 379 -24.93 36.03 27.47
N SER B 380 -25.75 35.66 28.46
CA SER B 380 -26.42 34.37 28.44
C SER B 380 -27.36 34.25 27.25
N SER B 381 -28.07 35.32 26.93
CA SER B 381 -28.98 35.28 25.79
C SER B 381 -28.22 35.03 24.49
N GLU B 382 -27.05 35.66 24.34
CA GLU B 382 -26.25 35.44 23.14
C GLU B 382 -25.66 34.03 23.11
N LEU B 383 -25.38 33.44 24.28
CA LEU B 383 -24.76 32.13 24.32
C LEU B 383 -25.71 31.01 23.90
N LEU B 384 -27.00 31.28 23.73
CA LEU B 384 -27.94 30.21 23.43
C LEU B 384 -27.77 29.69 22.00
N CYS B 385 -27.49 30.58 21.05
CA CYS B 385 -27.41 30.17 19.66
C CYS B 385 -26.17 29.31 19.41
N PRO B 386 -26.32 28.13 18.79
CA PRO B 386 -25.16 27.25 18.60
C PRO B 386 -24.05 27.86 17.74
N ARG B 387 -24.39 28.69 16.75
CA ARG B 387 -23.37 29.29 15.91
C ARG B 387 -22.45 30.19 16.73
N LYS B 388 -23.02 30.97 17.64
CA LYS B 388 -22.21 31.80 18.53
C LYS B 388 -21.32 30.93 19.41
N ARG B 389 -21.83 29.77 19.85
CA ARG B 389 -21.01 28.85 20.61
C ARG B 389 -19.83 28.35 19.79
N LYS B 390 -20.07 28.05 18.51
CA LYS B 390 -18.96 27.61 17.65
C LYS B 390 -17.94 28.73 17.47
N THR B 391 -18.41 29.97 17.32
CA THR B 391 -17.48 31.09 17.19
C THR B 391 -16.63 31.26 18.44
N VAL B 392 -17.25 31.17 19.62
CA VAL B 392 -16.51 31.29 20.87
C VAL B 392 -15.53 30.14 21.03
N GLU B 393 -15.93 28.94 20.59
CA GLU B 393 -15.02 27.80 20.63
C GLU B 393 -13.81 28.03 19.73
N ALA B 394 -14.03 28.60 18.54
CA ALA B 394 -12.91 28.91 17.65
C ALA B 394 -11.98 29.93 18.29
N ASN B 395 -12.54 30.96 18.93
CA ASN B 395 -11.71 31.93 19.62
C ASN B 395 -10.89 31.27 20.73
N ILE B 396 -11.52 30.40 21.52
CA ILE B 396 -10.83 29.73 22.60
C ILE B 396 -9.69 28.87 22.05
N ARG B 397 -9.96 28.12 20.98
CA ARG B 397 -8.91 27.31 20.36
C ARG B 397 -7.77 28.18 19.85
N ASP B 398 -8.08 29.40 19.38
CA ASP B 398 -7.04 30.27 18.86
C ASP B 398 -6.19 30.90 19.96
N MET B 399 -6.78 31.20 21.12
CA MET B 399 -6.05 31.88 22.18
C MET B 399 -5.30 30.94 23.11
N LEU B 400 -5.32 29.64 22.86
CA LEU B 400 -4.57 28.67 23.65
C LEU B 400 -3.30 28.29 22.90
N VAL B 401 -2.14 28.62 23.47
CA VAL B 401 -0.87 28.37 22.81
C VAL B 401 0.13 27.61 23.68
N ASP B 402 0.03 27.66 25.01
CA ASP B 402 0.99 27.04 25.90
C ASP B 402 0.40 25.77 26.51
N SER B 403 1.23 24.75 26.66
CA SER B 403 0.81 23.45 27.17
C SER B 403 1.16 23.33 28.65
N VAL B 404 0.47 22.40 29.32
CA VAL B 404 0.64 22.16 30.75
C VAL B 404 0.72 20.67 31.00
N GLU B 405 1.67 20.26 31.84
CA GLU B 405 1.86 18.85 32.15
C GLU B 405 0.70 18.33 33.00
N THR B 406 0.46 17.03 32.90
CA THR B 406 -0.64 16.38 33.60
C THR B 406 -0.10 15.31 34.55
N ASP B 407 -0.87 15.05 35.62
CA ASP B 407 -0.55 14.03 36.60
C ASP B 407 0.82 14.27 37.24
N THR B 408 0.92 15.40 37.95
CA THR B 408 2.16 15.81 38.60
C THR B 408 2.10 15.67 40.11
N TYR B 409 1.13 14.92 40.63
CA TYR B 409 0.96 14.73 42.07
C TYR B 409 0.85 13.24 42.37
N PRO B 410 1.97 12.53 42.41
CA PRO B 410 1.93 11.09 42.73
C PRO B 410 1.52 10.79 44.17
N ASP B 411 1.50 11.79 45.04
CA ASP B 411 1.18 11.60 46.44
C ASP B 411 -0.30 11.81 46.75
N LYS B 412 -1.15 11.93 45.73
CA LYS B 412 -2.58 12.07 45.90
C LYS B 412 -3.31 11.12 44.96
N LEU B 413 -4.45 10.62 45.42
CA LEU B 413 -5.18 9.61 44.68
C LEU B 413 -6.55 10.16 44.29
N PRO B 414 -6.86 10.32 43.02
CA PRO B 414 -8.17 10.86 42.63
C PRO B 414 -9.27 9.81 42.67
N PHE B 415 -10.44 10.25 43.12
CA PHE B 415 -11.64 9.42 43.19
C PHE B 415 -12.63 9.88 42.13
N LYS B 416 -13.82 9.28 42.15
CA LYS B 416 -14.89 9.68 41.25
C LYS B 416 -15.50 11.01 41.64
N ASN B 417 -15.38 11.42 42.92
CA ASN B 417 -15.99 12.64 43.41
C ASN B 417 -14.97 13.59 44.03
N GLY B 418 -13.69 13.29 43.95
CA GLY B 418 -12.69 14.16 44.53
C GLY B 418 -11.32 13.50 44.51
N VAL B 419 -10.38 14.16 45.16
CA VAL B 419 -9.00 13.68 45.26
C VAL B 419 -8.64 13.59 46.74
N LEU B 420 -8.13 12.43 47.16
CA LEU B 420 -7.73 12.20 48.54
C LEU B 420 -6.23 12.36 48.66
N ASP B 421 -5.81 13.20 49.61
CA ASP B 421 -4.40 13.40 49.89
C ASP B 421 -3.93 12.37 50.92
N LEU B 422 -2.85 11.67 50.60
CA LEU B 422 -2.38 10.57 51.44
C LEU B 422 -1.70 11.04 52.71
N VAL B 423 -1.24 12.29 52.76
CA VAL B 423 -0.50 12.76 53.92
C VAL B 423 -1.43 13.05 55.09
N ASP B 424 -2.36 13.99 54.89
CA ASP B 424 -3.28 14.37 55.96
C ASP B 424 -4.53 13.51 56.03
N GLY B 425 -4.77 12.64 55.04
CA GLY B 425 -5.88 11.72 55.09
C GLY B 425 -7.23 12.29 54.74
N MET B 426 -7.29 13.55 54.33
CA MET B 426 -8.54 14.22 54.00
C MET B 426 -8.60 14.49 52.51
N PHE B 427 -9.80 14.42 51.95
CA PHE B 427 -10.00 14.42 50.50
C PHE B 427 -10.67 15.73 50.08
N TYR B 428 -10.15 16.32 49.01
CA TYR B 428 -10.70 17.55 48.47
C TYR B 428 -11.76 17.25 47.42
N SER B 429 -12.58 18.24 47.14
CA SER B 429 -13.63 18.10 46.14
C SER B 429 -13.97 19.48 45.59
N GLY B 430 -14.64 19.48 44.45
CA GLY B 430 -15.05 20.75 43.84
C GLY B 430 -13.84 21.51 43.32
N ASP B 431 -13.80 22.80 43.63
CA ASP B 431 -12.74 23.66 43.14
C ASP B 431 -11.37 23.27 43.69
N ASP B 432 -11.34 22.71 44.90
CA ASP B 432 -10.06 22.35 45.51
C ASP B 432 -9.35 21.28 44.70
N ALA B 433 -10.09 20.29 44.21
CA ALA B 433 -9.48 19.22 43.42
C ALA B 433 -9.02 19.70 42.05
N LYS B 434 -9.50 20.85 41.59
CA LYS B 434 -9.14 21.34 40.26
C LYS B 434 -7.68 21.76 40.18
N LYS B 435 -7.02 21.98 41.31
CA LYS B 435 -5.62 22.40 41.28
C LYS B 435 -4.75 21.32 40.65
N TYR B 436 -5.01 20.06 40.96
CA TYR B 436 -4.25 18.95 40.40
C TYR B 436 -4.97 18.42 39.17
N THR B 437 -4.22 18.25 38.09
CA THR B 437 -4.77 17.76 36.82
C THR B 437 -4.66 16.25 36.80
N CYS B 438 -5.70 15.58 37.25
CA CYS B 438 -5.77 14.12 37.27
C CYS B 438 -6.81 13.65 36.26
N THR B 439 -6.38 12.86 35.29
CA THR B 439 -7.25 12.42 34.21
C THR B 439 -7.85 11.04 34.44
N VAL B 440 -7.57 10.41 35.58
CA VAL B 440 -8.09 9.09 35.89
C VAL B 440 -8.72 9.13 37.27
N SER B 441 -9.44 8.06 37.61
CA SER B 441 -10.10 7.96 38.90
C SER B 441 -10.33 6.49 39.23
N THR B 442 -10.64 6.23 40.50
CA THR B 442 -10.91 4.87 40.93
C THR B 442 -12.18 4.32 40.31
N GLY B 443 -13.15 5.17 40.01
CA GLY B 443 -14.40 4.76 39.41
C GLY B 443 -15.57 4.72 40.37
N PHE B 444 -15.33 4.80 41.68
CA PHE B 444 -16.40 4.81 42.67
C PHE B 444 -16.24 6.04 43.55
N LYS B 445 -17.37 6.61 43.96
CA LYS B 445 -17.36 7.84 44.74
C LYS B 445 -16.81 7.57 46.14
N PHE B 446 -15.95 8.47 46.60
CA PHE B 446 -15.39 8.36 47.94
C PHE B 446 -16.40 8.83 48.98
N ASP B 447 -16.45 8.11 50.10
CA ASP B 447 -17.35 8.43 51.20
C ASP B 447 -16.59 8.29 52.51
N ASP B 448 -16.59 9.35 53.33
CA ASP B 448 -15.97 9.27 54.64
C ASP B 448 -16.81 8.49 55.64
N THR B 449 -18.10 8.28 55.32
CA THR B 449 -18.96 7.52 56.23
C THR B 449 -18.48 6.08 56.38
N LYS B 450 -18.06 5.47 55.28
CA LYS B 450 -17.51 4.12 55.36
C LYS B 450 -16.05 4.11 55.80
N PHE B 451 -15.39 5.26 55.79
CA PHE B 451 -13.98 5.36 56.16
C PHE B 451 -13.91 5.90 57.59
N VAL B 452 -14.01 4.99 58.54
CA VAL B 452 -14.05 5.33 59.96
C VAL B 452 -12.92 4.60 60.67
N GLU B 453 -12.16 5.34 61.49
CA GLU B 453 -11.02 4.76 62.18
C GLU B 453 -11.47 3.75 63.25
N ASP B 454 -12.58 4.03 63.93
CA ASP B 454 -13.08 3.18 65.01
C ASP B 454 -14.35 2.48 64.53
N SER B 455 -14.25 1.20 64.27
CA SER B 455 -15.35 0.41 63.72
C SER B 455 -15.11 -1.05 64.07
N PRO B 456 -16.04 -1.95 63.72
CA PRO B 456 -15.70 -3.38 63.74
C PRO B 456 -14.91 -3.84 62.53
N GLU B 457 -14.75 -2.97 61.51
CA GLU B 457 -14.26 -3.43 60.22
C GLU B 457 -12.80 -3.87 60.29
N MET B 458 -11.94 -3.08 60.93
CA MET B 458 -10.52 -3.44 60.93
C MET B 458 -10.22 -4.66 61.80
N GLU B 459 -10.91 -4.82 62.93
CA GLU B 459 -10.75 -6.07 63.66
C GLU B 459 -11.32 -7.24 62.89
N GLU B 460 -12.34 -7.00 62.05
CA GLU B 460 -12.82 -8.06 61.16
C GLU B 460 -11.75 -8.43 60.13
N LEU B 461 -11.04 -7.43 59.60
CA LEU B 461 -9.94 -7.72 58.67
C LEU B 461 -8.82 -8.48 59.35
N MET B 462 -8.58 -8.18 60.64
CA MET B 462 -7.40 -8.69 61.32
C MET B 462 -7.38 -10.21 61.33
N ASN B 463 -8.53 -10.84 61.62
CA ASN B 463 -8.59 -12.30 61.57
C ASN B 463 -8.40 -12.82 60.14
N ILE B 464 -8.91 -12.07 59.15
CA ILE B 464 -8.76 -12.49 57.76
C ILE B 464 -7.28 -12.53 57.36
N ILE B 465 -6.51 -11.51 57.77
CA ILE B 465 -5.10 -11.48 57.41
C ILE B 465 -4.37 -12.71 57.96
N ASN B 466 -4.60 -13.01 59.24
CA ASN B 466 -3.97 -14.19 59.84
C ASN B 466 -4.48 -15.48 59.20
N ASP B 467 -5.74 -15.49 58.75
CA ASP B 467 -6.26 -16.66 58.05
C ASP B 467 -5.52 -16.89 56.74
N ILE B 468 -5.20 -15.82 56.02
CA ILE B 468 -4.48 -15.95 54.76
C ILE B 468 -2.97 -15.98 54.98
N GLN B 469 -2.46 -15.12 55.87
CA GLN B 469 -1.03 -15.11 56.16
C GLN B 469 -0.77 -14.63 57.59
N PRO B 470 -0.32 -15.52 58.47
CA PRO B 470 -0.11 -15.12 59.88
C PRO B 470 1.10 -14.22 60.03
N LEU B 471 1.24 -13.67 61.24
CA LEU B 471 2.33 -12.76 61.58
C LEU B 471 3.44 -13.46 62.35
N THR B 472 3.70 -14.73 62.05
CA THR B 472 4.71 -15.49 62.77
C THR B 472 6.10 -14.92 62.54
N ASP B 473 6.98 -15.13 63.52
CA ASP B 473 8.34 -14.63 63.43
C ASP B 473 9.10 -15.26 62.26
N GLU B 474 8.80 -16.52 61.94
CA GLU B 474 9.40 -17.14 60.76
C GLU B 474 9.01 -16.40 59.49
N ASN B 475 7.75 -16.00 59.39
CA ASN B 475 7.24 -15.25 58.25
C ASN B 475 7.18 -13.76 58.52
N LYS B 476 7.89 -13.27 59.54
CA LYS B 476 7.85 -11.85 59.88
C LYS B 476 8.43 -11.01 58.75
N LYS B 477 9.57 -11.42 58.19
CA LYS B 477 10.17 -10.67 57.09
C LYS B 477 9.29 -10.70 55.85
N ASN B 478 8.69 -11.86 55.54
CA ASN B 478 7.79 -11.95 54.41
C ASN B 478 6.57 -11.05 54.60
N ARG B 479 6.02 -11.02 55.83
CA ARG B 479 4.87 -10.18 56.11
C ARG B 479 5.21 -8.71 55.99
N GLU B 480 6.36 -8.29 56.52
CA GLU B 480 6.74 -6.88 56.43
C GLU B 480 7.03 -6.48 54.98
N LEU B 481 7.61 -7.41 54.20
CA LEU B 481 7.79 -7.16 52.77
C LEU B 481 6.43 -7.01 52.09
N TYR B 482 5.47 -7.84 52.46
CA TYR B 482 4.12 -7.73 51.90
C TYR B 482 3.52 -6.38 52.23
N GLU B 483 3.64 -5.94 53.48
CA GLU B 483 3.09 -4.65 53.89
C GLU B 483 3.75 -3.51 53.13
N LYS B 484 5.07 -3.55 53.00
CA LYS B 484 5.79 -2.48 52.32
C LYS B 484 5.42 -2.44 50.83
N THR B 485 5.32 -3.61 50.19
CA THR B 485 4.94 -3.64 48.78
C THR B 485 3.51 -3.15 48.59
N LEU B 486 2.58 -3.55 49.47
CA LEU B 486 1.21 -3.09 49.35
C LEU B 486 1.11 -1.59 49.53
N SER B 487 1.86 -1.04 50.49
CA SER B 487 1.89 0.42 50.66
C SER B 487 2.46 1.09 49.42
N SER B 488 3.56 0.54 48.88
CA SER B 488 4.19 1.15 47.72
C SER B 488 3.27 1.13 46.51
N CYS B 489 2.42 0.11 46.39
CA CYS B 489 1.49 0.04 45.27
C CYS B 489 0.59 1.26 45.19
N LEU B 490 0.32 1.91 46.33
CA LEU B 490 -0.52 3.10 46.33
C LEU B 490 0.22 4.32 45.76
N CYS B 491 1.55 4.33 45.81
CA CYS B 491 2.31 5.46 45.30
C CYS B 491 2.09 5.63 43.80
N GLY B 492 2.03 6.88 43.35
CA GLY B 492 1.77 7.21 41.97
C GLY B 492 2.98 7.39 41.09
N ALA B 493 4.17 7.07 41.58
CA ALA B 493 5.39 7.23 40.80
C ALA B 493 5.77 5.91 40.14
N THR B 494 6.73 6.00 39.20
CA THR B 494 7.22 4.82 38.52
C THR B 494 8.07 3.98 39.48
N LYS B 495 7.86 2.66 39.43
CA LYS B 495 8.55 1.72 40.30
C LYS B 495 9.44 0.81 39.45
N GLY B 496 10.62 0.48 39.98
CA GLY B 496 11.57 -0.32 39.24
C GLY B 496 11.60 -1.79 39.62
N CYS B 497 10.83 -2.17 40.64
CA CYS B 497 10.80 -3.54 41.13
C CYS B 497 9.39 -4.12 40.97
N LEU B 498 9.33 -5.36 40.49
CA LEU B 498 8.07 -6.08 40.33
C LEU B 498 7.89 -7.08 41.46
N THR B 499 6.68 -7.63 41.56
CA THR B 499 6.31 -8.54 42.61
C THR B 499 5.95 -9.91 42.02
N PHE B 500 6.36 -10.97 42.70
CA PHE B 500 6.12 -12.33 42.25
C PHE B 500 5.36 -13.09 43.34
N PHE B 501 4.32 -13.81 42.94
CA PHE B 501 3.49 -14.60 43.84
C PHE B 501 3.64 -16.07 43.47
N PHE B 502 4.44 -16.79 44.23
CA PHE B 502 4.67 -18.22 44.04
C PHE B 502 4.25 -18.97 45.30
N GLY B 503 3.39 -19.97 45.12
CA GLY B 503 2.91 -20.72 46.26
C GLY B 503 1.93 -21.80 45.82
N GLU B 504 1.32 -22.44 46.80
CA GLU B 504 0.36 -23.50 46.54
C GLU B 504 -0.98 -22.91 46.09
N THR B 505 -1.79 -23.76 45.47
CA THR B 505 -3.10 -23.34 45.00
C THR B 505 -4.06 -23.16 46.17
N ALA B 506 -5.07 -22.30 45.95
CA ALA B 506 -6.10 -22.02 46.95
C ALA B 506 -5.50 -21.53 48.27
N THR B 507 -4.46 -20.71 48.17
CA THR B 507 -3.80 -20.14 49.34
C THR B 507 -4.24 -18.71 49.61
N GLY B 508 -5.25 -18.21 48.90
CA GLY B 508 -5.70 -16.86 49.05
C GLY B 508 -5.20 -15.88 48.02
N LYS B 509 -4.49 -16.36 46.98
CA LYS B 509 -4.01 -15.46 45.94
C LYS B 509 -5.16 -14.78 45.21
N SER B 510 -6.20 -15.55 44.86
CA SER B 510 -7.35 -14.97 44.20
C SER B 510 -8.08 -14.00 45.12
N THR B 511 -8.19 -14.34 46.40
CA THR B 511 -8.83 -13.45 47.36
C THR B 511 -8.06 -12.14 47.49
N THR B 512 -6.73 -12.21 47.58
CA THR B 512 -5.92 -11.00 47.66
C THR B 512 -6.03 -10.18 46.39
N LYS B 513 -6.06 -10.84 45.23
CA LYS B 513 -6.21 -10.13 43.96
C LYS B 513 -7.54 -9.39 43.90
N ARG B 514 -8.62 -10.06 44.31
CA ARG B 514 -9.94 -9.42 44.32
C ARG B 514 -9.98 -8.26 45.31
N LEU B 515 -9.35 -8.44 46.48
CA LEU B 515 -9.30 -7.35 47.46
C LEU B 515 -8.56 -6.14 46.90
N LEU B 516 -7.42 -6.37 46.25
CA LEU B 516 -6.66 -5.27 45.67
C LEU B 516 -7.44 -4.58 44.55
N LYS B 517 -8.12 -5.37 43.71
CA LYS B 517 -8.93 -4.80 42.65
C LYS B 517 -10.05 -3.93 43.21
N SER B 518 -10.75 -4.43 44.22
CA SER B 518 -11.82 -3.64 44.83
C SER B 518 -11.27 -2.41 45.53
N ALA B 519 -10.05 -2.49 46.06
CA ALA B 519 -9.45 -1.34 46.74
C ALA B 519 -9.11 -0.24 45.75
N ILE B 520 -8.47 -0.59 44.64
CA ILE B 520 -7.94 0.43 43.73
C ILE B 520 -8.86 0.69 42.54
N GLY B 521 -10.05 0.08 42.50
CA GLY B 521 -11.01 0.43 41.47
C GLY B 521 -10.51 0.11 40.08
N ASP B 522 -10.62 1.08 39.18
CA ASP B 522 -10.24 0.91 37.79
C ASP B 522 -8.73 0.92 37.58
N LEU B 523 -7.95 1.29 38.59
CA LEU B 523 -6.50 1.33 38.44
C LEU B 523 -5.91 -0.06 38.22
N PHE B 524 -6.62 -1.11 38.60
CA PHE B 524 -6.17 -2.48 38.36
C PHE B 524 -6.40 -2.86 36.91
N VAL B 525 -5.48 -3.65 36.36
CA VAL B 525 -5.64 -4.19 35.01
C VAL B 525 -4.99 -5.56 34.96
N GLU B 526 -5.53 -6.43 34.12
CA GLU B 526 -5.04 -7.79 33.96
C GLU B 526 -4.60 -7.99 32.51
N THR B 527 -3.41 -8.54 32.32
CA THR B 527 -2.88 -8.79 30.99
C THR B 527 -2.23 -10.18 30.97
N GLY B 528 -2.24 -10.80 29.79
CA GLY B 528 -1.67 -12.11 29.63
C GLY B 528 -0.15 -12.09 29.59
N GLN B 529 0.42 -13.28 29.47
CA GLN B 529 1.87 -13.47 29.47
C GLN B 529 2.49 -13.38 28.08
N THR B 530 1.67 -13.12 27.05
CA THR B 530 2.20 -13.08 25.70
C THR B 530 3.24 -11.97 25.52
N ILE B 531 2.95 -10.78 26.08
CA ILE B 531 3.87 -9.65 25.93
C ILE B 531 5.21 -9.94 26.60
N LEU B 532 5.21 -10.78 27.64
CA LEU B 532 6.46 -11.15 28.30
C LEU B 532 7.39 -11.91 27.37
N THR B 533 6.86 -12.53 26.32
CA THR B 533 7.67 -13.30 25.38
C THR B 533 7.57 -12.82 23.94
N ASP B 534 6.66 -11.89 23.64
CA ASP B 534 6.46 -11.41 22.28
C ASP B 534 7.24 -10.14 22.03
N VAL B 535 7.40 -9.81 20.74
CA VAL B 535 8.06 -8.57 20.33
C VAL B 535 7.06 -7.42 20.44
N LEU B 536 7.45 -6.38 21.17
CA LEU B 536 6.55 -5.26 21.42
C LEU B 536 6.56 -4.23 20.29
N ASP B 537 7.50 -4.32 19.35
CA ASP B 537 7.59 -3.36 18.26
C ASP B 537 6.82 -3.78 17.02
N LYS B 538 6.26 -4.98 16.99
CA LYS B 538 5.57 -5.49 15.81
C LYS B 538 4.05 -5.36 16.01
N GLY B 539 3.38 -4.84 14.98
CA GLY B 539 1.94 -4.75 14.98
C GLY B 539 1.39 -3.77 15.99
N PRO B 540 0.11 -3.42 15.86
CA PRO B 540 -0.52 -2.58 16.89
C PRO B 540 -0.55 -3.30 18.23
N ASN B 541 -0.34 -2.52 19.30
CA ASN B 541 -0.32 -3.04 20.66
C ASN B 541 -1.18 -2.15 21.55
N PRO B 542 -2.51 -2.29 21.49
CA PRO B 542 -3.36 -1.54 22.42
C PRO B 542 -3.09 -1.89 23.88
N PHE B 543 -2.57 -3.08 24.15
CA PHE B 543 -2.23 -3.44 25.52
C PHE B 543 -1.22 -2.47 26.11
N ILE B 544 -0.21 -2.09 25.33
CA ILE B 544 0.80 -1.15 25.83
C ILE B 544 0.16 0.18 26.19
N ALA B 545 -0.84 0.61 25.43
CA ALA B 545 -1.61 1.78 25.82
C ALA B 545 -2.50 1.52 27.02
N ASN B 546 -2.80 0.26 27.32
CA ASN B 546 -3.74 -0.03 28.41
C ASN B 546 -3.16 0.30 29.78
N MET B 547 -1.93 -0.14 30.07
CA MET B 547 -1.42 0.13 31.41
C MET B 547 -0.90 1.56 31.57
N HIS B 548 -1.07 2.42 30.57
CA HIS B 548 -0.73 3.82 30.76
C HIS B 548 -1.58 4.43 31.86
N LEU B 549 -0.93 5.16 32.76
CA LEU B 549 -1.60 5.81 33.90
C LEU B 549 -2.31 4.81 34.80
N LYS B 550 -1.82 3.58 34.85
CA LYS B 550 -2.38 2.56 35.73
C LYS B 550 -1.57 2.47 37.02
N ARG B 551 -2.07 1.67 37.95
CA ARG B 551 -1.42 1.47 39.24
C ARG B 551 -1.08 0.01 39.53
N SER B 552 -1.65 -0.93 38.80
CA SER B 552 -1.38 -2.35 39.04
C SER B 552 -1.67 -3.14 37.77
N VAL B 553 -0.68 -3.90 37.32
CA VAL B 553 -0.79 -4.76 36.14
C VAL B 553 -0.53 -6.19 36.59
N PHE B 554 -1.51 -7.06 36.39
CA PHE B 554 -1.47 -8.43 36.88
C PHE B 554 -1.30 -9.40 35.73
N CYS B 555 -0.30 -10.27 35.84
CA CYS B 555 -0.09 -11.38 34.91
C CYS B 555 -0.24 -12.68 35.70
N SER B 556 -1.36 -13.36 35.50
CA SER B 556 -1.68 -14.56 36.26
C SER B 556 -1.75 -15.77 35.36
N GLU B 557 -1.73 -16.96 35.98
CA GLU B 557 -1.81 -18.24 35.29
C GLU B 557 -0.69 -18.37 34.25
N LEU B 558 0.54 -18.30 34.74
CA LEU B 558 1.70 -18.39 33.86
C LEU B 558 1.84 -19.80 33.31
N PRO B 559 2.28 -19.96 32.07
CA PRO B 559 2.45 -21.31 31.52
C PRO B 559 3.55 -22.06 32.24
N ASP B 560 3.40 -23.39 32.27
CA ASP B 560 4.38 -24.26 32.91
C ASP B 560 5.69 -24.23 32.11
N PHE B 561 6.74 -23.68 32.72
CA PHE B 561 8.05 -23.69 32.09
C PHE B 561 8.56 -25.10 31.85
N ALA B 562 8.05 -26.08 32.61
CA ALA B 562 8.44 -27.47 32.39
C ALA B 562 8.01 -27.97 31.03
N CYS B 563 6.88 -27.46 30.51
CA CYS B 563 6.37 -27.92 29.23
C CYS B 563 7.38 -27.66 28.11
N SER B 564 7.60 -28.68 27.28
CA SER B 564 8.54 -28.54 26.17
C SER B 564 7.99 -27.59 25.12
N GLY B 565 8.86 -26.73 24.60
CA GLY B 565 8.48 -25.75 23.61
C GLY B 565 7.90 -24.47 24.17
N SER B 566 7.76 -24.37 25.49
CA SER B 566 7.24 -23.14 26.09
C SER B 566 8.23 -21.99 25.90
N LYS B 567 7.72 -20.84 25.51
CA LYS B 567 8.57 -19.68 25.27
C LYS B 567 9.09 -19.13 26.59
N LYS B 568 10.41 -18.95 26.67
CA LYS B 568 11.02 -18.40 27.88
C LYS B 568 10.73 -16.91 27.98
N ILE B 569 10.43 -16.46 29.20
CA ILE B 569 10.14 -15.05 29.45
C ILE B 569 11.44 -14.27 29.33
N ARG B 570 11.60 -13.55 28.22
CA ARG B 570 12.86 -12.89 27.92
C ARG B 570 13.19 -11.84 28.97
N SER B 571 14.43 -11.86 29.47
CA SER B 571 14.86 -10.89 30.46
C SER B 571 15.01 -9.51 29.85
N ASP B 572 15.33 -9.43 28.56
CA ASP B 572 15.43 -8.14 27.89
C ASP B 572 14.09 -7.41 27.89
N ASN B 573 13.00 -8.16 27.69
CA ASN B 573 11.67 -7.54 27.75
C ASN B 573 11.42 -6.91 29.11
N ILE B 574 11.56 -7.69 30.19
CA ILE B 574 11.27 -7.17 31.52
C ILE B 574 12.25 -6.06 31.89
N LYS B 575 13.44 -6.07 31.31
CA LYS B 575 14.34 -4.93 31.47
C LYS B 575 13.78 -3.70 30.76
N LYS B 576 13.10 -3.90 29.63
CA LYS B 576 12.54 -2.78 28.90
C LYS B 576 11.33 -2.18 29.61
N LEU B 577 10.39 -3.03 30.06
CA LEU B 577 9.18 -2.51 30.70
C LEU B 577 9.44 -1.89 32.07
N THR B 578 10.50 -2.28 32.77
CA THR B 578 10.74 -1.68 34.09
C THR B 578 11.21 -0.24 33.98
N GLU B 579 11.62 0.21 32.80
CA GLU B 579 12.07 1.59 32.64
C GLU B 579 10.88 2.54 32.73
N PRO B 580 11.11 3.79 33.16
CA PRO B 580 9.99 4.73 33.35
C PRO B 580 9.17 4.98 32.10
N CYS B 581 9.80 5.03 30.93
CA CYS B 581 9.11 5.36 29.68
C CYS B 581 9.49 4.34 28.62
N VAL B 582 8.56 3.46 28.27
CA VAL B 582 8.78 2.44 27.25
C VAL B 582 8.55 3.06 25.89
N ILE B 583 9.46 2.77 24.95
CA ILE B 583 9.35 3.29 23.59
C ILE B 583 8.31 2.46 22.84
N GLY B 584 7.30 3.14 22.30
CA GLY B 584 6.26 2.46 21.54
C GLY B 584 5.31 3.41 20.87
N ARG B 585 4.71 2.98 19.76
CA ARG B 585 3.76 3.81 19.01
C ARG B 585 2.36 3.26 19.20
N PRO B 586 1.50 3.92 19.98
CA PRO B 586 0.13 3.45 20.13
C PRO B 586 -0.66 3.63 18.84
N CYS B 587 -1.71 2.82 18.70
CA CYS B 587 -2.58 2.90 17.53
C CYS B 587 -3.34 4.23 17.53
N PHE B 588 -3.30 4.92 16.40
CA PHE B 588 -3.94 6.23 16.24
C PHE B 588 -3.47 7.21 17.31
N SER B 589 -2.18 7.14 17.63
CA SER B 589 -1.60 8.01 18.65
C SER B 589 -0.11 8.15 18.41
N ASN B 590 0.37 9.40 18.42
CA ASN B 590 1.78 9.70 18.28
C ASN B 590 2.47 9.91 19.63
N LYS B 591 1.98 9.24 20.68
CA LYS B 591 2.46 9.45 22.04
C LYS B 591 3.63 8.52 22.29
N ILE B 592 4.83 9.00 21.95
CA ILE B 592 6.04 8.23 22.22
C ILE B 592 6.25 8.08 23.72
N ASN B 593 6.07 9.16 24.47
CA ASN B 593 6.28 9.13 25.91
C ASN B 593 5.05 8.55 26.60
N ASN B 594 5.24 7.42 27.28
CA ASN B 594 4.18 6.76 28.03
C ASN B 594 4.62 6.60 29.48
N ARG B 595 3.75 6.99 30.41
CA ARG B 595 4.05 6.92 31.83
C ARG B 595 3.64 5.57 32.38
N ASN B 596 4.58 4.89 33.05
CA ASN B 596 4.35 3.58 33.64
C ASN B 596 4.49 3.73 35.16
N HIS B 597 3.39 4.08 35.81
CA HIS B 597 3.34 4.22 37.26
C HIS B 597 2.75 3.00 37.94
N ALA B 598 2.48 1.93 37.19
CA ALA B 598 1.79 0.77 37.71
C ALA B 598 2.76 -0.22 38.34
N THR B 599 2.26 -0.98 39.31
CA THR B 599 3.03 -2.04 39.96
C THR B 599 2.81 -3.33 39.19
N ILE B 600 3.91 -3.93 38.74
CA ILE B 600 3.84 -5.20 38.01
C ILE B 600 3.77 -6.33 39.03
N ILE B 601 2.71 -7.13 38.95
CA ILE B 601 2.53 -8.30 39.80
C ILE B 601 2.33 -9.52 38.90
N ILE B 602 3.12 -10.55 39.13
CA ILE B 602 3.08 -11.78 38.34
C ILE B 602 2.85 -12.94 39.29
N ASP B 603 1.79 -13.70 39.05
CA ASP B 603 1.42 -14.82 39.90
C ASP B 603 1.59 -16.12 39.13
N THR B 604 2.33 -17.07 39.71
CA THR B 604 2.55 -18.37 39.09
C THR B 604 2.59 -19.44 40.16
N ASN B 605 2.29 -20.67 39.74
CA ASN B 605 2.31 -21.82 40.63
C ASN B 605 3.53 -22.71 40.40
N TYR B 606 4.40 -22.36 39.46
CA TYR B 606 5.58 -23.15 39.16
C TYR B 606 6.80 -22.23 39.12
N LYS B 607 7.93 -22.77 39.56
CA LYS B 607 9.16 -21.98 39.60
C LYS B 607 9.61 -21.65 38.18
N PRO B 608 9.94 -20.39 37.89
CA PRO B 608 10.34 -20.02 36.53
C PRO B 608 11.73 -20.57 36.19
N VAL B 609 11.99 -20.65 34.89
CA VAL B 609 13.28 -21.09 34.36
C VAL B 609 13.90 -19.92 33.60
N PHE B 610 15.10 -19.52 34.00
CA PHE B 610 15.79 -18.40 33.41
C PHE B 610 17.08 -18.85 32.75
N ASP B 611 17.52 -18.08 31.76
CA ASP B 611 18.71 -18.40 30.98
C ASP B 611 19.92 -17.56 31.36
N ARG B 612 19.76 -16.25 31.48
CA ARG B 612 20.84 -15.33 31.81
C ARG B 612 20.55 -14.68 33.15
N ILE B 613 21.56 -14.64 34.02
CA ILE B 613 21.46 -14.04 35.34
C ILE B 613 22.53 -12.97 35.46
N ASP B 614 22.12 -11.76 35.81
CA ASP B 614 23.04 -10.63 35.91
C ASP B 614 22.68 -9.79 37.13
N ASN B 615 23.64 -8.97 37.55
CA ASN B 615 23.44 -8.14 38.74
C ASN B 615 22.31 -7.15 38.54
N ALA B 616 22.37 -6.38 37.45
CA ALA B 616 21.33 -5.38 37.19
C ALA B 616 19.96 -6.04 37.02
N LEU B 617 19.93 -7.25 36.46
CA LEU B 617 18.68 -7.99 36.37
C LEU B 617 18.12 -8.31 37.74
N MET B 618 18.99 -8.70 38.67
CA MET B 618 18.56 -9.19 39.97
C MET B 618 18.40 -8.09 41.03
N ARG B 619 18.82 -6.86 40.73
CA ARG B 619 18.53 -5.76 41.66
C ARG B 619 17.05 -5.36 41.65
N ARG B 620 16.30 -5.74 40.61
CA ARG B 620 14.93 -5.28 40.45
C ARG B 620 13.91 -6.39 40.65
N ILE B 621 14.32 -7.55 41.13
CA ILE B 621 13.43 -8.69 41.32
C ILE B 621 13.03 -8.75 42.79
N ALA B 622 11.72 -8.73 43.05
CA ALA B 622 11.18 -8.86 44.40
C ALA B 622 10.10 -9.92 44.38
N VAL B 623 10.18 -10.87 45.31
CA VAL B 623 9.29 -12.03 45.34
C VAL B 623 8.69 -12.14 46.74
N VAL B 624 7.39 -12.39 46.79
CA VAL B 624 6.68 -12.65 48.04
C VAL B 624 6.33 -14.13 48.09
N ARG B 625 6.76 -14.80 49.16
CA ARG B 625 6.55 -16.23 49.31
C ARG B 625 5.28 -16.49 50.11
N PHE B 626 4.43 -17.37 49.60
CA PHE B 626 3.16 -17.71 50.22
C PHE B 626 3.12 -19.22 50.44
N ARG B 627 3.64 -19.66 51.60
CA ARG B 627 3.67 -21.07 51.96
C ARG B 627 2.54 -21.47 52.89
N THR B 628 1.61 -20.55 53.18
CA THR B 628 0.50 -20.81 54.09
C THR B 628 -0.75 -21.13 53.29
N HIS B 629 -1.35 -22.29 53.58
CA HIS B 629 -2.56 -22.71 52.90
C HIS B 629 -3.73 -22.79 53.87
N GLY B 654 -18.62 -16.34 53.69
CA GLY B 654 -19.03 -14.98 54.03
C GLY B 654 -18.01 -13.94 53.63
N LEU B 655 -16.73 -14.33 53.63
CA LEU B 655 -15.67 -13.41 53.23
C LEU B 655 -15.83 -12.99 51.77
N ASP B 656 -16.13 -13.95 50.89
CA ASP B 656 -16.29 -13.63 49.48
C ASP B 656 -17.46 -12.67 49.26
N GLY B 657 -18.58 -12.89 49.94
CA GLY B 657 -19.71 -11.99 49.81
C GLY B 657 -19.41 -10.59 50.34
N LYS B 658 -18.72 -10.51 51.47
CA LYS B 658 -18.36 -9.20 52.02
C LYS B 658 -17.41 -8.45 51.10
N ILE B 659 -16.45 -9.16 50.50
CA ILE B 659 -15.55 -8.53 49.55
C ILE B 659 -16.32 -8.07 48.32
N GLN B 660 -17.25 -8.90 47.83
CA GLN B 660 -18.06 -8.51 46.68
C GLN B 660 -18.93 -7.31 47.02
N ASN B 661 -19.39 -7.20 48.26
CA ASN B 661 -20.15 -6.04 48.71
C ASN B 661 -19.26 -4.90 49.17
N ASN B 662 -17.94 -5.05 49.07
CA ASN B 662 -16.97 -4.04 49.50
C ASN B 662 -17.12 -3.71 50.98
N ARG B 663 -17.57 -4.68 51.77
CA ARG B 663 -17.66 -4.49 53.21
C ARG B 663 -16.30 -4.23 53.83
N TYR B 664 -15.29 -4.96 53.37
CA TYR B 664 -13.93 -4.83 53.87
C TYR B 664 -13.08 -3.88 53.04
N ARG B 665 -13.65 -3.24 52.02
CA ARG B 665 -12.86 -2.44 51.09
C ARG B 665 -12.33 -1.17 51.76
N PHE B 666 -13.20 -0.41 52.44
CA PHE B 666 -12.80 0.85 53.01
C PHE B 666 -11.80 0.67 54.14
N ALA B 667 -12.01 -0.34 54.99
CA ALA B 667 -11.03 -0.66 56.01
C ALA B 667 -9.71 -1.10 55.39
N PHE B 668 -9.77 -1.79 54.25
CA PHE B 668 -8.54 -2.14 53.54
C PHE B 668 -7.80 -0.88 53.07
N LEU B 669 -8.54 0.10 52.55
CA LEU B 669 -7.92 1.36 52.16
C LEU B 669 -7.30 2.06 53.36
N TYR B 670 -7.99 2.01 54.50
CA TYR B 670 -7.44 2.61 55.71
C TYR B 670 -6.15 1.93 56.12
N LEU B 671 -6.11 0.60 56.06
CA LEU B 671 -4.88 -0.11 56.38
C LEU B 671 -3.77 0.25 55.41
N LEU B 672 -4.10 0.35 54.12
CA LEU B 672 -3.10 0.69 53.12
C LEU B 672 -2.54 2.09 53.35
N VAL B 673 -3.39 3.06 53.65
CA VAL B 673 -2.90 4.41 53.87
C VAL B 673 -2.12 4.50 55.17
N LYS B 674 -2.52 3.73 56.19
CA LYS B 674 -1.72 3.68 57.42
C LYS B 674 -0.34 3.09 57.17
N TRP B 675 -0.26 2.03 56.36
CA TRP B 675 1.03 1.47 56.00
C TRP B 675 1.86 2.47 55.19
N TYR B 676 1.22 3.15 54.24
CA TYR B 676 1.92 4.15 53.44
C TYR B 676 2.42 5.28 54.31
N LYS B 677 1.67 5.62 55.36
CA LYS B 677 2.12 6.61 56.33
C LYS B 677 3.31 6.11 57.13
N LYS B 678 3.24 4.86 57.60
CA LYS B 678 4.31 4.31 58.42
C LYS B 678 5.62 4.19 57.65
N TYR B 679 5.52 3.89 56.35
CA TYR B 679 6.70 3.55 55.56
C TYR B 679 7.11 4.62 54.54
N HIS B 680 6.16 5.20 53.79
CA HIS B 680 6.53 5.91 52.57
C HIS B 680 6.51 7.43 52.66
N ILE B 681 5.70 8.03 53.54
CA ILE B 681 5.85 9.46 53.81
C ILE B 681 7.24 9.81 54.33
N PRO B 682 7.82 9.06 55.29
CA PRO B 682 9.18 9.42 55.74
C PRO B 682 10.22 9.43 54.63
N ILE B 683 10.09 8.54 53.64
CA ILE B 683 10.98 8.56 52.50
C ILE B 683 10.34 7.74 51.38
N MET B 684 10.47 8.23 50.15
CA MET B 684 9.99 7.52 48.96
C MET B 684 11.10 6.59 48.48
N LYS B 685 11.04 5.34 48.89
CA LYS B 685 12.07 4.37 48.53
C LYS B 685 11.46 3.00 48.35
N LEU B 686 12.05 2.22 47.44
CA LEU B 686 11.69 0.83 47.21
C LEU B 686 12.96 -0.02 47.32
N TYR B 687 12.85 -1.16 47.98
CA TYR B 687 13.99 -2.04 48.16
C TYR B 687 13.71 -3.42 47.61
N PRO B 688 14.70 -4.08 47.02
CA PRO B 688 14.50 -5.42 46.49
C PRO B 688 14.60 -6.48 47.58
N THR B 689 14.42 -7.74 47.16
CA THR B 689 14.55 -8.90 48.03
C THR B 689 15.56 -9.84 47.35
N PRO B 690 16.85 -9.50 47.42
CA PRO B 690 17.87 -10.21 46.63
C PRO B 690 18.38 -11.49 47.29
N GLU B 691 17.46 -12.30 47.80
CA GLU B 691 17.87 -13.59 48.38
C GLU B 691 18.05 -14.64 47.29
N GLU B 692 16.94 -15.05 46.65
CA GLU B 692 16.98 -15.98 45.53
C GLU B 692 15.60 -16.17 44.90
N ILE B 693 15.56 -16.29 43.58
CA ILE B 693 14.46 -16.95 42.89
C ILE B 693 14.90 -18.41 42.82
N PRO B 694 13.98 -19.39 42.72
CA PRO B 694 14.40 -20.79 42.65
C PRO B 694 15.49 -21.11 41.62
N ASP B 695 15.80 -20.19 40.71
CA ASP B 695 16.84 -20.41 39.72
C ASP B 695 18.00 -19.41 39.81
N PHE B 696 18.06 -18.59 40.85
CA PHE B 696 19.16 -17.64 41.01
C PHE B 696 20.17 -18.07 42.06
N ALA B 697 19.83 -19.05 42.89
CA ALA B 697 20.71 -19.53 43.94
C ALA B 697 21.99 -20.11 43.37
N PHE B 698 21.87 -20.83 42.25
CA PHE B 698 23.06 -21.38 41.59
C PHE B 698 24.03 -20.28 41.19
N TYR B 699 23.52 -19.21 40.57
CA TYR B 699 24.37 -18.10 40.18
C TYR B 699 24.97 -17.41 41.40
N LEU B 700 24.18 -17.20 42.45
CA LEU B 700 24.69 -16.51 43.63
C LEU B 700 25.80 -17.32 44.29
N LYS B 701 25.61 -18.63 44.43
CA LYS B 701 26.63 -19.45 45.06
C LYS B 701 27.85 -19.61 44.15
N ILE B 702 27.67 -19.58 42.83
CA ILE B 702 28.81 -19.58 41.92
C ILE B 702 29.63 -18.31 42.10
N GLY B 703 28.95 -17.17 42.19
CA GLY B 703 29.66 -15.92 42.41
C GLY B 703 30.38 -15.86 43.74
N THR B 704 29.75 -16.37 44.80
CA THR B 704 30.38 -16.36 46.11
C THR B 704 31.55 -17.32 46.19
N LEU B 705 31.40 -18.53 45.62
CA LEU B 705 32.43 -19.55 45.73
C LEU B 705 33.64 -19.28 44.85
N LEU B 706 33.46 -18.58 43.73
CA LEU B 706 34.53 -18.34 42.78
C LEU B 706 35.04 -16.91 42.93
N VAL B 707 36.35 -16.74 42.77
CA VAL B 707 37.01 -15.46 42.94
C VAL B 707 37.63 -15.04 41.61
N SER B 708 37.76 -13.73 41.42
CA SER B 708 38.34 -13.21 40.20
C SER B 708 39.85 -13.43 40.17
N SER B 709 40.44 -13.23 38.99
CA SER B 709 41.88 -13.37 38.84
C SER B 709 42.61 -12.33 39.67
N SER B 710 43.65 -12.78 40.37
CA SER B 710 44.41 -11.90 41.25
C SER B 710 45.90 -12.24 41.14
N VAL B 711 46.74 -11.27 41.50
CA VAL B 711 48.18 -11.46 41.45
C VAL B 711 48.70 -12.41 42.51
N LYS B 712 47.87 -12.77 43.50
CA LYS B 712 48.29 -13.72 44.51
C LYS B 712 48.63 -15.08 43.91
N HIS B 713 48.06 -15.39 42.75
CA HIS B 713 48.40 -16.63 42.08
C HIS B 713 49.80 -16.61 41.48
N ILE B 714 50.34 -15.42 41.20
CA ILE B 714 51.63 -15.32 40.52
C ILE B 714 52.76 -15.96 41.32
N PRO B 715 52.94 -15.68 42.62
CA PRO B 715 53.98 -16.40 43.36
C PRO B 715 53.74 -17.89 43.48
N LEU B 716 52.49 -18.35 43.34
CA LEU B 716 52.16 -19.76 43.50
C LEU B 716 52.04 -20.51 42.18
N MET B 717 52.37 -19.90 41.05
CA MET B 717 52.22 -20.58 39.77
C MET B 717 53.07 -21.85 39.72
N THR B 718 54.24 -21.83 40.35
CA THR B 718 55.06 -23.04 40.42
C THR B 718 54.29 -24.18 41.07
N ASP B 719 53.55 -23.88 42.15
CA ASP B 719 52.62 -24.85 42.69
C ASP B 719 51.39 -25.03 41.80
N LEU B 720 50.93 -23.95 41.18
CA LEU B 720 49.74 -24.03 40.34
C LEU B 720 49.97 -24.92 39.13
N SER B 721 51.18 -24.87 38.57
CA SER B 721 51.53 -25.77 37.47
C SER B 721 51.48 -27.22 37.90
N LYS B 722 51.62 -27.49 39.19
CA LYS B 722 51.46 -28.85 39.69
C LYS B 722 50.01 -29.30 39.70
N LYS B 723 49.07 -28.36 39.73
CA LYS B 723 47.64 -28.67 39.76
C LYS B 723 46.97 -28.52 38.40
N GLY B 724 47.74 -28.30 37.34
CA GLY B 724 47.21 -28.17 36.01
C GLY B 724 47.12 -26.75 35.49
N TYR B 725 47.22 -25.75 36.37
CA TYR B 725 47.17 -24.37 35.92
C TYR B 725 48.38 -24.06 35.04
N ILE B 726 48.15 -23.30 33.98
CA ILE B 726 49.20 -22.95 33.04
C ILE B 726 49.20 -21.45 32.80
N LEU B 727 50.35 -20.94 32.36
CA LEU B 727 50.53 -19.52 32.05
C LEU B 727 50.60 -19.38 30.53
N TYR B 728 49.51 -18.93 29.93
CA TYR B 728 49.44 -18.71 28.49
C TYR B 728 49.25 -17.22 28.23
N ASP B 729 50.21 -16.63 27.52
CA ASP B 729 50.20 -15.18 27.22
C ASP B 729 50.07 -14.36 28.50
N ASN B 730 50.83 -14.75 29.53
CA ASN B 730 50.79 -14.11 30.85
C ASN B 730 49.38 -14.12 31.42
N VAL B 731 48.65 -15.20 31.16
CA VAL B 731 47.28 -15.36 31.64
C VAL B 731 47.18 -16.72 32.33
N VAL B 732 46.61 -16.72 33.54
CA VAL B 732 46.38 -17.97 34.25
C VAL B 732 45.20 -18.70 33.62
N THR B 733 45.43 -19.95 33.21
CA THR B 733 44.41 -20.73 32.55
C THR B 733 44.33 -22.13 33.17
N LEU B 734 43.11 -22.68 33.18
CA LEU B 734 42.82 -23.99 33.73
C LEU B 734 42.37 -24.93 32.62
N PRO B 735 42.83 -26.18 32.63
CA PRO B 735 42.41 -27.13 31.61
C PRO B 735 40.90 -27.37 31.66
N LEU B 736 40.33 -27.63 30.48
CA LEU B 736 38.89 -27.89 30.41
C LEU B 736 38.50 -29.11 31.22
N THR B 737 39.32 -30.17 31.16
CA THR B 737 39.05 -31.36 31.95
C THR B 737 39.09 -31.07 33.44
N THR B 738 40.07 -30.29 33.88
CA THR B 738 40.18 -29.95 35.30
C THR B 738 38.97 -29.14 35.75
N PHE B 739 38.55 -28.15 34.97
CA PHE B 739 37.37 -27.37 35.33
C PHE B 739 36.12 -28.24 35.36
N GLN B 740 35.98 -29.14 34.37
CA GLN B 740 34.82 -30.01 34.34
C GLN B 740 34.76 -30.93 35.55
N GLN B 741 35.88 -31.54 35.92
CA GLN B 741 35.88 -32.43 37.08
C GLN B 741 35.66 -31.65 38.36
N LYS B 742 36.24 -30.45 38.47
CA LYS B 742 36.01 -29.63 39.66
C LYS B 742 34.54 -29.24 39.79
N ILE B 743 33.88 -28.92 38.67
CA ILE B 743 32.46 -28.60 38.71
C ILE B 743 31.65 -29.83 39.09
N SER B 744 31.92 -30.97 38.45
CA SER B 744 31.14 -32.18 38.69
C SER B 744 31.37 -32.75 40.08
N LYS B 745 32.48 -32.42 40.74
CA LYS B 745 32.73 -32.92 42.08
C LYS B 745 31.68 -32.42 43.06
N TYR B 746 31.29 -31.14 42.95
CA TYR B 746 30.34 -30.53 43.86
C TYR B 746 28.93 -30.46 43.27
N PHE B 747 28.81 -30.00 42.03
CA PHE B 747 27.52 -29.72 41.42
C PHE B 747 27.35 -30.59 40.19
N ASN B 748 26.18 -31.21 40.07
CA ASN B 748 25.94 -32.16 38.98
C ASN B 748 25.92 -31.45 37.64
N SER B 749 26.68 -31.99 36.68
CA SER B 749 26.77 -31.38 35.36
C SER B 749 25.53 -31.66 34.51
N ARG B 750 24.93 -32.84 34.67
CA ARG B 750 23.73 -33.18 33.90
C ARG B 750 22.54 -32.31 34.27
N LEU B 751 22.51 -31.79 35.50
CA LEU B 751 21.39 -30.95 35.94
C LEU B 751 21.47 -29.57 35.31
N PHE B 752 22.54 -28.84 35.62
CA PHE B 752 22.74 -27.48 35.14
C PHE B 752 23.43 -27.45 33.79
N GLY B 753 23.35 -28.53 33.01
CA GLY B 753 24.04 -28.58 31.73
C GLY B 753 23.63 -27.44 30.81
N HIS B 754 22.34 -27.15 30.73
CA HIS B 754 21.88 -25.98 30.00
C HIS B 754 22.41 -24.71 30.66
N ASP B 755 22.29 -24.62 31.98
CA ASP B 755 22.77 -23.44 32.69
C ASP B 755 24.29 -23.29 32.60
N ILE B 756 25.01 -24.41 32.75
CA ILE B 756 26.47 -24.36 32.66
C ILE B 756 26.89 -23.96 31.25
N GLU B 757 26.24 -24.52 30.23
CA GLU B 757 26.56 -24.16 28.85
C GLU B 757 26.28 -22.69 28.59
N SER B 758 25.16 -22.18 29.09
CA SER B 758 24.86 -20.76 28.92
C SER B 758 25.88 -19.88 29.61
N PHE B 759 26.29 -20.26 30.82
CA PHE B 759 27.30 -19.48 31.54
C PHE B 759 28.64 -19.51 30.80
N ILE B 760 29.03 -20.66 30.27
CA ILE B 760 30.27 -20.76 29.50
C ILE B 760 30.19 -19.87 28.28
N ASN B 761 29.07 -19.93 27.55
CA ASN B 761 28.92 -19.13 26.34
C ASN B 761 28.96 -17.63 26.65
N ARG B 762 28.35 -17.23 27.78
CA ARG B 762 28.40 -15.83 28.18
C ARG B 762 29.80 -15.41 28.60
N HIS B 763 30.57 -16.33 29.19
CA HIS B 763 31.86 -15.99 29.77
C HIS B 763 32.99 -16.83 29.17
N LYS B 764 32.93 -17.09 27.87
CA LYS B 764 33.95 -17.89 27.21
C LYS B 764 35.14 -17.02 26.83
N LYS B 765 36.32 -17.39 27.33
CA LYS B 765 37.59 -16.79 26.92
C LYS B 765 38.42 -17.88 26.28
N PHE B 766 38.99 -17.59 25.11
CA PHE B 766 39.59 -18.61 24.26
C PHE B 766 41.12 -18.59 24.41
N ALA B 767 41.64 -19.46 25.27
CA ALA B 767 43.05 -19.80 25.20
C ALA B 767 43.34 -20.73 24.04
N ASN B 768 42.39 -21.62 23.73
CA ASN B 768 42.44 -22.49 22.56
C ASN B 768 41.03 -22.66 22.04
N VAL B 769 40.91 -23.18 20.82
CA VAL B 769 39.59 -23.36 20.21
C VAL B 769 38.76 -24.37 20.98
N SER B 770 39.40 -25.41 21.51
CA SER B 770 38.71 -26.45 22.27
C SER B 770 38.75 -26.22 23.77
N ASP B 771 39.76 -25.52 24.29
CA ASP B 771 39.91 -25.28 25.72
C ASP B 771 39.45 -23.85 26.02
N GLU B 772 38.19 -23.72 26.42
CA GLU B 772 37.64 -22.44 26.84
C GLU B 772 37.58 -22.38 28.35
N TYR B 773 38.19 -21.36 28.92
CA TYR B 773 38.33 -21.21 30.36
C TYR B 773 37.49 -20.02 30.85
N LEU B 774 37.53 -19.80 32.16
CA LEU B 774 36.74 -18.77 32.82
C LEU B 774 37.64 -17.88 33.66
N GLN B 775 37.16 -16.66 33.92
CA GLN B 775 37.86 -15.75 34.82
C GLN B 775 37.47 -15.99 36.28
N TYR B 776 37.57 -17.25 36.70
CA TYR B 776 37.24 -17.64 38.06
C TYR B 776 38.26 -18.66 38.55
N ILE B 777 38.67 -18.51 39.79
CA ILE B 777 39.64 -19.42 40.43
C ILE B 777 39.00 -20.01 41.67
N PHE B 778 39.06 -21.33 41.80
CA PHE B 778 38.49 -21.99 42.97
C PHE B 778 39.25 -21.59 44.22
N ILE B 779 38.54 -21.07 45.21
CA ILE B 779 39.17 -20.65 46.45
C ILE B 779 39.69 -21.85 47.22
N GLU B 780 38.89 -22.92 47.27
CA GLU B 780 39.30 -24.15 47.97
C GLU B 780 40.51 -24.80 47.31
N ASP B 781 40.72 -24.57 46.01
CA ASP B 781 41.83 -25.20 45.31
C ASP B 781 43.17 -24.77 45.89
N ILE B 782 43.32 -23.49 46.22
CA ILE B 782 44.59 -22.97 46.73
C ILE B 782 44.53 -22.65 48.22
N SER B 783 43.35 -22.46 48.79
CA SER B 783 43.19 -22.15 50.21
C SER B 783 42.54 -23.32 50.92
N SER B 784 43.10 -23.72 52.06
CA SER B 784 42.56 -24.85 52.81
C SER B 784 41.17 -24.51 53.33
N PRO B 785 40.23 -25.47 53.28
CA PRO B 785 38.85 -25.27 53.75
C PRO B 785 38.76 -25.13 55.26
N LEU C 321 -38.24 37.27 28.93
CA LEU C 321 -38.16 35.90 29.45
C LEU C 321 -38.25 34.90 28.30
N ASP C 322 -38.95 35.28 27.23
CA ASP C 322 -39.11 34.44 26.06
C ASP C 322 -37.84 34.54 25.22
N GLY C 323 -36.88 33.67 25.52
CA GLY C 323 -35.61 33.67 24.81
C GLY C 323 -35.68 32.94 23.49
N ASN C 324 -34.66 32.12 23.21
CA ASN C 324 -34.64 31.34 21.98
C ASN C 324 -35.76 30.30 22.00
N LYS C 325 -36.62 30.34 20.98
CA LYS C 325 -37.71 29.38 20.90
C LYS C 325 -37.20 27.98 20.66
N LEU C 326 -36.17 27.84 19.82
CA LEU C 326 -35.59 26.51 19.58
C LEU C 326 -34.97 25.94 20.84
N PHE C 327 -34.33 26.80 21.65
CA PHE C 327 -33.78 26.33 22.91
C PHE C 327 -34.88 25.84 23.85
N ASN C 328 -35.99 26.55 23.92
CA ASN C 328 -37.11 26.11 24.75
C ASN C 328 -37.67 24.78 24.24
N ILE C 329 -37.79 24.64 22.93
CA ILE C 329 -38.28 23.39 22.35
C ILE C 329 -37.37 22.24 22.72
N ALA C 330 -36.06 22.45 22.58
CA ALA C 330 -35.10 21.41 22.92
C ALA C 330 -35.14 21.07 24.40
N GLN C 331 -35.33 22.08 25.26
CA GLN C 331 -35.45 21.82 26.68
C GLN C 331 -36.68 20.98 26.99
N ARG C 332 -37.81 21.28 26.35
CA ARG C 332 -39.01 20.49 26.56
C ARG C 332 -38.82 19.05 26.08
N ILE C 333 -38.12 18.89 24.94
CA ILE C 333 -37.85 17.55 24.43
C ILE C 333 -36.96 16.78 25.41
N LEU C 334 -35.95 17.44 25.97
CA LEU C 334 -35.06 16.77 26.92
C LEU C 334 -35.78 16.44 28.22
N ASP C 335 -36.80 17.22 28.58
CA ASP C 335 -37.47 16.99 29.86
C ASP C 335 -38.30 15.71 29.87
N THR C 336 -38.61 15.12 28.73
CA THR C 336 -39.42 13.91 28.71
C THR C 336 -38.58 12.64 28.81
N ASN C 337 -37.25 12.76 28.83
CA ASN C 337 -36.33 11.63 28.97
C ASN C 337 -36.55 10.59 27.86
N SER C 338 -36.37 11.05 26.62
CA SER C 338 -36.44 10.18 25.46
C SER C 338 -35.09 9.98 24.78
N VAL C 339 -34.12 10.87 25.02
CA VAL C 339 -32.77 10.74 24.51
C VAL C 339 -31.84 10.49 25.67
N LEU C 340 -31.01 9.45 25.56
CA LEU C 340 -30.04 9.16 26.61
C LEU C 340 -28.68 8.88 25.98
N LEU C 341 -27.63 9.11 26.76
CA LEU C 341 -26.26 8.92 26.32
C LEU C 341 -25.67 7.74 27.09
N THR C 342 -25.15 6.77 26.34
CA THR C 342 -24.56 5.59 26.96
C THR C 342 -23.16 5.90 27.47
N GLU C 343 -22.59 4.94 28.21
CA GLU C 343 -21.27 5.14 28.79
C GLU C 343 -20.20 5.25 27.70
N ARG C 344 -20.31 4.44 26.66
CA ARG C 344 -19.29 4.42 25.61
C ARG C 344 -19.50 5.50 24.56
N GLY C 345 -20.57 6.29 24.65
CA GLY C 345 -20.77 7.40 23.74
C GLY C 345 -21.77 7.12 22.64
N ASP C 346 -22.88 6.49 22.97
CA ASP C 346 -23.96 6.23 22.04
C ASP C 346 -25.21 6.93 22.49
N HIS C 347 -26.00 7.38 21.52
CA HIS C 347 -27.27 8.04 21.78
C HIS C 347 -28.41 7.07 21.52
N ILE C 348 -29.27 6.87 22.52
CA ILE C 348 -30.40 5.96 22.41
C ILE C 348 -31.67 6.78 22.52
N VAL C 349 -32.62 6.50 21.61
CA VAL C 349 -33.88 7.21 21.53
C VAL C 349 -35.01 6.24 21.81
N TRP C 350 -36.19 6.81 22.07
CA TRP C 350 -37.39 6.04 22.42
C TRP C 350 -38.44 6.27 21.33
N ILE C 351 -38.48 5.35 20.36
CA ILE C 351 -39.38 5.46 19.22
C ILE C 351 -40.22 4.19 19.14
N ASN C 352 -41.53 4.35 19.06
CA ASN C 352 -42.47 3.24 18.88
C ASN C 352 -42.29 2.17 19.97
N ASN C 353 -42.26 2.63 21.21
CA ASN C 353 -42.19 1.75 22.38
C ASN C 353 -40.99 0.81 22.31
N SER C 354 -39.84 1.37 21.99
CA SER C 354 -38.61 0.58 21.92
C SER C 354 -37.41 1.52 21.92
N TRP C 355 -36.35 1.12 22.62
CA TRP C 355 -35.10 1.85 22.62
C TRP C 355 -34.24 1.38 21.45
N LYS C 356 -33.80 2.32 20.63
CA LYS C 356 -32.99 2.02 19.45
C LYS C 356 -31.77 2.93 19.43
N PHE C 357 -30.69 2.43 18.83
CA PHE C 357 -29.48 3.21 18.61
C PHE C 357 -28.86 2.81 17.29
N ASN C 358 -28.38 3.79 16.55
CA ASN C 358 -27.84 3.56 15.22
C ASN C 358 -26.95 4.74 14.87
N SER C 359 -25.65 4.48 14.69
CA SER C 359 -24.70 5.56 14.46
C SER C 359 -24.70 6.06 13.03
N GLU C 360 -25.31 5.34 12.10
CA GLU C 360 -25.40 5.76 10.71
C GLU C 360 -26.75 6.33 10.34
N GLU C 361 -27.61 6.63 11.32
CA GLU C 361 -28.92 7.17 11.04
C GLU C 361 -29.18 8.40 11.90
N PRO C 362 -29.97 9.35 11.40
CA PRO C 362 -30.31 10.55 12.19
C PRO C 362 -31.51 10.30 13.10
N LEU C 363 -31.29 9.50 14.15
CA LEU C 363 -32.39 9.09 15.01
C LEU C 363 -32.98 10.25 15.79
N ILE C 364 -32.16 11.23 16.17
CA ILE C 364 -32.66 12.35 16.97
C ILE C 364 -33.68 13.16 16.17
N THR C 365 -33.39 13.40 14.89
CA THR C 365 -34.34 14.13 14.05
C THR C 365 -35.63 13.35 13.88
N LYS C 366 -35.53 12.03 13.74
CA LYS C 366 -36.73 11.20 13.66
C LYS C 366 -37.56 11.32 14.93
N LEU C 367 -36.91 11.29 16.09
CA LEU C 367 -37.63 11.44 17.35
C LEU C 367 -38.30 12.79 17.44
N ILE C 368 -37.60 13.85 17.02
CA ILE C 368 -38.18 15.19 17.05
C ILE C 368 -39.44 15.24 16.18
N LEU C 369 -39.33 14.75 14.95
CA LEU C 369 -40.48 14.76 14.06
C LEU C 369 -41.63 13.94 14.63
N SER C 370 -41.32 12.83 15.29
CA SER C 370 -42.36 11.96 15.83
C SER C 370 -43.09 12.63 16.99
N ILE C 371 -42.34 13.21 17.93
CA ILE C 371 -42.96 13.74 19.14
C ILE C 371 -43.25 15.22 18.99
N ARG C 372 -43.23 15.72 17.74
CA ARG C 372 -43.75 17.04 17.47
C ARG C 372 -45.18 17.21 17.99
N HIS C 373 -45.98 16.16 17.95
CA HIS C 373 -47.38 16.27 18.32
C HIS C 373 -47.57 16.64 19.78
N GLN C 374 -46.76 16.04 20.67
CA GLN C 374 -46.93 16.26 22.10
C GLN C 374 -46.66 17.71 22.50
N LEU C 375 -45.86 18.45 21.72
CA LEU C 375 -45.56 19.82 22.05
C LEU C 375 -46.77 20.71 21.82
N PRO C 376 -46.78 21.91 22.41
CA PRO C 376 -47.88 22.85 22.16
C PRO C 376 -48.00 23.19 20.68
N LYS C 377 -49.16 23.74 20.32
CA LYS C 377 -49.50 23.97 18.92
C LYS C 377 -48.64 25.04 18.26
N GLU C 378 -47.87 25.80 19.02
CA GLU C 378 -47.06 26.87 18.48
C GLU C 378 -45.66 26.43 18.08
N TYR C 379 -45.35 25.13 18.18
CA TYR C 379 -44.02 24.63 17.89
C TYR C 379 -43.95 23.66 16.71
N SER C 380 -45.08 23.05 16.33
CA SER C 380 -45.04 22.09 15.22
C SER C 380 -44.64 22.76 13.92
N SER C 381 -45.14 23.96 13.68
CA SER C 381 -44.81 24.67 12.44
C SER C 381 -43.31 24.91 12.34
N GLU C 382 -42.67 25.28 13.45
CA GLU C 382 -41.22 25.43 13.45
C GLU C 382 -40.53 24.08 13.28
N LEU C 383 -41.07 23.03 13.89
CA LEU C 383 -40.46 21.71 13.77
C LEU C 383 -40.60 21.11 12.38
N LEU C 384 -41.46 21.66 11.53
CA LEU C 384 -41.63 21.10 10.20
C LEU C 384 -40.42 21.36 9.30
N CYS C 385 -39.65 22.42 9.57
CA CYS C 385 -38.52 22.77 8.72
C CYS C 385 -37.28 21.97 9.14
N PRO C 386 -36.61 21.29 8.20
CA PRO C 386 -35.46 20.46 8.59
C PRO C 386 -34.31 21.21 9.21
N ARG C 387 -34.06 22.46 8.80
CA ARG C 387 -32.96 23.23 9.38
C ARG C 387 -33.20 23.49 10.87
N LYS C 388 -34.44 23.83 11.23
CA LYS C 388 -34.77 24.01 12.63
C LYS C 388 -34.60 22.71 13.40
N ARG C 389 -34.93 21.59 12.77
CA ARG C 389 -34.71 20.29 13.40
C ARG C 389 -33.23 20.05 13.64
N LYS C 390 -32.39 20.43 12.68
CA LYS C 390 -30.94 20.28 12.88
C LYS C 390 -30.45 21.14 14.04
N THR C 391 -30.95 22.38 14.12
CA THR C 391 -30.54 23.25 15.23
C THR C 391 -30.98 22.69 16.57
N VAL C 392 -32.21 22.17 16.65
CA VAL C 392 -32.69 21.59 17.89
C VAL C 392 -31.87 20.35 18.25
N GLU C 393 -31.50 19.56 17.24
CA GLU C 393 -30.66 18.39 17.50
C GLU C 393 -29.30 18.79 18.04
N ALA C 394 -28.72 19.86 17.49
CA ALA C 394 -27.44 20.36 18.02
C ALA C 394 -27.59 20.81 19.47
N ASN C 395 -28.67 21.53 19.77
CA ASN C 395 -28.90 21.97 21.14
C ASN C 395 -29.01 20.78 22.09
N ILE C 396 -29.79 19.78 21.69
CA ILE C 396 -29.98 18.61 22.54
C ILE C 396 -28.68 17.87 22.76
N ARG C 397 -27.90 17.68 21.69
CA ARG C 397 -26.61 17.02 21.82
C ARG C 397 -25.67 17.81 22.72
N ASP C 398 -25.81 19.14 22.75
CA ASP C 398 -24.97 19.95 23.62
C ASP C 398 -25.39 19.88 25.08
N MET C 399 -26.70 19.82 25.37
CA MET C 399 -27.14 19.94 26.76
C MET C 399 -26.71 18.73 27.60
N LEU C 400 -26.98 17.52 27.11
CA LEU C 400 -26.77 16.34 27.93
C LEU C 400 -25.29 16.07 28.13
N VAL C 401 -24.88 15.88 29.38
CA VAL C 401 -23.47 15.75 29.73
C VAL C 401 -23.22 14.58 30.66
N ASP C 402 -24.21 13.69 30.80
CA ASP C 402 -24.11 12.59 31.74
C ASP C 402 -24.46 11.27 31.05
N SER C 403 -23.81 10.20 31.50
CA SER C 403 -24.02 8.87 30.96
C SER C 403 -24.92 8.06 31.88
N VAL C 404 -25.51 7.00 31.32
CA VAL C 404 -26.37 6.09 32.05
C VAL C 404 -25.99 4.65 31.70
N GLU C 405 -26.44 3.72 32.54
CA GLU C 405 -26.21 2.31 32.32
C GLU C 405 -27.46 1.64 31.76
N THR C 406 -27.25 0.63 30.93
CA THR C 406 -28.33 -0.04 30.22
C THR C 406 -28.19 -1.55 30.39
N ASP C 407 -29.32 -2.23 30.21
CA ASP C 407 -29.40 -3.69 30.29
C ASP C 407 -28.94 -4.20 31.65
N THR C 408 -29.57 -3.68 32.70
CA THR C 408 -29.27 -4.09 34.07
C THR C 408 -30.21 -5.18 34.57
N TYR C 409 -31.21 -5.57 33.78
CA TYR C 409 -32.17 -6.59 34.17
C TYR C 409 -31.99 -7.82 33.29
N PRO C 410 -31.38 -8.90 33.79
CA PRO C 410 -31.14 -10.07 32.94
C PRO C 410 -32.35 -10.97 32.73
N ASP C 411 -33.47 -10.71 33.41
CA ASP C 411 -34.63 -11.59 33.36
C ASP C 411 -35.80 -10.97 32.61
N LYS C 412 -35.52 -10.13 31.62
CA LYS C 412 -36.54 -9.51 30.79
C LYS C 412 -36.26 -9.80 29.33
N LEU C 413 -37.33 -9.99 28.55
CA LEU C 413 -37.20 -10.26 27.12
C LEU C 413 -37.78 -9.10 26.32
N PRO C 414 -36.96 -8.35 25.58
CA PRO C 414 -37.50 -7.19 24.86
C PRO C 414 -38.02 -7.55 23.48
N PHE C 415 -39.23 -7.11 23.16
CA PHE C 415 -39.85 -7.32 21.87
C PHE C 415 -40.00 -5.99 21.14
N LYS C 416 -40.62 -6.05 19.96
CA LYS C 416 -40.76 -4.84 19.15
C LYS C 416 -41.76 -3.87 19.74
N ASN C 417 -42.72 -4.36 20.53
CA ASN C 417 -43.78 -3.51 21.06
C ASN C 417 -44.00 -3.73 22.55
N GLY C 418 -42.96 -4.16 23.26
CA GLY C 418 -43.07 -4.32 24.70
C GLY C 418 -41.96 -5.19 25.24
N VAL C 419 -42.00 -5.36 26.56
CA VAL C 419 -41.03 -6.15 27.30
C VAL C 419 -41.77 -7.20 28.11
N LEU C 420 -41.36 -8.45 27.97
CA LEU C 420 -41.97 -9.57 28.68
C LEU C 420 -41.16 -9.88 29.92
N ASP C 421 -41.85 -10.01 31.05
CA ASP C 421 -41.21 -10.35 32.32
C ASP C 421 -41.22 -11.86 32.49
N LEU C 422 -40.04 -12.46 32.53
CA LEU C 422 -39.94 -13.91 32.58
C LEU C 422 -40.33 -14.48 33.94
N VAL C 423 -40.37 -13.65 34.99
CA VAL C 423 -40.70 -14.16 36.32
C VAL C 423 -42.19 -14.43 36.44
N ASP C 424 -43.02 -13.42 36.18
CA ASP C 424 -44.46 -13.55 36.33
C ASP C 424 -45.18 -13.86 35.01
N GLY C 425 -44.50 -13.72 33.88
CA GLY C 425 -45.13 -13.93 32.60
C GLY C 425 -45.95 -12.77 32.08
N MET C 426 -46.05 -11.68 32.84
CA MET C 426 -46.81 -10.53 32.39
C MET C 426 -46.06 -9.78 31.29
N PHE C 427 -46.81 -9.24 30.33
CA PHE C 427 -46.25 -8.51 29.21
C PHE C 427 -46.51 -7.03 29.41
N TYR C 428 -45.46 -6.22 29.33
CA TYR C 428 -45.54 -4.78 29.53
C TYR C 428 -45.53 -4.04 28.20
N SER C 429 -46.00 -2.80 28.22
CA SER C 429 -46.00 -1.96 27.04
C SER C 429 -45.95 -0.50 27.46
N GLY C 430 -45.50 0.34 26.54
CA GLY C 430 -45.46 1.77 26.79
C GLY C 430 -44.49 2.13 27.91
N ASP C 431 -44.93 3.08 28.75
CA ASP C 431 -44.08 3.59 29.82
C ASP C 431 -43.62 2.45 30.74
N ASP C 432 -44.49 1.46 30.95
CA ASP C 432 -44.13 0.32 31.79
C ASP C 432 -42.90 -0.39 31.24
N ALA C 433 -42.84 -0.56 29.92
CA ALA C 433 -41.67 -1.17 29.30
C ALA C 433 -40.49 -0.21 29.17
N LYS C 434 -40.72 1.10 29.38
CA LYS C 434 -39.67 2.09 29.19
C LYS C 434 -38.66 2.08 30.33
N LYS C 435 -39.09 1.74 31.55
CA LYS C 435 -38.21 1.85 32.70
C LYS C 435 -37.01 0.91 32.59
N TYR C 436 -37.16 -0.22 31.90
CA TYR C 436 -36.05 -1.14 31.66
C TYR C 436 -35.37 -0.72 30.37
N THR C 437 -34.12 -0.26 30.49
CA THR C 437 -33.38 0.26 29.34
C THR C 437 -32.75 -0.91 28.59
N CYS C 438 -33.55 -1.52 27.74
CA CYS C 438 -33.09 -2.60 26.86
C CYS C 438 -32.89 -2.04 25.47
N THR C 439 -31.64 -2.05 25.01
CA THR C 439 -31.28 -1.45 23.72
C THR C 439 -31.37 -2.42 22.55
N VAL C 440 -31.73 -3.67 22.79
CA VAL C 440 -31.90 -4.65 21.74
C VAL C 440 -33.30 -5.25 21.85
N SER C 441 -33.77 -5.81 20.74
CA SER C 441 -35.10 -6.40 20.70
C SER C 441 -35.12 -7.54 19.70
N THR C 442 -36.10 -8.43 19.87
CA THR C 442 -36.23 -9.58 18.98
C THR C 442 -36.58 -9.18 17.56
N GLY C 443 -37.07 -7.97 17.34
CA GLY C 443 -37.36 -7.47 16.01
C GLY C 443 -38.75 -7.75 15.50
N PHE C 444 -39.59 -8.47 16.25
CA PHE C 444 -40.94 -8.77 15.83
C PHE C 444 -41.90 -8.52 16.98
N LYS C 445 -43.15 -8.22 16.63
CA LYS C 445 -44.17 -7.92 17.63
C LYS C 445 -44.59 -9.18 18.37
N PHE C 446 -44.93 -9.00 19.64
CA PHE C 446 -45.38 -10.10 20.49
C PHE C 446 -46.89 -10.24 20.37
N ASP C 447 -47.34 -11.43 19.98
CA ASP C 447 -48.77 -11.70 19.80
C ASP C 447 -49.22 -12.66 20.90
N ASP C 448 -50.15 -12.20 21.73
CA ASP C 448 -50.60 -13.01 22.86
C ASP C 448 -51.52 -14.15 22.42
N THR C 449 -52.20 -14.00 21.28
CA THR C 449 -53.14 -15.02 20.83
C THR C 449 -52.42 -16.33 20.53
N LYS C 450 -51.26 -16.26 19.89
CA LYS C 450 -50.50 -17.46 19.55
C LYS C 450 -49.66 -17.97 20.72
N PHE C 451 -49.48 -17.16 21.77
CA PHE C 451 -48.69 -17.58 22.93
C PHE C 451 -49.56 -18.37 23.88
N VAL C 452 -49.89 -19.59 23.46
CA VAL C 452 -50.76 -20.49 24.21
C VAL C 452 -50.12 -21.86 24.28
N GLU C 453 -50.60 -22.67 25.22
CA GLU C 453 -50.05 -23.99 25.45
C GLU C 453 -50.67 -25.06 24.56
N ASP C 454 -51.98 -24.98 24.32
CA ASP C 454 -52.70 -25.98 23.53
C ASP C 454 -52.84 -25.47 22.10
N SER C 455 -52.16 -26.15 21.17
CA SER C 455 -52.24 -25.80 19.76
C SER C 455 -51.72 -26.99 18.95
N PRO C 456 -52.28 -27.25 17.76
CA PRO C 456 -51.73 -28.32 16.92
C PRO C 456 -50.28 -28.10 16.56
N GLU C 457 -49.88 -26.86 16.33
CA GLU C 457 -48.47 -26.56 16.06
C GLU C 457 -47.60 -26.93 17.26
N MET C 458 -48.09 -26.68 18.46
CA MET C 458 -47.35 -27.07 19.65
C MET C 458 -47.18 -28.59 19.72
N GLU C 459 -48.23 -29.33 19.37
CA GLU C 459 -48.13 -30.79 19.37
C GLU C 459 -47.13 -31.27 18.33
N GLU C 460 -47.15 -30.67 17.13
CA GLU C 460 -46.18 -31.03 16.11
C GLU C 460 -44.76 -30.74 16.57
N LEU C 461 -44.55 -29.58 17.20
CA LEU C 461 -43.23 -29.23 17.71
C LEU C 461 -42.78 -30.22 18.78
N MET C 462 -43.69 -30.59 19.68
CA MET C 462 -43.33 -31.56 20.71
C MET C 462 -42.96 -32.91 20.11
N ASN C 463 -43.71 -33.34 19.10
CA ASN C 463 -43.37 -34.59 18.42
C ASN C 463 -42.00 -34.52 17.77
N ILE C 464 -41.71 -33.40 17.10
CA ILE C 464 -40.41 -33.25 16.44
C ILE C 464 -39.29 -33.26 17.47
N ILE C 465 -39.48 -32.56 18.59
CA ILE C 465 -38.45 -32.50 19.63
C ILE C 465 -38.22 -33.89 20.21
N ASN C 466 -39.30 -34.64 20.47
CA ASN C 466 -39.14 -35.99 20.97
C ASN C 466 -38.42 -36.88 19.97
N ASP C 467 -38.70 -36.68 18.67
CA ASP C 467 -37.98 -37.44 17.65
C ASP C 467 -36.49 -37.13 17.65
N ILE C 468 -36.13 -35.85 17.78
CA ILE C 468 -34.73 -35.47 17.76
C ILE C 468 -34.03 -35.96 19.02
N GLN C 469 -34.65 -35.73 20.19
CA GLN C 469 -34.08 -36.12 21.48
C GLN C 469 -35.10 -36.99 22.21
N PRO C 470 -35.05 -38.30 22.03
CA PRO C 470 -35.98 -39.18 22.74
C PRO C 470 -35.77 -39.10 24.24
N LEU C 471 -36.88 -39.23 24.98
CA LEU C 471 -36.85 -39.18 26.44
C LEU C 471 -36.80 -40.61 26.95
N THR C 472 -35.59 -41.06 27.27
CA THR C 472 -35.33 -42.39 27.80
C THR C 472 -34.43 -42.28 29.03
N ASP C 473 -34.32 -43.39 29.76
CA ASP C 473 -33.45 -43.42 30.93
C ASP C 473 -31.99 -43.19 30.54
N GLU C 474 -31.59 -43.61 29.34
CA GLU C 474 -30.24 -43.35 28.88
C GLU C 474 -30.06 -41.89 28.46
N ASN C 475 -31.08 -41.31 27.84
CA ASN C 475 -30.99 -39.96 27.28
C ASN C 475 -31.54 -38.89 28.20
N LYS C 476 -31.96 -39.23 29.42
CA LYS C 476 -32.59 -38.23 30.28
C LYS C 476 -31.60 -37.15 30.68
N LYS C 477 -30.37 -37.52 31.03
CA LYS C 477 -29.36 -36.53 31.38
C LYS C 477 -29.00 -35.66 30.18
N ASN C 478 -28.82 -36.28 29.02
CA ASN C 478 -28.51 -35.52 27.81
C ASN C 478 -29.64 -34.58 27.45
N ARG C 479 -30.88 -35.04 27.55
CA ARG C 479 -32.02 -34.18 27.24
C ARG C 479 -32.12 -33.03 28.24
N GLU C 480 -31.83 -33.29 29.52
CA GLU C 480 -31.87 -32.22 30.52
C GLU C 480 -30.81 -31.17 30.22
N LEU C 481 -29.59 -31.60 29.86
CA LEU C 481 -28.55 -30.65 29.50
C LEU C 481 -28.94 -29.87 28.26
N TYR C 482 -29.55 -30.54 27.28
CA TYR C 482 -30.00 -29.89 26.06
C TYR C 482 -31.03 -28.82 26.36
N GLU C 483 -31.99 -29.13 27.23
CA GLU C 483 -33.02 -28.17 27.60
C GLU C 483 -32.41 -26.97 28.33
N LYS C 484 -31.49 -27.24 29.27
CA LYS C 484 -30.86 -26.15 29.99
C LYS C 484 -30.08 -25.24 29.05
N THR C 485 -29.32 -25.82 28.13
CA THR C 485 -28.55 -25.02 27.19
C THR C 485 -29.45 -24.19 26.29
N LEU C 486 -30.54 -24.79 25.80
CA LEU C 486 -31.46 -24.05 24.94
C LEU C 486 -32.15 -22.92 25.70
N SER C 487 -32.55 -23.17 26.94
CA SER C 487 -33.24 -22.14 27.71
C SER C 487 -32.30 -21.04 28.20
N SER C 488 -31.00 -21.32 28.29
CA SER C 488 -30.06 -20.31 28.76
C SER C 488 -29.98 -19.10 27.84
N CYS C 489 -30.40 -19.24 26.58
CA CYS C 489 -30.27 -18.14 25.63
C CYS C 489 -31.19 -16.97 25.92
N LEU C 490 -32.23 -17.16 26.74
CA LEU C 490 -33.16 -16.08 27.00
C LEU C 490 -32.57 -15.04 27.93
N CYS C 491 -31.85 -15.47 28.97
CA CYS C 491 -31.35 -14.55 29.97
C CYS C 491 -30.25 -13.67 29.39
N GLY C 492 -30.16 -12.45 29.92
CA GLY C 492 -29.20 -11.48 29.45
C GLY C 492 -27.95 -11.36 30.29
N ALA C 493 -27.67 -12.36 31.11
CA ALA C 493 -26.48 -12.36 31.95
C ALA C 493 -25.27 -12.83 31.13
N THR C 494 -24.16 -13.06 31.80
CA THR C 494 -22.94 -13.54 31.15
C THR C 494 -22.75 -15.02 31.44
N LYS C 495 -22.58 -15.81 30.39
CA LYS C 495 -22.45 -17.25 30.52
C LYS C 495 -20.99 -17.64 30.68
N GLY C 496 -20.73 -18.58 31.60
CA GLY C 496 -19.37 -18.96 31.92
C GLY C 496 -18.75 -20.02 31.01
N CYS C 497 -19.53 -20.68 30.16
CA CYS C 497 -19.00 -21.71 29.29
C CYS C 497 -19.82 -21.79 28.03
N LEU C 498 -19.22 -22.36 26.99
CA LEU C 498 -19.85 -22.55 25.69
C LEU C 498 -20.18 -24.03 25.49
N THR C 499 -20.99 -24.31 24.46
CA THR C 499 -21.52 -25.64 24.26
C THR C 499 -21.19 -26.13 22.85
N PHE C 500 -20.80 -27.41 22.77
CA PHE C 500 -20.50 -28.07 21.50
C PHE C 500 -21.63 -29.02 21.14
N PHE C 501 -22.16 -28.84 19.93
CA PHE C 501 -23.17 -29.74 19.37
C PHE C 501 -22.43 -30.76 18.49
N PHE C 502 -22.27 -31.97 19.01
CA PHE C 502 -21.54 -33.03 18.33
C PHE C 502 -22.51 -34.10 17.86
N GLY C 503 -22.35 -34.53 16.62
CA GLY C 503 -23.21 -35.56 16.06
C GLY C 503 -22.76 -35.91 14.67
N GLU C 504 -23.50 -36.83 14.05
CA GLU C 504 -23.22 -37.31 12.72
C GLU C 504 -24.07 -36.54 11.71
N THR C 505 -24.06 -37.01 10.46
CA THR C 505 -24.80 -36.35 9.40
C THR C 505 -26.30 -36.59 9.56
N ALA C 506 -27.08 -35.57 9.18
CA ALA C 506 -28.55 -35.65 9.16
C ALA C 506 -29.11 -36.03 10.53
N THR C 507 -28.59 -35.39 11.58
CA THR C 507 -28.98 -35.69 12.94
C THR C 507 -29.94 -34.67 13.54
N GLY C 508 -29.98 -33.45 13.02
CA GLY C 508 -30.92 -32.45 13.47
C GLY C 508 -30.33 -31.21 14.10
N LYS C 509 -29.00 -31.01 14.02
CA LYS C 509 -28.41 -29.80 14.58
C LYS C 509 -28.88 -28.55 13.85
N SER C 510 -28.92 -28.60 12.51
CA SER C 510 -29.32 -27.44 11.73
C SER C 510 -30.78 -27.08 11.98
N THR C 511 -31.64 -28.08 12.15
CA THR C 511 -33.04 -27.81 12.45
C THR C 511 -33.18 -27.10 13.79
N THR C 512 -32.44 -27.55 14.80
CA THR C 512 -32.46 -26.88 16.10
C THR C 512 -31.95 -25.46 15.99
N LYS C 513 -30.87 -25.25 15.23
CA LYS C 513 -30.35 -23.90 15.03
C LYS C 513 -31.38 -22.99 14.38
N ARG C 514 -32.03 -23.48 13.33
CA ARG C 514 -33.02 -22.66 12.62
C ARG C 514 -34.24 -22.37 13.50
N LEU C 515 -34.68 -23.37 14.27
CA LEU C 515 -35.80 -23.14 15.18
C LEU C 515 -35.46 -22.10 16.23
N LEU C 516 -34.26 -22.19 16.82
CA LEU C 516 -33.85 -21.20 17.81
C LEU C 516 -33.75 -19.81 17.21
N LYS C 517 -33.19 -19.71 16.01
CA LYS C 517 -33.07 -18.42 15.34
C LYS C 517 -34.44 -17.82 15.09
N SER C 518 -35.37 -18.62 14.56
CA SER C 518 -36.72 -18.13 14.32
C SER C 518 -37.40 -17.71 15.61
N ALA C 519 -37.16 -18.46 16.69
CA ALA C 519 -37.83 -18.15 17.95
C ALA C 519 -37.33 -16.84 18.55
N ILE C 520 -36.02 -16.62 18.55
CA ILE C 520 -35.47 -15.47 19.26
C ILE C 520 -35.17 -14.29 18.34
N GLY C 521 -35.47 -14.39 17.04
CA GLY C 521 -35.42 -13.21 16.20
C GLY C 521 -34.03 -12.63 16.09
N ASP C 522 -33.93 -11.31 16.30
CA ASP C 522 -32.70 -10.58 16.09
C ASP C 522 -31.66 -10.81 17.18
N LEU C 523 -32.05 -11.40 18.32
CA LEU C 523 -31.08 -11.67 19.37
C LEU C 523 -30.11 -12.78 19.00
N PHE C 524 -30.38 -13.53 17.93
CA PHE C 524 -29.50 -14.55 17.43
C PHE C 524 -28.49 -13.96 16.47
N VAL C 525 -27.29 -14.54 16.43
CA VAL C 525 -26.28 -14.12 15.47
C VAL C 525 -25.35 -15.29 15.18
N GLU C 526 -24.79 -15.30 13.97
CA GLU C 526 -23.83 -16.30 13.56
C GLU C 526 -22.61 -15.60 12.97
N THR C 527 -21.42 -16.08 13.33
CA THR C 527 -20.18 -15.49 12.90
C THR C 527 -19.21 -16.59 12.49
N GLY C 528 -18.06 -16.19 11.94
CA GLY C 528 -17.09 -17.12 11.43
C GLY C 528 -16.26 -17.76 12.52
N GLN C 529 -15.39 -18.67 12.10
CA GLN C 529 -14.52 -19.40 13.02
C GLN C 529 -13.27 -18.62 13.41
N THR C 530 -13.04 -17.46 12.79
CA THR C 530 -11.83 -16.69 13.07
C THR C 530 -11.73 -16.26 14.53
N ILE C 531 -12.85 -16.23 15.26
CA ILE C 531 -12.79 -15.86 16.67
C ILE C 531 -12.06 -16.91 17.48
N LEU C 532 -12.03 -18.16 17.01
CA LEU C 532 -11.43 -19.25 17.75
C LEU C 532 -10.03 -19.62 17.27
N THR C 533 -9.48 -18.90 16.28
CA THR C 533 -8.21 -19.29 15.71
C THR C 533 -7.22 -18.14 15.62
N ASP C 534 -7.71 -16.91 15.52
CA ASP C 534 -6.87 -15.75 15.31
C ASP C 534 -6.99 -14.78 16.48
N VAL C 535 -6.06 -13.83 16.51
CA VAL C 535 -6.08 -12.80 17.56
C VAL C 535 -7.27 -11.87 17.35
N LEU C 536 -7.62 -11.14 18.41
CA LEU C 536 -8.78 -10.27 18.39
C LEU C 536 -8.44 -8.79 18.55
N ASP C 537 -7.22 -8.46 18.97
CA ASP C 537 -6.85 -7.07 19.23
C ASP C 537 -6.16 -6.40 18.05
N LYS C 538 -5.99 -7.11 16.93
CA LYS C 538 -5.24 -6.59 15.79
C LYS C 538 -6.22 -6.04 14.75
N GLY C 539 -6.33 -4.72 14.68
CA GLY C 539 -7.11 -4.07 13.67
C GLY C 539 -8.60 -4.14 13.92
N PRO C 540 -9.39 -3.48 13.07
CA PRO C 540 -10.85 -3.58 13.17
C PRO C 540 -11.31 -5.01 12.92
N ASN C 541 -12.39 -5.39 13.61
CA ASN C 541 -12.93 -6.74 13.51
C ASN C 541 -14.44 -6.67 13.67
N PRO C 542 -15.18 -6.49 12.56
CA PRO C 542 -16.64 -6.43 12.66
C PRO C 542 -17.29 -7.71 13.17
N PHE C 543 -16.60 -8.86 13.06
CA PHE C 543 -17.16 -10.10 13.57
C PHE C 543 -17.38 -10.02 15.08
N ILE C 544 -16.40 -9.47 15.80
CA ILE C 544 -16.57 -9.26 17.24
C ILE C 544 -17.59 -8.16 17.50
N ALA C 545 -17.57 -7.10 16.68
CA ALA C 545 -18.45 -5.96 16.91
C ALA C 545 -19.91 -6.36 16.82
N ASN C 546 -20.26 -7.20 15.85
CA ASN C 546 -21.65 -7.64 15.71
C ASN C 546 -22.10 -8.52 16.87
N MET C 547 -21.16 -9.07 17.65
CA MET C 547 -21.50 -9.92 18.77
C MET C 547 -21.97 -9.12 19.99
N HIS C 548 -21.74 -7.81 20.00
CA HIS C 548 -22.03 -7.00 21.18
C HIS C 548 -23.50 -7.07 21.56
N LEU C 549 -23.75 -7.30 22.86
CA LEU C 549 -25.10 -7.31 23.43
C LEU C 549 -26.00 -8.34 22.77
N LYS C 550 -25.43 -9.40 22.23
CA LYS C 550 -26.21 -10.47 21.65
C LYS C 550 -26.55 -11.52 22.71
N ARG C 551 -27.59 -12.30 22.44
CA ARG C 551 -28.02 -13.34 23.37
C ARG C 551 -27.55 -14.73 22.97
N SER C 552 -27.36 -14.98 21.68
CA SER C 552 -26.91 -16.29 21.22
C SER C 552 -25.99 -16.12 20.02
N VAL C 553 -24.83 -16.77 20.08
CA VAL C 553 -23.83 -16.73 19.01
C VAL C 553 -23.60 -18.16 18.55
N PHE C 554 -23.63 -18.36 17.24
CA PHE C 554 -23.54 -19.69 16.65
C PHE C 554 -22.38 -19.74 15.67
N CYS C 555 -21.63 -20.85 15.69
CA CYS C 555 -20.63 -21.13 14.67
C CYS C 555 -20.70 -22.58 14.24
N SER C 556 -20.29 -22.84 13.00
CA SER C 556 -20.57 -24.11 12.36
C SER C 556 -19.39 -24.57 11.53
N GLU C 557 -19.39 -25.88 11.24
CA GLU C 557 -18.48 -26.51 10.28
C GLU C 557 -17.01 -26.32 10.69
N LEU C 558 -16.67 -26.92 11.81
CA LEU C 558 -15.27 -26.95 12.23
C LEU C 558 -14.52 -28.01 11.43
N PRO C 559 -13.41 -27.66 10.79
CA PRO C 559 -12.69 -28.64 9.98
C PRO C 559 -12.07 -29.73 10.82
N ASP C 560 -11.86 -30.89 10.19
CA ASP C 560 -11.21 -32.01 10.86
C ASP C 560 -9.74 -31.67 11.12
N PHE C 561 -9.30 -31.89 12.36
CA PHE C 561 -7.94 -31.58 12.75
C PHE C 561 -6.98 -32.73 12.55
N ALA C 562 -7.47 -33.92 12.17
CA ALA C 562 -6.57 -35.04 11.90
C ALA C 562 -5.68 -34.75 10.71
N CYS C 563 -6.24 -34.19 9.64
CA CYS C 563 -5.45 -33.86 8.46
C CYS C 563 -4.51 -32.70 8.74
N SER C 564 -3.36 -32.73 8.08
CA SER C 564 -2.38 -31.67 8.23
C SER C 564 -2.90 -30.36 7.65
N GLY C 565 -2.42 -29.25 8.20
CA GLY C 565 -2.84 -27.93 7.79
C GLY C 565 -3.94 -27.32 8.63
N SER C 566 -4.62 -28.12 9.45
CA SER C 566 -5.63 -27.59 10.34
C SER C 566 -5.00 -26.81 11.48
N LYS C 567 -5.68 -25.75 11.90
CA LYS C 567 -5.20 -24.88 12.97
C LYS C 567 -5.98 -25.17 14.24
N LYS C 568 -5.26 -25.38 15.34
CA LYS C 568 -5.89 -25.70 16.60
C LYS C 568 -6.57 -24.48 17.20
N ILE C 569 -7.57 -24.74 18.04
CA ILE C 569 -8.27 -23.66 18.75
C ILE C 569 -7.40 -23.20 19.91
N ARG C 570 -7.13 -21.90 19.96
CA ARG C 570 -6.27 -21.35 21.00
C ARG C 570 -7.07 -21.13 22.28
N SER C 571 -6.55 -21.64 23.39
CA SER C 571 -7.24 -21.51 24.67
C SER C 571 -7.32 -20.06 25.15
N ASP C 572 -6.42 -19.19 24.66
CA ASP C 572 -6.48 -17.79 25.04
C ASP C 572 -7.79 -17.14 24.57
N ASN C 573 -8.21 -17.46 23.35
CA ASN C 573 -9.48 -16.96 22.85
C ASN C 573 -10.64 -17.47 23.69
N ILE C 574 -10.59 -18.74 24.09
CA ILE C 574 -11.65 -19.30 24.93
C ILE C 574 -11.70 -18.56 26.27
N LYS C 575 -10.54 -18.29 26.86
CA LYS C 575 -10.50 -17.56 28.11
C LYS C 575 -11.06 -16.14 27.95
N LYS C 576 -10.70 -15.49 26.84
CA LYS C 576 -11.15 -14.11 26.62
C LYS C 576 -12.65 -14.05 26.36
N LEU C 577 -13.22 -15.07 25.72
CA LEU C 577 -14.64 -15.07 25.42
C LEU C 577 -15.51 -15.23 26.65
N THR C 578 -14.96 -15.75 27.74
CA THR C 578 -15.71 -15.96 28.98
C THR C 578 -15.66 -14.76 29.91
N GLU C 579 -15.33 -13.58 29.40
CA GLU C 579 -15.25 -12.39 30.23
C GLU C 579 -16.45 -11.48 29.98
N PRO C 580 -16.87 -10.73 30.99
CA PRO C 580 -18.03 -9.84 30.80
C PRO C 580 -17.83 -8.79 29.72
N CYS C 581 -16.61 -8.33 29.51
CA CYS C 581 -16.31 -7.35 28.47
C CYS C 581 -15.32 -7.95 27.47
N VAL C 582 -15.50 -7.57 26.21
CA VAL C 582 -14.71 -8.12 25.12
C VAL C 582 -14.22 -6.97 24.24
N ILE C 583 -12.95 -7.05 23.83
CA ILE C 583 -12.36 -6.02 22.99
C ILE C 583 -12.68 -6.31 21.53
N GLY C 584 -12.66 -5.25 20.72
CA GLY C 584 -12.99 -5.37 19.31
C GLY C 584 -13.58 -4.08 18.77
N ARG C 585 -13.24 -3.72 17.54
CA ARG C 585 -13.64 -2.43 17.00
C ARG C 585 -14.25 -2.60 15.61
N PRO C 586 -15.30 -1.82 15.30
CA PRO C 586 -15.84 -1.83 13.94
C PRO C 586 -15.08 -0.89 13.02
N CYS C 587 -15.55 -0.73 11.79
CA CYS C 587 -14.93 0.16 10.83
C CYS C 587 -15.49 1.57 10.98
N PHE C 588 -14.59 2.55 10.93
CA PHE C 588 -14.96 3.97 11.01
C PHE C 588 -15.70 4.30 12.31
N SER C 589 -15.31 3.63 13.39
CA SER C 589 -15.92 3.88 14.69
C SER C 589 -14.93 3.48 15.77
N ASN C 590 -14.76 4.35 16.76
CA ASN C 590 -13.83 4.10 17.87
C ASN C 590 -14.57 3.52 19.07
N LYS C 591 -15.25 2.41 18.84
CA LYS C 591 -15.94 1.66 19.89
C LYS C 591 -15.21 0.34 20.07
N ILE C 592 -14.51 0.21 21.21
CA ILE C 592 -13.61 -0.92 21.42
C ILE C 592 -14.11 -1.89 22.48
N ASN C 593 -15.11 -1.52 23.27
CA ASN C 593 -15.62 -2.36 24.35
C ASN C 593 -17.00 -2.89 23.98
N ASN C 594 -17.21 -4.19 24.18
CA ASN C 594 -18.50 -4.81 23.94
C ASN C 594 -18.89 -5.66 25.14
N ARG C 595 -20.19 -5.71 25.41
CA ARG C 595 -20.72 -6.50 26.51
C ARG C 595 -21.02 -7.91 26.03
N ASN C 596 -20.61 -8.90 26.82
CA ASN C 596 -20.78 -10.31 26.48
C ASN C 596 -22.00 -10.84 27.22
N HIS C 597 -23.11 -11.00 26.49
CA HIS C 597 -24.36 -11.50 27.05
C HIS C 597 -24.85 -12.74 26.32
N ALA C 598 -23.98 -13.43 25.61
CA ALA C 598 -24.40 -14.45 24.65
C ALA C 598 -23.93 -15.83 25.07
N THR C 599 -24.75 -16.82 24.73
CA THR C 599 -24.36 -18.23 24.82
C THR C 599 -23.76 -18.65 23.49
N ILE C 600 -22.58 -19.26 23.54
CA ILE C 600 -21.85 -19.65 22.35
C ILE C 600 -22.10 -21.13 22.07
N ILE C 601 -22.54 -21.43 20.85
CA ILE C 601 -22.81 -22.80 20.43
C ILE C 601 -21.97 -23.09 19.19
N ILE C 602 -21.13 -24.11 19.27
CA ILE C 602 -20.28 -24.54 18.16
C ILE C 602 -20.80 -25.91 17.73
N ASP C 603 -21.35 -26.02 16.54
CA ASP C 603 -21.83 -27.33 16.09
C ASP C 603 -20.86 -27.91 15.06
N THR C 604 -20.46 -29.15 15.27
CA THR C 604 -19.52 -29.82 14.37
C THR C 604 -19.66 -31.32 14.55
N ASN C 605 -19.11 -32.06 13.58
CA ASN C 605 -19.08 -33.51 13.63
C ASN C 605 -17.71 -34.06 14.02
N TYR C 606 -16.79 -33.19 14.42
CA TYR C 606 -15.45 -33.58 14.82
C TYR C 606 -15.15 -32.99 16.19
N LYS C 607 -14.65 -33.82 17.10
CA LYS C 607 -14.33 -33.35 18.43
C LYS C 607 -13.13 -32.41 18.38
N PRO C 608 -13.22 -31.21 18.93
CA PRO C 608 -12.13 -30.23 18.80
C PRO C 608 -10.91 -30.61 19.62
N VAL C 609 -9.78 -30.03 19.22
CA VAL C 609 -8.51 -30.21 19.91
C VAL C 609 -7.91 -28.84 20.17
N PHE C 610 -7.06 -28.77 21.19
CA PHE C 610 -6.47 -27.52 21.63
C PHE C 610 -4.97 -27.68 21.83
N ASP C 611 -4.25 -26.56 21.73
CA ASP C 611 -2.80 -26.59 21.85
C ASP C 611 -2.36 -26.91 23.28
N ARG C 612 -3.01 -26.30 24.28
CA ARG C 612 -2.64 -26.47 25.67
C ARG C 612 -3.81 -27.03 26.47
N ILE C 613 -3.49 -27.72 27.56
CA ILE C 613 -4.50 -28.33 28.42
C ILE C 613 -4.22 -27.91 29.86
N ASP C 614 -5.25 -27.42 30.54
CA ASP C 614 -5.14 -27.03 31.94
C ASP C 614 -6.53 -27.04 32.56
N ASN C 615 -6.56 -27.01 33.90
CA ASN C 615 -7.83 -27.08 34.62
C ASN C 615 -8.72 -25.90 34.28
N ALA C 616 -8.15 -24.69 34.22
CA ALA C 616 -8.93 -23.52 33.86
C ALA C 616 -9.52 -23.61 32.47
N LEU C 617 -8.97 -24.47 31.61
CA LEU C 617 -9.52 -24.63 30.27
C LEU C 617 -10.69 -25.61 30.26
N MET C 618 -10.52 -26.79 30.87
CA MET C 618 -11.60 -27.76 30.84
C MET C 618 -12.68 -27.45 31.87
N ARG C 619 -12.51 -26.42 32.68
CA ARG C 619 -13.59 -25.98 33.56
C ARG C 619 -14.67 -25.17 32.84
N ARG C 620 -14.59 -25.04 31.51
CA ARG C 620 -15.58 -24.24 30.79
C ARG C 620 -15.97 -24.87 29.46
N ILE C 621 -16.01 -26.20 29.37
CA ILE C 621 -16.35 -26.89 28.14
C ILE C 621 -17.52 -27.84 28.41
N ALA C 622 -18.54 -27.78 27.55
CA ALA C 622 -19.69 -28.66 27.63
C ALA C 622 -19.99 -29.22 26.25
N VAL C 623 -20.52 -30.44 26.21
CA VAL C 623 -20.77 -31.16 24.98
C VAL C 623 -22.18 -31.77 25.02
N VAL C 624 -22.92 -31.63 23.92
CA VAL C 624 -24.24 -32.21 23.77
C VAL C 624 -24.19 -33.18 22.59
N ARG C 625 -24.72 -34.38 22.79
CA ARG C 625 -24.65 -35.44 21.80
C ARG C 625 -25.99 -35.62 21.11
N PHE C 626 -25.97 -35.67 19.78
CA PHE C 626 -27.15 -35.94 18.98
C PHE C 626 -27.00 -37.32 18.34
N ARG C 627 -27.98 -38.19 18.56
CA ARG C 627 -27.86 -39.59 18.17
C ARG C 627 -29.17 -40.11 17.55
N THR C 628 -29.75 -39.33 16.65
CA THR C 628 -30.94 -39.78 15.92
C THR C 628 -30.80 -39.42 14.45
N HIS C 629 -30.99 -40.39 13.58
CA HIS C 629 -30.73 -40.24 12.15
C HIS C 629 -32.04 -40.21 11.38
N PHE C 630 -32.19 -39.21 10.51
CA PHE C 630 -33.33 -39.10 9.61
C PHE C 630 -32.81 -39.38 8.21
N SER C 631 -33.16 -40.54 7.67
CA SER C 631 -32.57 -41.04 6.44
C SER C 631 -33.63 -41.21 5.35
N GLN C 632 -33.14 -41.36 4.12
CA GLN C 632 -34.00 -41.67 2.99
C GLN C 632 -34.56 -43.09 3.15
N PRO C 633 -35.74 -43.36 2.57
CA PRO C 633 -36.28 -44.72 2.65
C PRO C 633 -35.34 -45.78 2.08
N SER C 634 -34.58 -45.44 1.03
CA SER C 634 -33.64 -46.40 0.47
C SER C 634 -32.46 -46.66 1.40
N GLY C 635 -32.03 -45.66 2.15
CA GLY C 635 -30.89 -45.76 3.03
C GLY C 635 -31.20 -46.23 4.45
N ARG C 636 -32.43 -46.65 4.72
CA ARG C 636 -32.77 -47.10 6.07
C ARG C 636 -31.96 -48.32 6.48
N GLU C 637 -31.86 -49.30 5.59
CA GLU C 637 -31.14 -50.53 5.91
C GLU C 637 -29.66 -50.26 6.14
N ALA C 638 -29.04 -49.43 5.29
CA ALA C 638 -27.63 -49.11 5.46
C ALA C 638 -27.39 -48.35 6.75
N ALA C 639 -28.28 -47.40 7.07
CA ALA C 639 -28.11 -46.62 8.30
C ALA C 639 -28.33 -47.47 9.54
N GLU C 640 -29.18 -48.51 9.44
CA GLU C 640 -29.43 -49.36 10.61
C GLU C 640 -28.17 -50.08 11.08
N ASN C 641 -27.33 -50.51 10.13
CA ASN C 641 -26.12 -51.23 10.50
C ASN C 641 -25.12 -50.34 11.23
N ASN C 642 -25.07 -49.05 10.88
CA ASN C 642 -24.11 -48.14 11.52
C ASN C 642 -24.41 -48.00 12.99
N ASP C 643 -23.36 -48.07 13.81
CA ASP C 643 -23.51 -47.98 15.26
C ASP C 643 -23.59 -46.55 15.78
N ALA C 644 -23.26 -45.56 14.94
CA ALA C 644 -23.33 -44.17 15.38
C ALA C 644 -24.76 -43.66 15.54
N TYR C 645 -25.75 -44.43 15.11
CA TYR C 645 -27.15 -44.03 15.19
C TYR C 645 -27.90 -44.95 16.14
N ASP C 646 -28.74 -44.36 16.98
CA ASP C 646 -29.59 -45.11 17.90
C ASP C 646 -31.02 -45.25 17.41
N LYS C 647 -31.47 -44.37 16.53
CA LYS C 647 -32.83 -44.43 15.99
C LYS C 647 -32.79 -43.92 14.56
N VAL C 648 -33.47 -44.64 13.66
CA VAL C 648 -33.55 -44.27 12.26
C VAL C 648 -35.01 -44.05 11.93
N LYS C 649 -35.36 -42.82 11.56
CA LYS C 649 -36.72 -42.44 11.20
C LYS C 649 -36.75 -42.02 9.74
N LEU C 650 -37.93 -41.55 9.30
CA LEU C 650 -38.10 -41.11 7.93
C LEU C 650 -37.47 -39.73 7.75
N LEU C 651 -37.65 -39.15 6.56
CA LEU C 651 -37.08 -37.85 6.22
C LEU C 651 -38.19 -36.94 5.72
N ASP C 652 -38.65 -36.04 6.59
CA ASP C 652 -39.66 -35.07 6.19
C ASP C 652 -39.04 -34.02 5.29
N GLU C 653 -39.56 -33.91 4.06
CA GLU C 653 -39.00 -33.00 3.06
C GLU C 653 -39.66 -31.63 3.06
N GLY C 654 -40.60 -31.39 3.97
CA GLY C 654 -41.28 -30.11 4.02
C GLY C 654 -41.03 -29.35 5.31
N LEU C 655 -40.25 -29.93 6.21
CA LEU C 655 -40.01 -29.31 7.51
C LEU C 655 -39.29 -27.97 7.36
N ASP C 656 -38.30 -27.91 6.47
CA ASP C 656 -37.53 -26.67 6.29
C ASP C 656 -38.41 -25.54 5.79
N GLY C 657 -39.33 -25.84 4.86
CA GLY C 657 -40.23 -24.81 4.35
C GLY C 657 -41.13 -24.25 5.43
N LYS C 658 -41.71 -25.13 6.25
CA LYS C 658 -42.57 -24.68 7.34
C LYS C 658 -41.78 -23.88 8.36
N ILE C 659 -40.56 -24.32 8.67
CA ILE C 659 -39.73 -23.61 9.65
C ILE C 659 -39.37 -22.22 9.14
N GLN C 660 -39.01 -22.11 7.86
CA GLN C 660 -38.61 -20.83 7.31
C GLN C 660 -39.75 -19.83 7.31
N ASN C 661 -40.99 -20.30 7.24
CA ASN C 661 -42.16 -19.42 7.27
C ASN C 661 -42.65 -19.16 8.68
N ASN C 662 -41.88 -19.55 9.70
CA ASN C 662 -42.19 -19.27 11.10
C ASN C 662 -43.52 -19.90 11.51
N ARG C 663 -43.62 -21.21 11.30
CA ARG C 663 -44.79 -21.97 11.70
C ARG C 663 -44.68 -22.50 13.12
N TYR C 664 -43.56 -22.28 13.80
CA TYR C 664 -43.37 -22.78 15.17
C TYR C 664 -42.69 -21.74 16.04
N ARG C 665 -42.83 -20.47 15.71
CA ARG C 665 -42.16 -19.40 16.47
C ARG C 665 -42.69 -19.34 17.90
N PHE C 666 -43.98 -19.05 18.05
CA PHE C 666 -44.53 -18.83 19.39
C PHE C 666 -44.61 -20.12 20.19
N ALA C 667 -44.81 -21.26 19.53
CA ALA C 667 -44.78 -22.52 20.24
C ALA C 667 -43.41 -22.78 20.86
N PHE C 668 -42.35 -22.54 20.09
CA PHE C 668 -41.00 -22.69 20.63
C PHE C 668 -40.73 -21.67 21.72
N LEU C 669 -41.25 -20.45 21.57
CA LEU C 669 -41.09 -19.45 22.62
C LEU C 669 -41.75 -19.90 23.91
N TYR C 670 -42.97 -20.45 23.82
CA TYR C 670 -43.66 -20.95 25.01
C TYR C 670 -42.90 -22.10 25.65
N LEU C 671 -42.40 -23.02 24.83
CA LEU C 671 -41.65 -24.15 25.38
C LEU C 671 -40.39 -23.68 26.08
N LEU C 672 -39.67 -22.72 25.48
CA LEU C 672 -38.48 -22.17 26.12
C LEU C 672 -38.82 -21.45 27.41
N VAL C 673 -39.96 -20.74 27.45
CA VAL C 673 -40.37 -20.08 28.68
C VAL C 673 -40.64 -21.10 29.77
N LYS C 674 -41.32 -22.20 29.44
CA LYS C 674 -41.55 -23.25 30.43
C LYS C 674 -40.23 -23.84 30.91
N TRP C 675 -39.30 -24.09 30.01
CA TRP C 675 -38.01 -24.66 30.41
C TRP C 675 -37.26 -23.70 31.32
N TYR C 676 -37.30 -22.40 31.03
CA TYR C 676 -36.70 -21.42 31.91
C TYR C 676 -37.37 -21.42 33.28
N LYS C 677 -38.70 -21.51 33.30
CA LYS C 677 -39.43 -21.57 34.56
C LYS C 677 -39.22 -22.88 35.30
N LYS C 678 -38.62 -23.89 34.68
CA LYS C 678 -38.36 -25.14 35.35
C LYS C 678 -36.92 -25.28 35.84
N TYR C 679 -35.98 -24.54 35.28
CA TYR C 679 -34.57 -24.72 35.59
C TYR C 679 -33.91 -23.51 36.22
N HIS C 680 -34.02 -22.33 35.62
CA HIS C 680 -33.12 -21.23 35.89
C HIS C 680 -33.66 -20.19 36.86
N ILE C 681 -34.88 -20.35 37.38
CA ILE C 681 -35.42 -19.33 38.29
C ILE C 681 -34.60 -19.16 39.56
N PRO C 682 -34.08 -20.23 40.24
CA PRO C 682 -33.30 -19.96 41.45
C PRO C 682 -32.01 -19.21 41.17
N ILE C 683 -31.17 -19.77 40.29
CA ILE C 683 -29.85 -19.24 40.01
C ILE C 683 -29.43 -19.70 38.61
N MET C 684 -28.86 -18.78 37.84
CA MET C 684 -28.27 -19.11 36.55
C MET C 684 -26.84 -19.58 36.74
N LYS C 685 -26.53 -20.76 36.20
CA LYS C 685 -25.17 -21.27 36.20
C LYS C 685 -25.08 -22.42 35.20
N LEU C 686 -23.90 -22.56 34.59
CA LEU C 686 -23.62 -23.62 33.64
C LEU C 686 -22.46 -24.45 34.16
N TYR C 687 -22.61 -25.78 34.07
CA TYR C 687 -21.62 -26.69 34.59
C TYR C 687 -20.91 -27.42 33.45
N PRO C 688 -19.58 -27.40 33.41
CA PRO C 688 -18.87 -28.06 32.31
C PRO C 688 -18.91 -29.58 32.43
N THR C 689 -18.68 -30.24 31.30
CA THR C 689 -18.59 -31.70 31.21
C THR C 689 -17.31 -32.05 30.48
N PRO C 690 -16.17 -32.03 31.17
CA PRO C 690 -14.89 -32.29 30.49
C PRO C 690 -14.54 -33.77 30.38
N GLU C 691 -15.50 -34.66 30.60
CA GLU C 691 -15.23 -36.08 30.54
C GLU C 691 -15.47 -36.69 29.15
N GLU C 692 -15.82 -35.88 28.16
CA GLU C 692 -16.08 -36.37 26.81
C GLU C 692 -14.98 -36.05 25.81
N ILE C 693 -14.15 -35.05 26.07
CA ILE C 693 -13.10 -34.68 25.13
C ILE C 693 -11.97 -35.69 25.23
N PRO C 694 -11.56 -36.32 24.12
CA PRO C 694 -10.47 -37.31 24.20
C PRO C 694 -9.16 -36.73 24.71
N ASP C 695 -8.85 -35.49 24.37
CA ASP C 695 -7.61 -34.88 24.84
C ASP C 695 -7.64 -34.64 26.34
N PHE C 696 -8.76 -34.13 26.85
CA PHE C 696 -8.87 -33.86 28.28
C PHE C 696 -8.97 -35.13 29.10
N ALA C 697 -9.39 -36.25 28.49
CA ALA C 697 -9.59 -37.47 29.24
C ALA C 697 -8.29 -37.98 29.86
N PHE C 698 -7.21 -37.96 29.09
CA PHE C 698 -5.93 -38.47 29.58
C PHE C 698 -5.39 -37.59 30.71
N TYR C 699 -5.47 -36.27 30.56
CA TYR C 699 -5.01 -35.36 31.60
C TYR C 699 -5.85 -35.50 32.86
N LEU C 700 -7.17 -35.65 32.71
CA LEU C 700 -8.03 -35.85 33.87
C LEU C 700 -7.73 -37.18 34.55
N LYS C 701 -7.42 -38.21 33.76
CA LYS C 701 -7.06 -39.51 34.33
C LYS C 701 -5.78 -39.41 35.14
N ILE C 702 -4.81 -38.63 34.65
CA ILE C 702 -3.62 -38.35 35.46
C ILE C 702 -4.02 -37.65 36.75
N GLY C 703 -4.84 -36.60 36.63
CA GLY C 703 -5.17 -35.80 37.81
C GLY C 703 -5.88 -36.58 38.88
N THR C 704 -6.80 -37.46 38.49
CA THR C 704 -7.53 -38.26 39.48
C THR C 704 -6.66 -39.35 40.07
N LEU C 705 -5.88 -40.03 39.24
CA LEU C 705 -5.09 -41.18 39.70
C LEU C 705 -3.71 -40.79 40.20
N LEU C 706 -2.99 -39.98 39.44
CA LEU C 706 -1.62 -39.61 39.77
C LEU C 706 -1.62 -38.27 40.51
N VAL C 707 -1.03 -38.24 41.71
CA VAL C 707 -0.93 -37.03 42.50
C VAL C 707 0.54 -36.75 42.77
N SER C 708 0.83 -35.49 43.06
CA SER C 708 2.20 -35.05 43.28
C SER C 708 2.59 -35.28 44.74
N SER C 709 3.75 -34.74 45.13
CA SER C 709 4.25 -34.87 46.49
C SER C 709 4.14 -33.55 47.24
N SER C 710 4.18 -33.65 48.57
CA SER C 710 4.10 -32.47 49.42
C SER C 710 4.95 -32.71 50.66
N VAL C 711 5.06 -31.67 51.49
CA VAL C 711 5.80 -31.76 52.74
C VAL C 711 5.12 -32.68 53.75
N LYS C 712 3.87 -33.06 53.52
CA LYS C 712 3.16 -33.95 54.42
C LYS C 712 3.64 -35.40 54.32
N HIS C 713 4.50 -35.71 53.34
CA HIS C 713 4.97 -37.08 53.12
C HIS C 713 6.20 -37.42 53.97
N ILE C 714 6.62 -36.53 54.86
CA ILE C 714 7.79 -36.81 55.69
C ILE C 714 7.59 -38.06 56.56
N PRO C 715 6.45 -38.26 57.23
CA PRO C 715 6.28 -39.50 58.00
C PRO C 715 6.33 -40.76 57.13
N LEU C 716 6.01 -40.64 55.85
CA LEU C 716 6.01 -41.76 54.92
C LEU C 716 7.37 -41.97 54.26
N MET C 717 8.39 -41.21 54.68
CA MET C 717 9.65 -41.15 53.95
C MET C 717 10.31 -42.52 53.89
N THR C 718 10.24 -43.30 54.97
CA THR C 718 10.87 -44.63 54.98
C THR C 718 10.28 -45.53 53.90
N ASP C 719 8.96 -45.60 53.81
CA ASP C 719 8.34 -46.39 52.75
C ASP C 719 8.64 -45.80 51.38
N LEU C 720 8.77 -44.48 51.29
CA LEU C 720 9.14 -43.85 50.02
C LEU C 720 10.49 -44.32 49.54
N SER C 721 11.48 -44.39 50.45
CA SER C 721 12.77 -44.96 50.09
C SER C 721 12.66 -46.44 49.79
N LYS C 722 11.75 -47.14 50.47
CA LYS C 722 11.54 -48.55 50.20
C LYS C 722 11.10 -48.77 48.76
N LYS C 723 10.17 -47.95 48.28
CA LYS C 723 9.76 -48.05 46.88
C LYS C 723 10.67 -47.29 45.93
N GLY C 724 11.36 -46.26 46.40
CA GLY C 724 12.31 -45.57 45.56
C GLY C 724 12.38 -44.07 45.71
N TYR C 725 11.38 -43.47 46.35
CA TYR C 725 11.32 -42.02 46.52
C TYR C 725 12.34 -41.61 47.58
N ILE C 726 13.57 -41.38 47.12
CA ILE C 726 14.65 -40.97 48.01
C ILE C 726 14.57 -39.47 48.25
N LEU C 727 14.78 -39.05 49.49
CA LEU C 727 14.69 -37.63 49.87
C LEU C 727 16.03 -36.92 49.60
N TYR C 728 16.42 -36.90 48.33
CA TYR C 728 17.60 -36.15 47.93
C TYR C 728 17.26 -34.67 47.83
N ASP C 729 18.14 -33.83 48.37
CA ASP C 729 17.96 -32.38 48.34
C ASP C 729 16.63 -31.95 48.96
N ASN C 730 16.19 -32.69 49.98
CA ASN C 730 14.93 -32.41 50.68
C ASN C 730 13.75 -32.43 49.72
N VAL C 731 13.71 -33.44 48.84
CA VAL C 731 12.59 -33.64 47.93
C VAL C 731 12.58 -35.10 47.54
N VAL C 732 11.37 -35.63 47.28
CA VAL C 732 11.23 -37.03 46.90
C VAL C 732 11.80 -37.23 45.51
N THR C 733 12.48 -38.35 45.30
CA THR C 733 13.14 -38.66 44.03
C THR C 733 12.88 -40.11 43.66
N LEU C 734 11.82 -40.34 42.88
CA LEU C 734 11.50 -41.69 42.40
C LEU C 734 12.19 -41.92 41.05
N PRO C 735 12.98 -42.97 40.91
CA PRO C 735 13.66 -43.21 39.63
C PRO C 735 12.67 -43.36 38.48
N LEU C 736 13.04 -42.81 37.32
CA LEU C 736 12.15 -42.86 36.15
C LEU C 736 11.92 -44.29 35.68
N THR C 737 12.83 -45.21 35.96
CA THR C 737 12.60 -46.61 35.60
C THR C 737 11.41 -47.17 36.37
N THR C 738 11.42 -47.00 37.70
CA THR C 738 10.30 -47.46 38.50
C THR C 738 9.02 -46.71 38.13
N PHE C 739 9.12 -45.39 37.91
CA PHE C 739 7.95 -44.60 37.59
C PHE C 739 7.33 -45.01 36.26
N GLN C 740 8.16 -45.27 35.25
CA GLN C 740 7.63 -45.71 33.96
C GLN C 740 7.08 -47.12 34.06
N GLN C 741 7.68 -47.98 34.87
CA GLN C 741 7.10 -49.30 35.08
C GLN C 741 5.71 -49.20 35.72
N LYS C 742 5.58 -48.32 36.72
CA LYS C 742 4.27 -48.10 37.35
C LYS C 742 3.25 -47.60 36.34
N ILE C 743 3.59 -46.55 35.59
CA ILE C 743 2.61 -45.99 34.67
C ILE C 743 2.28 -46.99 33.57
N SER C 744 3.26 -47.78 33.12
CA SER C 744 2.97 -48.78 32.10
C SER C 744 2.01 -49.84 32.63
N LYS C 745 2.17 -50.25 33.89
CA LYS C 745 1.27 -51.28 34.42
C LYS C 745 -0.12 -50.69 34.71
N TYR C 746 -0.21 -49.38 34.98
CA TYR C 746 -1.50 -48.74 35.16
C TYR C 746 -2.00 -48.03 33.90
N PHE C 747 -1.26 -47.05 33.40
CA PHE C 747 -1.66 -46.30 32.21
C PHE C 747 -1.28 -47.12 30.98
N ASN C 748 -2.28 -47.49 30.19
CA ASN C 748 -2.02 -48.35 29.03
C ASN C 748 -1.10 -47.64 28.04
N SER C 749 -0.01 -48.32 27.66
CA SER C 749 1.05 -47.68 26.88
C SER C 749 0.59 -47.42 25.45
N ARG C 750 -0.08 -48.40 24.83
CA ARG C 750 -0.42 -48.28 23.41
C ARG C 750 -1.40 -47.14 23.16
N LEU C 751 -2.30 -46.86 24.10
CA LEU C 751 -3.31 -45.84 23.88
C LEU C 751 -2.70 -44.44 23.77
N PHE C 752 -1.87 -44.06 24.73
CA PHE C 752 -1.33 -42.71 24.81
C PHE C 752 0.16 -42.73 25.13
N GLY C 753 0.92 -43.52 24.37
CA GLY C 753 2.36 -43.56 24.56
C GLY C 753 3.02 -42.23 24.34
N HIS C 754 2.62 -41.52 23.28
CA HIS C 754 3.18 -40.20 23.02
C HIS C 754 2.85 -39.22 24.14
N ASP C 755 1.62 -39.27 24.65
CA ASP C 755 1.25 -38.40 25.76
C ASP C 755 2.01 -38.76 27.03
N ILE C 756 2.27 -40.04 27.25
CA ILE C 756 3.07 -40.47 28.40
C ILE C 756 4.50 -39.95 28.27
N GLU C 757 5.06 -40.02 27.07
CA GLU C 757 6.39 -39.47 26.84
C GLU C 757 6.41 -37.96 27.07
N SER C 758 5.35 -37.27 26.64
CA SER C 758 5.25 -35.83 26.90
C SER C 758 5.19 -35.54 28.39
N PHE C 759 4.45 -36.37 29.13
CA PHE C 759 4.42 -36.23 30.59
C PHE C 759 5.81 -36.42 31.18
N ILE C 760 6.54 -37.44 30.70
CA ILE C 760 7.87 -37.72 31.24
C ILE C 760 8.81 -36.56 30.96
N ASN C 761 8.79 -36.05 29.73
CA ASN C 761 9.73 -35.01 29.32
C ASN C 761 9.31 -33.62 29.76
N ARG C 762 8.07 -33.43 30.19
CA ARG C 762 7.62 -32.11 30.62
C ARG C 762 8.20 -31.78 32.00
N HIS C 763 7.81 -32.56 33.02
CA HIS C 763 8.28 -32.33 34.38
C HIS C 763 9.48 -33.20 34.71
N LYS C 764 10.34 -33.46 33.73
CA LYS C 764 11.52 -34.28 33.97
C LYS C 764 12.48 -33.59 34.93
N LYS C 765 13.03 -34.37 35.85
CA LYS C 765 14.09 -33.92 36.73
C LYS C 765 15.07 -35.06 36.97
N PHE C 766 16.30 -34.70 37.28
CA PHE C 766 17.34 -35.64 37.65
C PHE C 766 17.84 -35.28 39.05
N ALA C 767 17.86 -36.26 39.95
CA ALA C 767 18.47 -36.02 41.25
C ALA C 767 19.98 -36.01 41.15
N ASN C 768 20.55 -36.97 40.42
CA ASN C 768 21.98 -37.02 40.16
C ASN C 768 22.17 -37.69 38.80
N VAL C 769 23.38 -38.18 38.54
CA VAL C 769 23.68 -38.80 37.26
C VAL C 769 22.81 -40.02 37.01
N SER C 770 22.39 -40.71 38.06
CA SER C 770 21.62 -41.94 37.91
C SER C 770 20.44 -41.97 38.88
N ASP C 771 19.81 -40.83 39.12
CA ASP C 771 18.63 -40.75 39.96
C ASP C 771 17.59 -39.81 39.36
N GLU C 772 17.40 -39.90 38.04
CA GLU C 772 16.37 -39.11 37.37
C GLU C 772 15.01 -39.37 38.00
N TYR C 773 14.28 -38.29 38.28
CA TYR C 773 13.11 -38.41 39.15
C TYR C 773 12.01 -37.44 38.76
N LEU C 774 10.80 -37.77 39.20
CA LEU C 774 9.65 -36.88 39.17
C LEU C 774 8.98 -36.94 40.55
N GLN C 775 8.62 -35.78 41.08
CA GLN C 775 8.11 -35.71 42.45
C GLN C 775 6.61 -36.02 42.50
N TYR C 776 6.22 -37.11 41.85
CA TYR C 776 4.82 -37.55 41.80
C TYR C 776 4.72 -38.92 42.44
N ILE C 777 3.83 -39.06 43.43
CA ILE C 777 3.64 -40.30 44.15
C ILE C 777 2.26 -40.85 43.81
N PHE C 778 2.24 -42.06 43.26
CA PHE C 778 1.00 -42.68 42.81
C PHE C 778 0.18 -43.11 44.04
N ILE C 779 -1.15 -43.04 43.91
CA ILE C 779 -2.02 -42.96 45.08
C ILE C 779 -1.93 -44.19 46.00
N GLU C 780 -1.58 -45.36 45.48
CA GLU C 780 -1.39 -46.49 46.37
C GLU C 780 -0.08 -46.37 47.16
N ASP C 781 0.83 -45.52 46.71
CA ASP C 781 2.06 -45.25 47.43
C ASP C 781 1.91 -44.12 48.45
N ILE C 782 1.01 -43.16 48.20
CA ILE C 782 0.76 -42.13 49.19
C ILE C 782 0.08 -42.72 50.42
N SER C 783 -0.68 -43.80 50.24
CA SER C 783 -1.24 -44.53 51.37
C SER C 783 -0.12 -45.24 52.11
N SER C 784 -0.08 -45.06 53.43
CA SER C 784 1.02 -45.61 54.22
C SER C 784 0.91 -47.13 54.29
N PRO C 785 1.93 -47.88 53.84
CA PRO C 785 1.95 -49.34 53.91
C PRO C 785 2.69 -49.85 55.14
N LEU D 321 -55.08 25.70 8.18
CA LEU D 321 -53.77 26.33 8.26
C LEU D 321 -52.67 25.35 7.83
N ASP D 322 -52.56 25.15 6.52
CA ASP D 322 -51.52 24.26 5.99
C ASP D 322 -50.14 24.84 6.25
N GLY D 323 -49.20 23.97 6.58
CA GLY D 323 -47.86 24.40 6.92
C GLY D 323 -46.92 24.44 5.73
N ASN D 324 -45.76 23.80 5.86
CA ASN D 324 -44.77 23.79 4.79
C ASN D 324 -45.32 23.10 3.55
N LYS D 325 -45.13 23.73 2.40
CA LYS D 325 -45.51 23.10 1.14
C LYS D 325 -44.63 21.89 0.85
N LEU D 326 -43.34 21.99 1.14
CA LEU D 326 -42.43 20.88 0.90
C LEU D 326 -42.77 19.68 1.77
N PHE D 327 -43.19 19.93 3.01
CA PHE D 327 -43.60 18.83 3.88
C PHE D 327 -44.84 18.13 3.32
N ASN D 328 -45.80 18.89 2.81
CA ASN D 328 -46.98 18.28 2.20
C ASN D 328 -46.60 17.47 0.97
N ILE D 329 -45.67 17.99 0.16
CA ILE D 329 -45.21 17.24 -1.01
C ILE D 329 -44.56 15.93 -0.57
N ALA D 330 -43.72 15.99 0.45
CA ALA D 330 -43.04 14.78 0.93
C ALA D 330 -44.05 13.78 1.49
N GLN D 331 -45.07 14.26 2.19
CA GLN D 331 -46.11 13.35 2.69
C GLN D 331 -46.84 12.68 1.54
N ARG D 332 -47.16 13.46 0.49
CA ARG D 332 -47.83 12.87 -0.67
C ARG D 332 -46.95 11.83 -1.34
N ILE D 333 -45.65 12.10 -1.45
CA ILE D 333 -44.73 11.12 -2.04
C ILE D 333 -44.70 9.85 -1.20
N LEU D 334 -44.64 10.01 0.13
CA LEU D 334 -44.55 8.86 1.01
C LEU D 334 -45.83 8.02 0.99
N ASP D 335 -46.98 8.66 0.79
CA ASP D 335 -48.25 7.93 0.83
C ASP D 335 -48.39 6.93 -0.30
N THR D 336 -47.57 7.04 -1.35
CA THR D 336 -47.67 6.14 -2.49
C THR D 336 -46.90 4.83 -2.30
N ASN D 337 -46.18 4.69 -1.19
CA ASN D 337 -45.39 3.49 -0.90
C ASN D 337 -44.41 3.17 -2.02
N SER D 338 -43.72 4.21 -2.51
CA SER D 338 -42.74 4.04 -3.58
C SER D 338 -41.32 3.91 -3.08
N VAL D 339 -41.03 4.31 -1.84
CA VAL D 339 -39.70 4.21 -1.27
C VAL D 339 -39.79 3.45 0.04
N LEU D 340 -38.89 2.48 0.23
CA LEU D 340 -38.92 1.62 1.40
C LEU D 340 -37.52 1.48 1.99
N LEU D 341 -37.48 1.10 3.26
CA LEU D 341 -36.23 0.91 3.99
C LEU D 341 -36.03 -0.57 4.26
N THR D 342 -34.82 -1.06 3.95
CA THR D 342 -34.48 -2.46 4.11
C THR D 342 -33.66 -2.65 5.39
N GLU D 343 -33.79 -3.83 5.99
CA GLU D 343 -33.11 -4.11 7.25
C GLU D 343 -31.59 -3.98 7.13
N ARG D 344 -31.03 -4.11 5.94
CA ARG D 344 -29.61 -3.89 5.76
C ARG D 344 -29.23 -2.42 5.77
N GLY D 345 -30.20 -1.51 5.78
CA GLY D 345 -29.93 -0.10 5.90
C GLY D 345 -29.92 0.69 4.61
N ASP D 346 -30.37 0.11 3.50
CA ASP D 346 -30.39 0.78 2.22
C ASP D 346 -31.82 1.02 1.77
N HIS D 347 -32.06 2.16 1.13
CA HIS D 347 -33.38 2.53 0.66
C HIS D 347 -33.59 2.03 -0.76
N ILE D 348 -34.80 1.51 -1.02
CA ILE D 348 -35.16 0.99 -2.33
C ILE D 348 -36.31 1.83 -2.88
N VAL D 349 -36.17 2.26 -4.12
CA VAL D 349 -37.18 3.08 -4.78
C VAL D 349 -37.82 2.27 -5.90
N TRP D 350 -38.91 2.80 -6.45
CA TRP D 350 -39.72 2.13 -7.46
C TRP D 350 -39.79 3.02 -8.70
N ILE D 351 -38.92 2.77 -9.67
CA ILE D 351 -38.88 3.53 -10.91
C ILE D 351 -38.98 2.56 -12.07
N ASN D 352 -39.85 2.87 -13.04
CA ASN D 352 -39.95 2.13 -14.30
C ASN D 352 -40.22 0.65 -14.06
N ASN D 353 -41.22 0.36 -13.21
CA ASN D 353 -41.66 -1.01 -12.94
C ASN D 353 -40.52 -1.87 -12.41
N SER D 354 -39.70 -1.32 -11.54
CA SER D 354 -38.59 -2.08 -10.96
C SER D 354 -38.20 -1.46 -9.62
N TRP D 355 -37.63 -2.28 -8.76
CA TRP D 355 -37.07 -1.85 -7.49
C TRP D 355 -35.57 -1.71 -7.65
N LYS D 356 -35.05 -0.50 -7.45
CA LYS D 356 -33.63 -0.22 -7.60
C LYS D 356 -33.06 0.26 -6.28
N PHE D 357 -31.78 -0.02 -6.06
CA PHE D 357 -31.06 0.48 -4.90
C PHE D 357 -29.59 0.61 -5.24
N ASN D 358 -28.96 1.64 -4.69
CA ASN D 358 -27.54 1.87 -4.90
C ASN D 358 -27.02 2.76 -3.78
N SER D 359 -25.90 2.37 -3.17
CA SER D 359 -25.35 3.11 -2.04
C SER D 359 -24.59 4.35 -2.45
N GLU D 360 -24.33 4.55 -3.74
CA GLU D 360 -23.51 5.65 -4.21
C GLU D 360 -24.26 6.63 -5.11
N GLU D 361 -25.57 6.46 -5.27
CA GLU D 361 -26.34 7.36 -6.11
C GLU D 361 -27.55 7.88 -5.37
N PRO D 362 -28.00 9.10 -5.69
CA PRO D 362 -29.20 9.68 -5.04
C PRO D 362 -30.50 9.25 -5.72
N LEU D 363 -30.91 8.02 -5.44
CA LEU D 363 -32.10 7.49 -6.09
C LEU D 363 -33.37 8.19 -5.63
N ILE D 364 -33.37 8.73 -4.41
CA ILE D 364 -34.55 9.42 -3.92
C ILE D 364 -34.84 10.67 -4.75
N THR D 365 -33.81 11.43 -5.09
CA THR D 365 -33.99 12.60 -5.92
C THR D 365 -34.49 12.21 -7.31
N LYS D 366 -33.98 11.11 -7.86
CA LYS D 366 -34.48 10.63 -9.15
C LYS D 366 -35.97 10.29 -9.06
N LEU D 367 -36.37 9.62 -7.98
CA LEU D 367 -37.79 9.30 -7.80
C LEU D 367 -38.62 10.56 -7.72
N ILE D 368 -38.16 11.56 -6.95
CA ILE D 368 -38.90 12.79 -6.79
C ILE D 368 -39.06 13.49 -8.12
N LEU D 369 -37.99 13.56 -8.92
CA LEU D 369 -38.08 14.18 -10.23
C LEU D 369 -39.00 13.41 -11.16
N SER D 370 -38.95 12.08 -11.11
CA SER D 370 -39.68 11.28 -12.09
C SER D 370 -41.18 11.30 -11.83
N ILE D 371 -41.60 11.19 -10.57
CA ILE D 371 -43.02 11.04 -10.28
C ILE D 371 -43.65 12.40 -10.04
N ARG D 372 -42.95 13.47 -10.43
CA ARG D 372 -43.49 14.82 -10.31
C ARG D 372 -44.76 15.00 -11.12
N HIS D 373 -44.90 14.28 -12.23
CA HIS D 373 -46.01 14.52 -13.16
C HIS D 373 -47.36 14.24 -12.49
N GLN D 374 -47.46 13.14 -11.74
CA GLN D 374 -48.75 12.77 -11.17
C GLN D 374 -49.18 13.66 -10.02
N LEU D 375 -48.30 14.50 -9.51
CA LEU D 375 -48.65 15.45 -8.46
C LEU D 375 -49.46 16.61 -9.02
N PRO D 376 -50.20 17.32 -8.18
CA PRO D 376 -50.91 18.52 -8.65
C PRO D 376 -49.95 19.56 -9.19
N LYS D 377 -50.44 20.35 -10.14
CA LYS D 377 -49.56 21.23 -10.93
C LYS D 377 -48.94 22.36 -10.12
N GLU D 378 -49.38 22.60 -8.89
CA GLU D 378 -48.74 23.62 -8.06
C GLU D 378 -47.44 23.14 -7.43
N TYR D 379 -47.09 21.87 -7.58
CA TYR D 379 -45.91 21.30 -6.95
C TYR D 379 -44.77 20.99 -7.90
N SER D 380 -45.05 20.83 -9.20
CA SER D 380 -43.99 20.53 -10.15
C SER D 380 -42.98 21.67 -10.24
N SER D 381 -43.46 22.91 -10.22
CA SER D 381 -42.55 24.05 -10.29
C SER D 381 -41.61 24.06 -9.09
N GLU D 382 -42.12 23.75 -7.91
CA GLU D 382 -41.25 23.61 -6.75
C GLU D 382 -40.27 22.46 -6.93
N LEU D 383 -40.74 21.33 -7.46
CA LEU D 383 -39.89 20.17 -7.64
C LEU D 383 -38.82 20.37 -8.70
N LEU D 384 -38.91 21.42 -9.53
CA LEU D 384 -37.88 21.66 -10.53
C LEU D 384 -36.53 21.98 -9.91
N CYS D 385 -36.51 22.82 -8.88
CA CYS D 385 -35.24 23.28 -8.31
C CYS D 385 -34.59 22.18 -7.48
N PRO D 386 -33.29 21.90 -7.69
CA PRO D 386 -32.64 20.81 -6.94
C PRO D 386 -32.62 20.99 -5.44
N ARG D 387 -32.54 22.24 -4.94
CA ARG D 387 -32.51 22.46 -3.50
C ARG D 387 -33.83 22.00 -2.86
N LYS D 388 -34.95 22.27 -3.52
CA LYS D 388 -36.23 21.80 -3.02
C LYS D 388 -36.27 20.27 -2.99
N ARG D 389 -35.70 19.63 -4.02
CA ARG D 389 -35.64 18.18 -4.03
C ARG D 389 -34.80 17.65 -2.88
N LYS D 390 -33.69 18.33 -2.56
CA LYS D 390 -32.87 17.91 -1.43
C LYS D 390 -33.63 18.04 -0.12
N THR D 391 -34.36 19.13 0.07
CA THR D 391 -35.15 19.29 1.28
C THR D 391 -36.24 18.23 1.39
N VAL D 392 -36.90 17.93 0.26
CA VAL D 392 -37.93 16.89 0.28
C VAL D 392 -37.31 15.53 0.62
N GLU D 393 -36.12 15.26 0.08
CA GLU D 393 -35.44 14.02 0.43
C GLU D 393 -35.11 13.96 1.91
N ALA D 394 -34.69 15.08 2.49
CA ALA D 394 -34.42 15.11 3.93
C ALA D 394 -35.68 14.80 4.72
N ASN D 395 -36.81 15.40 4.33
CA ASN D 395 -38.07 15.12 5.01
C ASN D 395 -38.44 13.64 4.90
N ILE D 396 -38.29 13.06 3.70
CA ILE D 396 -38.63 11.65 3.49
C ILE D 396 -37.74 10.77 4.35
N ARG D 397 -36.45 11.06 4.40
CA ARG D 397 -35.54 10.28 5.23
C ARG D 397 -35.92 10.39 6.70
N ASP D 398 -36.36 11.57 7.13
CA ASP D 398 -36.79 11.72 8.51
C ASP D 398 -38.05 10.91 8.81
N MET D 399 -38.95 10.81 7.84
CA MET D 399 -40.23 10.14 8.09
C MET D 399 -40.14 8.62 8.12
N LEU D 400 -39.14 8.02 7.47
CA LEU D 400 -39.05 6.56 7.41
C LEU D 400 -38.46 6.04 8.72
N VAL D 401 -39.19 5.15 9.38
CA VAL D 401 -38.78 4.67 10.70
C VAL D 401 -38.87 3.15 10.79
N ASP D 402 -39.53 2.52 9.83
CA ASP D 402 -39.75 1.08 9.86
C ASP D 402 -38.91 0.38 8.81
N SER D 403 -38.83 -0.94 8.93
CA SER D 403 -38.08 -1.79 8.02
C SER D 403 -38.95 -2.89 7.48
N VAL D 404 -38.64 -3.34 6.26
CA VAL D 404 -39.38 -4.41 5.60
C VAL D 404 -38.39 -5.40 5.02
N GLU D 405 -38.89 -6.60 4.73
CA GLU D 405 -38.08 -7.68 4.17
C GLU D 405 -38.37 -7.83 2.68
N THR D 406 -37.33 -8.18 1.93
CA THR D 406 -37.41 -8.28 0.48
C THR D 406 -37.02 -9.69 0.03
N ASP D 407 -37.44 -10.02 -1.19
CA ASP D 407 -37.12 -11.30 -1.83
C ASP D 407 -37.62 -12.48 -0.98
N THR D 408 -38.94 -12.53 -0.81
CA THR D 408 -39.57 -13.60 -0.06
C THR D 408 -40.33 -14.59 -0.94
N TYR D 409 -40.39 -14.34 -2.25
CA TYR D 409 -41.07 -15.26 -3.16
C TYR D 409 -40.03 -15.98 -4.01
N PRO D 410 -39.86 -17.29 -3.85
CA PRO D 410 -38.81 -18.01 -4.58
C PRO D 410 -39.23 -18.55 -5.95
N ASP D 411 -40.37 -18.14 -6.49
CA ASP D 411 -40.86 -18.66 -7.77
C ASP D 411 -41.28 -17.54 -8.71
N LYS D 412 -40.66 -16.37 -8.58
CA LYS D 412 -40.92 -15.25 -9.47
C LYS D 412 -39.62 -14.82 -10.13
N LEU D 413 -39.69 -14.56 -11.44
CA LEU D 413 -38.51 -14.12 -12.19
C LEU D 413 -38.64 -12.63 -12.51
N PRO D 414 -37.83 -11.77 -11.91
CA PRO D 414 -37.97 -10.33 -12.18
C PRO D 414 -37.17 -9.87 -13.39
N PHE D 415 -37.80 -9.09 -14.26
CA PHE D 415 -37.16 -8.51 -15.43
C PHE D 415 -37.05 -7.00 -15.22
N LYS D 416 -36.59 -6.30 -16.26
CA LYS D 416 -36.45 -4.85 -16.18
C LYS D 416 -37.77 -4.13 -16.17
N ASN D 417 -38.85 -4.77 -16.62
CA ASN D 417 -40.14 -4.09 -16.72
C ASN D 417 -41.30 -4.98 -16.27
N GLY D 418 -41.08 -5.86 -15.32
CA GLY D 418 -42.15 -6.68 -14.81
C GLY D 418 -41.63 -7.88 -14.05
N VAL D 419 -42.55 -8.77 -13.71
CA VAL D 419 -42.25 -10.00 -13.00
C VAL D 419 -43.01 -11.13 -13.66
N LEU D 420 -42.29 -12.21 -14.00
CA LEU D 420 -42.89 -13.39 -14.61
C LEU D 420 -43.16 -14.43 -13.55
N ASP D 421 -44.38 -14.98 -13.56
CA ASP D 421 -44.79 -16.00 -12.59
C ASP D 421 -44.50 -17.37 -13.19
N LEU D 422 -43.58 -18.10 -12.58
CA LEU D 422 -43.16 -19.39 -13.13
C LEU D 422 -44.27 -20.43 -13.04
N VAL D 423 -45.19 -20.28 -12.08
CA VAL D 423 -46.23 -21.28 -11.90
C VAL D 423 -47.19 -21.29 -13.09
N ASP D 424 -47.60 -20.12 -13.56
CA ASP D 424 -48.57 -20.02 -14.64
C ASP D 424 -48.01 -19.50 -15.95
N GLY D 425 -46.85 -18.83 -15.92
CA GLY D 425 -46.33 -18.18 -17.11
C GLY D 425 -46.90 -16.81 -17.38
N MET D 426 -47.78 -16.31 -16.53
CA MET D 426 -48.34 -14.98 -16.70
C MET D 426 -47.29 -13.92 -16.36
N PHE D 427 -47.34 -12.80 -17.08
CA PHE D 427 -46.41 -11.69 -16.91
C PHE D 427 -47.17 -10.51 -16.32
N TYR D 428 -46.67 -9.97 -15.21
CA TYR D 428 -47.31 -8.87 -14.52
C TYR D 428 -46.46 -7.61 -14.67
N SER D 429 -47.11 -6.50 -15.05
CA SER D 429 -46.44 -5.21 -15.18
C SER D 429 -47.27 -4.16 -14.46
N GLY D 430 -46.62 -3.37 -13.61
CA GLY D 430 -47.31 -2.32 -12.89
C GLY D 430 -47.44 -2.61 -11.40
N ASP D 431 -48.53 -2.13 -10.80
CA ASP D 431 -48.71 -2.29 -9.36
C ASP D 431 -48.92 -3.75 -8.97
N ASP D 432 -49.40 -4.57 -9.90
CA ASP D 432 -49.53 -6.00 -9.61
C ASP D 432 -48.18 -6.64 -9.39
N ALA D 433 -47.17 -6.24 -10.17
CA ALA D 433 -45.81 -6.70 -9.95
C ALA D 433 -45.12 -6.01 -8.78
N LYS D 434 -45.73 -4.95 -8.23
CA LYS D 434 -45.12 -4.21 -7.14
C LYS D 434 -45.16 -4.97 -5.83
N LYS D 435 -46.08 -5.92 -5.67
CA LYS D 435 -46.22 -6.64 -4.41
C LYS D 435 -44.95 -7.43 -4.08
N TYR D 436 -44.40 -8.13 -5.06
CA TYR D 436 -43.21 -8.94 -4.86
C TYR D 436 -42.00 -8.02 -4.88
N THR D 437 -41.48 -7.70 -3.69
CA THR D 437 -40.36 -6.78 -3.56
C THR D 437 -39.07 -7.50 -3.92
N CYS D 438 -38.79 -7.55 -5.22
CA CYS D 438 -37.57 -8.16 -5.74
C CYS D 438 -36.57 -7.05 -6.06
N THR D 439 -35.42 -7.09 -5.39
CA THR D 439 -34.40 -6.05 -5.54
C THR D 439 -33.38 -6.39 -6.62
N VAL D 440 -33.56 -7.49 -7.34
CA VAL D 440 -32.67 -7.86 -8.44
C VAL D 440 -33.52 -8.08 -9.68
N SER D 441 -32.84 -8.10 -10.83
CA SER D 441 -33.53 -8.27 -12.09
C SER D 441 -32.55 -8.80 -13.13
N THR D 442 -33.08 -9.29 -14.24
CA THR D 442 -32.24 -9.80 -15.31
C THR D 442 -31.55 -8.69 -16.10
N GLY D 443 -31.98 -7.45 -15.94
CA GLY D 443 -31.32 -6.32 -16.58
C GLY D 443 -31.85 -5.97 -17.96
N PHE D 444 -32.73 -6.79 -18.53
CA PHE D 444 -33.32 -6.50 -19.83
C PHE D 444 -34.84 -6.69 -19.75
N LYS D 445 -35.55 -5.95 -20.58
CA LYS D 445 -37.01 -5.98 -20.56
C LYS D 445 -37.54 -7.22 -21.26
N PHE D 446 -38.59 -7.80 -20.70
CA PHE D 446 -39.20 -8.99 -21.26
C PHE D 446 -39.89 -8.66 -22.59
N ASP D 447 -39.70 -9.55 -23.57
CA ASP D 447 -40.28 -9.38 -24.90
C ASP D 447 -41.13 -10.61 -25.20
N ASP D 448 -42.45 -10.47 -25.05
CA ASP D 448 -43.34 -11.60 -25.21
C ASP D 448 -43.45 -12.06 -26.67
N THR D 449 -43.11 -11.19 -27.63
CA THR D 449 -43.18 -11.59 -29.03
C THR D 449 -42.20 -12.72 -29.32
N LYS D 450 -40.97 -12.63 -28.81
CA LYS D 450 -39.98 -13.68 -29.00
C LYS D 450 -40.17 -14.86 -28.07
N PHE D 451 -40.98 -14.72 -27.02
CA PHE D 451 -41.24 -15.81 -26.08
C PHE D 451 -42.30 -16.75 -26.64
N VAL D 452 -41.96 -17.38 -27.76
CA VAL D 452 -42.88 -18.24 -28.49
C VAL D 452 -42.25 -19.62 -28.65
N GLU D 453 -43.11 -20.63 -28.74
CA GLU D 453 -42.62 -22.01 -28.82
C GLU D 453 -41.99 -22.30 -30.18
N ASP D 454 -42.57 -21.80 -31.26
CA ASP D 454 -42.18 -22.16 -32.61
C ASP D 454 -41.42 -21.00 -33.26
N SER D 455 -40.19 -21.27 -33.69
CA SER D 455 -39.34 -20.31 -34.38
C SER D 455 -38.13 -21.06 -34.96
N PRO D 456 -37.57 -20.59 -36.08
CA PRO D 456 -36.38 -21.27 -36.62
C PRO D 456 -35.22 -21.30 -35.64
N GLU D 457 -35.03 -20.22 -34.88
CA GLU D 457 -33.99 -20.20 -33.87
C GLU D 457 -34.26 -21.23 -32.79
N MET D 458 -35.53 -21.46 -32.45
CA MET D 458 -35.85 -22.51 -31.48
C MET D 458 -35.45 -23.88 -31.99
N GLU D 459 -35.72 -24.17 -33.26
CA GLU D 459 -35.32 -25.45 -33.84
C GLU D 459 -33.80 -25.59 -33.87
N GLU D 460 -33.10 -24.51 -34.23
CA GLU D 460 -31.64 -24.55 -34.24
C GLU D 460 -31.09 -24.80 -32.85
N LEU D 461 -31.66 -24.14 -31.83
CA LEU D 461 -31.21 -24.35 -30.46
C LEU D 461 -31.51 -25.77 -30.00
N MET D 462 -32.66 -26.32 -30.39
CA MET D 462 -32.98 -27.69 -30.03
C MET D 462 -31.99 -28.66 -30.65
N ASN D 463 -31.61 -28.42 -31.91
CA ASN D 463 -30.61 -29.27 -32.55
C ASN D 463 -29.27 -29.16 -31.83
N ILE D 464 -28.88 -27.95 -31.45
CA ILE D 464 -27.61 -27.75 -30.74
C ILE D 464 -27.63 -28.51 -29.41
N ILE D 465 -28.72 -28.39 -28.67
CA ILE D 465 -28.83 -29.07 -27.38
C ILE D 465 -28.78 -30.57 -27.54
N ASN D 466 -29.48 -31.10 -28.55
CA ASN D 466 -29.45 -32.53 -28.80
C ASN D 466 -28.04 -32.99 -29.17
N ASP D 467 -27.30 -32.16 -29.91
CA ASP D 467 -25.92 -32.49 -30.21
C ASP D 467 -25.07 -32.51 -28.95
N ILE D 468 -25.28 -31.56 -28.05
CA ILE D 468 -24.50 -31.52 -26.81
C ILE D 468 -24.80 -32.74 -25.96
N GLN D 469 -26.08 -33.04 -25.75
CA GLN D 469 -26.51 -34.20 -24.98
C GLN D 469 -27.45 -35.05 -25.82
N PRO D 470 -26.99 -36.16 -26.38
CA PRO D 470 -27.85 -36.98 -27.22
C PRO D 470 -29.02 -37.55 -26.44
N LEU D 471 -30.16 -37.69 -27.12
CA LEU D 471 -31.34 -38.30 -26.53
C LEU D 471 -31.25 -39.82 -26.60
N THR D 472 -30.14 -40.37 -26.12
CA THR D 472 -29.89 -41.80 -26.13
C THR D 472 -30.13 -42.36 -24.73
N ASP D 473 -30.75 -43.54 -24.68
CA ASP D 473 -31.13 -44.11 -23.39
C ASP D 473 -29.93 -44.30 -22.46
N GLU D 474 -28.75 -44.57 -23.03
CA GLU D 474 -27.54 -44.70 -22.21
C GLU D 474 -27.27 -43.42 -21.43
N ASN D 475 -27.51 -42.27 -22.05
CA ASN D 475 -27.38 -40.99 -21.39
C ASN D 475 -28.70 -40.50 -20.79
N LYS D 476 -29.77 -41.27 -20.94
CA LYS D 476 -31.12 -40.79 -20.64
C LYS D 476 -31.19 -40.10 -19.28
N LYS D 477 -30.94 -40.86 -18.21
CA LYS D 477 -31.04 -40.29 -16.88
C LYS D 477 -30.08 -39.12 -16.72
N ASN D 478 -28.86 -39.26 -17.25
CA ASN D 478 -27.91 -38.15 -17.19
C ASN D 478 -28.50 -36.90 -17.84
N ARG D 479 -29.09 -37.08 -19.02
CA ARG D 479 -29.75 -35.96 -19.70
C ARG D 479 -30.76 -35.30 -18.77
N GLU D 480 -31.56 -36.11 -18.09
CA GLU D 480 -32.54 -35.57 -17.15
C GLU D 480 -31.86 -34.70 -16.10
N LEU D 481 -30.78 -35.22 -15.51
CA LEU D 481 -30.03 -34.43 -14.55
C LEU D 481 -29.52 -33.15 -15.20
N TYR D 482 -29.01 -33.26 -16.42
CA TYR D 482 -28.51 -32.08 -17.13
C TYR D 482 -29.61 -31.02 -17.26
N GLU D 483 -30.86 -31.45 -17.41
CA GLU D 483 -31.95 -30.48 -17.44
C GLU D 483 -32.18 -29.91 -16.05
N LYS D 484 -32.27 -30.78 -15.04
CA LYS D 484 -32.78 -30.36 -13.74
C LYS D 484 -31.93 -29.24 -13.16
N THR D 485 -30.61 -29.45 -13.11
CA THR D 485 -29.70 -28.44 -12.58
C THR D 485 -29.94 -27.10 -13.27
N LEU D 486 -30.07 -27.11 -14.60
CA LEU D 486 -30.26 -25.86 -15.31
C LEU D 486 -31.55 -25.18 -14.88
N SER D 487 -32.63 -25.94 -14.74
CA SER D 487 -33.89 -25.36 -14.27
C SER D 487 -33.73 -24.79 -12.87
N SER D 488 -32.84 -25.39 -12.06
CA SER D 488 -32.63 -24.89 -10.71
C SER D 488 -32.06 -23.48 -10.71
N CYS D 489 -31.55 -23.01 -11.84
CA CYS D 489 -31.06 -21.64 -11.91
C CYS D 489 -32.18 -20.62 -11.91
N LEU D 490 -33.43 -21.04 -12.05
CA LEU D 490 -34.55 -20.10 -12.02
C LEU D 490 -35.13 -19.91 -10.63
N CYS D 491 -35.12 -20.95 -9.79
CA CYS D 491 -35.71 -20.85 -8.47
C CYS D 491 -34.87 -19.95 -7.56
N GLY D 492 -35.54 -19.13 -6.77
CA GLY D 492 -34.90 -18.18 -5.89
C GLY D 492 -34.64 -18.67 -4.48
N ALA D 493 -34.86 -19.94 -4.19
CA ALA D 493 -34.62 -20.48 -2.87
C ALA D 493 -33.15 -20.86 -2.73
N THR D 494 -32.81 -21.58 -1.67
CA THR D 494 -31.45 -22.04 -1.44
C THR D 494 -31.34 -23.52 -1.79
N LYS D 495 -30.27 -23.88 -2.48
CA LYS D 495 -30.03 -25.25 -2.89
C LYS D 495 -29.05 -25.93 -1.95
N GLY D 496 -29.09 -27.26 -1.94
CA GLY D 496 -28.27 -28.02 -1.02
C GLY D 496 -27.34 -29.02 -1.67
N CYS D 497 -26.81 -28.69 -2.85
CA CYS D 497 -25.89 -29.59 -3.53
C CYS D 497 -25.08 -28.78 -4.53
N LEU D 498 -23.93 -29.34 -4.92
CA LEU D 498 -23.07 -28.75 -5.92
C LEU D 498 -22.94 -29.70 -7.10
N THR D 499 -22.76 -29.12 -8.29
CA THR D 499 -22.70 -29.88 -9.53
C THR D 499 -21.38 -29.62 -10.23
N PHE D 500 -20.80 -30.67 -10.79
CA PHE D 500 -19.54 -30.60 -11.51
C PHE D 500 -19.77 -30.92 -12.97
N PHE D 501 -19.34 -30.02 -13.86
CA PHE D 501 -19.38 -30.27 -15.30
C PHE D 501 -18.06 -30.92 -15.68
N PHE D 502 -18.07 -32.24 -15.85
CA PHE D 502 -16.87 -33.00 -16.12
C PHE D 502 -16.88 -33.49 -17.55
N GLY D 503 -15.78 -33.27 -18.26
CA GLY D 503 -15.66 -33.71 -19.64
C GLY D 503 -14.30 -33.36 -20.18
N GLU D 504 -14.05 -33.81 -21.41
CA GLU D 504 -12.79 -33.56 -22.09
C GLU D 504 -12.86 -32.22 -22.82
N THR D 505 -11.79 -31.90 -23.54
CA THR D 505 -11.74 -30.66 -24.30
C THR D 505 -12.73 -30.70 -25.47
N ALA D 506 -13.28 -29.54 -25.79
CA ALA D 506 -14.22 -29.38 -26.90
C ALA D 506 -15.42 -30.30 -26.76
N THR D 507 -16.13 -30.12 -25.63
CA THR D 507 -17.33 -30.89 -25.36
C THR D 507 -18.57 -30.03 -25.16
N GLY D 508 -18.43 -28.70 -25.11
CA GLY D 508 -19.57 -27.82 -25.07
C GLY D 508 -19.96 -27.27 -23.71
N LYS D 509 -19.14 -27.47 -22.68
CA LYS D 509 -19.45 -26.89 -21.38
C LYS D 509 -19.46 -25.37 -21.43
N SER D 510 -18.47 -24.78 -22.10
CA SER D 510 -18.40 -23.33 -22.20
C SER D 510 -19.60 -22.77 -22.95
N THR D 511 -20.02 -23.44 -24.02
CA THR D 511 -21.20 -22.99 -24.76
C THR D 511 -22.45 -23.03 -23.89
N THR D 512 -22.59 -24.08 -23.06
CA THR D 512 -23.71 -24.14 -22.14
C THR D 512 -23.66 -22.99 -21.14
N LYS D 513 -22.47 -22.67 -20.63
CA LYS D 513 -22.34 -21.55 -19.70
C LYS D 513 -22.75 -20.24 -20.36
N ARG D 514 -22.29 -20.01 -21.60
CA ARG D 514 -22.63 -18.79 -22.30
C ARG D 514 -24.13 -18.71 -22.59
N LEU D 515 -24.74 -19.83 -22.97
CA LEU D 515 -26.18 -19.85 -23.21
C LEU D 515 -26.94 -19.49 -21.94
N LEU D 516 -26.55 -20.08 -20.81
CA LEU D 516 -27.22 -19.78 -19.55
C LEU D 516 -27.04 -18.31 -19.17
N LYS D 517 -25.84 -17.78 -19.37
CA LYS D 517 -25.59 -16.37 -19.05
C LYS D 517 -26.46 -15.46 -19.90
N SER D 518 -26.52 -15.71 -21.20
CA SER D 518 -27.35 -14.88 -22.07
C SER D 518 -28.82 -15.04 -21.74
N ALA D 519 -29.23 -16.21 -21.27
CA ALA D 519 -30.63 -16.42 -20.94
C ALA D 519 -31.04 -15.68 -19.68
N ILE D 520 -30.22 -15.75 -18.62
CA ILE D 520 -30.65 -15.24 -17.32
C ILE D 520 -30.00 -13.90 -16.98
N GLY D 521 -29.30 -13.27 -17.91
CA GLY D 521 -28.86 -11.91 -17.67
C GLY D 521 -27.78 -11.84 -16.61
N ASP D 522 -27.87 -10.81 -15.76
CA ASP D 522 -26.86 -10.55 -14.75
C ASP D 522 -27.12 -11.29 -13.44
N LEU D 523 -28.20 -12.09 -13.37
CA LEU D 523 -28.34 -12.99 -12.23
C LEU D 523 -27.24 -14.03 -12.20
N PHE D 524 -26.60 -14.29 -13.33
CA PHE D 524 -25.45 -15.19 -13.41
C PHE D 524 -24.18 -14.45 -13.03
N VAL D 525 -23.30 -15.13 -12.30
CA VAL D 525 -22.04 -14.54 -11.85
C VAL D 525 -20.96 -15.62 -11.86
N GLU D 526 -19.75 -15.22 -12.24
CA GLU D 526 -18.59 -16.12 -12.24
C GLU D 526 -17.61 -15.66 -11.18
N THR D 527 -17.05 -16.63 -10.46
CA THR D 527 -16.14 -16.34 -9.35
C THR D 527 -14.95 -17.29 -9.42
N GLY D 528 -13.80 -16.80 -8.99
CA GLY D 528 -12.57 -17.56 -9.04
C GLY D 528 -12.57 -18.74 -8.08
N GLN D 529 -11.38 -19.33 -7.94
CA GLN D 529 -11.20 -20.55 -7.16
C GLN D 529 -10.79 -20.28 -5.72
N THR D 530 -10.72 -19.03 -5.30
CA THR D 530 -10.36 -18.74 -3.92
C THR D 530 -11.37 -19.30 -2.95
N ILE D 531 -12.66 -19.20 -3.29
CA ILE D 531 -13.73 -19.60 -2.38
C ILE D 531 -13.66 -21.07 -2.02
N LEU D 532 -12.98 -21.89 -2.81
CA LEU D 532 -12.88 -23.32 -2.56
C LEU D 532 -11.55 -23.72 -1.95
N THR D 533 -10.62 -22.78 -1.73
CA THR D 533 -9.28 -23.16 -1.28
C THR D 533 -8.69 -22.24 -0.23
N ASP D 534 -9.47 -21.36 0.39
CA ASP D 534 -8.95 -20.52 1.45
C ASP D 534 -10.09 -20.09 2.38
N VAL D 535 -9.74 -19.38 3.43
CA VAL D 535 -10.69 -19.01 4.47
C VAL D 535 -11.52 -17.81 4.01
N LEU D 536 -12.84 -17.94 4.06
CA LEU D 536 -13.72 -16.92 3.53
C LEU D 536 -13.82 -15.69 4.44
N ASP D 537 -13.68 -15.89 5.74
CA ASP D 537 -14.01 -14.85 6.72
C ASP D 537 -12.81 -13.99 7.13
N LYS D 538 -11.66 -14.17 6.51
CA LYS D 538 -10.46 -13.42 6.87
C LYS D 538 -10.27 -12.30 5.86
N GLY D 539 -10.38 -11.05 6.32
CA GLY D 539 -10.16 -9.91 5.48
C GLY D 539 -11.30 -9.66 4.50
N PRO D 540 -11.21 -8.57 3.74
CA PRO D 540 -12.23 -8.30 2.72
C PRO D 540 -12.18 -9.34 1.62
N ASN D 541 -13.35 -9.88 1.27
CA ASN D 541 -13.49 -10.91 0.25
C ASN D 541 -14.60 -10.51 -0.71
N PRO D 542 -14.29 -9.62 -1.67
CA PRO D 542 -15.33 -9.23 -2.65
C PRO D 542 -15.84 -10.38 -3.48
N PHE D 543 -15.08 -11.47 -3.62
CA PHE D 543 -15.58 -12.63 -4.34
C PHE D 543 -16.79 -13.23 -3.65
N ILE D 544 -16.75 -13.33 -2.32
CA ILE D 544 -17.91 -13.78 -1.57
C ILE D 544 -19.00 -12.72 -1.57
N ALA D 545 -18.61 -11.45 -1.46
CA ALA D 545 -19.60 -10.38 -1.35
C ALA D 545 -20.46 -10.28 -2.61
N ASN D 546 -19.85 -10.46 -3.78
CA ASN D 546 -20.61 -10.37 -5.03
C ASN D 546 -21.57 -11.54 -5.22
N MET D 547 -21.48 -12.57 -4.38
CA MET D 547 -22.36 -13.73 -4.45
C MET D 547 -23.70 -13.48 -3.80
N HIS D 548 -23.90 -12.33 -3.17
CA HIS D 548 -25.13 -12.04 -2.45
C HIS D 548 -26.33 -12.01 -3.39
N LEU D 549 -27.36 -12.78 -3.06
CA LEU D 549 -28.65 -12.81 -3.73
C LEU D 549 -28.56 -13.28 -5.18
N LYS D 550 -27.42 -13.77 -5.62
CA LYS D 550 -27.30 -14.28 -6.99
C LYS D 550 -28.01 -15.62 -7.11
N ARG D 551 -28.39 -15.96 -8.35
CA ARG D 551 -29.13 -17.18 -8.62
C ARG D 551 -28.29 -18.27 -9.27
N SER D 552 -27.11 -17.94 -9.80
CA SER D 552 -26.24 -18.94 -10.38
C SER D 552 -24.80 -18.45 -10.34
N VAL D 553 -23.91 -19.29 -9.81
CA VAL D 553 -22.50 -18.97 -9.65
C VAL D 553 -21.68 -20.03 -10.37
N PHE D 554 -20.70 -19.59 -11.15
CA PHE D 554 -19.88 -20.48 -11.96
C PHE D 554 -18.41 -20.32 -11.59
N CYS D 555 -17.75 -21.44 -11.37
CA CYS D 555 -16.30 -21.48 -11.18
C CYS D 555 -15.71 -22.43 -12.23
N SER D 556 -14.67 -21.98 -12.91
CA SER D 556 -14.21 -22.66 -14.11
C SER D 556 -12.74 -23.04 -14.03
N GLU D 557 -12.37 -24.02 -14.84
CA GLU D 557 -10.98 -24.42 -15.07
C GLU D 557 -10.29 -24.87 -13.77
N LEU D 558 -10.82 -25.94 -13.20
CA LEU D 558 -10.20 -26.53 -12.02
C LEU D 558 -8.84 -27.12 -12.37
N PRO D 559 -7.78 -26.78 -11.63
CA PRO D 559 -6.45 -27.33 -11.95
C PRO D 559 -6.34 -28.79 -11.57
N ASP D 560 -5.39 -29.46 -12.20
CA ASP D 560 -5.10 -30.85 -11.86
C ASP D 560 -4.36 -30.92 -10.54
N PHE D 561 -4.85 -31.75 -9.63
CA PHE D 561 -4.28 -31.86 -8.30
C PHE D 561 -3.16 -32.89 -8.20
N ALA D 562 -2.92 -33.66 -9.28
CA ALA D 562 -1.80 -34.59 -9.27
C ALA D 562 -0.46 -33.85 -9.22
N CYS D 563 -0.42 -32.62 -9.71
CA CYS D 563 0.80 -31.82 -9.66
C CYS D 563 1.16 -31.51 -8.22
N SER D 564 2.46 -31.58 -7.91
CA SER D 564 2.94 -31.27 -6.57
C SER D 564 2.78 -29.78 -6.27
N GLY D 565 2.47 -29.48 -5.02
CA GLY D 565 2.27 -28.12 -4.59
C GLY D 565 0.88 -27.56 -4.85
N SER D 566 -0.02 -28.35 -5.42
CA SER D 566 -1.38 -27.91 -5.71
C SER D 566 -2.27 -28.21 -4.51
N LYS D 567 -2.83 -27.18 -3.91
CA LYS D 567 -3.71 -27.35 -2.76
C LYS D 567 -5.00 -28.06 -3.18
N LYS D 568 -5.51 -28.89 -2.27
CA LYS D 568 -6.71 -29.66 -2.53
C LYS D 568 -7.95 -28.89 -2.10
N ILE D 569 -9.12 -29.45 -2.43
CA ILE D 569 -10.39 -28.83 -2.07
C ILE D 569 -10.68 -29.12 -0.60
N ARG D 570 -11.13 -28.10 0.12
CA ARG D 570 -11.36 -28.21 1.56
C ARG D 570 -12.82 -28.53 1.83
N SER D 571 -13.04 -29.53 2.69
CA SER D 571 -14.40 -29.97 2.99
C SER D 571 -15.20 -28.89 3.70
N ASP D 572 -14.56 -28.15 4.62
CA ASP D 572 -15.29 -27.15 5.38
C ASP D 572 -15.84 -26.05 4.47
N ASN D 573 -15.12 -25.72 3.40
CA ASN D 573 -15.64 -24.73 2.44
C ASN D 573 -16.92 -25.23 1.80
N ILE D 574 -16.94 -26.50 1.38
CA ILE D 574 -18.14 -27.05 0.75
C ILE D 574 -19.30 -27.07 1.73
N LYS D 575 -19.03 -27.47 2.98
CA LYS D 575 -20.09 -27.45 3.98
C LYS D 575 -20.60 -26.03 4.24
N LYS D 576 -19.68 -25.05 4.21
CA LYS D 576 -20.07 -23.66 4.42
C LYS D 576 -20.79 -23.06 3.22
N LEU D 577 -20.68 -23.69 2.06
CA LEU D 577 -21.30 -23.16 0.84
C LEU D 577 -22.68 -23.76 0.57
N THR D 578 -23.33 -24.34 1.57
CA THR D 578 -24.63 -24.95 1.37
C THR D 578 -25.71 -24.46 2.33
N GLU D 579 -25.35 -23.76 3.40
CA GLU D 579 -26.35 -23.24 4.32
C GLU D 579 -26.88 -21.90 3.83
N PRO D 580 -28.08 -21.50 4.28
CA PRO D 580 -28.72 -20.30 3.69
C PRO D 580 -27.92 -19.02 3.83
N CYS D 581 -27.08 -18.89 4.85
CA CYS D 581 -26.31 -17.67 5.08
C CYS D 581 -24.82 -17.97 5.05
N VAL D 582 -24.08 -17.25 4.21
CA VAL D 582 -22.65 -17.42 4.06
C VAL D 582 -21.96 -16.18 4.60
N ILE D 583 -20.99 -16.39 5.49
CA ILE D 583 -20.31 -15.28 6.16
C ILE D 583 -19.19 -14.77 5.26
N GLY D 584 -19.24 -13.48 4.93
CA GLY D 584 -18.22 -12.85 4.12
C GLY D 584 -18.31 -11.34 4.21
N ARG D 585 -17.20 -10.65 4.01
CA ARG D 585 -17.15 -9.21 4.21
C ARG D 585 -16.69 -8.51 2.94
N PRO D 586 -17.45 -7.53 2.44
CA PRO D 586 -16.97 -6.72 1.31
C PRO D 586 -15.92 -5.72 1.78
N CYS D 587 -15.18 -5.20 0.81
CA CYS D 587 -14.22 -4.15 1.10
C CYS D 587 -14.93 -2.86 1.50
N PHE D 588 -14.38 -2.19 2.51
CA PHE D 588 -14.97 -0.96 3.06
C PHE D 588 -16.41 -1.16 3.50
N SER D 589 -16.66 -2.29 4.18
CA SER D 589 -17.99 -2.60 4.68
C SER D 589 -17.87 -3.53 5.88
N ASN D 590 -18.93 -3.59 6.67
CA ASN D 590 -18.94 -4.39 7.88
C ASN D 590 -20.04 -5.44 7.92
N LYS D 591 -20.99 -5.44 6.99
CA LYS D 591 -22.00 -6.49 6.95
C LYS D 591 -21.35 -7.82 6.59
N ILE D 592 -21.70 -8.86 7.34
CA ILE D 592 -21.03 -10.15 7.22
C ILE D 592 -22.04 -11.26 6.95
N ASN D 593 -23.26 -10.87 6.58
CA ASN D 593 -24.32 -11.83 6.28
C ASN D 593 -24.74 -11.67 4.83
N ASN D 594 -24.73 -12.77 4.08
CA ASN D 594 -25.13 -12.79 2.69
C ASN D 594 -26.12 -13.92 2.46
N ARG D 595 -27.19 -13.63 1.72
CA ARG D 595 -28.22 -14.63 1.45
C ARG D 595 -27.79 -15.51 0.28
N ASN D 596 -27.88 -16.82 0.47
CA ASN D 596 -27.44 -17.79 -0.51
C ASN D 596 -28.65 -18.30 -1.29
N HIS D 597 -28.75 -17.86 -2.56
CA HIS D 597 -29.83 -18.28 -3.44
C HIS D 597 -29.30 -18.94 -4.72
N ALA D 598 -28.00 -19.18 -4.80
CA ALA D 598 -27.36 -19.50 -6.07
C ALA D 598 -27.08 -20.99 -6.20
N THR D 599 -27.23 -21.50 -7.42
CA THR D 599 -26.74 -22.82 -7.78
C THR D 599 -25.29 -22.71 -8.22
N ILE D 600 -24.43 -23.50 -7.61
CA ILE D 600 -22.99 -23.42 -7.84
C ILE D 600 -22.58 -24.51 -8.80
N ILE D 601 -21.95 -24.13 -9.90
CA ILE D 601 -21.53 -25.07 -10.94
C ILE D 601 -20.04 -24.86 -11.21
N ILE D 602 -19.29 -25.96 -11.28
CA ILE D 602 -17.85 -25.93 -11.50
C ILE D 602 -17.54 -26.70 -12.77
N ASP D 603 -16.81 -26.04 -13.68
CA ASP D 603 -16.33 -26.68 -14.91
C ASP D 603 -14.91 -27.17 -14.69
N THR D 604 -14.72 -28.48 -14.85
CA THR D 604 -13.41 -29.08 -14.60
C THR D 604 -13.10 -30.08 -15.70
N ASN D 605 -11.80 -30.31 -15.91
CA ASN D 605 -11.32 -31.33 -16.83
C ASN D 605 -10.80 -32.57 -16.12
N TYR D 606 -10.52 -32.49 -14.82
CA TYR D 606 -10.06 -33.61 -14.02
C TYR D 606 -10.99 -33.81 -12.83
N LYS D 607 -10.97 -35.02 -12.29
CA LYS D 607 -11.80 -35.32 -11.13
C LYS D 607 -11.34 -34.53 -9.91
N PRO D 608 -12.25 -34.06 -9.07
CA PRO D 608 -11.86 -33.29 -7.90
C PRO D 608 -11.17 -34.16 -6.85
N VAL D 609 -10.38 -33.49 -6.01
CA VAL D 609 -9.64 -34.15 -4.93
C VAL D 609 -9.92 -33.39 -3.63
N PHE D 610 -10.34 -34.12 -2.61
CA PHE D 610 -10.66 -33.54 -1.31
C PHE D 610 -9.68 -34.05 -0.25
N ASP D 611 -9.38 -33.19 0.72
CA ASP D 611 -8.44 -33.56 1.77
C ASP D 611 -9.05 -34.58 2.73
N ARG D 612 -10.32 -34.39 3.09
CA ARG D 612 -11.00 -35.28 4.03
C ARG D 612 -12.32 -35.72 3.43
N ILE D 613 -12.65 -36.99 3.62
CA ILE D 613 -13.85 -37.60 3.06
C ILE D 613 -14.71 -38.14 4.19
N ASP D 614 -15.99 -37.78 4.19
CA ASP D 614 -16.95 -38.30 5.16
C ASP D 614 -18.32 -38.27 4.53
N ASN D 615 -19.31 -38.78 5.26
CA ASN D 615 -20.67 -38.87 4.73
C ASN D 615 -21.28 -37.49 4.51
N ALA D 616 -20.99 -36.54 5.41
CA ALA D 616 -21.56 -35.21 5.29
C ALA D 616 -21.13 -34.54 3.98
N LEU D 617 -19.86 -34.64 3.63
CA LEU D 617 -19.41 -34.17 2.33
C LEU D 617 -19.96 -35.04 1.21
N MET D 618 -20.07 -36.34 1.47
CA MET D 618 -20.51 -37.27 0.43
C MET D 618 -21.94 -36.98 -0.03
N ARG D 619 -22.76 -36.39 0.83
CA ARG D 619 -24.15 -36.11 0.47
C ARG D 619 -24.34 -34.73 -0.15
N ARG D 620 -23.26 -34.08 -0.59
CA ARG D 620 -23.36 -32.74 -1.16
C ARG D 620 -22.62 -32.63 -2.50
N ILE D 621 -22.57 -33.70 -3.27
CA ILE D 621 -21.82 -33.70 -4.53
C ILE D 621 -22.65 -34.37 -5.62
N ALA D 622 -22.73 -33.72 -6.78
CA ALA D 622 -23.36 -34.28 -7.97
C ALA D 622 -22.48 -34.01 -9.18
N VAL D 623 -22.49 -34.93 -10.13
CA VAL D 623 -21.62 -34.86 -11.30
C VAL D 623 -22.42 -35.22 -12.54
N VAL D 624 -22.28 -34.42 -13.60
CA VAL D 624 -22.88 -34.70 -14.89
C VAL D 624 -21.77 -34.65 -15.95
N ARG D 625 -21.83 -35.59 -16.89
CA ARG D 625 -20.75 -35.85 -17.82
C ARG D 625 -21.07 -35.37 -19.22
N PHE D 626 -20.03 -35.03 -19.97
CA PHE D 626 -20.11 -34.66 -21.37
C PHE D 626 -19.24 -35.62 -22.17
N ARG D 627 -19.82 -36.28 -23.17
CA ARG D 627 -19.12 -37.31 -23.94
C ARG D 627 -19.36 -37.14 -25.44
N THR D 628 -19.22 -35.92 -25.93
CA THR D 628 -19.28 -35.66 -27.36
C THR D 628 -18.17 -34.69 -27.73
N HIS D 629 -17.59 -34.88 -28.92
CA HIS D 629 -16.43 -34.11 -29.35
C HIS D 629 -16.78 -33.31 -30.60
N PHE D 630 -16.45 -32.01 -30.58
CA PHE D 630 -16.61 -31.13 -31.73
C PHE D 630 -15.21 -30.80 -32.23
N SER D 631 -14.79 -31.48 -33.29
CA SER D 631 -13.43 -31.40 -33.79
C SER D 631 -13.41 -30.71 -35.16
N GLN D 632 -12.21 -30.54 -35.68
CA GLN D 632 -11.84 -30.01 -36.97
C GLN D 632 -11.74 -31.14 -37.99
N PRO D 633 -11.92 -30.85 -39.28
CA PRO D 633 -11.80 -31.91 -40.29
C PRO D 633 -10.46 -32.62 -40.28
N SER D 634 -9.37 -31.90 -39.94
CA SER D 634 -8.06 -32.53 -39.90
C SER D 634 -7.97 -33.56 -38.78
N GLY D 635 -8.54 -33.26 -37.61
CA GLY D 635 -8.42 -34.13 -36.46
C GLY D 635 -9.58 -35.09 -36.30
N ARG D 636 -10.34 -35.31 -37.37
CA ARG D 636 -11.49 -36.20 -37.31
C ARG D 636 -11.07 -37.62 -36.97
N GLU D 637 -10.00 -38.12 -37.60
CA GLU D 637 -9.62 -39.52 -37.43
C GLU D 637 -9.00 -39.76 -36.05
N ALA D 638 -8.25 -38.78 -35.53
CA ALA D 638 -7.58 -38.97 -34.25
C ALA D 638 -8.57 -39.15 -33.12
N ALA D 639 -9.66 -38.39 -33.14
CA ALA D 639 -10.66 -38.47 -32.08
C ALA D 639 -11.38 -39.81 -32.04
N GLU D 640 -11.43 -40.52 -33.17
CA GLU D 640 -12.12 -41.81 -33.20
C GLU D 640 -11.44 -42.85 -32.33
N ASN D 641 -10.17 -42.66 -31.98
CA ASN D 641 -9.41 -43.63 -31.21
C ASN D 641 -9.39 -43.31 -29.71
N ASN D 642 -10.21 -42.36 -29.27
CA ASN D 642 -10.28 -41.99 -27.86
C ASN D 642 -11.57 -42.53 -27.26
N ASP D 643 -11.44 -43.23 -26.12
CA ASP D 643 -12.61 -43.75 -25.44
C ASP D 643 -13.38 -42.66 -24.71
N ALA D 644 -12.77 -41.50 -24.48
CA ALA D 644 -13.46 -40.41 -23.79
C ALA D 644 -14.53 -39.76 -24.66
N TYR D 645 -14.58 -40.07 -25.94
CA TYR D 645 -15.58 -39.51 -26.85
C TYR D 645 -16.48 -40.63 -27.36
N ASP D 646 -17.79 -40.46 -27.17
CA ASP D 646 -18.76 -41.40 -27.70
C ASP D 646 -19.36 -40.95 -29.03
N LYS D 647 -19.13 -39.69 -29.42
CA LYS D 647 -19.60 -39.18 -30.71
C LYS D 647 -18.67 -38.05 -31.14
N VAL D 648 -18.50 -37.92 -32.44
CA VAL D 648 -17.63 -36.89 -33.01
C VAL D 648 -18.42 -36.14 -34.08
N LYS D 649 -18.40 -34.81 -33.99
CA LYS D 649 -19.11 -33.97 -34.96
C LYS D 649 -18.17 -32.95 -35.56
N LEU D 650 -18.71 -32.02 -36.34
CA LEU D 650 -17.92 -31.00 -37.02
C LEU D 650 -18.10 -29.66 -36.33
N LEU D 651 -16.98 -28.98 -36.08
CA LEU D 651 -17.01 -27.69 -35.40
C LEU D 651 -17.70 -26.64 -36.28
N ASP D 652 -18.46 -25.76 -35.62
CA ASP D 652 -19.11 -24.63 -36.29
C ASP D 652 -18.43 -23.35 -35.80
N GLU D 653 -17.72 -22.67 -36.70
CA GLU D 653 -16.96 -21.49 -36.30
C GLU D 653 -17.87 -20.32 -36.01
N GLY D 654 -18.92 -20.13 -36.79
CA GLY D 654 -19.78 -18.98 -36.65
C GLY D 654 -20.82 -19.08 -35.56
N LEU D 655 -20.90 -20.21 -34.84
CA LEU D 655 -21.89 -20.35 -33.79
C LEU D 655 -21.63 -19.38 -32.64
N ASP D 656 -20.37 -19.26 -32.21
CA ASP D 656 -20.06 -18.50 -31.01
C ASP D 656 -20.55 -17.06 -31.12
N GLY D 657 -20.27 -16.41 -32.26
CA GLY D 657 -20.72 -15.05 -32.44
C GLY D 657 -22.22 -14.91 -32.31
N LYS D 658 -22.97 -15.90 -32.83
CA LYS D 658 -24.42 -15.86 -32.72
C LYS D 658 -24.86 -15.84 -31.26
N ILE D 659 -24.12 -16.52 -30.38
CA ILE D 659 -24.42 -16.47 -28.96
C ILE D 659 -24.15 -15.08 -28.40
N GLN D 660 -23.08 -14.43 -28.89
CA GLN D 660 -22.73 -13.09 -28.39
C GLN D 660 -23.80 -12.05 -28.72
N ASN D 661 -24.63 -12.30 -29.72
CA ASN D 661 -25.71 -11.39 -30.09
C ASN D 661 -27.03 -11.74 -29.42
N ASN D 662 -27.02 -12.71 -28.49
CA ASN D 662 -28.23 -13.13 -27.78
C ASN D 662 -29.30 -13.62 -28.75
N ARG D 663 -28.87 -14.34 -29.79
CA ARG D 663 -29.82 -14.86 -30.77
C ARG D 663 -30.75 -15.89 -30.15
N TYR D 664 -30.22 -16.76 -29.29
CA TYR D 664 -31.00 -17.84 -28.67
C TYR D 664 -31.34 -17.53 -27.21
N ARG D 665 -31.64 -16.27 -26.91
CA ARG D 665 -31.93 -15.90 -25.52
C ARG D 665 -33.32 -16.35 -25.10
N PHE D 666 -34.35 -15.87 -25.79
CA PHE D 666 -35.72 -16.16 -25.36
C PHE D 666 -36.10 -17.61 -25.61
N ALA D 667 -35.54 -18.24 -26.64
CA ALA D 667 -35.79 -19.66 -26.85
C ALA D 667 -35.27 -20.49 -25.69
N PHE D 668 -34.04 -20.19 -25.25
CA PHE D 668 -33.49 -20.90 -24.10
C PHE D 668 -34.27 -20.59 -22.83
N LEU D 669 -34.74 -19.35 -22.68
CA LEU D 669 -35.57 -19.02 -21.53
C LEU D 669 -36.86 -19.83 -21.52
N TYR D 670 -37.51 -19.97 -22.68
CA TYR D 670 -38.72 -20.77 -22.77
C TYR D 670 -38.45 -22.23 -22.45
N LEU D 671 -37.34 -22.76 -22.96
CA LEU D 671 -36.99 -24.15 -22.68
C LEU D 671 -36.74 -24.36 -21.19
N LEU D 672 -36.04 -23.42 -20.55
CA LEU D 672 -35.80 -23.51 -19.11
C LEU D 672 -37.11 -23.45 -18.33
N VAL D 673 -38.03 -22.59 -18.73
CA VAL D 673 -39.31 -22.51 -18.04
C VAL D 673 -40.07 -23.82 -18.18
N LYS D 674 -40.07 -24.40 -19.37
CA LYS D 674 -40.74 -25.69 -19.58
C LYS D 674 -40.12 -26.78 -18.70
N TRP D 675 -38.79 -26.82 -18.63
CA TRP D 675 -38.13 -27.81 -17.78
C TRP D 675 -38.48 -27.60 -16.30
N TYR D 676 -38.50 -26.34 -15.86
CA TYR D 676 -38.86 -26.05 -14.47
C TYR D 676 -40.28 -26.50 -14.16
N LYS D 677 -41.21 -26.27 -15.08
CA LYS D 677 -42.56 -26.79 -14.90
C LYS D 677 -42.56 -28.31 -14.84
N LYS D 678 -41.71 -28.94 -15.65
CA LYS D 678 -41.68 -30.40 -15.69
C LYS D 678 -41.18 -30.99 -14.38
N TYR D 679 -40.17 -30.38 -13.77
CA TYR D 679 -39.47 -31.00 -12.64
C TYR D 679 -39.85 -30.41 -11.29
N HIS D 680 -39.72 -29.09 -11.11
CA HIS D 680 -39.70 -28.48 -9.79
C HIS D 680 -41.06 -27.98 -9.33
N ILE D 681 -42.14 -28.29 -10.05
CA ILE D 681 -43.46 -27.79 -9.67
C ILE D 681 -43.89 -28.29 -8.29
N PRO D 682 -43.82 -29.60 -7.97
CA PRO D 682 -44.22 -30.03 -6.62
C PRO D 682 -43.30 -29.49 -5.54
N ILE D 683 -41.99 -29.72 -5.70
CA ILE D 683 -41.00 -29.24 -4.75
C ILE D 683 -39.63 -29.34 -5.43
N MET D 684 -38.76 -28.37 -5.13
CA MET D 684 -37.42 -28.34 -5.69
C MET D 684 -36.44 -29.00 -4.73
N LYS D 685 -35.65 -29.94 -5.24
CA LYS D 685 -34.66 -30.62 -4.44
C LYS D 685 -33.63 -31.24 -5.36
N LEU D 686 -32.38 -31.29 -4.90
CA LEU D 686 -31.27 -31.85 -5.66
C LEU D 686 -30.78 -33.12 -4.98
N TYR D 687 -30.51 -34.15 -5.79
CA TYR D 687 -30.15 -35.46 -5.30
C TYR D 687 -28.66 -35.74 -5.56
N PRO D 688 -27.89 -36.08 -4.54
CA PRO D 688 -26.46 -36.36 -4.75
C PRO D 688 -26.26 -37.63 -5.55
N THR D 689 -25.11 -37.69 -6.22
CA THR D 689 -24.70 -38.86 -7.00
C THR D 689 -23.28 -39.24 -6.60
N PRO D 690 -23.12 -39.88 -5.44
CA PRO D 690 -21.78 -40.24 -4.98
C PRO D 690 -21.20 -41.48 -5.63
N GLU D 691 -21.93 -42.16 -6.51
CA GLU D 691 -21.45 -43.41 -7.09
C GLU D 691 -20.62 -43.15 -8.35
N GLU D 692 -20.13 -41.93 -8.52
CA GLU D 692 -19.35 -41.60 -9.70
C GLU D 692 -17.89 -41.33 -9.33
N ILE D 693 -17.67 -40.46 -8.36
CA ILE D 693 -16.33 -40.14 -7.88
C ILE D 693 -15.72 -41.41 -7.29
N PRO D 694 -14.49 -41.79 -7.67
CA PRO D 694 -13.95 -43.11 -7.30
C PRO D 694 -13.84 -43.38 -5.81
N ASP D 695 -13.15 -42.51 -5.08
CA ASP D 695 -12.92 -42.71 -3.65
C ASP D 695 -14.24 -42.84 -2.88
N PHE D 696 -15.27 -42.15 -3.36
CA PHE D 696 -16.59 -42.32 -2.76
C PHE D 696 -17.08 -43.74 -2.92
N ALA D 697 -16.84 -44.35 -4.09
CA ALA D 697 -17.22 -45.74 -4.29
C ALA D 697 -16.44 -46.67 -3.36
N PHE D 698 -15.16 -46.35 -3.12
CA PHE D 698 -14.39 -47.12 -2.15
C PHE D 698 -15.01 -47.04 -0.77
N TYR D 699 -15.42 -45.84 -0.35
CA TYR D 699 -16.08 -45.70 0.94
C TYR D 699 -17.38 -46.49 0.99
N LEU D 700 -18.19 -46.42 -0.07
CA LEU D 700 -19.43 -47.18 -0.11
C LEU D 700 -19.18 -48.68 0.03
N LYS D 701 -18.24 -49.20 -0.77
CA LYS D 701 -18.02 -50.64 -0.78
C LYS D 701 -17.39 -51.12 0.51
N ILE D 702 -16.53 -50.31 1.14
CA ILE D 702 -15.98 -50.70 2.43
C ILE D 702 -17.06 -50.62 3.52
N GLY D 703 -18.00 -49.69 3.40
CA GLY D 703 -19.08 -49.63 4.36
C GLY D 703 -20.05 -50.79 4.26
N THR D 704 -20.40 -51.20 3.04
CA THR D 704 -21.38 -52.24 2.85
C THR D 704 -20.86 -53.65 3.15
N LEU D 705 -19.55 -53.81 3.30
CA LEU D 705 -18.97 -55.12 3.55
C LEU D 705 -18.81 -55.46 5.02
N LEU D 706 -19.15 -54.53 5.92
CA LEU D 706 -18.99 -54.74 7.35
C LEU D 706 -20.26 -54.33 8.07
N VAL D 707 -20.53 -55.01 9.18
CA VAL D 707 -21.66 -54.72 10.05
C VAL D 707 -21.14 -54.50 11.46
N SER D 708 -21.65 -53.48 12.14
CA SER D 708 -21.19 -53.14 13.47
C SER D 708 -21.48 -54.27 14.45
N SER D 709 -20.58 -54.45 15.41
CA SER D 709 -20.73 -55.50 16.40
C SER D 709 -21.93 -55.20 17.31
N SER D 710 -22.67 -56.26 17.65
CA SER D 710 -23.81 -56.14 18.54
C SER D 710 -23.94 -57.43 19.35
N VAL D 711 -24.90 -57.44 20.27
CA VAL D 711 -25.12 -58.61 21.11
C VAL D 711 -25.66 -59.79 20.31
N LYS D 712 -26.26 -59.54 19.15
CA LYS D 712 -26.85 -60.61 18.36
C LYS D 712 -25.79 -61.61 17.89
N HIS D 713 -24.54 -61.15 17.72
CA HIS D 713 -23.49 -62.03 17.26
C HIS D 713 -22.92 -62.91 18.37
N ILE D 714 -23.19 -62.58 19.64
CA ILE D 714 -22.66 -63.39 20.73
C ILE D 714 -23.20 -64.82 20.73
N PRO D 715 -24.52 -65.05 20.63
CA PRO D 715 -24.98 -66.45 20.56
C PRO D 715 -24.48 -67.21 19.34
N LEU D 716 -24.25 -66.52 18.23
CA LEU D 716 -23.78 -67.14 16.99
C LEU D 716 -22.27 -67.37 16.97
N MET D 717 -21.61 -67.32 18.13
CA MET D 717 -20.16 -67.40 18.16
C MET D 717 -19.63 -68.82 18.05
N THR D 718 -20.50 -69.83 18.11
CA THR D 718 -20.04 -71.20 17.88
C THR D 718 -19.43 -71.35 16.49
N ASP D 719 -20.06 -70.74 15.49
CA ASP D 719 -19.50 -70.73 14.14
C ASP D 719 -18.36 -69.71 14.04
N LEU D 720 -18.47 -68.59 14.76
CA LEU D 720 -17.46 -67.54 14.66
C LEU D 720 -16.11 -67.99 15.19
N SER D 721 -16.10 -68.90 16.18
CA SER D 721 -14.84 -69.40 16.70
C SER D 721 -14.04 -70.14 15.63
N LYS D 722 -14.72 -70.78 14.69
CA LYS D 722 -14.04 -71.42 13.58
C LYS D 722 -13.33 -70.42 12.67
N LYS D 723 -13.79 -69.18 12.64
CA LYS D 723 -13.18 -68.13 11.84
C LYS D 723 -12.10 -67.36 12.59
N GLY D 724 -11.80 -67.74 13.83
CA GLY D 724 -10.80 -67.06 14.62
C GLY D 724 -11.30 -65.94 15.49
N TYR D 725 -12.61 -65.70 15.51
CA TYR D 725 -13.16 -64.63 16.35
C TYR D 725 -13.04 -65.00 17.82
N ILE D 726 -12.59 -64.03 18.62
CA ILE D 726 -12.42 -64.21 20.06
C ILE D 726 -13.31 -63.20 20.78
N LEU D 727 -13.72 -63.56 21.99
CA LEU D 727 -14.65 -62.76 22.78
C LEU D 727 -13.86 -62.03 23.86
N TYR D 728 -13.57 -60.76 23.63
CA TYR D 728 -12.88 -59.92 24.59
C TYR D 728 -13.81 -58.81 25.05
N ASP D 729 -14.01 -58.70 26.36
CA ASP D 729 -14.91 -57.71 26.95
C ASP D 729 -16.31 -57.81 26.35
N ASN D 730 -16.77 -59.06 26.16
CA ASN D 730 -18.07 -59.34 25.56
C ASN D 730 -18.20 -58.75 24.16
N VAL D 731 -17.07 -58.64 23.46
CA VAL D 731 -17.02 -58.07 22.11
C VAL D 731 -16.32 -59.06 21.20
N VAL D 732 -16.91 -59.31 20.04
CA VAL D 732 -16.30 -60.20 19.04
C VAL D 732 -15.21 -59.45 18.31
N THR D 733 -13.99 -60.00 18.32
CA THR D 733 -12.85 -59.37 17.69
C THR D 733 -12.10 -60.40 16.85
N LEU D 734 -11.41 -59.91 15.83
CA LEU D 734 -10.62 -60.75 14.95
C LEU D 734 -9.21 -60.21 14.85
N PRO D 735 -8.22 -61.07 14.63
CA PRO D 735 -6.82 -60.60 14.58
C PRO D 735 -6.62 -59.59 13.46
N LEU D 736 -5.70 -58.65 13.71
CA LEU D 736 -5.43 -57.60 12.72
C LEU D 736 -4.93 -58.19 11.41
N THR D 737 -4.00 -59.15 11.49
CA THR D 737 -3.53 -59.81 10.28
C THR D 737 -4.65 -60.60 9.61
N THR D 738 -5.52 -61.21 10.40
CA THR D 738 -6.66 -61.93 9.85
C THR D 738 -7.56 -60.99 9.07
N PHE D 739 -7.88 -59.83 9.65
CA PHE D 739 -8.66 -58.83 8.94
C PHE D 739 -7.95 -58.37 7.68
N GLN D 740 -6.63 -58.20 7.75
CA GLN D 740 -5.87 -57.72 6.59
C GLN D 740 -5.95 -58.71 5.44
N GLN D 741 -5.71 -59.99 5.70
CA GLN D 741 -5.74 -60.93 4.58
C GLN D 741 -7.16 -61.27 4.18
N LYS D 742 -8.15 -61.01 5.04
CA LYS D 742 -9.54 -61.17 4.63
C LYS D 742 -9.96 -60.06 3.67
N ILE D 743 -9.60 -58.81 3.96
CA ILE D 743 -9.95 -57.73 3.05
C ILE D 743 -9.11 -57.80 1.78
N SER D 744 -7.89 -58.34 1.86
CA SER D 744 -7.04 -58.43 0.68
C SER D 744 -7.66 -59.25 -0.43
N LYS D 745 -8.61 -60.13 -0.11
CA LYS D 745 -9.28 -60.93 -1.12
C LYS D 745 -10.21 -60.11 -2.00
N TYR D 746 -10.70 -58.98 -1.51
CA TYR D 746 -11.59 -58.11 -2.26
C TYR D 746 -10.99 -56.75 -2.58
N PHE D 747 -9.83 -56.42 -2.01
CA PHE D 747 -9.38 -55.05 -1.88
C PHE D 747 -7.91 -54.98 -2.30
N ASN D 748 -7.58 -53.98 -3.12
CA ASN D 748 -6.20 -53.80 -3.59
C ASN D 748 -5.43 -53.05 -2.52
N SER D 749 -4.52 -53.75 -1.84
CA SER D 749 -3.75 -53.15 -0.77
C SER D 749 -2.80 -52.06 -1.30
N ARG D 750 -2.13 -52.34 -2.43
CA ARG D 750 -1.14 -51.40 -2.94
C ARG D 750 -1.75 -50.06 -3.33
N LEU D 751 -3.05 -50.03 -3.61
CA LEU D 751 -3.70 -48.79 -4.06
C LEU D 751 -4.23 -47.94 -2.90
N PHE D 752 -4.87 -48.58 -1.92
CA PHE D 752 -5.56 -47.88 -0.84
C PHE D 752 -5.09 -48.32 0.54
N GLY D 753 -3.81 -48.69 0.65
CA GLY D 753 -3.26 -49.05 1.95
C GLY D 753 -3.27 -47.90 2.92
N HIS D 754 -3.01 -46.68 2.43
CA HIS D 754 -3.07 -45.51 3.30
C HIS D 754 -4.48 -45.31 3.85
N ASP D 755 -5.50 -45.48 3.00
CA ASP D 755 -6.87 -45.38 3.48
C ASP D 755 -7.17 -46.47 4.50
N ILE D 756 -6.70 -47.70 4.25
CA ILE D 756 -6.93 -48.79 5.19
C ILE D 756 -6.31 -48.48 6.54
N GLU D 757 -5.06 -48.01 6.55
CA GLU D 757 -4.38 -47.77 7.81
C GLU D 757 -4.97 -46.57 8.54
N SER D 758 -5.41 -45.54 7.80
CA SER D 758 -6.08 -44.42 8.43
C SER D 758 -7.39 -44.85 9.08
N PHE D 759 -8.17 -45.67 8.38
CA PHE D 759 -9.41 -46.17 8.96
C PHE D 759 -9.14 -47.01 10.20
N ILE D 760 -8.10 -47.85 10.16
CA ILE D 760 -7.77 -48.67 11.33
C ILE D 760 -7.36 -47.78 12.49
N ASN D 761 -6.50 -46.79 12.24
CA ASN D 761 -6.07 -45.89 13.29
C ASN D 761 -7.27 -45.14 13.89
N ARG D 762 -8.26 -44.83 13.06
CA ARG D 762 -9.45 -44.17 13.59
C ARG D 762 -10.34 -45.12 14.38
N HIS D 763 -10.32 -46.42 14.04
CA HIS D 763 -11.22 -47.40 14.64
C HIS D 763 -10.43 -48.59 15.18
N LYS D 764 -9.38 -48.32 15.95
CA LYS D 764 -8.57 -49.38 16.54
C LYS D 764 -8.90 -49.56 18.01
N LYS D 765 -9.21 -50.79 18.40
CA LYS D 765 -9.35 -51.17 19.80
C LYS D 765 -8.52 -52.43 20.02
N PHE D 766 -7.82 -52.47 21.15
CA PHE D 766 -6.85 -53.52 21.43
C PHE D 766 -7.25 -54.32 22.65
N ALA D 767 -7.20 -55.64 22.54
CA ALA D 767 -7.43 -56.51 23.69
C ALA D 767 -6.22 -56.53 24.62
N ASN D 768 -5.02 -56.50 24.05
CA ASN D 768 -3.78 -56.47 24.82
C ASN D 768 -2.76 -55.66 24.03
N VAL D 769 -1.49 -55.76 24.44
CA VAL D 769 -0.45 -54.95 23.82
C VAL D 769 -0.24 -55.36 22.36
N SER D 770 -0.20 -56.66 22.10
CA SER D 770 0.11 -57.17 20.77
C SER D 770 -1.12 -57.53 19.95
N ASP D 771 -2.31 -57.26 20.45
CA ASP D 771 -3.56 -57.58 19.75
C ASP D 771 -4.22 -56.31 19.24
N GLU D 772 -4.59 -56.31 17.97
CA GLU D 772 -5.30 -55.20 17.35
C GLU D 772 -6.47 -55.75 16.55
N TYR D 773 -7.60 -55.05 16.59
CA TYR D 773 -8.80 -55.51 15.89
C TYR D 773 -9.68 -54.31 15.57
N LEU D 774 -10.89 -54.61 15.09
CA LEU D 774 -11.90 -53.60 14.82
C LEU D 774 -13.26 -54.16 15.21
N GLN D 775 -14.18 -53.28 15.56
CA GLN D 775 -15.49 -53.70 16.08
C GLN D 775 -16.53 -53.84 14.97
N TYR D 776 -16.18 -54.59 13.94
CA TYR D 776 -17.09 -54.88 12.84
C TYR D 776 -16.84 -56.30 12.34
N ILE D 777 -17.88 -56.89 11.78
CA ILE D 777 -17.83 -58.26 11.27
C ILE D 777 -18.18 -58.25 9.79
N PHE D 778 -17.46 -59.05 9.01
CA PHE D 778 -17.78 -59.20 7.59
C PHE D 778 -19.15 -59.85 7.43
N ILE D 779 -19.88 -59.43 6.40
CA ILE D 779 -21.22 -59.96 6.18
C ILE D 779 -21.16 -61.45 5.90
N GLU D 780 -20.20 -61.88 5.07
CA GLU D 780 -20.05 -63.30 4.79
C GLU D 780 -19.60 -64.07 6.03
N ASP D 781 -18.91 -63.41 6.96
CA ASP D 781 -18.44 -64.09 8.16
C ASP D 781 -19.60 -64.58 9.02
N ILE D 782 -20.64 -63.74 9.17
CA ILE D 782 -21.79 -64.15 9.96
C ILE D 782 -22.81 -64.93 9.13
N SER D 783 -22.88 -64.67 7.83
CA SER D 783 -23.82 -65.38 6.97
C SER D 783 -23.36 -66.82 6.79
N SER D 784 -24.28 -67.75 6.97
CA SER D 784 -23.95 -69.17 6.83
C SER D 784 -23.80 -69.51 5.35
N PRO D 785 -22.66 -70.07 4.93
CA PRO D 785 -22.42 -70.46 3.53
C PRO D 785 -23.38 -71.54 3.05
N ASP E 2 9.27 24.46 -48.71
CA ASP E 2 7.98 25.09 -49.01
C ASP E 2 8.15 26.19 -50.05
N ALA E 3 7.76 27.41 -49.70
CA ALA E 3 7.93 28.54 -50.61
C ALA E 3 9.40 28.82 -50.86
N ALA E 4 10.19 28.95 -49.79
CA ALA E 4 11.63 29.14 -49.88
C ALA E 4 11.99 30.32 -50.77
N ILE E 5 12.33 30.03 -52.04
CA ILE E 5 12.69 31.09 -52.97
C ILE E 5 11.50 32.00 -53.25
N ARG E 6 10.28 31.48 -53.14
CA ARG E 6 9.08 32.25 -53.43
C ARG E 6 8.94 33.36 -52.39
N GLY E 7 9.25 34.58 -52.80
CA GLY E 7 9.07 35.74 -51.95
C GLY E 7 8.38 36.87 -52.70
N ASN E 8 7.22 37.30 -52.22
CA ASN E 8 6.43 38.27 -52.95
C ASN E 8 7.09 39.64 -52.93
N ASP E 9 7.26 40.23 -54.11
CA ASP E 9 7.79 41.59 -54.24
C ASP E 9 7.01 42.45 -55.21
N VAL E 10 6.16 41.88 -56.05
CA VAL E 10 5.33 42.65 -56.97
C VAL E 10 4.10 43.15 -56.20
N ILE E 11 3.73 44.41 -56.45
CA ILE E 11 2.63 45.06 -55.75
C ILE E 11 1.46 45.14 -56.70
N PHE E 12 0.40 44.39 -56.40
CA PHE E 12 -0.84 44.42 -57.17
C PHE E 12 -1.78 45.44 -56.54
N VAL E 13 -2.29 46.37 -57.35
CA VAL E 13 -3.02 47.52 -56.83
C VAL E 13 -4.28 47.75 -57.65
N LEU E 14 -5.33 48.19 -56.97
CA LEU E 14 -6.59 48.61 -57.59
C LEU E 14 -6.66 50.13 -57.53
N LYS E 15 -6.94 50.75 -58.69
CA LYS E 15 -6.96 52.20 -58.77
C LYS E 15 -8.35 52.80 -58.58
N THR E 16 -9.36 51.99 -58.32
CA THR E 16 -10.72 52.49 -58.14
C THR E 16 -11.50 51.49 -57.30
N ILE E 17 -12.34 52.00 -56.41
CA ILE E 17 -13.21 51.13 -55.62
C ILE E 17 -14.33 50.58 -56.51
N GLY E 18 -14.79 49.38 -56.19
CA GLY E 18 -15.86 48.76 -56.96
C GLY E 18 -15.49 48.38 -58.37
N VAL E 19 -14.33 47.77 -58.56
CA VAL E 19 -13.88 47.39 -59.90
C VAL E 19 -14.81 46.34 -60.48
N PRO E 20 -15.25 46.47 -61.73
CA PRO E 20 -16.04 45.39 -62.36
C PRO E 20 -15.22 44.11 -62.44
N SER E 21 -15.90 42.98 -62.27
CA SER E 21 -15.22 41.70 -62.23
C SER E 21 -14.54 41.37 -63.56
N ALA E 22 -15.25 41.58 -64.67
CA ALA E 22 -14.70 41.23 -65.98
C ALA E 22 -13.45 42.05 -66.30
N CYS E 23 -13.46 43.33 -65.95
CA CYS E 23 -12.28 44.17 -66.17
C CYS E 23 -11.09 43.66 -65.37
N ARG E 24 -11.34 43.20 -64.14
CA ARG E 24 -10.27 42.60 -63.35
C ARG E 24 -9.76 41.32 -63.99
N GLN E 25 -10.66 40.50 -64.52
CA GLN E 25 -10.23 39.27 -65.19
C GLN E 25 -9.39 39.57 -66.42
N ASN E 26 -9.73 40.61 -67.16
CA ASN E 26 -9.00 40.96 -68.37
C ASN E 26 -7.79 41.84 -68.09
N GLU E 27 -7.53 42.18 -66.82
CA GLU E 27 -6.39 43.01 -66.43
C GLU E 27 -6.43 44.36 -67.16
N ASP E 28 -7.48 45.12 -66.87
CA ASP E 28 -7.63 46.43 -67.48
C ASP E 28 -6.52 47.35 -66.99
N PRO E 29 -6.07 48.30 -67.81
CA PRO E 29 -4.97 49.19 -67.39
C PRO E 29 -5.41 50.38 -66.55
N ARG E 30 -6.70 50.56 -66.30
CA ARG E 30 -7.19 51.69 -65.53
C ARG E 30 -7.50 51.33 -64.07
N PHE E 31 -8.20 50.21 -63.85
CA PHE E 31 -8.58 49.82 -62.51
C PHE E 31 -7.63 48.80 -61.87
N VAL E 32 -6.79 48.15 -62.66
CA VAL E 32 -5.89 47.11 -62.18
C VAL E 32 -4.48 47.45 -62.63
N GLU E 33 -3.52 47.37 -61.71
CA GLU E 33 -2.13 47.62 -62.08
C GLU E 33 -1.19 46.82 -61.18
N ALA E 34 0.07 46.72 -61.61
CA ALA E 34 1.10 46.03 -60.85
C ALA E 34 2.39 46.83 -60.95
N PHE E 35 2.86 47.32 -59.81
CA PHE E 35 4.09 48.10 -59.73
C PHE E 35 5.13 47.35 -58.89
N LYS E 36 6.30 47.97 -58.77
CA LYS E 36 7.28 47.61 -57.75
C LYS E 36 7.23 48.64 -56.64
N CYS E 37 8.02 48.42 -55.59
CA CYS E 37 8.02 49.34 -54.46
C CYS E 37 8.48 50.73 -54.88
N ASP E 38 9.62 50.81 -55.57
CA ASP E 38 10.08 52.10 -56.08
C ASP E 38 9.12 52.64 -57.15
N GLU E 39 8.59 51.77 -58.00
CA GLU E 39 7.64 52.21 -59.01
C GLU E 39 6.37 52.76 -58.36
N LEU E 40 5.86 52.08 -57.34
CA LEU E 40 4.68 52.57 -56.64
C LEU E 40 4.97 53.89 -55.93
N GLU E 41 6.15 54.02 -55.32
CA GLU E 41 6.52 55.28 -54.69
C GLU E 41 6.57 56.42 -55.69
N ARG E 42 7.17 56.18 -56.85
CA ARG E 42 7.24 57.22 -57.89
C ARG E 42 5.85 57.57 -58.41
N TYR E 43 5.00 56.56 -58.61
CA TYR E 43 3.64 56.82 -59.09
C TYR E 43 2.86 57.65 -58.09
N ILE E 44 3.00 57.35 -56.80
CA ILE E 44 2.34 58.13 -55.77
C ILE E 44 2.88 59.55 -55.75
N ASP E 45 4.20 59.71 -55.87
CA ASP E 45 4.80 61.04 -55.85
C ASP E 45 4.31 61.89 -57.02
N ASN E 46 4.23 61.30 -58.21
CA ASN E 46 3.79 62.07 -59.38
C ASN E 46 2.35 62.53 -59.25
N ASN E 47 1.48 61.65 -58.74
CA ASN E 47 0.04 61.95 -58.63
C ASN E 47 -0.38 61.90 -57.17
N PRO E 48 -0.46 63.04 -56.48
CA PRO E 48 -0.94 63.04 -55.09
C PRO E 48 -2.44 62.95 -54.96
N GLU E 49 -3.20 63.07 -56.05
CA GLU E 49 -4.65 63.02 -56.03
C GLU E 49 -5.21 61.64 -56.34
N CYS E 50 -4.35 60.64 -56.50
CA CYS E 50 -4.80 59.31 -56.89
C CYS E 50 -5.52 58.62 -55.74
N THR E 51 -6.17 57.50 -56.07
CA THR E 51 -6.88 56.68 -55.09
C THR E 51 -6.53 55.23 -55.37
N LEU E 52 -5.74 54.63 -54.49
CA LEU E 52 -5.20 53.29 -54.70
C LEU E 52 -5.55 52.39 -53.53
N PHE E 53 -5.81 51.12 -53.84
CA PHE E 53 -6.13 50.12 -52.84
C PHE E 53 -5.27 48.88 -53.05
N GLU E 54 -4.79 48.30 -51.96
CA GLU E 54 -3.90 47.15 -52.01
C GLU E 54 -4.70 45.86 -51.81
N SER E 55 -4.48 44.89 -52.68
CA SER E 55 -5.17 43.62 -52.61
C SER E 55 -4.37 42.57 -53.37
N LEU E 56 -4.68 41.31 -53.09
CA LEU E 56 -4.04 40.20 -53.78
C LEU E 56 -4.71 39.94 -55.13
N ARG E 57 -4.02 39.18 -55.98
CA ARG E 57 -4.51 38.83 -57.30
C ARG E 57 -4.94 37.38 -57.41
N ASP E 58 -4.11 36.45 -56.94
CA ASP E 58 -4.41 35.02 -57.00
C ASP E 58 -4.19 34.41 -55.63
N GLU E 59 -5.28 34.04 -54.96
CA GLU E 59 -5.19 33.42 -53.64
C GLU E 59 -5.06 31.91 -53.70
N GLU E 60 -5.18 31.31 -54.89
CA GLU E 60 -5.09 29.86 -55.04
C GLU E 60 -3.69 29.38 -55.39
N ALA E 61 -2.77 30.30 -55.71
CA ALA E 61 -1.40 29.92 -56.05
C ALA E 61 -0.41 30.38 -54.98
N TYR E 62 -0.40 31.67 -54.66
CA TYR E 62 0.43 32.22 -53.60
C TYR E 62 -0.48 32.77 -52.50
N SER E 63 -0.29 32.29 -51.28
CA SER E 63 -1.21 32.60 -50.19
C SER E 63 -0.45 32.96 -48.92
N ILE E 64 0.65 33.70 -49.05
CA ILE E 64 1.46 34.15 -47.93
C ILE E 64 1.34 35.65 -47.81
N VAL E 65 0.98 36.13 -46.62
CA VAL E 65 0.86 37.56 -46.33
C VAL E 65 1.33 37.81 -44.91
N ARG E 66 1.40 39.09 -44.55
CA ARG E 66 1.69 39.49 -43.18
C ARG E 66 0.38 39.51 -42.38
N ILE E 67 0.44 40.00 -41.16
CA ILE E 67 -0.75 40.13 -40.31
C ILE E 67 -1.12 41.61 -40.26
N PHE E 68 -2.36 41.91 -40.62
CA PHE E 68 -2.84 43.28 -40.71
C PHE E 68 -4.14 43.44 -39.94
N MET E 69 -4.27 44.56 -39.23
CA MET E 69 -5.46 44.86 -38.45
C MET E 69 -5.79 46.33 -38.59
N ASP E 70 -7.07 46.66 -38.40
CA ASP E 70 -7.56 48.02 -38.55
C ASP E 70 -8.28 48.43 -37.28
N VAL E 71 -8.04 49.67 -36.84
CA VAL E 71 -8.71 50.23 -35.67
C VAL E 71 -9.25 51.61 -36.04
N ASP E 72 -10.49 51.88 -35.66
CA ASP E 72 -11.11 53.18 -35.92
C ASP E 72 -12.04 53.52 -34.77
N LEU E 73 -11.75 54.62 -34.08
CA LEU E 73 -12.57 55.10 -32.97
C LEU E 73 -12.82 56.59 -33.14
N ASP E 74 -14.06 57.00 -32.91
CA ASP E 74 -14.49 58.37 -33.19
C ASP E 74 -14.43 59.21 -31.92
N ALA E 75 -13.20 59.39 -31.43
CA ALA E 75 -12.94 60.26 -30.28
C ALA E 75 -11.44 60.49 -30.17
N CYS E 76 -11.08 61.72 -29.82
CA CYS E 76 -9.68 62.07 -29.62
C CYS E 76 -9.30 61.90 -28.15
N LEU E 77 -7.99 61.79 -27.90
CA LEU E 77 -7.49 61.57 -26.56
C LEU E 77 -6.08 62.13 -26.45
N ASP E 78 -5.63 62.31 -25.21
CA ASP E 78 -4.31 62.87 -24.96
C ASP E 78 -3.21 61.86 -25.28
N GLU E 79 -1.97 62.30 -25.12
CA GLU E 79 -0.82 61.49 -25.53
C GLU E 79 -0.58 60.32 -24.59
N ILE E 80 -0.49 60.60 -23.27
CA ILE E 80 -0.13 59.57 -22.31
C ILE E 80 -1.16 58.44 -22.31
N ASP E 81 -2.44 58.80 -22.31
CA ASP E 81 -3.49 57.79 -22.38
C ASP E 81 -3.39 57.01 -23.69
N TYR E 82 -3.02 57.68 -24.79
CA TYR E 82 -2.87 57.00 -26.06
C TYR E 82 -1.77 55.95 -26.00
N LEU E 83 -0.62 56.30 -25.42
CA LEU E 83 0.46 55.32 -25.30
C LEU E 83 0.07 54.16 -24.40
N THR E 84 -0.55 54.45 -23.25
CA THR E 84 -0.96 53.38 -22.34
C THR E 84 -1.94 52.44 -23.04
N ALA E 85 -2.93 53.01 -23.73
CA ALA E 85 -3.92 52.21 -24.41
C ALA E 85 -3.31 51.38 -25.53
N ILE E 86 -2.39 51.96 -26.30
CA ILE E 86 -1.83 51.23 -27.43
C ILE E 86 -0.93 50.10 -26.94
N GLN E 87 -0.17 50.32 -25.86
CA GLN E 87 0.66 49.23 -25.35
C GLN E 87 -0.20 48.11 -24.76
N ASP E 88 -1.26 48.47 -24.04
CA ASP E 88 -2.17 47.42 -23.54
C ASP E 88 -2.79 46.65 -24.70
N PHE E 89 -3.24 47.36 -25.73
CA PHE E 89 -3.88 46.72 -26.87
C PHE E 89 -2.92 45.79 -27.61
N ILE E 90 -1.67 46.23 -27.81
CA ILE E 90 -0.72 45.39 -28.52
C ILE E 90 -0.39 44.15 -27.70
N ILE E 91 -0.26 44.30 -26.37
CA ILE E 91 -0.01 43.14 -25.53
C ILE E 91 -1.16 42.14 -25.64
N GLU E 92 -2.40 42.65 -25.56
CA GLU E 92 -3.55 41.75 -25.61
C GLU E 92 -3.65 41.02 -26.95
N VAL E 93 -3.46 41.74 -28.05
CA VAL E 93 -3.63 41.11 -29.35
C VAL E 93 -2.49 40.12 -29.62
N SER E 94 -1.26 40.47 -29.21
CA SER E 94 -0.16 39.54 -29.37
C SER E 94 -0.41 38.26 -28.58
N ASN E 95 -0.89 38.39 -27.34
CA ASN E 95 -1.22 37.21 -26.55
C ASN E 95 -2.29 36.38 -27.23
N CYS E 96 -3.34 37.02 -27.75
CA CYS E 96 -4.44 36.27 -28.37
C CYS E 96 -3.96 35.51 -29.60
N VAL E 97 -3.18 36.17 -30.46
CA VAL E 97 -2.70 35.49 -31.67
C VAL E 97 -1.75 34.36 -31.30
N ALA E 98 -0.88 34.57 -30.31
CA ALA E 98 0.02 33.50 -29.90
C ALA E 98 -0.74 32.30 -29.36
N ARG E 99 -1.77 32.55 -28.54
CA ARG E 99 -2.57 31.45 -28.02
C ARG E 99 -3.29 30.70 -29.13
N PHE E 100 -3.85 31.43 -30.10
CA PHE E 100 -4.52 30.77 -31.20
C PHE E 100 -3.53 29.92 -32.00
N ALA E 101 -2.34 30.47 -32.26
CA ALA E 101 -1.34 29.73 -33.02
C ALA E 101 -0.93 28.45 -32.30
N PHE E 102 -0.76 28.51 -30.97
CA PHE E 102 -0.42 27.31 -30.23
C PHE E 102 -1.58 26.31 -30.25
N THR E 103 -2.81 26.78 -30.06
CA THR E 103 -3.93 25.86 -29.88
C THR E 103 -4.30 25.17 -31.18
N GLU E 104 -4.39 25.93 -32.27
CA GLU E 104 -4.88 25.40 -33.54
C GLU E 104 -3.76 25.18 -34.55
N CYS E 105 -2.99 26.22 -34.86
CA CYS E 105 -1.95 26.11 -35.87
C CYS E 105 -0.82 25.17 -35.45
N GLY E 106 -0.68 24.90 -34.15
CA GLY E 106 0.36 24.02 -33.68
C GLY E 106 1.74 24.62 -33.61
N ALA E 107 1.87 25.93 -33.75
CA ALA E 107 3.17 26.59 -33.72
C ALA E 107 3.62 26.76 -32.26
N ILE E 108 4.69 27.53 -32.06
CA ILE E 108 5.24 27.78 -30.74
C ILE E 108 4.73 29.12 -30.25
N HIS E 109 4.16 29.14 -29.04
CA HIS E 109 3.60 30.36 -28.48
C HIS E 109 4.68 31.42 -28.31
N GLU E 110 5.83 31.04 -27.77
CA GLU E 110 6.86 32.02 -27.41
C GLU E 110 7.47 32.66 -28.66
N ASN E 111 7.80 31.84 -29.67
CA ASN E 111 8.36 32.40 -30.89
C ASN E 111 7.37 33.33 -31.57
N VAL E 112 6.09 32.93 -31.60
CA VAL E 112 5.08 33.77 -32.24
C VAL E 112 4.95 35.10 -31.51
N ILE E 113 4.91 35.07 -30.18
CA ILE E 113 4.70 36.32 -29.44
C ILE E 113 5.92 37.22 -29.55
N LYS E 114 7.13 36.65 -29.51
CA LYS E 114 8.32 37.48 -29.62
C LYS E 114 8.45 38.08 -31.02
N SER E 115 8.12 37.31 -32.05
CA SER E 115 8.15 37.85 -33.41
C SER E 115 7.11 38.95 -33.57
N MET E 116 5.92 38.76 -32.99
CA MET E 116 4.87 39.78 -33.09
C MET E 116 5.27 41.05 -32.37
N ARG E 117 5.87 40.93 -31.18
CA ARG E 117 6.25 42.10 -30.40
C ARG E 117 7.58 42.71 -30.83
N SER E 118 8.33 42.05 -31.72
CA SER E 118 9.61 42.59 -32.14
C SER E 118 9.44 43.84 -32.99
N ASN E 119 8.75 43.72 -34.13
CA ASN E 119 8.57 44.82 -35.05
C ASN E 119 7.11 44.93 -35.47
N PHE E 120 6.60 46.16 -35.50
CA PHE E 120 5.24 46.44 -35.93
C PHE E 120 5.17 47.86 -36.47
N SER E 121 4.33 48.05 -37.47
CA SER E 121 4.17 49.33 -38.13
C SER E 121 2.83 49.97 -37.77
N LEU E 122 2.85 51.27 -37.52
CA LEU E 122 1.67 52.02 -37.14
C LEU E 122 1.54 53.26 -37.99
N THR E 123 0.29 53.68 -38.21
CA THR E 123 -0.03 54.86 -38.99
C THR E 123 -0.84 55.84 -38.14
N LYS E 124 -1.27 56.92 -38.77
CA LYS E 124 -2.11 57.91 -38.11
C LYS E 124 -2.97 58.61 -39.16
N SER E 125 -4.07 59.19 -38.70
CA SER E 125 -5.02 59.86 -39.57
C SER E 125 -4.99 61.37 -39.32
N THR E 126 -5.17 62.14 -40.39
CA THR E 126 -5.17 63.60 -40.29
C THR E 126 -6.41 64.14 -39.59
N ASN E 127 -7.41 63.30 -39.34
CA ASN E 127 -8.62 63.75 -38.68
C ASN E 127 -8.33 64.23 -37.26
N ARG E 128 -8.98 65.31 -36.87
CA ARG E 128 -8.76 65.90 -35.55
C ARG E 128 -9.58 65.21 -34.47
N ASP E 129 -10.83 64.85 -34.78
CA ASP E 129 -11.74 64.27 -33.81
C ASP E 129 -11.86 62.76 -33.93
N LYS E 130 -11.00 62.13 -34.74
CA LYS E 130 -11.06 60.68 -34.93
C LYS E 130 -9.65 60.10 -34.82
N THR E 131 -9.59 58.83 -34.41
CA THR E 131 -8.34 58.10 -34.28
C THR E 131 -8.48 56.77 -35.02
N SER E 132 -7.83 56.65 -36.18
CA SER E 132 -7.87 55.44 -36.97
C SER E 132 -6.46 55.10 -37.43
N PHE E 133 -6.15 53.81 -37.46
CA PHE E 133 -4.83 53.38 -37.91
C PHE E 133 -4.89 51.92 -38.35
N HIS E 134 -3.84 51.51 -39.07
CA HIS E 134 -3.66 50.15 -39.52
C HIS E 134 -2.35 49.63 -38.95
N ILE E 135 -2.38 48.41 -38.41
CA ILE E 135 -1.21 47.79 -37.80
C ILE E 135 -0.81 46.60 -38.66
N ILE E 136 0.46 46.58 -39.10
CA ILE E 136 0.99 45.52 -39.93
C ILE E 136 2.22 44.95 -39.24
N PHE E 137 2.25 43.62 -39.09
CA PHE E 137 3.36 42.94 -38.43
C PHE E 137 4.28 42.34 -39.49
N LEU E 138 5.54 42.76 -39.47
CA LEU E 138 6.48 42.37 -40.52
C LEU E 138 7.01 40.95 -40.34
N ASP E 139 7.20 40.50 -39.10
CA ASP E 139 7.88 39.24 -38.83
C ASP E 139 6.93 38.06 -38.67
N THR E 140 5.64 38.25 -38.92
CA THR E 140 4.65 37.18 -38.80
C THR E 140 4.01 36.93 -40.16
N TYR E 141 3.88 35.66 -40.54
CA TYR E 141 3.33 35.29 -41.83
C TYR E 141 2.31 34.18 -41.68
N THR E 142 1.23 34.27 -42.45
CA THR E 142 0.16 33.28 -42.42
C THR E 142 -0.69 33.46 -43.67
N THR E 143 -1.64 32.55 -43.85
CA THR E 143 -2.52 32.56 -45.02
C THR E 143 -3.85 33.27 -44.69
N MET E 144 -4.63 33.54 -45.74
CA MET E 144 -5.88 34.26 -45.56
C MET E 144 -6.89 33.44 -44.75
N ASP E 145 -7.03 32.16 -45.05
CA ASP E 145 -8.03 31.35 -44.36
C ASP E 145 -7.72 31.24 -42.87
N THR E 146 -6.45 31.28 -42.49
CA THR E 146 -6.11 31.32 -41.07
C THR E 146 -6.66 32.57 -40.42
N LEU E 147 -6.53 33.72 -41.08
CA LEU E 147 -7.10 34.95 -40.53
C LEU E 147 -8.62 34.90 -40.50
N ILE E 148 -9.23 34.27 -41.52
CA ILE E 148 -10.68 34.13 -41.53
C ILE E 148 -11.15 33.31 -40.34
N ALA E 149 -10.44 32.22 -40.05
CA ALA E 149 -10.77 31.43 -38.87
C ALA E 149 -10.53 32.22 -37.59
N MET E 150 -9.44 32.99 -37.53
CA MET E 150 -9.12 33.77 -36.35
C MET E 150 -10.11 34.90 -36.11
N LYS E 151 -10.84 35.32 -37.14
CA LYS E 151 -11.76 36.45 -36.99
C LYS E 151 -12.76 36.22 -35.88
N ARG E 152 -13.15 34.97 -35.62
CA ARG E 152 -14.06 34.69 -34.50
C ARG E 152 -13.40 35.03 -33.17
N THR E 153 -12.16 34.55 -32.97
CA THR E 153 -11.46 34.85 -31.73
C THR E 153 -11.24 36.34 -31.56
N LEU E 154 -10.91 37.03 -32.66
CA LEU E 154 -10.77 38.49 -32.59
C LEU E 154 -12.08 39.17 -32.23
N LEU E 155 -13.20 38.66 -32.75
CA LEU E 155 -14.49 39.28 -32.46
C LEU E 155 -14.86 39.12 -30.99
N GLU E 156 -14.69 37.91 -30.44
CA GLU E 156 -14.91 37.74 -29.01
C GLU E 156 -13.93 38.52 -28.16
N LEU E 157 -12.68 38.67 -28.61
CA LEU E 157 -11.74 39.51 -27.87
C LEU E 157 -12.21 40.96 -27.83
N SER E 158 -12.68 41.47 -28.98
CA SER E 158 -13.17 42.84 -29.04
C SER E 158 -14.40 43.01 -28.17
N ARG E 159 -15.31 42.04 -28.19
CA ARG E 159 -16.54 42.15 -27.40
C ARG E 159 -16.26 42.06 -25.91
N SER E 160 -15.33 41.19 -25.50
CA SER E 160 -15.09 40.96 -24.08
C SER E 160 -14.26 42.05 -23.44
N SER E 161 -13.34 42.66 -24.18
CA SER E 161 -12.37 43.58 -23.59
C SER E 161 -13.05 44.89 -23.18
N GLU E 162 -12.23 45.81 -22.69
CA GLU E 162 -12.70 47.11 -22.22
C GLU E 162 -11.91 48.29 -22.78
N ASN E 163 -10.69 48.09 -23.27
CA ASN E 163 -9.92 49.19 -23.81
C ASN E 163 -10.63 49.76 -25.03
N PRO E 164 -10.68 51.09 -25.17
CA PRO E 164 -11.50 51.69 -26.24
C PRO E 164 -11.13 51.23 -27.65
N LEU E 165 -9.84 51.09 -27.94
CA LEU E 165 -9.45 50.64 -29.28
C LEU E 165 -9.65 49.15 -29.47
N THR E 166 -9.55 48.36 -28.40
CA THR E 166 -9.82 46.94 -28.52
C THR E 166 -11.28 46.69 -28.88
N ARG E 167 -12.19 47.56 -28.41
CA ARG E 167 -13.58 47.49 -28.84
C ARG E 167 -13.78 47.97 -30.27
N SER E 168 -12.77 48.62 -30.86
CA SER E 168 -12.89 49.22 -32.18
C SER E 168 -12.19 48.41 -33.28
N ILE E 169 -11.86 47.15 -33.00
CA ILE E 169 -11.23 46.30 -33.99
C ILE E 169 -12.29 45.80 -34.97
N ASP E 170 -12.07 46.05 -36.25
CA ASP E 170 -13.02 45.66 -37.29
C ASP E 170 -12.61 44.29 -37.83
N THR E 171 -13.46 43.29 -37.59
CA THR E 171 -13.20 41.93 -38.05
C THR E 171 -13.72 41.67 -39.45
N ALA E 172 -14.38 42.65 -40.08
CA ALA E 172 -14.93 42.44 -41.42
C ALA E 172 -13.86 42.41 -42.50
N VAL E 173 -12.66 42.91 -42.20
CA VAL E 173 -11.60 42.94 -43.21
C VAL E 173 -11.08 41.55 -43.54
N TYR E 174 -11.30 40.57 -42.66
CA TYR E 174 -10.84 39.20 -42.90
C TYR E 174 -11.87 38.48 -43.77
N ARG E 175 -11.90 38.87 -45.04
CA ARG E 175 -12.85 38.33 -46.01
C ARG E 175 -12.11 38.00 -47.30
N ARG E 176 -12.71 37.10 -48.08
CA ARG E 176 -12.17 36.76 -49.38
C ARG E 176 -12.19 37.98 -50.29
N LYS E 177 -11.11 38.15 -51.06
CA LYS E 177 -10.94 39.30 -51.96
C LYS E 177 -11.03 40.61 -51.17
N THR E 178 -10.27 40.68 -50.09
CA THR E 178 -10.23 41.86 -49.26
C THR E 178 -9.29 42.91 -49.86
N THR E 179 -9.49 44.16 -49.45
CA THR E 179 -8.70 45.28 -49.95
C THR E 179 -8.28 46.16 -48.78
N LEU E 180 -7.14 46.82 -48.94
CA LEU E 180 -6.61 47.75 -47.95
C LEU E 180 -6.13 49.01 -48.64
N ARG E 181 -6.47 50.17 -48.08
CA ARG E 181 -6.06 51.43 -48.66
C ARG E 181 -4.57 51.66 -48.48
N VAL E 182 -3.92 52.15 -49.53
CA VAL E 182 -2.50 52.47 -49.44
C VAL E 182 -2.30 53.71 -48.59
N VAL E 183 -1.31 53.65 -47.69
CA VAL E 183 -1.05 54.75 -46.79
C VAL E 183 -0.59 55.98 -47.58
N GLY E 184 -1.12 57.15 -47.21
CA GLY E 184 -0.79 58.38 -47.90
C GLY E 184 -1.56 58.63 -49.18
N THR E 185 -2.60 57.83 -49.45
CA THR E 185 -3.40 57.97 -50.66
C THR E 185 -4.81 58.37 -50.29
N ARG E 186 -5.41 59.22 -51.12
CA ARG E 186 -6.76 59.71 -50.86
C ARG E 186 -7.77 58.57 -50.92
N LYS E 187 -8.70 58.57 -49.96
CA LYS E 187 -9.75 57.56 -49.95
C LYS E 187 -10.83 57.90 -50.97
N ASN E 188 -11.35 59.12 -50.92
CA ASN E 188 -12.33 59.60 -51.88
C ASN E 188 -11.70 60.65 -52.79
N PRO E 189 -12.20 60.80 -54.02
CA PRO E 189 -11.63 61.83 -54.92
C PRO E 189 -11.78 63.25 -54.40
N ASN E 190 -12.74 63.50 -53.52
CA ASN E 190 -12.97 64.83 -52.96
C ASN E 190 -12.88 64.81 -51.43
N CYS E 191 -11.94 64.03 -50.91
CA CYS E 191 -11.70 63.96 -49.47
C CYS E 191 -10.22 64.15 -49.21
N ASP E 192 -9.89 65.07 -48.31
CA ASP E 192 -8.51 65.37 -47.97
C ASP E 192 -7.97 64.54 -46.82
N THR E 193 -8.80 63.69 -46.21
CA THR E 193 -8.36 62.87 -45.10
C THR E 193 -7.53 61.71 -45.63
N ILE E 194 -6.24 61.69 -45.27
CA ILE E 194 -5.32 60.64 -45.66
C ILE E 194 -4.59 60.15 -44.43
N HIS E 195 -3.65 59.23 -44.63
CA HIS E 195 -2.86 58.68 -43.55
C HIS E 195 -1.44 59.24 -43.61
N VAL E 196 -0.92 59.61 -42.44
CA VAL E 196 0.40 60.20 -42.33
C VAL E 196 1.38 59.12 -41.87
N MET E 197 2.66 59.49 -41.87
CA MET E 197 3.74 58.53 -41.69
C MET E 197 4.12 58.56 -40.20
N GLN E 198 5.06 57.72 -39.77
CA GLN E 198 5.52 57.69 -38.39
C GLN E 198 7.04 57.67 -38.32
N PRO E 199 7.62 58.25 -37.28
CA PRO E 199 9.09 58.34 -37.17
C PRO E 199 9.79 56.98 -37.14
N PRO E 200 9.23 55.94 -36.49
CA PRO E 200 9.99 54.69 -36.41
C PRO E 200 10.43 54.12 -37.76
N HIS E 201 9.59 54.21 -38.79
CA HIS E 201 9.87 53.64 -40.09
C HIS E 201 9.71 54.73 -41.14
N ASP E 202 10.52 54.67 -42.20
CA ASP E 202 10.40 55.64 -43.29
C ASP E 202 10.31 54.99 -44.66
N ASN E 203 9.93 53.71 -44.73
CA ASN E 203 9.87 53.00 -46.00
C ASN E 203 8.45 52.49 -46.23
N ILE E 204 7.99 52.59 -47.48
CA ILE E 204 6.69 52.05 -47.87
C ILE E 204 6.68 50.53 -47.75
N GLU E 205 7.85 49.91 -47.94
CA GLU E 205 7.94 48.44 -47.88
C GLU E 205 7.46 47.89 -46.54
N ASP E 206 7.59 48.68 -45.48
CA ASP E 206 7.20 48.24 -44.14
C ASP E 206 5.72 48.44 -43.85
N TYR E 207 4.96 49.03 -44.79
CA TYR E 207 3.56 49.33 -44.56
C TYR E 207 2.65 48.64 -45.59
N LEU E 208 3.10 47.53 -46.16
CA LEU E 208 2.32 46.73 -47.08
C LEU E 208 2.26 45.30 -46.59
N PHE E 209 1.05 44.78 -46.42
CA PHE E 209 0.88 43.41 -45.93
C PHE E 209 1.16 42.37 -47.01
N THR E 210 1.13 42.76 -48.28
CA THR E 210 1.38 41.82 -49.37
C THR E 210 2.88 41.57 -49.58
N TYR E 211 3.73 42.45 -49.06
CA TYR E 211 5.17 42.27 -49.20
C TYR E 211 5.62 41.10 -48.36
N VAL E 212 6.18 40.07 -49.00
CA VAL E 212 6.65 38.87 -48.34
C VAL E 212 8.15 38.78 -48.51
N ASP E 213 8.88 38.84 -47.38
CA ASP E 213 10.34 38.70 -47.41
C ASP E 213 10.75 38.15 -46.04
N MET E 214 10.94 36.84 -45.97
CA MET E 214 11.33 36.20 -44.72
C MET E 214 12.81 36.41 -44.44
N ASN E 215 13.13 36.62 -43.17
CA ASN E 215 14.50 36.80 -42.70
C ASN E 215 14.76 35.86 -41.52
N ASN E 216 15.90 36.04 -40.88
CA ASN E 216 16.28 35.19 -39.76
C ASN E 216 15.51 35.50 -38.48
N ASN E 217 14.54 36.42 -38.51
CA ASN E 217 13.74 36.75 -37.34
C ASN E 217 12.25 36.74 -37.67
N SER E 218 11.85 35.91 -38.62
CA SER E 218 10.46 35.84 -39.07
C SER E 218 9.92 34.44 -38.87
N TYR E 219 8.62 34.37 -38.56
CA TYR E 219 7.93 33.10 -38.34
C TYR E 219 6.71 33.04 -39.25
N TYR E 220 6.56 31.91 -39.95
CA TYR E 220 5.38 31.64 -40.76
C TYR E 220 4.64 30.45 -40.18
N PHE E 221 3.32 30.58 -40.03
CA PHE E 221 2.48 29.50 -39.54
C PHE E 221 1.20 29.43 -40.36
N SER E 222 0.59 28.25 -40.38
CA SER E 222 -0.60 28.03 -41.19
C SER E 222 -1.49 27.01 -40.49
N LEU E 223 -2.71 26.86 -41.00
CA LEU E 223 -3.67 25.94 -40.44
C LEU E 223 -3.20 24.50 -40.60
N GLN E 224 -3.63 23.65 -39.67
CA GLN E 224 -3.24 22.24 -39.66
C GLN E 224 -4.41 21.27 -39.67
N ARG E 225 -5.63 21.72 -39.33
CA ARG E 225 -6.78 20.83 -39.34
C ARG E 225 -7.09 20.35 -40.75
N ARG E 226 -7.02 21.24 -41.73
CA ARG E 226 -7.31 20.88 -43.11
C ARG E 226 -6.10 20.19 -43.76
N LEU E 321 -45.47 30.54 -16.26
CA LEU E 321 -45.44 30.23 -17.68
C LEU E 321 -44.38 29.15 -17.93
N ASP E 322 -43.14 29.57 -18.19
CA ASP E 322 -42.04 28.63 -18.29
C ASP E 322 -41.37 28.46 -16.94
N GLY E 323 -40.86 27.27 -16.68
CA GLY E 323 -40.24 26.97 -15.40
C GLY E 323 -38.81 27.45 -15.31
N ASN E 324 -37.96 26.65 -14.67
CA ASN E 324 -36.57 27.02 -14.49
C ASN E 324 -35.85 27.07 -15.84
N LYS E 325 -35.11 28.14 -16.08
CA LYS E 325 -34.30 28.21 -17.30
C LYS E 325 -33.20 27.16 -17.28
N LEU E 326 -32.59 26.93 -16.12
CA LEU E 326 -31.53 25.93 -16.02
C LEU E 326 -32.07 24.54 -16.31
N PHE E 327 -33.32 24.26 -15.91
CA PHE E 327 -33.92 22.97 -16.24
C PHE E 327 -34.09 22.83 -17.74
N ASN E 328 -34.51 23.90 -18.42
CA ASN E 328 -34.64 23.83 -19.88
C ASN E 328 -33.29 23.60 -20.54
N ILE E 329 -32.24 24.25 -20.03
CA ILE E 329 -30.91 24.04 -20.58
C ILE E 329 -30.47 22.59 -20.38
N ALA E 330 -30.71 22.04 -19.19
CA ALA E 330 -30.35 20.65 -18.93
C ALA E 330 -31.12 19.71 -19.84
N GLN E 331 -32.41 19.98 -20.06
CA GLN E 331 -33.19 19.14 -20.96
C GLN E 331 -32.66 19.20 -22.39
N ARG E 332 -32.30 20.41 -22.85
CA ARG E 332 -31.74 20.54 -24.19
C ARG E 332 -30.43 19.78 -24.33
N ILE E 333 -29.57 19.86 -23.31
CA ILE E 333 -28.30 19.13 -23.35
C ILE E 333 -28.55 17.63 -23.34
N LEU E 334 -29.52 17.18 -22.56
CA LEU E 334 -29.80 15.75 -22.46
C LEU E 334 -30.39 15.21 -23.76
N ASP E 335 -31.19 16.02 -24.46
CA ASP E 335 -31.88 15.54 -25.66
C ASP E 335 -30.93 15.16 -26.78
N THR E 336 -29.69 15.64 -26.77
CA THR E 336 -28.76 15.36 -27.85
C THR E 336 -27.92 14.11 -27.61
N ASN E 337 -28.16 13.40 -26.51
CA ASN E 337 -27.46 12.14 -26.21
C ASN E 337 -25.94 12.32 -26.18
N SER E 338 -25.49 13.43 -25.60
CA SER E 338 -24.07 13.69 -25.49
C SER E 338 -23.44 13.16 -24.21
N VAL E 339 -24.26 12.68 -23.26
CA VAL E 339 -23.76 12.12 -22.01
C VAL E 339 -24.52 10.84 -21.72
N LEU E 340 -23.81 9.79 -21.32
CA LEU E 340 -24.41 8.49 -21.11
C LEU E 340 -23.88 7.88 -19.82
N LEU E 341 -24.65 6.94 -19.27
CA LEU E 341 -24.30 6.24 -18.05
C LEU E 341 -23.93 4.80 -18.40
N THR E 342 -22.72 4.39 -18.02
CA THR E 342 -22.25 3.06 -18.33
C THR E 342 -22.74 2.05 -17.29
N GLU E 343 -22.61 0.77 -17.62
CA GLU E 343 -23.03 -0.28 -16.70
C GLU E 343 -22.11 -0.40 -15.50
N ARG E 344 -20.90 0.13 -15.57
CA ARG E 344 -19.97 0.12 -14.46
C ARG E 344 -20.17 1.29 -13.50
N GLY E 345 -21.12 2.18 -13.80
CA GLY E 345 -21.40 3.31 -12.93
C GLY E 345 -20.71 4.61 -13.29
N ASP E 346 -20.12 4.70 -14.47
CA ASP E 346 -19.41 5.90 -14.89
C ASP E 346 -20.27 6.70 -15.87
N HIS E 347 -19.93 7.98 -16.00
CA HIS E 347 -20.57 8.89 -16.93
C HIS E 347 -19.59 9.21 -18.05
N ILE E 348 -20.01 8.97 -19.29
CA ILE E 348 -19.18 9.19 -20.46
C ILE E 348 -19.75 10.36 -21.25
N VAL E 349 -18.88 11.29 -21.64
CA VAL E 349 -19.28 12.49 -22.36
C VAL E 349 -18.64 12.47 -23.75
N TRP E 350 -19.21 13.26 -24.63
CA TRP E 350 -18.79 13.35 -26.04
C TRP E 350 -18.10 14.69 -26.24
N ILE E 351 -16.77 14.68 -26.13
CA ILE E 351 -15.96 15.88 -26.23
C ILE E 351 -14.94 15.69 -27.34
N ASN E 352 -14.88 16.64 -28.27
CA ASN E 352 -13.88 16.65 -29.35
C ASN E 352 -13.91 15.34 -30.15
N ASN E 353 -15.13 14.94 -30.55
CA ASN E 353 -15.33 13.77 -31.38
C ASN E 353 -14.75 12.50 -30.75
N SER E 354 -14.95 12.36 -29.43
CA SER E 354 -14.47 11.18 -28.72
C SER E 354 -15.25 11.03 -27.43
N TRP E 355 -15.23 9.82 -26.89
CA TRP E 355 -15.88 9.51 -25.61
C TRP E 355 -14.81 9.46 -24.53
N LYS E 356 -14.97 10.30 -23.50
CA LYS E 356 -14.02 10.36 -22.41
C LYS E 356 -14.75 10.18 -21.09
N PHE E 357 -14.04 9.64 -20.11
CA PHE E 357 -14.60 9.42 -18.78
C PHE E 357 -13.48 9.41 -17.76
N ASN E 358 -13.82 9.81 -16.54
CA ASN E 358 -12.86 9.77 -15.45
C ASN E 358 -13.62 9.78 -14.14
N SER E 359 -13.17 8.95 -13.19
CA SER E 359 -13.92 8.71 -11.97
C SER E 359 -13.82 9.83 -10.95
N GLU E 360 -12.89 10.77 -11.12
CA GLU E 360 -12.70 11.84 -10.14
C GLU E 360 -12.61 13.21 -10.79
N GLU E 361 -13.09 13.36 -12.03
CA GLU E 361 -13.09 14.66 -12.70
C GLU E 361 -14.52 15.07 -13.04
N PRO E 362 -14.81 16.37 -13.01
CA PRO E 362 -16.15 16.86 -13.39
C PRO E 362 -16.26 17.13 -14.90
N LEU E 363 -16.27 16.05 -15.67
CA LEU E 363 -16.33 16.19 -17.13
C LEU E 363 -17.66 16.76 -17.61
N ILE E 364 -18.72 16.66 -16.79
CA ILE E 364 -20.01 17.19 -17.19
C ILE E 364 -19.95 18.70 -17.34
N THR E 365 -19.28 19.38 -16.41
CA THR E 365 -19.14 20.83 -16.50
C THR E 365 -18.33 21.23 -17.74
N LYS E 366 -17.28 20.46 -18.05
CA LYS E 366 -16.52 20.72 -19.27
C LYS E 366 -17.41 20.56 -20.50
N LEU E 367 -18.25 19.52 -20.52
CA LEU E 367 -19.16 19.33 -21.64
C LEU E 367 -20.12 20.50 -21.77
N ILE E 368 -20.64 20.97 -20.63
CA ILE E 368 -21.59 22.10 -20.66
C ILE E 368 -20.91 23.34 -21.22
N LEU E 369 -19.70 23.64 -20.75
CA LEU E 369 -18.99 24.81 -21.23
C LEU E 369 -18.68 24.70 -22.71
N SER E 370 -18.31 23.50 -23.17
CA SER E 370 -18.01 23.30 -24.59
C SER E 370 -19.25 23.46 -25.45
N ILE E 371 -20.39 22.92 -25.00
CA ILE E 371 -21.61 22.91 -25.80
C ILE E 371 -22.42 24.18 -25.65
N ARG E 372 -21.97 25.13 -24.81
CA ARG E 372 -22.68 26.39 -24.67
C ARG E 372 -22.82 27.15 -25.98
N HIS E 373 -21.97 26.86 -26.98
CA HIS E 373 -22.03 27.62 -28.23
C HIS E 373 -23.28 27.28 -29.03
N GLN E 374 -23.70 26.02 -29.02
CA GLN E 374 -24.85 25.62 -29.84
C GLN E 374 -26.15 26.24 -29.34
N LEU E 375 -26.26 26.49 -28.04
CA LEU E 375 -27.47 27.06 -27.48
C LEU E 375 -27.62 28.52 -27.91
N PRO E 376 -28.84 29.05 -27.86
CA PRO E 376 -29.03 30.47 -28.20
C PRO E 376 -28.30 31.38 -27.21
N LYS E 377 -28.31 32.67 -27.54
CA LYS E 377 -27.51 33.64 -26.79
C LYS E 377 -27.97 33.76 -25.34
N GLU E 378 -29.28 33.77 -25.12
CA GLU E 378 -29.81 34.00 -23.78
C GLU E 378 -29.45 32.88 -22.80
N TYR E 379 -29.04 31.72 -23.30
CA TYR E 379 -28.59 30.64 -22.42
C TYR E 379 -27.09 30.64 -22.25
N SER E 380 -26.34 30.83 -23.34
CA SER E 380 -24.89 30.90 -23.26
C SER E 380 -24.44 32.07 -22.40
N SER E 381 -25.24 33.13 -22.33
CA SER E 381 -24.91 34.23 -21.43
C SER E 381 -24.92 33.79 -19.98
N GLU E 382 -25.91 32.99 -19.59
CA GLU E 382 -26.01 32.52 -18.22
C GLU E 382 -25.11 31.34 -17.92
N LEU E 383 -24.61 30.66 -18.94
CA LEU E 383 -23.80 29.46 -18.72
C LEU E 383 -22.38 29.76 -18.27
N LEU E 384 -22.00 31.03 -18.10
CA LEU E 384 -20.64 31.36 -17.73
C LEU E 384 -20.36 31.11 -16.26
N CYS E 385 -21.32 31.40 -15.39
CA CYS E 385 -21.08 31.30 -13.95
C CYS E 385 -20.92 29.84 -13.53
N PRO E 386 -19.86 29.49 -12.80
CA PRO E 386 -19.66 28.08 -12.42
C PRO E 386 -20.77 27.51 -11.56
N ARG E 387 -21.39 28.31 -10.68
CA ARG E 387 -22.46 27.79 -9.83
C ARG E 387 -23.65 27.32 -10.66
N LYS E 388 -24.02 28.09 -11.67
CA LYS E 388 -25.10 27.66 -12.55
C LYS E 388 -24.71 26.40 -13.32
N ARG E 389 -23.44 26.26 -13.68
CA ARG E 389 -22.99 25.03 -14.31
C ARG E 389 -23.14 23.84 -13.38
N LYS E 390 -22.82 24.03 -12.09
CA LYS E 390 -23.03 22.97 -11.11
C LYS E 390 -24.51 22.61 -10.99
N THR E 391 -25.38 23.61 -11.00
CA THR E 391 -26.82 23.34 -10.93
C THR E 391 -27.28 22.55 -12.14
N VAL E 392 -26.83 22.93 -13.33
CA VAL E 392 -27.21 22.20 -14.54
C VAL E 392 -26.67 20.77 -14.49
N GLU E 393 -25.45 20.60 -13.96
CA GLU E 393 -24.89 19.25 -13.81
C GLU E 393 -25.74 18.41 -12.87
N ALA E 394 -26.19 19.02 -11.77
CA ALA E 394 -27.05 18.28 -10.84
C ALA E 394 -28.35 17.85 -11.51
N ASN E 395 -28.96 18.75 -12.28
CA ASN E 395 -30.18 18.40 -13.00
C ASN E 395 -29.93 17.25 -13.98
N ILE E 396 -28.84 17.32 -14.73
CA ILE E 396 -28.52 16.28 -15.71
C ILE E 396 -28.30 14.95 -15.01
N ARG E 397 -27.56 14.95 -13.90
CA ARG E 397 -27.33 13.72 -13.16
C ARG E 397 -28.62 13.15 -12.61
N ASP E 398 -29.56 14.01 -12.21
CA ASP E 398 -30.84 13.51 -11.71
C ASP E 398 -31.70 12.97 -12.84
N MET E 399 -31.52 13.46 -14.07
CA MET E 399 -32.36 13.02 -15.18
C MET E 399 -31.87 11.74 -15.85
N LEU E 400 -30.75 11.18 -15.42
CA LEU E 400 -30.19 9.97 -16.01
C LEU E 400 -30.52 8.79 -15.11
N VAL E 401 -31.20 7.79 -15.66
CA VAL E 401 -31.74 6.72 -14.83
C VAL E 401 -31.44 5.34 -15.40
N ASP E 402 -31.02 5.26 -16.65
CA ASP E 402 -30.81 3.98 -17.32
C ASP E 402 -29.39 3.89 -17.88
N SER E 403 -28.82 2.69 -17.82
CA SER E 403 -27.48 2.44 -18.30
C SER E 403 -27.50 1.82 -19.69
N VAL E 404 -26.34 1.84 -20.35
CA VAL E 404 -26.19 1.33 -21.71
C VAL E 404 -24.91 0.49 -21.78
N GLU E 405 -24.82 -0.30 -22.84
CA GLU E 405 -23.64 -1.12 -23.11
C GLU E 405 -22.65 -0.34 -23.96
N THR E 406 -21.38 -0.75 -23.89
CA THR E 406 -20.30 -0.08 -24.60
C THR E 406 -19.40 -1.11 -25.25
N ASP E 407 -18.72 -0.67 -26.32
CA ASP E 407 -17.73 -1.49 -27.03
C ASP E 407 -18.34 -2.78 -27.54
N THR E 408 -19.31 -2.64 -28.44
CA THR E 408 -19.97 -3.79 -29.05
C THR E 408 -19.44 -4.13 -30.43
N TYR E 409 -19.02 -3.14 -31.21
CA TYR E 409 -18.51 -3.38 -32.55
C TYR E 409 -17.03 -3.75 -32.47
N PRO E 410 -16.62 -4.93 -32.92
CA PRO E 410 -15.23 -5.33 -32.79
C PRO E 410 -14.34 -5.00 -33.99
N ASP E 411 -14.90 -4.52 -35.10
CA ASP E 411 -14.12 -4.25 -36.30
C ASP E 411 -14.02 -2.75 -36.59
N LYS E 412 -13.98 -1.93 -35.54
CA LYS E 412 -13.81 -0.49 -35.67
C LYS E 412 -12.60 -0.06 -34.85
N LEU E 413 -11.79 0.83 -35.43
CA LEU E 413 -10.60 1.33 -34.75
C LEU E 413 -10.84 2.76 -34.29
N PRO E 414 -10.86 3.03 -32.99
CA PRO E 414 -11.14 4.39 -32.52
C PRO E 414 -9.90 5.25 -32.42
N PHE E 415 -9.99 6.48 -32.90
CA PHE E 415 -8.91 7.48 -32.81
C PHE E 415 -9.38 8.65 -31.98
N LYS E 416 -8.52 9.66 -31.85
CA LYS E 416 -8.90 10.89 -31.17
C LYS E 416 -9.78 11.79 -32.03
N ASN E 417 -9.82 11.58 -33.33
CA ASN E 417 -10.62 12.38 -34.23
C ASN E 417 -11.85 11.66 -34.76
N GLY E 418 -11.92 10.35 -34.63
CA GLY E 418 -13.06 9.61 -35.14
C GLY E 418 -12.80 8.12 -35.10
N VAL E 419 -13.61 7.39 -35.87
CA VAL E 419 -13.57 5.94 -35.91
C VAL E 419 -13.30 5.49 -37.33
N LEU E 420 -12.31 4.62 -37.51
CA LEU E 420 -11.97 4.07 -38.81
C LEU E 420 -12.61 2.70 -38.96
N ASP E 421 -13.27 2.48 -40.09
CA ASP E 421 -13.90 1.20 -40.39
C ASP E 421 -12.88 0.30 -41.06
N LEU E 422 -12.65 -0.88 -40.47
CA LEU E 422 -11.69 -1.81 -41.03
C LEU E 422 -12.25 -2.60 -42.22
N VAL E 423 -13.56 -2.59 -42.41
CA VAL E 423 -14.16 -3.35 -43.51
C VAL E 423 -13.77 -2.75 -44.85
N ASP E 424 -13.88 -1.43 -44.98
CA ASP E 424 -13.63 -0.75 -46.24
C ASP E 424 -12.57 0.35 -46.16
N GLY E 425 -12.29 0.88 -44.98
CA GLY E 425 -11.30 1.93 -44.84
C GLY E 425 -11.85 3.34 -44.73
N MET E 426 -13.16 3.50 -44.72
CA MET E 426 -13.74 4.84 -44.57
C MET E 426 -13.49 5.36 -43.16
N PHE E 427 -13.25 6.67 -43.06
CA PHE E 427 -13.01 7.33 -41.79
C PHE E 427 -14.18 8.25 -41.47
N TYR E 428 -14.75 8.08 -40.28
CA TYR E 428 -15.91 8.84 -39.84
C TYR E 428 -15.52 9.84 -38.76
N SER E 429 -16.35 10.86 -38.61
CA SER E 429 -16.15 11.88 -37.58
C SER E 429 -17.50 12.51 -37.25
N GLY E 430 -17.54 13.16 -36.10
CA GLY E 430 -18.77 13.83 -35.70
C GLY E 430 -19.88 12.85 -35.40
N ASP E 431 -21.03 13.07 -36.06
CA ASP E 431 -22.21 12.25 -35.78
C ASP E 431 -21.99 10.79 -36.17
N ASP E 432 -21.31 10.55 -37.29
CA ASP E 432 -21.11 9.19 -37.76
C ASP E 432 -20.33 8.36 -36.75
N ALA E 433 -19.27 8.94 -36.18
CA ALA E 433 -18.47 8.24 -35.18
C ALA E 433 -19.15 8.16 -33.83
N LYS E 434 -20.25 8.88 -33.63
CA LYS E 434 -20.92 8.89 -32.33
C LYS E 434 -21.69 7.60 -32.08
N LYS E 435 -22.12 6.91 -33.14
CA LYS E 435 -22.95 5.73 -32.97
C LYS E 435 -22.22 4.63 -32.22
N TYR E 436 -20.97 4.37 -32.59
CA TYR E 436 -20.17 3.34 -31.93
C TYR E 436 -19.59 3.91 -30.65
N THR E 437 -20.11 3.46 -29.50
CA THR E 437 -19.67 3.97 -28.20
C THR E 437 -18.36 3.28 -27.82
N CYS E 438 -17.28 3.75 -28.42
CA CYS E 438 -15.94 3.25 -28.12
C CYS E 438 -15.32 4.12 -27.04
N THR E 439 -15.09 3.53 -25.87
CA THR E 439 -14.55 4.26 -24.73
C THR E 439 -13.04 4.23 -24.65
N VAL E 440 -12.36 3.62 -25.62
CA VAL E 440 -10.91 3.60 -25.68
C VAL E 440 -10.48 4.30 -26.96
N SER E 441 -9.21 4.71 -27.00
CA SER E 441 -8.70 5.43 -28.15
C SER E 441 -7.20 5.16 -28.29
N THR E 442 -6.69 5.40 -29.50
CA THR E 442 -5.27 5.25 -29.75
C THR E 442 -4.46 6.41 -29.17
N GLY E 443 -5.11 7.50 -28.77
CA GLY E 443 -4.42 8.60 -28.13
C GLY E 443 -3.86 9.65 -29.05
N PHE E 444 -4.03 9.50 -30.37
CA PHE E 444 -3.55 10.51 -31.31
C PHE E 444 -4.54 10.66 -32.45
N LYS E 445 -4.48 11.80 -33.10
CA LYS E 445 -5.42 12.13 -34.16
C LYS E 445 -5.02 11.46 -35.47
N PHE E 446 -6.02 11.07 -36.25
CA PHE E 446 -5.78 10.45 -37.55
C PHE E 446 -5.45 11.51 -38.59
N ASP E 447 -4.49 11.20 -39.47
CA ASP E 447 -4.05 12.10 -40.51
C ASP E 447 -4.10 11.34 -41.84
N ASP E 448 -5.12 11.62 -42.64
CA ASP E 448 -5.30 10.89 -43.89
C ASP E 448 -4.26 11.25 -44.95
N THR E 449 -3.57 12.38 -44.78
CA THR E 449 -2.54 12.76 -45.75
C THR E 449 -1.40 11.76 -45.78
N LYS E 450 -0.97 11.28 -44.61
CA LYS E 450 0.12 10.32 -44.52
C LYS E 450 -0.35 8.88 -44.64
N PHE E 451 -1.65 8.63 -44.68
CA PHE E 451 -2.19 7.28 -44.81
C PHE E 451 -2.24 6.85 -46.28
N VAL E 452 -1.06 6.79 -46.89
CA VAL E 452 -0.92 6.44 -48.29
C VAL E 452 0.20 5.42 -48.43
N GLU E 453 0.16 4.67 -49.53
CA GLU E 453 1.15 3.63 -49.80
C GLU E 453 2.31 4.11 -50.65
N ASP E 454 2.21 5.29 -51.25
CA ASP E 454 3.28 5.82 -52.11
C ASP E 454 4.04 6.87 -51.30
N SER E 455 5.10 6.43 -50.64
CA SER E 455 5.91 7.31 -49.80
C SER E 455 7.24 6.62 -49.51
N PRO E 456 8.32 7.37 -49.35
CA PRO E 456 9.60 6.73 -49.00
C PRO E 456 9.55 5.96 -47.70
N GLU E 457 8.74 6.41 -46.74
CA GLU E 457 8.59 5.67 -45.49
C GLU E 457 8.08 4.27 -45.74
N MET E 458 7.16 4.11 -46.69
CA MET E 458 6.67 2.78 -47.04
C MET E 458 7.79 1.91 -47.60
N GLU E 459 8.64 2.49 -48.44
CA GLU E 459 9.75 1.72 -48.99
C GLU E 459 10.71 1.27 -47.89
N GLU E 460 11.06 2.18 -46.98
CA GLU E 460 11.97 1.80 -45.90
C GLU E 460 11.35 0.75 -45.00
N LEU E 461 10.06 0.90 -44.67
CA LEU E 461 9.38 -0.07 -43.83
C LEU E 461 9.33 -1.44 -44.48
N MET E 462 8.99 -1.49 -45.77
CA MET E 462 8.95 -2.77 -46.47
C MET E 462 10.34 -3.40 -46.51
N ASN E 463 11.37 -2.58 -46.72
CA ASN E 463 12.73 -3.11 -46.77
C ASN E 463 13.12 -3.74 -45.43
N ILE E 464 12.87 -3.03 -44.33
CA ILE E 464 13.28 -3.56 -43.03
C ILE E 464 12.43 -4.77 -42.65
N ILE E 465 11.14 -4.77 -43.02
CA ILE E 465 10.30 -5.92 -42.72
C ILE E 465 10.77 -7.15 -43.48
N ASN E 466 11.08 -6.99 -44.77
CA ASN E 466 11.61 -8.12 -45.53
C ASN E 466 12.96 -8.56 -45.00
N ASP E 467 13.74 -7.63 -44.45
CA ASP E 467 15.00 -8.02 -43.80
C ASP E 467 14.74 -8.89 -42.59
N ILE E 468 13.75 -8.53 -41.77
CA ILE E 468 13.45 -9.31 -40.57
C ILE E 468 12.89 -10.68 -40.95
N GLN E 469 11.92 -10.69 -41.86
CA GLN E 469 11.30 -11.94 -42.32
C GLN E 469 11.50 -12.08 -43.82
N PRO E 470 12.47 -12.88 -44.27
CA PRO E 470 12.71 -13.02 -45.71
C PRO E 470 11.51 -13.66 -46.42
N LEU E 471 11.35 -13.30 -47.69
CA LEU E 471 10.25 -13.81 -48.51
C LEU E 471 10.70 -14.99 -49.35
N THR E 472 11.05 -16.07 -48.68
CA THR E 472 11.47 -17.30 -49.35
C THR E 472 10.33 -18.33 -49.32
N ASP E 473 10.49 -19.37 -50.14
CA ASP E 473 9.47 -20.40 -50.20
C ASP E 473 9.41 -21.20 -48.91
N GLU E 474 10.55 -21.42 -48.26
CA GLU E 474 10.56 -22.18 -47.02
C GLU E 474 9.99 -21.37 -45.86
N ASN E 475 10.08 -20.05 -45.92
CA ASN E 475 9.64 -19.18 -44.85
C ASN E 475 8.25 -18.60 -45.10
N LYS E 476 7.55 -19.05 -46.13
CA LYS E 476 6.25 -18.47 -46.45
C LYS E 476 5.23 -18.75 -45.36
N LYS E 477 5.26 -19.96 -44.78
CA LYS E 477 4.30 -20.29 -43.72
C LYS E 477 4.56 -19.46 -42.48
N ASN E 478 5.83 -19.36 -42.07
CA ASN E 478 6.18 -18.54 -40.90
C ASN E 478 5.85 -17.07 -41.14
N ARG E 479 6.12 -16.58 -42.36
CA ARG E 479 5.80 -15.19 -42.67
C ARG E 479 4.30 -14.94 -42.63
N GLU E 480 3.52 -15.88 -43.16
CA GLU E 480 2.06 -15.74 -43.12
C GLU E 480 1.54 -15.73 -41.70
N LEU E 481 2.08 -16.62 -40.85
CA LEU E 481 1.67 -16.62 -39.45
C LEU E 481 2.05 -15.30 -38.78
N TYR E 482 3.24 -14.79 -39.09
CA TYR E 482 3.68 -13.51 -38.54
C TYR E 482 2.73 -12.38 -38.92
N GLU E 483 2.38 -12.30 -40.20
CA GLU E 483 1.48 -11.26 -40.67
C GLU E 483 0.10 -11.39 -40.03
N LYS E 484 -0.41 -12.62 -39.95
CA LYS E 484 -1.74 -12.84 -39.37
C LYS E 484 -1.77 -12.42 -37.91
N THR E 485 -0.75 -12.84 -37.14
CA THR E 485 -0.71 -12.48 -35.73
C THR E 485 -0.58 -10.98 -35.55
N LEU E 486 0.23 -10.32 -36.37
CA LEU E 486 0.38 -8.87 -36.26
C LEU E 486 -0.92 -8.16 -36.58
N SER E 487 -1.60 -8.60 -37.64
CA SER E 487 -2.85 -7.94 -38.05
C SER E 487 -4.00 -8.24 -37.09
N SER E 488 -3.90 -9.31 -36.31
CA SER E 488 -4.97 -9.63 -35.38
C SER E 488 -5.11 -8.61 -34.24
N CYS E 489 -4.15 -7.71 -34.08
CA CYS E 489 -4.17 -6.78 -32.96
C CYS E 489 -5.15 -5.63 -33.12
N LEU E 490 -5.77 -5.47 -34.29
CA LEU E 490 -6.69 -4.37 -34.53
C LEU E 490 -8.13 -4.70 -34.21
N CYS E 491 -8.43 -5.93 -33.80
CA CYS E 491 -9.81 -6.33 -33.55
C CYS E 491 -10.16 -6.19 -32.07
N GLY E 492 -11.45 -6.04 -31.81
CA GLY E 492 -11.95 -5.91 -30.45
C GLY E 492 -12.67 -7.15 -29.96
N ALA E 493 -12.38 -8.29 -30.57
CA ALA E 493 -12.99 -9.55 -30.17
C ALA E 493 -12.07 -10.28 -29.20
N THR E 494 -12.42 -11.52 -28.88
CA THR E 494 -11.64 -12.34 -27.96
C THR E 494 -10.87 -13.40 -28.76
N LYS E 495 -9.59 -13.55 -28.44
CA LYS E 495 -8.71 -14.46 -29.16
C LYS E 495 -8.51 -15.74 -28.35
N GLY E 496 -8.59 -16.88 -29.03
CA GLY E 496 -8.53 -18.16 -28.36
C GLY E 496 -7.17 -18.82 -28.35
N CYS E 497 -6.11 -18.04 -28.58
CA CYS E 497 -4.75 -18.59 -28.57
C CYS E 497 -3.77 -17.46 -28.30
N LEU E 498 -2.57 -17.85 -27.89
CA LEU E 498 -1.49 -16.91 -27.64
C LEU E 498 -0.23 -17.39 -28.35
N THR E 499 0.61 -16.44 -28.75
CA THR E 499 1.75 -16.71 -29.61
C THR E 499 3.06 -16.40 -28.89
N PHE E 500 4.09 -17.17 -29.23
CA PHE E 500 5.42 -16.99 -28.68
C PHE E 500 6.36 -16.49 -29.77
N PHE E 501 7.08 -15.41 -29.47
CA PHE E 501 8.12 -14.90 -30.36
C PHE E 501 9.44 -15.52 -29.94
N PHE E 502 9.88 -16.55 -30.67
CA PHE E 502 11.08 -17.29 -30.34
C PHE E 502 12.20 -16.90 -31.30
N GLY E 503 13.35 -16.54 -30.74
CA GLY E 503 14.50 -16.17 -31.54
C GLY E 503 15.69 -15.92 -30.66
N GLU E 504 16.84 -15.71 -31.32
CA GLU E 504 18.09 -15.47 -30.63
C GLU E 504 18.27 -13.97 -30.41
N THR E 505 19.47 -13.58 -29.96
CA THR E 505 19.74 -12.19 -29.68
C THR E 505 19.90 -11.38 -30.97
N ALA E 506 19.44 -10.13 -30.92
CA ALA E 506 19.57 -9.19 -32.04
C ALA E 506 18.91 -9.74 -33.30
N THR E 507 17.69 -10.25 -33.15
CA THR E 507 16.92 -10.76 -34.28
C THR E 507 15.80 -9.83 -34.70
N GLY E 508 15.53 -8.77 -33.95
CA GLY E 508 14.57 -7.77 -34.35
C GLY E 508 13.18 -7.88 -33.76
N LYS E 509 12.97 -8.76 -32.78
CA LYS E 509 11.64 -8.88 -32.18
C LYS E 509 11.30 -7.62 -31.37
N SER E 510 12.27 -7.06 -30.66
CA SER E 510 12.02 -5.81 -29.94
C SER E 510 11.68 -4.67 -30.90
N THR E 511 12.31 -4.67 -32.08
CA THR E 511 11.96 -3.67 -33.08
C THR E 511 10.52 -3.82 -33.53
N THR E 512 10.07 -5.06 -33.73
CA THR E 512 8.68 -5.30 -34.09
C THR E 512 7.74 -4.83 -32.98
N LYS E 513 8.10 -5.11 -31.73
CA LYS E 513 7.28 -4.66 -30.61
C LYS E 513 7.17 -3.14 -30.57
N ARG E 514 8.29 -2.44 -30.76
CA ARG E 514 8.27 -0.98 -30.75
C ARG E 514 7.46 -0.44 -31.92
N LEU E 515 7.58 -1.06 -33.10
CA LEU E 515 6.78 -0.65 -34.24
C LEU E 515 5.30 -0.80 -33.96
N LEU E 516 4.89 -1.93 -33.38
CA LEU E 516 3.49 -2.16 -33.06
C LEU E 516 2.99 -1.14 -32.04
N LYS E 517 3.81 -0.87 -31.01
CA LYS E 517 3.41 0.11 -30.01
C LYS E 517 3.22 1.49 -30.63
N SER E 518 4.17 1.91 -31.47
CA SER E 518 4.05 3.20 -32.12
C SER E 518 2.83 3.24 -33.04
N ALA E 519 2.49 2.11 -33.67
CA ALA E 519 1.37 2.10 -34.58
C ALA E 519 0.03 2.20 -33.86
N ILE E 520 -0.13 1.45 -32.76
CA ILE E 520 -1.45 1.33 -32.14
C ILE E 520 -1.60 2.17 -30.87
N GLY E 521 -0.60 2.95 -30.49
CA GLY E 521 -0.80 3.93 -29.44
C GLY E 521 -1.13 3.30 -28.10
N ASP E 522 -2.17 3.83 -27.45
CA ASP E 522 -2.50 3.43 -26.08
C ASP E 522 -3.14 2.06 -25.99
N LEU E 523 -3.56 1.46 -27.11
CA LEU E 523 -4.11 0.12 -27.07
C LEU E 523 -3.05 -0.94 -26.77
N PHE E 524 -1.78 -0.56 -26.78
CA PHE E 524 -0.69 -1.47 -26.48
C PHE E 524 -0.38 -1.41 -24.99
N VAL E 525 -0.23 -2.58 -24.36
CA VAL E 525 0.10 -2.65 -22.94
C VAL E 525 1.12 -3.76 -22.73
N GLU E 526 2.14 -3.49 -21.92
CA GLU E 526 3.13 -4.48 -21.53
C GLU E 526 3.08 -4.67 -20.03
N THR E 527 3.13 -5.93 -19.60
CA THR E 527 3.04 -6.27 -18.19
C THR E 527 4.04 -7.37 -17.88
N GLY E 528 4.29 -7.56 -16.59
CA GLY E 528 5.25 -8.56 -16.16
C GLY E 528 4.75 -9.98 -16.33
N GLN E 529 5.65 -10.92 -16.12
CA GLN E 529 5.33 -12.34 -16.28
C GLN E 529 4.71 -12.94 -15.03
N THR E 530 4.38 -12.13 -14.03
CA THR E 530 3.73 -12.65 -12.83
C THR E 530 2.38 -13.28 -13.15
N ILE E 531 1.71 -12.79 -14.21
CA ILE E 531 0.45 -13.38 -14.62
C ILE E 531 0.64 -14.79 -15.16
N LEU E 532 1.85 -15.14 -15.60
CA LEU E 532 2.13 -16.45 -16.17
C LEU E 532 2.55 -17.47 -15.13
N THR E 533 2.81 -17.07 -13.89
CA THR E 533 3.32 -18.00 -12.90
C THR E 533 2.54 -18.00 -11.60
N ASP E 534 2.04 -16.84 -11.17
CA ASP E 534 1.43 -16.73 -9.85
C ASP E 534 -0.09 -16.89 -9.92
N VAL E 535 -0.68 -17.12 -8.75
CA VAL E 535 -2.13 -17.23 -8.65
C VAL E 535 -2.76 -15.86 -8.89
N LEU E 536 -3.79 -15.84 -9.74
CA LEU E 536 -4.36 -14.58 -10.22
C LEU E 536 -5.42 -14.00 -9.29
N ASP E 537 -6.24 -14.83 -8.66
CA ASP E 537 -7.43 -14.35 -7.96
C ASP E 537 -7.19 -14.08 -6.49
N LYS E 538 -5.96 -14.20 -5.99
CA LYS E 538 -5.66 -13.97 -4.59
C LYS E 538 -5.05 -12.59 -4.42
N GLY E 539 -5.71 -11.73 -3.67
CA GLY E 539 -5.23 -10.39 -3.42
C GLY E 539 -5.41 -9.48 -4.62
N PRO E 540 -5.01 -8.22 -4.49
CA PRO E 540 -5.12 -7.30 -5.62
C PRO E 540 -4.10 -7.61 -6.70
N ASN E 541 -4.54 -7.52 -7.95
CA ASN E 541 -3.70 -7.77 -9.12
C ASN E 541 -3.88 -6.63 -10.10
N PRO E 542 -3.19 -5.51 -9.88
CA PRO E 542 -3.30 -4.37 -10.82
C PRO E 542 -2.83 -4.71 -12.22
N PHE E 543 -1.92 -5.67 -12.37
CA PHE E 543 -1.45 -6.05 -13.70
C PHE E 543 -2.59 -6.62 -14.53
N ILE E 544 -3.42 -7.46 -13.93
CA ILE E 544 -4.59 -7.98 -14.64
C ILE E 544 -5.61 -6.89 -14.85
N ALA E 545 -5.79 -6.02 -13.86
CA ALA E 545 -6.81 -4.97 -13.96
C ALA E 545 -6.51 -4.02 -15.12
N ASN E 546 -5.24 -3.70 -15.33
CA ASN E 546 -4.87 -2.80 -16.42
C ASN E 546 -5.10 -3.43 -17.79
N MET E 547 -5.27 -4.74 -17.86
CA MET E 547 -5.50 -5.43 -19.12
C MET E 547 -6.90 -5.17 -19.68
N HIS E 548 -7.81 -4.64 -18.86
CA HIS E 548 -9.21 -4.46 -19.25
C HIS E 548 -9.34 -3.67 -20.55
N LEU E 549 -10.01 -4.27 -21.53
CA LEU E 549 -10.37 -3.64 -22.79
C LEU E 549 -9.17 -3.25 -23.63
N LYS E 550 -7.99 -3.80 -23.34
CA LYS E 550 -6.82 -3.55 -24.17
C LYS E 550 -6.79 -4.53 -25.33
N ARG E 551 -6.19 -4.10 -26.44
CA ARG E 551 -6.19 -4.90 -27.66
C ARG E 551 -4.89 -5.68 -27.87
N SER E 552 -3.79 -5.27 -27.27
CA SER E 552 -2.53 -5.97 -27.43
C SER E 552 -1.76 -5.95 -26.11
N VAL E 553 -1.29 -7.12 -25.69
CA VAL E 553 -0.56 -7.28 -24.43
C VAL E 553 0.74 -8.01 -24.75
N PHE E 554 1.85 -7.48 -24.22
CA PHE E 554 3.18 -8.02 -24.47
C PHE E 554 3.87 -8.40 -23.17
N CYS E 555 4.57 -9.53 -23.20
CA CYS E 555 5.40 -9.98 -22.09
C CYS E 555 6.75 -10.42 -22.65
N SER E 556 7.82 -9.98 -21.99
CA SER E 556 9.17 -10.15 -22.50
C SER E 556 10.08 -10.71 -21.42
N GLU E 557 11.24 -11.20 -21.87
CA GLU E 557 12.32 -11.65 -20.98
C GLU E 557 11.85 -12.79 -20.07
N LEU E 558 11.50 -13.91 -20.70
CA LEU E 558 11.14 -15.10 -19.94
C LEU E 558 12.40 -15.77 -19.40
N PRO E 559 12.48 -16.03 -18.10
CA PRO E 559 13.67 -16.69 -17.55
C PRO E 559 13.81 -18.12 -18.06
N ASP E 560 15.05 -18.58 -18.11
CA ASP E 560 15.32 -19.95 -18.49
C ASP E 560 14.75 -20.91 -17.45
N PHE E 561 14.12 -21.98 -17.92
CA PHE E 561 13.48 -22.95 -17.04
C PHE E 561 14.28 -24.24 -16.89
N ALA E 562 15.26 -24.48 -17.75
CA ALA E 562 16.09 -25.67 -17.63
C ALA E 562 16.87 -25.66 -16.32
N CYS E 563 17.42 -24.51 -15.94
CA CYS E 563 18.13 -24.38 -14.68
C CYS E 563 17.17 -24.53 -13.51
N SER E 564 17.67 -25.13 -12.44
CA SER E 564 16.85 -25.37 -11.26
C SER E 564 16.51 -24.06 -10.58
N GLY E 565 15.40 -24.07 -9.83
CA GLY E 565 14.91 -22.89 -9.16
C GLY E 565 14.02 -21.98 -9.99
N SER E 566 13.75 -22.35 -11.24
CA SER E 566 12.91 -21.54 -12.12
C SER E 566 11.46 -21.95 -11.98
N LYS E 567 10.58 -20.96 -11.78
CA LYS E 567 9.15 -21.25 -11.69
C LYS E 567 8.62 -21.68 -13.05
N LYS E 568 7.85 -22.76 -13.06
CA LYS E 568 7.27 -23.25 -14.31
C LYS E 568 6.02 -22.48 -14.68
N ILE E 569 5.55 -22.70 -15.90
CA ILE E 569 4.39 -22.00 -16.44
C ILE E 569 3.13 -22.78 -16.07
N ARG E 570 2.17 -22.09 -15.47
CA ARG E 570 0.93 -22.71 -15.04
C ARG E 570 -0.01 -22.86 -16.25
N SER E 571 -0.34 -24.11 -16.60
CA SER E 571 -1.29 -24.33 -17.67
C SER E 571 -2.67 -23.79 -17.33
N ASP E 572 -3.00 -23.75 -16.03
CA ASP E 572 -4.27 -23.15 -15.61
C ASP E 572 -4.34 -21.69 -16.01
N ASN E 573 -3.23 -20.96 -15.85
CA ASN E 573 -3.18 -19.57 -16.28
C ASN E 573 -3.45 -19.44 -17.77
N ILE E 574 -2.86 -20.34 -18.56
CA ILE E 574 -3.07 -20.32 -20.00
C ILE E 574 -4.54 -20.54 -20.33
N LYS E 575 -5.17 -21.51 -19.66
CA LYS E 575 -6.57 -21.77 -19.92
C LYS E 575 -7.45 -20.60 -19.51
N LYS E 576 -7.14 -19.96 -18.38
CA LYS E 576 -7.94 -18.82 -17.93
C LYS E 576 -7.79 -17.62 -18.86
N LEU E 577 -6.60 -17.40 -19.39
CA LEU E 577 -6.34 -16.21 -20.18
C LEU E 577 -7.03 -16.22 -21.54
N THR E 578 -7.61 -17.36 -21.95
CA THR E 578 -8.33 -17.45 -23.23
C THR E 578 -9.83 -17.48 -23.02
N GLU E 579 -10.34 -16.72 -22.05
CA GLU E 579 -11.76 -16.68 -21.74
C GLU E 579 -12.32 -15.29 -22.02
N PRO E 580 -13.62 -15.20 -22.31
CA PRO E 580 -14.21 -13.87 -22.58
C PRO E 580 -14.07 -12.90 -21.42
N CYS E 581 -14.12 -13.39 -20.19
CA CYS E 581 -13.98 -12.53 -19.02
C CYS E 581 -12.88 -13.09 -18.12
N VAL E 582 -12.08 -12.19 -17.55
CA VAL E 582 -10.97 -12.56 -16.68
C VAL E 582 -11.26 -12.02 -15.29
N ILE E 583 -11.02 -12.86 -14.28
CA ILE E 583 -11.31 -12.51 -12.89
C ILE E 583 -10.07 -11.91 -12.26
N GLY E 584 -10.19 -10.68 -11.77
CA GLY E 584 -9.10 -9.98 -11.13
C GLY E 584 -9.56 -8.67 -10.52
N ARG E 585 -8.98 -8.28 -9.39
CA ARG E 585 -9.43 -7.11 -8.67
C ARG E 585 -8.27 -6.15 -8.44
N PRO E 586 -8.35 -4.90 -8.91
CA PRO E 586 -7.34 -3.91 -8.53
C PRO E 586 -7.48 -3.51 -7.07
N CYS E 587 -6.40 -2.95 -6.53
CA CYS E 587 -6.38 -2.56 -5.12
C CYS E 587 -7.41 -1.47 -4.85
N PHE E 588 -8.04 -1.56 -3.68
CA PHE E 588 -9.08 -0.62 -3.25
C PHE E 588 -10.23 -0.56 -4.24
N SER E 589 -10.78 -1.73 -4.56
CA SER E 589 -11.87 -1.83 -5.52
C SER E 589 -12.65 -3.11 -5.25
N ASN E 590 -13.82 -3.21 -5.87
CA ASN E 590 -14.68 -4.38 -5.74
C ASN E 590 -14.95 -5.11 -7.04
N LYS E 591 -14.74 -4.47 -8.20
CA LYS E 591 -14.97 -5.14 -9.47
C LYS E 591 -13.98 -6.29 -9.63
N ILE E 592 -14.48 -7.44 -10.07
CA ILE E 592 -13.66 -8.64 -10.18
C ILE E 592 -13.78 -9.24 -11.58
N ASN E 593 -14.30 -8.46 -12.53
CA ASN E 593 -14.46 -8.93 -13.90
C ASN E 593 -13.83 -7.93 -14.86
N ASN E 594 -13.11 -8.44 -15.86
CA ASN E 594 -12.51 -7.61 -16.89
C ASN E 594 -12.75 -8.25 -18.24
N ARG E 595 -13.07 -7.42 -19.23
CA ARG E 595 -13.29 -7.91 -20.58
C ARG E 595 -11.96 -8.18 -21.27
N ASN E 596 -11.91 -9.26 -22.04
CA ASN E 596 -10.68 -9.75 -22.64
C ASN E 596 -10.75 -9.56 -24.15
N HIS E 597 -10.16 -8.47 -24.63
CA HIS E 597 -10.04 -8.19 -26.06
C HIS E 597 -8.59 -8.22 -26.53
N ALA E 598 -7.70 -8.78 -25.73
CA ALA E 598 -6.26 -8.61 -25.93
C ALA E 598 -5.66 -9.80 -26.66
N THR E 599 -4.79 -9.50 -27.61
CA THR E 599 -3.90 -10.49 -28.21
C THR E 599 -2.61 -10.51 -27.40
N ILE E 600 -2.25 -11.67 -26.87
CA ILE E 600 -1.14 -11.80 -25.93
C ILE E 600 0.06 -12.36 -26.67
N ILE E 601 1.19 -11.68 -26.56
CA ILE E 601 2.43 -12.07 -27.25
C ILE E 601 3.55 -12.10 -26.22
N ILE E 602 4.29 -13.21 -26.19
CA ILE E 602 5.44 -13.38 -25.31
C ILE E 602 6.67 -13.56 -26.18
N ASP E 603 7.71 -12.77 -25.91
CA ASP E 603 8.97 -12.89 -26.63
C ASP E 603 10.05 -13.43 -25.69
N THR E 604 10.75 -14.46 -26.13
CA THR E 604 11.74 -15.13 -25.30
C THR E 604 12.79 -15.77 -26.18
N ASN E 605 13.92 -16.13 -25.57
CA ASN E 605 15.01 -16.80 -26.27
C ASN E 605 15.08 -18.30 -25.99
N TYR E 606 14.36 -18.78 -24.98
CA TYR E 606 14.39 -20.19 -24.60
C TYR E 606 13.01 -20.81 -24.79
N LYS E 607 13.01 -22.10 -25.12
CA LYS E 607 11.75 -22.80 -25.35
C LYS E 607 11.00 -22.95 -24.03
N PRO E 608 9.70 -22.65 -24.00
CA PRO E 608 8.96 -22.69 -22.73
C PRO E 608 8.81 -24.10 -22.19
N VAL E 609 8.64 -24.19 -20.88
CA VAL E 609 8.42 -25.44 -20.18
C VAL E 609 7.16 -25.31 -19.32
N PHE E 610 6.26 -26.27 -19.43
CA PHE E 610 5.01 -26.27 -18.68
C PHE E 610 5.03 -27.39 -17.64
N ASP E 611 4.29 -27.18 -16.54
CA ASP E 611 4.21 -28.20 -15.51
C ASP E 611 3.48 -29.45 -16.00
N ARG E 612 2.36 -29.27 -16.70
CA ARG E 612 1.59 -30.39 -17.21
C ARG E 612 1.16 -30.10 -18.63
N ILE E 613 1.09 -31.16 -19.44
CA ILE E 613 0.72 -31.05 -20.85
C ILE E 613 -0.42 -32.01 -21.14
N ASP E 614 -1.41 -31.54 -21.90
CA ASP E 614 -2.56 -32.34 -22.26
C ASP E 614 -3.16 -31.78 -23.54
N ASN E 615 -4.24 -32.40 -24.00
CA ASN E 615 -4.88 -31.96 -25.24
C ASN E 615 -5.49 -30.58 -25.10
N ALA E 616 -6.03 -30.24 -23.92
CA ALA E 616 -6.62 -28.93 -23.72
C ALA E 616 -5.58 -27.82 -23.88
N LEU E 617 -4.39 -28.04 -23.34
CA LEU E 617 -3.32 -27.05 -23.46
C LEU E 617 -2.71 -27.03 -24.86
N MET E 618 -2.66 -28.19 -25.53
CA MET E 618 -1.97 -28.29 -26.80
C MET E 618 -2.68 -27.57 -27.94
N ARG E 619 -3.92 -27.12 -27.73
CA ARG E 619 -4.68 -26.47 -28.80
C ARG E 619 -4.76 -24.95 -28.63
N ARG E 620 -3.96 -24.37 -27.75
CA ARG E 620 -3.94 -22.92 -27.55
C ARG E 620 -2.52 -22.39 -27.49
N ILE E 621 -1.64 -22.87 -28.37
CA ILE E 621 -0.25 -22.45 -28.39
C ILE E 621 0.19 -22.21 -29.84
N ALA E 622 0.81 -21.07 -30.08
CA ALA E 622 1.37 -20.74 -31.38
C ALA E 622 2.77 -20.16 -31.19
N VAL E 623 3.59 -20.25 -32.23
CA VAL E 623 5.00 -19.86 -32.13
C VAL E 623 5.46 -19.32 -33.48
N VAL E 624 6.25 -18.25 -33.44
CA VAL E 624 6.85 -17.64 -34.62
C VAL E 624 8.35 -17.59 -34.42
N ARG E 625 9.11 -17.92 -35.46
CA ARG E 625 10.56 -18.00 -35.39
C ARG E 625 11.20 -16.80 -36.06
N PHE E 626 12.36 -16.41 -35.55
CA PHE E 626 13.17 -15.34 -36.11
C PHE E 626 14.58 -15.88 -36.35
N ARG E 627 15.09 -15.72 -37.58
CA ARG E 627 16.35 -16.34 -37.96
C ARG E 627 17.33 -15.38 -38.64
N THR E 628 17.07 -14.08 -38.62
CA THR E 628 17.97 -13.09 -39.21
C THR E 628 18.68 -12.32 -38.10
N HIS E 629 20.00 -12.22 -38.20
CA HIS E 629 20.81 -11.60 -37.18
C HIS E 629 21.44 -10.32 -37.72
N PHE E 630 21.30 -9.23 -36.95
CA PHE E 630 21.90 -7.94 -37.30
C PHE E 630 23.16 -7.79 -36.46
N SER E 631 24.32 -7.82 -37.11
CA SER E 631 25.59 -7.93 -36.39
C SER E 631 26.51 -6.74 -36.68
N GLN E 632 27.31 -6.41 -35.68
CA GLN E 632 28.38 -5.45 -35.83
C GLN E 632 29.37 -6.03 -36.84
N PRO E 633 29.90 -5.23 -37.77
CA PRO E 633 30.88 -5.77 -38.72
C PRO E 633 32.07 -6.46 -38.06
N SER E 634 32.42 -6.06 -36.83
CA SER E 634 33.50 -6.73 -36.12
C SER E 634 33.16 -8.19 -35.85
N GLY E 635 31.91 -8.48 -35.49
CA GLY E 635 31.52 -9.83 -35.12
C GLY E 635 30.77 -10.60 -36.19
N ARG E 636 30.85 -10.16 -37.45
CA ARG E 636 30.11 -10.81 -38.52
C ARG E 636 30.56 -12.25 -38.70
N GLU E 637 31.88 -12.49 -38.69
CA GLU E 637 32.40 -13.84 -38.90
C GLU E 637 32.00 -14.77 -37.77
N ALA E 638 31.87 -14.26 -36.54
CA ALA E 638 31.40 -15.08 -35.44
C ALA E 638 29.96 -15.51 -35.66
N ALA E 639 29.11 -14.60 -36.15
CA ALA E 639 27.72 -14.96 -36.42
C ALA E 639 27.60 -15.89 -37.63
N GLU E 640 28.58 -15.86 -38.54
CA GLU E 640 28.51 -16.71 -39.71
C GLU E 640 28.57 -18.20 -39.36
N ASN E 641 29.04 -18.54 -38.16
CA ASN E 641 29.24 -19.93 -37.77
C ASN E 641 28.17 -20.44 -36.81
N ASN E 642 27.09 -19.68 -36.61
CA ASN E 642 26.01 -20.10 -35.73
C ASN E 642 24.92 -20.78 -36.54
N ASP E 643 24.49 -21.96 -36.09
CA ASP E 643 23.46 -22.70 -36.81
C ASP E 643 22.09 -22.06 -36.62
N ALA E 644 21.87 -21.35 -35.51
CA ALA E 644 20.59 -20.71 -35.28
C ALA E 644 20.29 -19.65 -36.33
N TYR E 645 21.28 -18.82 -36.64
CA TYR E 645 21.10 -17.76 -37.62
C TYR E 645 21.05 -18.33 -39.03
N ASP E 646 20.22 -17.73 -39.88
CA ASP E 646 20.14 -18.11 -41.28
C ASP E 646 20.67 -17.04 -42.22
N LYS E 647 20.74 -15.79 -41.78
CA LYS E 647 21.31 -14.71 -42.57
C LYS E 647 21.85 -13.65 -41.63
N VAL E 648 22.93 -13.00 -42.05
CA VAL E 648 23.60 -11.99 -41.25
C VAL E 648 23.62 -10.69 -42.04
N LYS E 649 23.19 -9.61 -41.39
CA LYS E 649 23.22 -8.29 -42.00
C LYS E 649 23.96 -7.30 -41.12
N LEU E 650 23.88 -6.02 -41.45
CA LEU E 650 24.62 -4.98 -40.76
C LEU E 650 23.69 -4.18 -39.85
N LEU E 651 24.10 -4.01 -38.60
CA LEU E 651 23.30 -3.27 -37.64
C LEU E 651 23.23 -1.80 -38.03
N ASP E 652 22.03 -1.22 -37.92
CA ASP E 652 21.81 0.19 -38.18
C ASP E 652 21.65 0.92 -36.86
N GLU E 653 22.52 1.90 -36.60
CA GLU E 653 22.47 2.61 -35.33
C GLU E 653 21.30 3.58 -35.27
N GLY E 654 21.03 4.29 -36.36
CA GLY E 654 20.01 5.32 -36.37
C GLY E 654 18.59 4.84 -36.51
N LEU E 655 18.37 3.53 -36.66
CA LEU E 655 17.02 3.00 -36.82
C LEU E 655 16.19 3.22 -35.56
N ASP E 656 16.81 3.06 -34.40
CA ASP E 656 16.06 3.19 -33.15
C ASP E 656 15.49 4.59 -32.99
N GLY E 657 16.27 5.61 -33.32
CA GLY E 657 15.77 6.97 -33.21
C GLY E 657 14.60 7.23 -34.13
N LYS E 658 14.67 6.72 -35.36
CA LYS E 658 13.55 6.85 -36.29
C LYS E 658 12.32 6.13 -35.76
N ILE E 659 12.49 4.93 -35.21
CA ILE E 659 11.35 4.16 -34.70
C ILE E 659 10.68 4.90 -33.55
N GLN E 660 11.49 5.42 -32.62
CA GLN E 660 10.94 6.11 -31.46
C GLN E 660 10.30 7.45 -31.84
N ASN E 661 10.65 8.01 -32.99
CA ASN E 661 10.14 9.31 -33.40
C ASN E 661 8.82 9.22 -34.16
N ASN E 662 8.18 8.05 -34.17
CA ASN E 662 6.89 7.84 -34.81
C ASN E 662 6.95 8.18 -36.30
N ARG E 663 8.09 7.87 -36.93
CA ARG E 663 8.24 8.14 -38.35
C ARG E 663 7.45 7.13 -39.20
N TYR E 664 7.20 5.93 -38.67
CA TYR E 664 6.56 4.87 -39.43
C TYR E 664 5.19 4.51 -38.86
N ARG E 665 4.50 5.48 -38.28
CA ARG E 665 3.17 5.23 -37.72
C ARG E 665 2.19 4.81 -38.81
N PHE E 666 1.90 5.71 -39.74
CA PHE E 666 0.80 5.51 -40.66
C PHE E 666 1.14 4.49 -41.74
N ALA E 667 2.40 4.37 -42.13
CA ALA E 667 2.78 3.31 -43.06
C ALA E 667 2.52 1.93 -42.46
N PHE E 668 2.92 1.74 -41.21
CA PHE E 668 2.66 0.46 -40.55
C PHE E 668 1.17 0.25 -40.34
N LEU E 669 0.43 1.33 -40.05
CA LEU E 669 -1.01 1.20 -39.91
C LEU E 669 -1.66 0.75 -41.21
N TYR E 670 -1.23 1.33 -42.33
CA TYR E 670 -1.75 0.92 -43.63
C TYR E 670 -1.42 -0.54 -43.93
N LEU E 671 -0.18 -0.95 -43.63
CA LEU E 671 0.20 -2.34 -43.85
C LEU E 671 -0.66 -3.28 -43.00
N LEU E 672 -0.88 -2.91 -41.73
CA LEU E 672 -1.68 -3.74 -40.84
C LEU E 672 -3.11 -3.86 -41.32
N VAL E 673 -3.71 -2.75 -41.76
CA VAL E 673 -5.09 -2.81 -42.21
C VAL E 673 -5.20 -3.61 -43.50
N LYS E 674 -4.19 -3.53 -44.37
CA LYS E 674 -4.19 -4.36 -45.58
C LYS E 674 -4.14 -5.83 -45.22
N TRP E 675 -3.27 -6.19 -44.28
CA TRP E 675 -3.17 -7.59 -43.85
C TRP E 675 -4.47 -8.06 -43.22
N TYR E 676 -5.08 -7.22 -42.39
CA TYR E 676 -6.33 -7.60 -41.74
C TYR E 676 -7.43 -7.82 -42.77
N LYS E 677 -7.53 -6.95 -43.77
CA LYS E 677 -8.51 -7.15 -44.82
C LYS E 677 -8.23 -8.43 -45.60
N LYS E 678 -6.96 -8.73 -45.85
CA LYS E 678 -6.62 -9.93 -46.60
C LYS E 678 -6.98 -11.21 -45.84
N TYR E 679 -6.70 -11.24 -44.53
CA TYR E 679 -6.76 -12.49 -43.78
C TYR E 679 -8.08 -12.69 -43.05
N HIS E 680 -8.48 -11.75 -42.21
CA HIS E 680 -9.53 -11.99 -41.23
C HIS E 680 -10.92 -11.59 -41.70
N ILE E 681 -11.08 -11.12 -42.94
CA ILE E 681 -12.37 -10.66 -43.41
C ILE E 681 -13.42 -11.77 -43.49
N PRO E 682 -13.12 -13.02 -43.96
CA PRO E 682 -14.22 -13.99 -44.07
C PRO E 682 -14.73 -14.44 -42.70
N ILE E 683 -13.81 -14.83 -41.82
CA ILE E 683 -14.11 -15.27 -40.47
C ILE E 683 -12.92 -14.90 -39.59
N MET E 684 -13.11 -14.96 -38.28
CA MET E 684 -12.09 -14.58 -37.31
C MET E 684 -11.67 -15.82 -36.54
N LYS E 685 -10.42 -16.23 -36.70
CA LYS E 685 -9.95 -17.45 -36.06
C LYS E 685 -8.42 -17.43 -35.96
N LEU E 686 -7.92 -18.16 -34.96
CA LEU E 686 -6.50 -18.42 -34.79
C LEU E 686 -6.30 -19.90 -34.53
N TYR E 687 -5.17 -20.43 -34.98
CA TYR E 687 -4.95 -21.87 -34.91
C TYR E 687 -3.62 -22.18 -34.26
N PRO E 688 -3.52 -23.30 -33.56
CA PRO E 688 -2.26 -23.66 -32.89
C PRO E 688 -1.31 -24.43 -33.81
N THR E 689 -0.04 -24.43 -33.40
CA THR E 689 1.02 -25.14 -34.11
C THR E 689 1.75 -26.03 -33.10
N PRO E 690 1.17 -27.16 -32.73
CA PRO E 690 1.78 -28.01 -31.70
C PRO E 690 3.09 -28.65 -32.12
N GLU E 691 3.39 -28.69 -33.42
CA GLU E 691 4.55 -29.44 -33.89
C GLU E 691 5.86 -28.84 -33.38
N GLU E 692 5.95 -27.51 -33.36
CA GLU E 692 7.23 -26.85 -33.06
C GLU E 692 7.69 -27.15 -31.63
N ILE E 693 6.77 -27.16 -30.68
CA ILE E 693 7.16 -27.43 -29.28
C ILE E 693 7.63 -28.87 -29.17
N PRO E 694 8.83 -29.11 -28.64
CA PRO E 694 9.34 -30.49 -28.59
C PRO E 694 8.50 -31.44 -27.74
N ASP E 695 7.93 -30.93 -26.65
CA ASP E 695 7.18 -31.81 -25.74
C ASP E 695 5.92 -32.35 -26.40
N PHE E 696 5.23 -31.53 -27.20
CA PHE E 696 3.97 -31.95 -27.78
C PHE E 696 4.15 -33.05 -28.81
N ALA E 697 5.34 -33.13 -29.42
CA ALA E 697 5.59 -34.15 -30.44
C ALA E 697 5.51 -35.55 -29.84
N PHE E 698 6.00 -35.72 -28.62
CA PHE E 698 5.91 -37.02 -27.95
C PHE E 698 4.46 -37.43 -27.72
N TYR E 699 3.63 -36.49 -27.28
CA TYR E 699 2.22 -36.78 -27.09
C TYR E 699 1.53 -37.11 -28.40
N LEU E 700 1.86 -36.37 -29.46
CA LEU E 700 1.29 -36.67 -30.77
C LEU E 700 1.70 -38.07 -31.25
N LYS E 701 2.97 -38.44 -31.01
CA LYS E 701 3.42 -39.78 -31.39
C LYS E 701 2.67 -40.85 -30.61
N ILE E 702 2.45 -40.62 -29.31
CA ILE E 702 1.66 -41.57 -28.53
C ILE E 702 0.25 -41.69 -29.09
N GLY E 703 -0.36 -40.55 -29.40
CA GLY E 703 -1.72 -40.57 -29.94
C GLY E 703 -1.81 -41.30 -31.26
N THR E 704 -0.80 -41.16 -32.11
CA THR E 704 -0.79 -41.79 -33.42
C THR E 704 -0.23 -43.21 -33.40
N LEU E 705 0.29 -43.68 -32.26
CA LEU E 705 0.90 -44.99 -32.19
C LEU E 705 0.01 -46.04 -31.55
N LEU E 706 -1.01 -45.65 -30.79
CA LEU E 706 -1.86 -46.58 -30.07
C LEU E 706 -3.32 -46.31 -30.40
N VAL E 707 -4.15 -47.35 -30.27
CA VAL E 707 -5.59 -47.25 -30.48
C VAL E 707 -6.28 -47.83 -29.25
N SER E 708 -7.28 -47.12 -28.75
CA SER E 708 -8.03 -47.59 -27.59
C SER E 708 -8.74 -48.90 -27.90
N SER E 709 -8.75 -49.80 -26.93
CA SER E 709 -9.40 -51.09 -27.11
C SER E 709 -10.90 -50.91 -27.27
N SER E 710 -11.50 -51.76 -28.11
CA SER E 710 -12.93 -51.67 -28.37
C SER E 710 -13.46 -53.07 -28.67
N VAL E 711 -14.76 -53.15 -28.97
CA VAL E 711 -15.38 -54.43 -29.27
C VAL E 711 -14.84 -55.02 -30.57
N LYS E 712 -14.54 -54.16 -31.55
CA LYS E 712 -14.09 -54.64 -32.85
C LYS E 712 -12.78 -55.40 -32.78
N HIS E 713 -12.01 -55.24 -31.70
CA HIS E 713 -10.76 -55.97 -31.54
C HIS E 713 -10.96 -57.37 -30.98
N ILE E 714 -12.16 -57.71 -30.53
CA ILE E 714 -12.41 -59.05 -29.98
C ILE E 714 -12.20 -60.15 -31.02
N PRO E 715 -12.76 -60.06 -32.24
CA PRO E 715 -12.57 -61.16 -33.21
C PRO E 715 -11.13 -61.39 -33.61
N LEU E 716 -10.25 -60.40 -33.46
CA LEU E 716 -8.86 -60.55 -33.82
C LEU E 716 -8.03 -61.22 -32.73
N MET E 717 -8.65 -61.58 -31.61
CA MET E 717 -7.92 -62.17 -30.49
C MET E 717 -7.16 -63.42 -30.91
N THR E 718 -7.71 -64.18 -31.86
CA THR E 718 -7.03 -65.40 -32.34
C THR E 718 -5.61 -65.10 -32.78
N ASP E 719 -5.38 -63.92 -33.36
CA ASP E 719 -4.02 -63.48 -33.65
C ASP E 719 -3.41 -62.71 -32.48
N LEU E 720 -4.23 -61.92 -31.77
CA LEU E 720 -3.73 -61.11 -30.67
C LEU E 720 -3.21 -61.95 -29.52
N SER E 721 -3.69 -63.20 -29.38
CA SER E 721 -3.13 -64.08 -28.37
C SER E 721 -1.67 -64.40 -28.65
N LYS E 722 -1.28 -64.41 -29.93
CA LYS E 722 0.12 -64.64 -30.27
C LYS E 722 1.00 -63.44 -29.98
N LYS E 723 0.41 -62.26 -29.79
CA LYS E 723 1.15 -61.03 -29.54
C LYS E 723 1.28 -60.71 -28.06
N GLY E 724 0.85 -61.62 -27.18
CA GLY E 724 0.95 -61.41 -25.74
C GLY E 724 -0.31 -60.88 -25.09
N TYR E 725 -1.27 -60.39 -25.87
CA TYR E 725 -2.53 -59.92 -25.31
C TYR E 725 -3.33 -61.08 -24.74
N ILE E 726 -3.94 -60.86 -23.58
CA ILE E 726 -4.81 -61.85 -22.95
C ILE E 726 -6.17 -61.22 -22.72
N LEU E 727 -7.22 -62.03 -22.86
CA LEU E 727 -8.59 -61.53 -22.80
C LEU E 727 -9.08 -61.65 -21.36
N TYR E 728 -9.34 -60.52 -20.71
CA TYR E 728 -9.90 -60.48 -19.38
C TYR E 728 -11.17 -59.64 -19.41
N ASP E 729 -12.23 -60.18 -18.82
CA ASP E 729 -13.57 -59.55 -18.76
C ASP E 729 -13.91 -58.81 -20.05
N ASN E 730 -13.78 -59.52 -21.17
CA ASN E 730 -14.22 -59.08 -22.50
C ASN E 730 -13.40 -57.94 -23.08
N VAL E 731 -12.21 -57.68 -22.53
CA VAL E 731 -11.31 -56.69 -23.10
C VAL E 731 -9.91 -57.29 -23.19
N VAL E 732 -9.13 -56.77 -24.13
CA VAL E 732 -7.76 -57.24 -24.36
C VAL E 732 -6.82 -56.46 -23.44
N THR E 733 -5.91 -57.18 -22.80
CA THR E 733 -4.96 -56.61 -21.86
C THR E 733 -3.55 -57.04 -22.21
N LEU E 734 -2.58 -56.20 -21.88
CA LEU E 734 -1.18 -56.47 -22.18
C LEU E 734 -0.36 -56.42 -20.90
N PRO E 735 0.50 -57.42 -20.64
CA PRO E 735 1.32 -57.39 -19.42
C PRO E 735 2.27 -56.22 -19.41
N LEU E 736 2.61 -55.78 -18.19
CA LEU E 736 3.40 -54.56 -18.01
C LEU E 736 4.80 -54.70 -18.59
N THR E 737 5.45 -55.84 -18.38
CA THR E 737 6.81 -56.00 -18.91
C THR E 737 6.83 -55.91 -20.43
N THR E 738 5.88 -56.56 -21.10
CA THR E 738 5.86 -56.52 -22.56
C THR E 738 5.63 -55.12 -23.08
N PHE E 739 4.72 -54.37 -22.46
CA PHE E 739 4.47 -53.00 -22.89
C PHE E 739 5.71 -52.14 -22.71
N GLN E 740 6.39 -52.26 -21.57
CA GLN E 740 7.60 -51.47 -21.37
C GLN E 740 8.68 -51.84 -22.38
N GLN E 741 8.85 -53.15 -22.64
CA GLN E 741 9.85 -53.57 -23.62
C GLN E 741 9.52 -53.03 -25.02
N LYS E 742 8.24 -53.07 -25.39
CA LYS E 742 7.85 -52.58 -26.71
C LYS E 742 8.08 -51.08 -26.84
N ILE E 743 7.71 -50.30 -25.81
CA ILE E 743 7.87 -48.86 -25.91
C ILE E 743 9.33 -48.45 -25.81
N SER E 744 10.18 -49.26 -25.17
CA SER E 744 11.60 -48.96 -25.12
C SER E 744 12.25 -49.04 -26.49
N LYS E 745 11.63 -49.74 -27.44
CA LYS E 745 12.15 -49.84 -28.79
C LYS E 745 11.87 -48.61 -29.64
N TYR E 746 10.99 -47.72 -29.18
CA TYR E 746 10.63 -46.52 -29.92
C TYR E 746 11.05 -45.22 -29.24
N PHE E 747 11.03 -45.18 -27.91
CA PHE E 747 11.44 -44.00 -27.16
C PHE E 747 12.65 -44.33 -26.30
N ASN E 748 13.60 -43.40 -26.25
CA ASN E 748 14.77 -43.59 -25.42
C ASN E 748 14.39 -43.60 -23.95
N SER E 749 14.84 -44.62 -23.22
CA SER E 749 14.49 -44.74 -21.81
C SER E 749 15.06 -43.58 -21.01
N ARG E 750 16.33 -43.22 -21.26
CA ARG E 750 16.96 -42.15 -20.49
C ARG E 750 16.29 -40.80 -20.75
N LEU E 751 15.73 -40.59 -21.92
CA LEU E 751 15.12 -39.31 -22.27
C LEU E 751 13.62 -39.27 -22.01
N PHE E 752 12.96 -40.42 -21.81
CA PHE E 752 11.51 -40.41 -21.69
C PHE E 752 11.00 -41.32 -20.57
N GLY E 753 11.85 -41.66 -19.59
CA GLY E 753 11.38 -42.47 -18.48
C GLY E 753 10.29 -41.78 -17.68
N HIS E 754 10.50 -40.50 -17.36
CA HIS E 754 9.48 -39.74 -16.65
C HIS E 754 8.21 -39.62 -17.47
N ASP E 755 8.35 -39.41 -18.78
CA ASP E 755 7.17 -39.29 -19.65
C ASP E 755 6.37 -40.58 -19.67
N ILE E 756 7.04 -41.72 -19.83
CA ILE E 756 6.32 -42.98 -19.90
C ILE E 756 5.71 -43.32 -18.54
N GLU E 757 6.40 -43.00 -17.45
CA GLU E 757 5.83 -43.22 -16.13
C GLU E 757 4.58 -42.36 -15.92
N SER E 758 4.63 -41.10 -16.37
CA SER E 758 3.45 -40.25 -16.27
C SER E 758 2.29 -40.80 -17.09
N PHE E 759 2.57 -41.26 -18.31
CA PHE E 759 1.53 -41.85 -19.13
C PHE E 759 0.95 -43.10 -18.46
N ILE E 760 1.81 -43.92 -17.85
CA ILE E 760 1.36 -45.15 -17.22
C ILE E 760 0.45 -44.84 -16.03
N ASN E 761 0.87 -43.92 -15.16
CA ASN E 761 0.05 -43.62 -14.00
C ASN E 761 -1.20 -42.84 -14.36
N ARG E 762 -1.20 -42.12 -15.48
CA ARG E 762 -2.45 -41.51 -15.95
C ARG E 762 -3.38 -42.53 -16.58
N HIS E 763 -2.85 -43.60 -17.14
CA HIS E 763 -3.65 -44.62 -17.80
C HIS E 763 -3.47 -45.99 -17.15
N LYS E 764 -3.30 -45.99 -15.83
CA LYS E 764 -3.19 -47.24 -15.08
C LYS E 764 -4.51 -47.99 -15.10
N LYS E 765 -4.42 -49.33 -15.12
CA LYS E 765 -5.60 -50.17 -15.04
C LYS E 765 -5.17 -51.56 -14.56
N PHE E 766 -5.77 -52.03 -13.48
CA PHE E 766 -5.42 -53.31 -12.88
C PHE E 766 -6.50 -54.35 -13.18
N ALA E 767 -6.09 -55.48 -13.75
CA ALA E 767 -7.01 -56.59 -13.94
C ALA E 767 -7.41 -57.21 -12.61
N ASN E 768 -6.44 -57.38 -11.72
CA ASN E 768 -6.69 -57.88 -10.37
C ASN E 768 -5.65 -57.25 -9.46
N VAL E 769 -5.46 -57.84 -8.27
CA VAL E 769 -4.54 -57.26 -7.28
C VAL E 769 -3.12 -57.22 -7.84
N SER E 770 -2.68 -58.30 -8.48
CA SER E 770 -1.30 -58.41 -8.93
C SER E 770 -1.13 -58.15 -10.43
N ASP E 771 -2.20 -57.82 -11.15
CA ASP E 771 -2.12 -57.63 -12.59
C ASP E 771 -2.27 -56.16 -12.96
N GLU E 772 -1.38 -55.69 -13.84
CA GLU E 772 -1.47 -54.35 -14.41
C GLU E 772 -1.42 -54.46 -15.93
N TYR E 773 -2.21 -53.62 -16.59
CA TYR E 773 -2.30 -53.64 -18.06
C TYR E 773 -2.75 -52.27 -18.54
N LEU E 774 -2.74 -52.10 -19.85
CA LEU E 774 -3.22 -50.90 -20.51
C LEU E 774 -4.36 -51.25 -21.45
N GLN E 775 -5.40 -50.42 -21.48
CA GLN E 775 -6.53 -50.64 -22.37
C GLN E 775 -6.25 -50.06 -23.75
N TYR E 776 -5.11 -50.43 -24.34
CA TYR E 776 -4.72 -49.92 -25.64
C TYR E 776 -4.04 -51.02 -26.44
N ILE E 777 -4.02 -50.85 -27.76
CA ILE E 777 -3.41 -51.79 -28.68
C ILE E 777 -2.45 -51.02 -29.57
N PHE E 778 -1.24 -51.56 -29.73
CA PHE E 778 -0.29 -50.98 -30.67
C PHE E 778 -0.80 -51.16 -32.09
N ILE E 779 -0.75 -50.08 -32.87
CA ILE E 779 -1.18 -50.16 -34.27
C ILE E 779 -0.23 -51.06 -35.05
N GLU E 780 1.07 -51.01 -34.72
CA GLU E 780 2.04 -51.88 -35.38
C GLU E 780 1.82 -53.34 -35.04
N ASP E 781 1.25 -53.63 -33.86
CA ASP E 781 0.98 -55.01 -33.48
C ASP E 781 -0.07 -55.65 -34.40
N ILE E 782 -1.12 -54.89 -34.74
CA ILE E 782 -2.18 -55.42 -35.58
C ILE E 782 -1.92 -55.23 -37.07
N SER E 783 -0.97 -54.38 -37.44
CA SER E 783 -0.64 -54.14 -38.83
C SER E 783 0.64 -54.89 -39.19
N SER E 784 0.58 -55.65 -40.27
CA SER E 784 1.73 -56.44 -40.71
C SER E 784 2.82 -55.50 -41.23
N PRO E 785 4.04 -55.56 -40.69
CA PRO E 785 5.16 -54.71 -41.13
C PRO E 785 5.56 -54.96 -42.58
N PHE F 240 -28.07 41.23 -24.96
CA PHE F 240 -28.45 42.53 -24.43
C PHE F 240 -29.14 42.39 -23.07
N ILE F 241 -28.88 43.34 -22.18
CA ILE F 241 -29.44 43.32 -20.85
C ILE F 241 -30.62 44.29 -20.80
N SER F 242 -31.39 44.22 -19.71
CA SER F 242 -32.50 45.13 -19.54
C SER F 242 -32.01 46.57 -19.44
N PHE F 243 -32.83 47.49 -19.96
CA PHE F 243 -32.45 48.90 -19.96
C PHE F 243 -32.26 49.44 -18.55
N GLU F 244 -33.04 48.93 -17.59
CA GLU F 244 -32.93 49.40 -16.21
C GLU F 244 -31.53 49.14 -15.65
N ASP F 245 -30.96 47.97 -15.94
CA ASP F 245 -29.63 47.66 -15.46
C ASP F 245 -28.59 48.62 -16.05
N ALA F 246 -28.71 48.91 -17.34
CA ALA F 246 -27.78 49.85 -17.96
C ALA F 246 -27.91 51.24 -17.36
N ILE F 247 -29.15 51.68 -17.11
CA ILE F 247 -29.36 52.97 -16.46
C ILE F 247 -28.75 52.98 -15.08
N LYS F 248 -28.89 51.88 -14.33
CA LYS F 248 -28.29 51.81 -13.00
C LYS F 248 -26.78 51.90 -13.08
N ARG F 249 -26.16 51.20 -14.05
CA ARG F 249 -24.72 51.26 -14.19
C ARG F 249 -24.26 52.68 -14.53
N VAL F 250 -24.93 53.33 -15.49
CA VAL F 250 -24.50 54.66 -15.90
C VAL F 250 -24.76 55.68 -14.80
N SER F 251 -25.78 55.45 -13.97
CA SER F 251 -26.03 56.33 -12.84
C SER F 251 -25.04 56.14 -11.71
N LYS F 252 -24.54 54.91 -11.53
CA LYS F 252 -23.51 54.68 -10.53
C LYS F 252 -22.14 55.17 -11.00
N ILE F 253 -21.88 55.14 -12.30
CA ILE F 253 -20.63 55.68 -12.81
C ILE F 253 -20.53 57.17 -12.54
N PHE F 254 -21.62 57.91 -12.79
CA PHE F 254 -21.67 59.33 -12.50
C PHE F 254 -22.00 59.50 -11.02
N ILE F 255 -21.03 59.99 -10.24
CA ILE F 255 -21.22 60.12 -8.80
C ILE F 255 -22.38 61.07 -8.49
N ASN F 256 -22.42 62.21 -9.18
CA ASN F 256 -23.52 63.14 -9.00
C ASN F 256 -24.81 62.57 -9.63
N SER F 257 -25.94 63.03 -9.11
CA SER F 257 -27.22 62.57 -9.60
C SER F 257 -27.53 63.19 -10.97
N ILE F 258 -28.59 62.69 -11.59
CA ILE F 258 -29.04 63.17 -12.90
C ILE F 258 -30.42 63.79 -12.72
N ILE F 259 -30.55 65.06 -13.10
CA ILE F 259 -31.85 65.72 -13.04
C ILE F 259 -32.73 65.39 -14.23
N ASN F 260 -32.17 64.77 -15.27
CA ASN F 260 -32.92 64.34 -16.44
C ASN F 260 -33.27 62.86 -16.38
N PHE F 261 -33.41 62.31 -15.18
CA PHE F 261 -33.62 60.88 -15.01
C PHE F 261 -34.94 60.42 -15.61
N ASN F 262 -36.01 61.19 -15.39
CA ASN F 262 -37.34 60.74 -15.80
C ASN F 262 -37.49 60.66 -17.31
N ASP F 263 -36.93 61.62 -18.04
CA ASP F 263 -37.15 61.70 -19.47
C ASP F 263 -36.43 60.62 -20.27
N LEU F 264 -35.51 59.87 -19.65
CA LEU F 264 -34.82 58.80 -20.37
C LEU F 264 -35.78 57.65 -20.65
N ASP F 265 -35.83 57.23 -21.91
CA ASP F 265 -36.68 56.12 -22.34
C ASP F 265 -35.88 55.18 -23.22
N GLU F 266 -36.49 54.06 -23.59
CA GLU F 266 -35.82 53.05 -24.39
C GLU F 266 -35.66 53.43 -25.86
N ASN F 267 -36.31 54.52 -26.31
CA ASN F 267 -36.27 54.91 -27.71
C ASN F 267 -35.47 56.17 -27.98
N ASN F 268 -35.19 56.99 -26.97
CA ASN F 268 -34.47 58.24 -27.16
C ASN F 268 -33.39 58.41 -26.10
N PHE F 269 -32.72 57.32 -25.74
CA PHE F 269 -31.66 57.36 -24.75
C PHE F 269 -30.31 57.76 -25.33
N THR F 270 -30.22 57.90 -26.66
CA THR F 270 -29.01 58.38 -27.31
C THR F 270 -29.17 59.75 -27.95
N THR F 271 -30.31 60.40 -27.75
CA THR F 271 -30.60 61.68 -28.38
C THR F 271 -30.70 62.83 -27.39
N VAL F 272 -31.36 62.64 -26.26
CA VAL F 272 -31.58 63.73 -25.31
C VAL F 272 -30.34 63.92 -24.44
N PRO F 273 -29.78 65.13 -24.39
CA PRO F 273 -28.69 65.40 -23.44
C PRO F 273 -29.17 65.28 -22.01
N LEU F 274 -28.26 64.88 -21.13
CA LEU F 274 -28.54 64.74 -19.72
C LEU F 274 -27.78 65.81 -18.94
N VAL F 275 -28.42 66.33 -17.89
CA VAL F 275 -27.88 67.41 -17.07
C VAL F 275 -27.44 66.82 -15.74
N ILE F 276 -26.19 67.08 -15.36
CA ILE F 276 -25.62 66.59 -14.12
C ILE F 276 -25.49 67.76 -13.15
N ASP F 277 -26.07 67.61 -11.96
CA ASP F 277 -25.92 68.62 -10.92
C ASP F 277 -24.49 68.59 -10.39
N TYR F 278 -23.76 69.68 -10.56
CA TYR F 278 -22.33 69.70 -10.26
C TYR F 278 -22.10 70.30 -8.87
N VAL F 279 -22.45 69.50 -7.86
CA VAL F 279 -22.07 69.83 -6.50
C VAL F 279 -20.72 69.22 -6.13
N THR F 280 -20.28 68.19 -6.83
CA THR F 280 -18.98 67.57 -6.68
C THR F 280 -18.39 67.33 -8.05
N PRO F 281 -17.06 67.29 -8.17
CA PRO F 281 -16.44 67.00 -9.47
C PRO F 281 -16.88 65.64 -10.01
N CYS F 282 -17.06 65.56 -11.32
CA CYS F 282 -17.52 64.33 -11.93
C CYS F 282 -16.43 63.27 -11.90
N ALA F 283 -16.85 62.01 -12.03
CA ALA F 283 -15.93 60.89 -11.87
C ALA F 283 -14.89 60.84 -12.99
N LEU F 284 -15.30 61.18 -14.22
CA LEU F 284 -14.39 61.07 -15.35
C LEU F 284 -13.18 61.97 -15.19
N CYS F 285 -13.41 63.28 -15.14
CA CYS F 285 -12.35 64.26 -14.89
C CYS F 285 -12.80 65.19 -13.79
N LYS F 286 -11.87 65.54 -12.90
CA LYS F 286 -12.21 66.35 -11.74
C LYS F 286 -12.72 67.72 -12.17
N LYS F 287 -11.85 68.55 -12.75
CA LYS F 287 -12.15 69.92 -13.13
C LYS F 287 -13.04 70.61 -12.10
N ARG F 288 -14.03 71.37 -12.55
CA ARG F 288 -15.04 71.92 -11.64
C ARG F 288 -16.23 72.39 -12.46
N SER F 289 -17.39 71.75 -12.25
CA SER F 289 -18.67 72.26 -12.73
C SER F 289 -18.67 72.45 -14.25
N HIS F 290 -18.59 71.32 -14.95
CA HIS F 290 -18.63 71.33 -16.42
C HIS F 290 -19.81 72.15 -16.92
N LYS F 291 -19.51 73.04 -17.87
CA LYS F 291 -20.52 73.94 -18.42
C LYS F 291 -21.30 73.33 -19.58
N HIS F 292 -21.00 72.10 -19.96
CA HIS F 292 -21.70 71.43 -21.04
C HIS F 292 -22.23 70.08 -20.57
N PRO F 293 -23.36 69.63 -21.14
CA PRO F 293 -23.87 68.30 -20.78
C PRO F 293 -23.04 67.18 -21.40
N HIS F 294 -23.48 65.94 -21.23
CA HIS F 294 -22.83 64.78 -21.81
C HIS F 294 -23.81 64.07 -22.75
N GLN F 295 -23.33 63.00 -23.37
CA GLN F 295 -24.14 62.23 -24.30
C GLN F 295 -23.66 60.79 -24.31
N LEU F 296 -24.57 59.89 -24.67
CA LEU F 296 -24.31 58.46 -24.68
C LEU F 296 -24.54 57.90 -26.08
N SER F 297 -23.66 57.00 -26.50
CA SER F 297 -23.77 56.35 -27.80
C SER F 297 -23.63 54.84 -27.62
N LEU F 298 -24.23 54.09 -28.53
CA LEU F 298 -24.21 52.64 -28.50
C LEU F 298 -23.41 52.14 -29.70
N GLU F 299 -22.39 51.31 -29.44
CA GLU F 299 -21.58 50.75 -30.51
C GLU F 299 -20.93 49.47 -30.04
N ASN F 300 -20.98 48.44 -30.89
CA ASN F 300 -20.31 47.16 -30.63
C ASN F 300 -20.75 46.56 -29.29
N GLY F 301 -22.02 46.72 -28.96
CA GLY F 301 -22.51 46.25 -27.67
C GLY F 301 -21.84 46.94 -26.50
N ALA F 302 -21.65 48.24 -26.60
CA ALA F 302 -21.02 49.02 -25.53
C ALA F 302 -21.59 50.42 -25.53
N ILE F 303 -21.58 51.05 -24.35
CA ILE F 303 -22.10 52.40 -24.17
C ILE F 303 -20.92 53.33 -23.96
N ARG F 304 -20.77 54.30 -24.85
CA ARG F 304 -19.69 55.28 -24.79
C ARG F 304 -20.25 56.62 -24.32
N ILE F 305 -19.57 57.23 -23.36
CA ILE F 305 -19.98 58.52 -22.79
C ILE F 305 -19.01 59.58 -23.29
N TYR F 306 -19.55 60.66 -23.88
CA TYR F 306 -18.73 61.73 -24.39
C TYR F 306 -19.36 63.08 -24.08
N LYS F 307 -18.52 64.06 -23.74
CA LYS F 307 -18.99 65.39 -23.39
C LYS F 307 -18.94 66.29 -24.62
N THR F 308 -20.04 67.00 -24.86
CA THR F 308 -20.10 67.92 -26.00
C THR F 308 -19.14 69.09 -25.81
N GLY F 309 -18.59 69.57 -26.92
CA GLY F 309 -17.64 70.65 -26.88
C GLY F 309 -16.22 70.20 -27.15
N ASN F 310 -15.26 70.69 -26.37
CA ASN F 310 -13.87 70.28 -26.53
C ASN F 310 -13.70 68.84 -26.06
N PRO F 311 -13.20 67.93 -26.91
CA PRO F 311 -13.05 66.54 -26.49
C PRO F 311 -12.07 66.34 -25.34
N HIS F 312 -11.04 67.18 -25.24
CA HIS F 312 -10.02 67.01 -24.21
C HIS F 312 -10.49 67.43 -22.83
N SER F 313 -11.65 68.09 -22.72
CA SER F 313 -12.13 68.54 -21.42
C SER F 313 -12.47 67.35 -20.52
N CYS F 314 -13.11 66.32 -21.07
CA CYS F 314 -13.57 65.18 -20.28
C CYS F 314 -13.07 63.90 -20.92
N LYS F 315 -12.84 62.89 -20.07
CA LYS F 315 -12.36 61.60 -20.53
C LYS F 315 -13.52 60.75 -21.04
N VAL F 316 -13.19 59.80 -21.92
CA VAL F 316 -14.16 58.91 -22.53
C VAL F 316 -14.32 57.67 -21.66
N LYS F 317 -15.57 57.27 -21.43
CA LYS F 317 -15.89 56.10 -20.62
C LYS F 317 -16.66 55.09 -21.45
N ILE F 318 -16.28 53.82 -21.31
CA ILE F 318 -16.89 52.71 -22.03
C ILE F 318 -17.51 51.75 -21.02
N VAL F 319 -18.77 51.41 -21.24
CA VAL F 319 -19.52 50.49 -20.40
C VAL F 319 -19.82 49.23 -21.22
N PRO F 320 -19.32 48.06 -20.82
CA PRO F 320 -19.64 46.84 -21.56
C PRO F 320 -21.08 46.40 -21.34
N LEU F 321 -21.54 45.53 -22.23
CA LEU F 321 -22.94 45.08 -22.20
C LEU F 321 -23.11 43.88 -21.27
N ASP F 322 -22.40 42.79 -21.56
CA ASP F 322 -22.51 41.58 -20.75
C ASP F 322 -21.11 40.97 -20.62
N GLY F 323 -21.06 39.72 -20.18
CA GLY F 323 -19.80 39.03 -20.04
C GLY F 323 -19.27 39.07 -18.62
N ASN F 324 -19.20 37.92 -17.97
CA ASN F 324 -18.67 37.87 -16.61
C ASN F 324 -17.22 38.32 -16.61
N LYS F 325 -16.90 39.29 -15.75
CA LYS F 325 -15.54 39.81 -15.68
C LYS F 325 -14.56 38.71 -15.26
N LEU F 326 -14.98 37.86 -14.32
CA LEU F 326 -14.11 36.76 -13.89
C LEU F 326 -13.83 35.80 -15.04
N PHE F 327 -14.82 35.55 -15.90
CA PHE F 327 -14.60 34.69 -17.05
C PHE F 327 -13.59 35.31 -18.02
N ASN F 328 -13.70 36.62 -18.24
CA ASN F 328 -12.73 37.29 -19.10
C ASN F 328 -11.33 37.21 -18.52
N ILE F 329 -11.20 37.42 -17.20
CA ILE F 329 -9.89 37.31 -16.56
C ILE F 329 -9.34 35.90 -16.70
N ALA F 330 -10.20 34.89 -16.52
CA ALA F 330 -9.75 33.51 -16.65
C ALA F 330 -9.28 33.22 -18.06
N GLN F 331 -10.02 33.69 -19.07
CA GLN F 331 -9.59 33.49 -20.45
C GLN F 331 -8.26 34.18 -20.71
N ARG F 332 -8.10 35.40 -20.21
CA ARG F 332 -6.85 36.12 -20.40
C ARG F 332 -5.68 35.37 -19.77
N ILE F 333 -5.88 34.84 -18.57
CA ILE F 333 -4.80 34.10 -17.91
C ILE F 333 -4.49 32.81 -18.66
N LEU F 334 -5.52 32.07 -19.07
CA LEU F 334 -5.30 30.83 -19.82
C LEU F 334 -4.62 31.11 -21.16
N ASP F 335 -4.78 32.32 -21.69
CA ASP F 335 -4.18 32.67 -22.97
C ASP F 335 -2.66 32.56 -22.94
N THR F 336 -2.04 32.99 -21.83
CA THR F 336 -0.59 33.11 -21.78
C THR F 336 0.13 31.76 -21.70
N ASN F 337 -0.58 30.64 -21.75
CA ASN F 337 0.02 29.31 -21.70
C ASN F 337 0.88 29.12 -20.45
N SER F 338 0.41 29.68 -19.33
CA SER F 338 1.13 29.55 -18.07
C SER F 338 0.71 28.31 -17.27
N VAL F 339 -0.35 27.62 -17.68
CA VAL F 339 -0.83 26.43 -16.99
C VAL F 339 -1.21 25.39 -18.04
N LEU F 340 -0.82 24.14 -17.78
CA LEU F 340 -1.06 23.06 -18.74
C LEU F 340 -1.48 21.79 -17.99
N LEU F 341 -2.09 20.88 -18.74
CA LEU F 341 -2.51 19.59 -18.22
C LEU F 341 -1.72 18.49 -18.91
N THR F 342 -1.14 17.59 -18.12
CA THR F 342 -0.28 16.54 -18.65
C THR F 342 -1.09 15.25 -18.84
N GLU F 343 -0.42 14.24 -19.39
CA GLU F 343 -1.08 12.95 -19.62
C GLU F 343 -1.39 12.23 -18.32
N ARG F 344 -0.61 12.49 -17.27
CA ARG F 344 -0.80 11.80 -15.99
C ARG F 344 -1.98 12.34 -15.21
N GLY F 345 -2.69 13.33 -15.72
CA GLY F 345 -3.86 13.86 -15.05
C GLY F 345 -3.58 14.94 -14.03
N ASP F 346 -2.44 15.63 -14.13
CA ASP F 346 -2.08 16.66 -13.19
C ASP F 346 -1.79 17.96 -13.92
N HIS F 347 -1.89 19.07 -13.19
CA HIS F 347 -1.70 20.40 -13.74
C HIS F 347 -0.32 20.92 -13.39
N ILE F 348 0.33 21.54 -14.37
CA ILE F 348 1.66 22.13 -14.19
C ILE F 348 1.57 23.62 -14.49
N VAL F 349 2.14 24.43 -13.60
CA VAL F 349 2.11 25.88 -13.74
C VAL F 349 3.52 26.37 -13.99
N TRP F 350 3.62 27.63 -14.44
CA TRP F 350 4.90 28.24 -14.78
C TRP F 350 5.09 29.50 -13.94
N ILE F 351 5.92 29.40 -12.90
CA ILE F 351 6.20 30.53 -12.03
C ILE F 351 7.67 30.51 -11.65
N ASN F 352 8.21 31.70 -11.39
CA ASN F 352 9.62 31.86 -11.01
C ASN F 352 10.55 31.19 -12.00
N ASN F 353 10.23 31.33 -13.29
CA ASN F 353 11.00 30.71 -14.37
C ASN F 353 11.16 29.21 -14.14
N SER F 354 10.11 28.57 -13.67
CA SER F 354 10.16 27.15 -13.38
C SER F 354 8.78 26.53 -13.56
N TRP F 355 8.77 25.29 -14.05
CA TRP F 355 7.53 24.53 -14.23
C TRP F 355 7.22 23.81 -12.93
N LYS F 356 6.46 24.48 -12.07
CA LYS F 356 6.05 23.88 -10.81
C LYS F 356 4.94 22.86 -11.04
N PHE F 357 4.95 21.82 -10.23
CA PHE F 357 4.05 20.68 -10.41
C PHE F 357 3.76 20.05 -9.06
N ASN F 358 2.48 19.95 -8.73
CA ASN F 358 2.07 19.35 -7.47
C ASN F 358 0.69 18.73 -7.64
N SER F 359 0.38 17.78 -6.75
CA SER F 359 -0.89 17.07 -6.79
C SER F 359 -1.77 17.30 -5.58
N GLU F 360 -1.27 17.99 -4.54
CA GLU F 360 -2.05 18.24 -3.33
C GLU F 360 -2.06 19.70 -2.94
N GLU F 361 -1.58 20.59 -3.80
CA GLU F 361 -1.49 22.01 -3.48
C GLU F 361 -2.20 22.84 -4.53
N PRO F 362 -2.73 24.00 -4.16
CA PRO F 362 -3.41 24.87 -5.12
C PRO F 362 -2.44 25.83 -5.82
N LEU F 363 -1.63 25.28 -6.72
CA LEU F 363 -0.68 26.10 -7.47
C LEU F 363 -1.38 27.07 -8.41
N ILE F 364 -2.63 26.79 -8.79
CA ILE F 364 -3.34 27.68 -9.70
C ILE F 364 -3.56 29.04 -9.07
N THR F 365 -3.93 29.06 -7.79
CA THR F 365 -4.17 30.33 -7.10
C THR F 365 -2.88 31.13 -6.98
N LYS F 366 -1.77 30.46 -6.67
CA LYS F 366 -0.48 31.15 -6.62
C LYS F 366 -0.11 31.72 -7.97
N LEU F 367 -0.37 30.96 -9.04
CA LEU F 367 -0.10 31.46 -10.38
C LEU F 367 -0.93 32.70 -10.68
N ILE F 368 -2.21 32.68 -10.29
CA ILE F 368 -3.08 33.83 -10.52
C ILE F 368 -2.55 35.04 -9.78
N LEU F 369 -2.20 34.86 -8.51
CA LEU F 369 -1.72 35.99 -7.71
C LEU F 369 -0.41 36.55 -8.28
N SER F 370 0.47 35.67 -8.75
CA SER F 370 1.73 36.15 -9.33
C SER F 370 1.50 36.87 -10.65
N ILE F 371 0.61 36.33 -11.50
CA ILE F 371 0.38 36.92 -12.82
C ILE F 371 -0.49 38.17 -12.76
N ARG F 372 -1.09 38.46 -11.61
CA ARG F 372 -1.86 39.68 -11.41
C ARG F 372 -1.22 40.93 -12.02
N HIS F 373 0.10 41.05 -11.93
CA HIS F 373 0.76 42.27 -12.37
C HIS F 373 0.60 42.50 -13.86
N GLN F 374 0.72 41.45 -14.67
CA GLN F 374 0.71 41.62 -16.12
C GLN F 374 -0.65 42.06 -16.66
N LEU F 375 -1.71 41.90 -15.88
CA LEU F 375 -3.04 42.26 -16.34
C LEU F 375 -3.29 43.76 -16.19
N PRO F 376 -4.26 44.29 -16.92
CA PRO F 376 -4.62 45.71 -16.74
C PRO F 376 -5.13 45.98 -15.34
N LYS F 377 -4.96 47.22 -14.89
CA LYS F 377 -5.17 47.58 -13.49
C LYS F 377 -6.60 47.42 -13.03
N GLU F 378 -7.57 47.29 -13.95
CA GLU F 378 -8.94 47.07 -13.53
C GLU F 378 -9.19 45.65 -13.05
N TYR F 379 -8.23 44.74 -13.21
CA TYR F 379 -8.40 43.35 -12.82
C TYR F 379 -7.67 42.98 -11.53
N SER F 380 -6.65 43.75 -11.14
CA SER F 380 -5.90 43.43 -9.93
C SER F 380 -6.78 43.52 -8.69
N SER F 381 -7.65 44.53 -8.63
CA SER F 381 -8.54 44.68 -7.49
C SER F 381 -9.45 43.46 -7.33
N GLU F 382 -9.96 42.95 -8.45
CA GLU F 382 -10.75 41.72 -8.41
C GLU F 382 -9.88 40.54 -7.97
N LEU F 383 -8.65 40.46 -8.47
CA LEU F 383 -7.79 39.33 -8.17
C LEU F 383 -7.31 39.33 -6.73
N LEU F 384 -7.43 40.44 -6.00
CA LEU F 384 -6.97 40.47 -4.62
C LEU F 384 -7.80 39.53 -3.73
N CYS F 385 -9.11 39.49 -3.94
CA CYS F 385 -9.97 38.70 -3.07
C CYS F 385 -9.76 37.21 -3.31
N PRO F 386 -9.77 36.37 -2.26
CA PRO F 386 -9.51 34.94 -2.46
C PRO F 386 -10.67 34.21 -3.13
N ARG F 387 -11.92 34.54 -2.80
CA ARG F 387 -13.05 33.84 -3.40
C ARG F 387 -13.08 34.03 -4.91
N LYS F 388 -12.79 35.23 -5.38
CA LYS F 388 -12.70 35.46 -6.82
C LYS F 388 -11.57 34.65 -7.44
N ARG F 389 -10.46 34.48 -6.71
CA ARG F 389 -9.39 33.61 -7.20
C ARG F 389 -9.86 32.18 -7.34
N LYS F 390 -10.64 31.70 -6.37
CA LYS F 390 -11.19 30.34 -6.47
C LYS F 390 -12.12 30.21 -7.67
N THR F 391 -12.95 31.22 -7.91
CA THR F 391 -13.84 31.19 -9.07
C THR F 391 -13.05 31.15 -10.38
N VAL F 392 -12.00 31.97 -10.46
CA VAL F 392 -11.17 31.98 -11.66
C VAL F 392 -10.48 30.63 -11.84
N GLU F 393 -10.04 30.02 -10.74
CA GLU F 393 -9.43 28.69 -10.82
C GLU F 393 -10.43 27.66 -11.32
N ALA F 394 -11.68 27.75 -10.88
CA ALA F 394 -12.71 26.83 -11.36
C ALA F 394 -12.92 27.00 -12.86
N ASN F 395 -12.97 28.25 -13.33
CA ASN F 395 -13.11 28.48 -14.76
C ASN F 395 -11.93 27.90 -15.54
N ILE F 396 -10.71 28.10 -15.02
CA ILE F 396 -9.52 27.58 -15.69
C ILE F 396 -9.59 26.06 -15.76
N ARG F 397 -9.98 25.41 -14.66
CA ARG F 397 -10.10 23.96 -14.65
C ARG F 397 -11.13 23.49 -15.67
N ASP F 398 -12.25 24.21 -15.78
CA ASP F 398 -13.27 23.81 -16.74
C ASP F 398 -12.82 24.04 -18.18
N MET F 399 -11.91 24.98 -18.41
CA MET F 399 -11.51 25.33 -19.78
C MET F 399 -10.41 24.45 -20.35
N LEU F 400 -9.88 23.50 -19.57
CA LEU F 400 -8.78 22.65 -20.03
C LEU F 400 -9.34 21.26 -20.37
N VAL F 401 -9.08 20.81 -21.59
CA VAL F 401 -9.60 19.52 -22.04
C VAL F 401 -8.54 18.61 -22.67
N ASP F 402 -7.40 19.12 -23.11
CA ASP F 402 -6.40 18.33 -23.80
C ASP F 402 -5.15 18.16 -22.94
N SER F 403 -4.36 17.16 -23.31
CA SER F 403 -3.11 16.84 -22.62
C SER F 403 -1.92 17.11 -23.54
N VAL F 404 -0.79 17.42 -22.93
CA VAL F 404 0.43 17.75 -23.65
C VAL F 404 1.57 16.90 -23.12
N GLU F 405 2.46 16.47 -24.00
CA GLU F 405 3.59 15.66 -23.60
C GLU F 405 4.63 16.51 -22.88
N THR F 406 5.44 15.84 -22.05
CA THR F 406 6.46 16.51 -21.25
C THR F 406 7.79 15.79 -21.40
N ASP F 407 8.88 16.56 -21.31
CA ASP F 407 10.24 16.05 -21.35
C ASP F 407 10.50 15.26 -22.64
N THR F 408 10.41 15.98 -23.76
CA THR F 408 10.65 15.40 -25.07
C THR F 408 12.00 15.78 -25.66
N TYR F 409 12.80 16.60 -24.96
CA TYR F 409 14.10 17.00 -25.46
C TYR F 409 15.19 16.30 -24.67
N PRO F 410 15.96 15.41 -25.28
CA PRO F 410 16.97 14.65 -24.52
C PRO F 410 18.29 15.39 -24.32
N ASP F 411 18.50 16.52 -24.97
CA ASP F 411 19.77 17.24 -24.90
C ASP F 411 19.61 18.61 -24.28
N LYS F 412 18.81 18.71 -23.21
CA LYS F 412 18.62 19.95 -22.49
C LYS F 412 18.82 19.70 -21.00
N LEU F 413 19.53 20.61 -20.35
CA LEU F 413 19.79 20.50 -18.92
C LEU F 413 18.99 21.54 -18.16
N PRO F 414 17.96 21.16 -17.41
CA PRO F 414 17.14 22.15 -16.72
C PRO F 414 17.71 22.60 -15.39
N PHE F 415 17.72 23.91 -15.14
CA PHE F 415 18.15 24.50 -13.89
C PHE F 415 16.97 25.17 -13.21
N LYS F 416 17.25 25.77 -12.05
CA LYS F 416 16.20 26.46 -11.31
C LYS F 416 15.80 27.78 -11.95
N ASN F 417 16.64 28.35 -12.81
CA ASN F 417 16.33 29.63 -13.43
C ASN F 417 16.68 29.65 -14.92
N GLY F 418 16.57 28.51 -15.58
CA GLY F 418 16.84 28.45 -17.00
C GLY F 418 17.16 27.04 -17.45
N VAL F 419 17.41 26.93 -18.75
CA VAL F 419 17.71 25.66 -19.40
C VAL F 419 18.98 25.84 -20.21
N LEU F 420 19.94 24.93 -20.02
CA LEU F 420 21.18 24.95 -20.78
C LEU F 420 21.06 24.01 -21.97
N ASP F 421 21.52 24.48 -23.13
CA ASP F 421 21.52 23.69 -24.35
C ASP F 421 22.88 23.02 -24.51
N LEU F 422 22.90 21.70 -24.56
CA LEU F 422 24.16 20.96 -24.61
C LEU F 422 24.85 21.04 -25.95
N VAL F 423 24.17 21.52 -27.00
CA VAL F 423 24.78 21.55 -28.32
C VAL F 423 25.81 22.67 -28.41
N ASP F 424 25.38 23.91 -28.22
CA ASP F 424 26.27 25.06 -28.32
C ASP F 424 26.76 25.56 -26.96
N GLY F 425 26.17 25.09 -25.86
CA GLY F 425 26.60 25.51 -24.55
C GLY F 425 26.09 26.85 -24.08
N MET F 426 25.19 27.48 -24.85
CA MET F 426 24.65 28.78 -24.46
C MET F 426 23.37 28.59 -23.65
N PHE F 427 23.24 29.39 -22.61
CA PHE F 427 22.24 29.18 -21.57
C PHE F 427 21.05 30.11 -21.76
N TYR F 428 19.87 29.53 -21.93
CA TYR F 428 18.63 30.29 -22.01
C TYR F 428 18.18 30.74 -20.63
N SER F 429 17.26 31.70 -20.60
CA SER F 429 16.75 32.22 -19.34
C SER F 429 15.38 32.83 -19.59
N GLY F 430 14.66 33.05 -18.49
CA GLY F 430 13.35 33.68 -18.58
C GLY F 430 12.37 32.84 -19.37
N ASP F 431 11.62 33.52 -20.26
CA ASP F 431 10.58 32.84 -21.01
C ASP F 431 11.14 31.81 -21.97
N ASP F 432 12.33 32.05 -22.52
CA ASP F 432 12.88 31.15 -23.53
C ASP F 432 13.01 29.72 -23.02
N ALA F 433 13.23 29.55 -21.72
CA ALA F 433 13.31 28.20 -21.15
C ALA F 433 11.95 27.53 -21.08
N LYS F 434 10.87 28.30 -21.04
CA LYS F 434 9.53 27.72 -20.95
C LYS F 434 9.14 26.95 -22.21
N LYS F 435 9.86 27.17 -23.32
CA LYS F 435 9.52 26.49 -24.57
C LYS F 435 9.65 24.98 -24.42
N TYR F 436 10.68 24.51 -23.73
CA TYR F 436 10.87 23.09 -23.46
C TYR F 436 10.21 22.76 -22.12
N THR F 437 9.22 21.88 -22.14
CA THR F 437 8.47 21.53 -20.94
C THR F 437 9.27 20.50 -20.16
N CYS F 438 10.11 20.99 -19.25
CA CYS F 438 10.92 20.14 -18.38
C CYS F 438 10.36 20.24 -16.96
N THR F 439 9.82 19.14 -16.45
CA THR F 439 9.23 19.11 -15.13
C THR F 439 10.23 18.82 -14.03
N VAL F 440 11.49 18.57 -14.37
CA VAL F 440 12.54 18.32 -13.39
C VAL F 440 13.56 19.45 -13.48
N SER F 441 14.38 19.56 -12.44
CA SER F 441 15.41 20.57 -12.39
C SER F 441 16.56 20.07 -11.52
N THR F 442 17.74 20.68 -11.72
CA THR F 442 18.91 20.28 -10.95
C THR F 442 18.78 20.64 -9.47
N GLY F 443 17.88 21.56 -9.12
CA GLY F 443 17.67 21.92 -7.73
C GLY F 443 18.48 23.10 -7.25
N PHE F 444 19.39 23.63 -8.07
CA PHE F 444 20.18 24.79 -7.71
C PHE F 444 20.22 25.76 -8.88
N LYS F 445 20.35 27.04 -8.56
CA LYS F 445 20.37 28.07 -9.59
C LYS F 445 21.67 28.03 -10.38
N PHE F 446 21.59 28.51 -11.62
CA PHE F 446 22.74 28.54 -12.53
C PHE F 446 23.36 29.93 -12.53
N ASP F 447 24.67 29.98 -12.40
CA ASP F 447 25.42 31.24 -12.39
C ASP F 447 26.45 31.22 -13.51
N ASP F 448 26.46 32.28 -14.32
CA ASP F 448 27.41 32.36 -15.42
C ASP F 448 28.80 32.78 -14.97
N THR F 449 28.93 33.37 -13.78
CA THR F 449 30.24 33.84 -13.32
C THR F 449 31.21 32.69 -13.13
N LYS F 450 30.75 31.60 -12.52
CA LYS F 450 31.61 30.46 -12.24
C LYS F 450 31.72 29.49 -13.42
N PHE F 451 30.90 29.65 -14.45
CA PHE F 451 30.99 28.80 -15.64
C PHE F 451 32.03 29.39 -16.59
N VAL F 452 33.29 29.32 -16.15
CA VAL F 452 34.42 29.88 -16.88
C VAL F 452 35.47 28.80 -17.06
N GLU F 453 36.07 28.75 -18.24
CA GLU F 453 37.07 27.72 -18.53
C GLU F 453 38.30 27.87 -17.66
N ASP F 454 38.76 29.10 -17.44
CA ASP F 454 40.00 29.36 -16.73
C ASP F 454 39.71 29.82 -15.31
N SER F 455 40.23 29.08 -14.33
CA SER F 455 40.11 29.40 -12.92
C SER F 455 41.02 28.48 -12.12
N PRO F 456 41.55 28.93 -10.98
CA PRO F 456 42.39 28.03 -10.16
C PRO F 456 41.65 26.79 -9.70
N GLU F 457 40.36 26.88 -9.45
CA GLU F 457 39.56 25.71 -9.10
C GLU F 457 39.58 24.70 -10.25
N MET F 458 39.53 25.20 -11.49
CA MET F 458 39.63 24.31 -12.65
C MET F 458 40.97 23.59 -12.67
N GLU F 459 42.05 24.29 -12.35
CA GLU F 459 43.37 23.65 -12.31
C GLU F 459 43.43 22.59 -11.21
N GLU F 460 42.87 22.88 -10.04
CA GLU F 460 42.84 21.88 -8.98
C GLU F 460 42.03 20.65 -9.39
N LEU F 461 40.88 20.88 -10.03
CA LEU F 461 40.06 19.76 -10.49
C LEU F 461 40.80 18.94 -11.53
N MET F 462 41.51 19.61 -12.45
CA MET F 462 42.28 18.88 -13.46
C MET F 462 43.38 18.05 -12.80
N ASN F 463 44.05 18.61 -11.79
CA ASN F 463 45.07 17.84 -11.08
C ASN F 463 44.47 16.63 -10.40
N ILE F 464 43.31 16.79 -9.77
CA ILE F 464 42.66 15.67 -9.11
C ILE F 464 42.29 14.59 -10.12
N ILE F 465 41.74 15.00 -11.26
CA ILE F 465 41.34 14.04 -12.29
C ILE F 465 42.57 13.30 -12.82
N ASN F 466 43.66 14.02 -13.06
CA ASN F 466 44.88 13.38 -13.54
C ASN F 466 45.42 12.39 -12.51
N ASP F 467 45.33 12.75 -11.22
CA ASP F 467 45.78 11.84 -10.17
C ASP F 467 44.93 10.57 -10.16
N ILE F 468 43.61 10.71 -10.25
CA ILE F 468 42.73 9.54 -10.22
C ILE F 468 42.91 8.71 -11.48
N GLN F 469 42.90 9.37 -12.64
CA GLN F 469 43.09 8.69 -13.92
C GLN F 469 44.28 9.32 -14.64
N PRO F 470 45.45 8.73 -14.59
CA PRO F 470 46.60 9.30 -15.30
C PRO F 470 46.39 9.26 -16.81
N LEU F 471 46.96 10.25 -17.49
CA LEU F 471 46.84 10.36 -18.94
C LEU F 471 47.99 9.64 -19.65
N THR F 472 48.18 8.37 -19.31
CA THR F 472 49.25 7.58 -19.90
C THR F 472 48.72 6.77 -21.09
N ASP F 473 49.66 6.16 -21.81
CA ASP F 473 49.28 5.39 -23.00
C ASP F 473 48.52 4.12 -22.64
N GLU F 474 48.81 3.52 -21.49
CA GLU F 474 48.18 2.26 -21.13
C GLU F 474 46.68 2.44 -20.89
N ASN F 475 46.29 3.42 -20.08
CA ASN F 475 44.90 3.63 -19.72
C ASN F 475 44.21 4.62 -20.65
N LYS F 476 44.69 4.78 -21.88
CA LYS F 476 44.03 5.67 -22.83
C LYS F 476 42.60 5.23 -23.10
N LYS F 477 42.41 3.94 -23.39
CA LYS F 477 41.06 3.42 -23.58
C LYS F 477 40.27 3.50 -22.28
N ASN F 478 40.90 3.20 -21.15
CA ASN F 478 40.20 3.27 -19.87
C ASN F 478 39.75 4.70 -19.58
N ARG F 479 40.63 5.68 -19.80
CA ARG F 479 40.26 7.06 -19.54
C ARG F 479 39.19 7.54 -20.52
N GLU F 480 39.27 7.08 -21.78
CA GLU F 480 38.24 7.45 -22.75
C GLU F 480 36.88 6.89 -22.33
N LEU F 481 36.85 5.63 -21.88
CA LEU F 481 35.59 5.05 -21.41
C LEU F 481 35.08 5.78 -20.18
N TYR F 482 36.00 6.16 -19.28
CA TYR F 482 35.63 6.93 -18.10
C TYR F 482 34.97 8.24 -18.49
N GLU F 483 35.58 8.97 -19.42
CA GLU F 483 35.02 10.24 -19.88
C GLU F 483 33.67 10.04 -20.55
N LYS F 484 33.56 9.01 -21.39
CA LYS F 484 32.29 8.75 -22.08
C LYS F 484 31.17 8.45 -21.09
N THR F 485 31.46 7.58 -20.11
CA THR F 485 30.44 7.23 -19.13
C THR F 485 30.05 8.44 -18.29
N LEU F 486 31.02 9.25 -17.87
CA LEU F 486 30.69 10.44 -17.09
C LEU F 486 29.86 11.43 -17.90
N SER F 487 30.20 11.63 -19.17
CA SER F 487 29.48 12.59 -19.98
C SER F 487 28.08 12.12 -20.33
N SER F 488 27.88 10.80 -20.43
CA SER F 488 26.56 10.28 -20.78
C SER F 488 25.49 10.56 -19.74
N CYS F 489 25.88 10.98 -18.53
CA CYS F 489 24.91 11.24 -17.47
C CYS F 489 24.07 12.49 -17.71
N LEU F 490 24.43 13.32 -18.69
CA LEU F 490 23.67 14.53 -18.97
C LEU F 490 22.53 14.29 -19.94
N CYS F 491 22.68 13.35 -20.87
CA CYS F 491 21.64 13.10 -21.87
C CYS F 491 20.39 12.53 -21.22
N GLY F 492 19.23 12.95 -21.72
CA GLY F 492 17.97 12.48 -21.18
C GLY F 492 17.36 11.36 -21.99
N ALA F 493 18.15 10.72 -22.83
CA ALA F 493 17.68 9.62 -23.65
C ALA F 493 17.76 8.32 -22.83
N THR F 494 17.58 7.18 -23.51
CA THR F 494 17.63 5.87 -22.87
C THR F 494 18.96 5.20 -23.20
N LYS F 495 19.64 4.71 -22.17
CA LYS F 495 20.93 4.07 -22.30
C LYS F 495 20.78 2.55 -22.18
N GLY F 496 21.57 1.82 -22.97
CA GLY F 496 21.44 0.38 -23.02
C GLY F 496 22.68 -0.37 -22.56
N CYS F 497 23.34 0.11 -21.51
CA CYS F 497 24.51 -0.56 -20.97
C CYS F 497 24.63 -0.24 -19.49
N LEU F 498 25.39 -1.08 -18.79
CA LEU F 498 25.69 -0.89 -17.38
C LEU F 498 27.20 -0.84 -17.19
N THR F 499 27.66 0.09 -16.35
CA THR F 499 29.07 0.31 -16.13
C THR F 499 29.47 -0.16 -14.74
N PHE F 500 30.61 -0.84 -14.67
CA PHE F 500 31.14 -1.37 -13.42
C PHE F 500 32.39 -0.59 -13.04
N PHE F 501 32.37 0.04 -11.86
CA PHE F 501 33.53 0.76 -11.34
C PHE F 501 34.31 -0.21 -10.46
N PHE F 502 35.32 -0.85 -11.04
CA PHE F 502 36.06 -1.90 -10.37
C PHE F 502 37.40 -1.36 -9.89
N GLY F 503 37.68 -1.49 -8.59
CA GLY F 503 38.93 -1.07 -8.01
C GLY F 503 39.12 -1.66 -6.64
N GLU F 504 40.37 -1.84 -6.20
CA GLU F 504 40.66 -2.56 -4.97
C GLU F 504 40.10 -1.85 -3.73
N THR F 505 40.65 -0.69 -3.39
CA THR F 505 40.25 0.08 -2.22
C THR F 505 40.94 1.43 -2.26
N ALA F 506 40.25 2.44 -1.73
CA ALA F 506 40.81 3.79 -1.57
C ALA F 506 41.36 4.31 -2.90
N THR F 507 40.61 4.08 -3.97
CA THR F 507 41.03 4.47 -5.32
C THR F 507 40.34 5.73 -5.81
N GLY F 508 39.41 6.29 -5.04
CA GLY F 508 38.77 7.53 -5.40
C GLY F 508 37.41 7.43 -6.05
N LYS F 509 36.78 6.25 -6.04
CA LYS F 509 35.46 6.12 -6.64
C LYS F 509 34.45 7.00 -5.93
N SER F 510 34.48 7.01 -4.60
CA SER F 510 33.57 7.86 -3.84
C SER F 510 33.80 9.33 -4.13
N THR F 511 35.05 9.73 -4.40
CA THR F 511 35.33 11.11 -4.78
C THR F 511 34.61 11.47 -6.08
N THR F 512 34.71 10.58 -7.08
CA THR F 512 34.01 10.83 -8.34
C THR F 512 32.50 10.86 -8.14
N LYS F 513 31.98 9.95 -7.33
CA LYS F 513 30.55 9.94 -7.07
C LYS F 513 30.08 11.23 -6.42
N ARG F 514 30.84 11.72 -5.44
CA ARG F 514 30.45 12.95 -4.76
C ARG F 514 30.59 14.16 -5.68
N LEU F 515 31.61 14.18 -6.53
CA LEU F 515 31.74 15.25 -7.51
C LEU F 515 30.56 15.27 -8.46
N LEU F 516 30.16 14.09 -8.94
CA LEU F 516 29.00 14.01 -9.83
C LEU F 516 27.73 14.46 -9.12
N LYS F 517 27.56 14.05 -7.86
CA LYS F 517 26.40 14.48 -7.08
C LYS F 517 26.36 15.99 -6.94
N SER F 518 27.52 16.60 -6.65
CA SER F 518 27.58 18.06 -6.56
C SER F 518 27.37 18.73 -7.91
N ALA F 519 27.65 18.02 -9.00
CA ALA F 519 27.55 18.63 -10.33
C ALA F 519 26.08 18.74 -10.78
N ILE F 520 25.39 17.60 -10.90
CA ILE F 520 24.04 17.59 -11.46
C ILE F 520 22.96 17.78 -10.40
N GLY F 521 23.30 17.77 -9.12
CA GLY F 521 22.31 18.02 -8.09
C GLY F 521 21.46 16.80 -7.83
N ASP F 522 20.14 16.99 -7.86
CA ASP F 522 19.21 15.95 -7.46
C ASP F 522 18.86 14.98 -8.58
N LEU F 523 19.39 15.17 -9.78
CA LEU F 523 19.21 14.18 -10.83
C LEU F 523 19.99 12.91 -10.56
N PHE F 524 20.86 12.92 -9.55
CA PHE F 524 21.63 11.76 -9.15
C PHE F 524 20.94 11.07 -7.97
N VAL F 525 20.69 9.78 -8.10
CA VAL F 525 19.96 9.01 -7.10
C VAL F 525 20.76 7.77 -6.76
N GLU F 526 20.93 7.49 -5.47
CA GLU F 526 21.61 6.29 -5.00
C GLU F 526 20.57 5.28 -4.53
N THR F 527 20.72 4.03 -4.95
CA THR F 527 19.78 2.97 -4.60
C THR F 527 20.54 1.75 -4.10
N GLY F 528 19.78 0.80 -3.53
CA GLY F 528 20.34 -0.41 -2.98
C GLY F 528 20.54 -1.50 -4.02
N GLN F 529 21.09 -2.62 -3.54
CA GLN F 529 21.44 -3.73 -4.42
C GLN F 529 20.25 -4.65 -4.69
N THR F 530 19.11 -4.43 -4.04
CA THR F 530 17.99 -5.36 -4.13
C THR F 530 17.56 -5.57 -5.58
N ILE F 531 17.64 -4.52 -6.41
CA ILE F 531 17.20 -4.63 -7.79
C ILE F 531 18.01 -5.68 -8.53
N LEU F 532 19.30 -5.80 -8.22
CA LEU F 532 20.14 -6.79 -8.88
C LEU F 532 20.03 -8.17 -8.24
N THR F 533 19.31 -8.30 -7.12
CA THR F 533 19.20 -9.57 -6.42
C THR F 533 17.78 -10.09 -6.29
N ASP F 534 16.77 -9.23 -6.39
CA ASP F 534 15.38 -9.63 -6.24
C ASP F 534 14.64 -9.44 -7.56
N VAL F 535 13.38 -9.86 -7.57
CA VAL F 535 12.51 -9.68 -8.72
C VAL F 535 11.62 -8.47 -8.47
N LEU F 536 11.02 -7.96 -9.54
CA LEU F 536 10.36 -6.66 -9.50
C LEU F 536 8.85 -6.72 -9.64
N ASP F 537 8.30 -7.76 -10.25
CA ASP F 537 6.87 -7.77 -10.57
C ASP F 537 6.01 -7.86 -9.31
N LYS F 538 6.32 -8.81 -8.42
CA LYS F 538 5.48 -9.04 -7.26
C LYS F 538 5.64 -7.93 -6.23
N GLY F 539 4.53 -7.56 -5.60
CA GLY F 539 4.54 -6.58 -4.53
C GLY F 539 4.94 -5.19 -5.00
N PRO F 540 4.96 -4.24 -4.08
CA PRO F 540 5.40 -2.88 -4.43
C PRO F 540 6.90 -2.81 -4.61
N ASN F 541 7.33 -1.72 -5.24
CA ASN F 541 8.76 -1.46 -5.45
C ASN F 541 8.98 0.04 -5.51
N PRO F 542 9.10 0.69 -4.35
CA PRO F 542 9.30 2.15 -4.36
C PRO F 542 10.59 2.59 -5.02
N PHE F 543 11.60 1.72 -5.09
CA PHE F 543 12.86 2.09 -5.71
C PHE F 543 12.66 2.39 -7.19
N ILE F 544 11.91 1.53 -7.89
CA ILE F 544 11.64 1.76 -9.30
C ILE F 544 10.78 3.00 -9.49
N ALA F 545 9.85 3.25 -8.57
CA ALA F 545 9.04 4.45 -8.65
C ALA F 545 9.89 5.71 -8.53
N ASN F 546 10.86 5.70 -7.63
CA ASN F 546 11.77 6.84 -7.50
C ASN F 546 12.75 6.93 -8.66
N MET F 547 13.03 5.81 -9.32
CA MET F 547 13.94 5.82 -10.47
C MET F 547 13.37 6.59 -11.65
N HIS F 548 12.07 6.85 -11.66
CA HIS F 548 11.40 7.48 -12.79
C HIS F 548 12.02 8.83 -13.13
N LEU F 549 12.40 9.00 -14.39
CA LEU F 549 12.88 10.25 -14.98
C LEU F 549 14.19 10.74 -14.39
N LYS F 550 14.84 9.96 -13.54
CA LYS F 550 16.16 10.33 -13.05
C LYS F 550 17.21 10.05 -14.10
N ARG F 551 18.25 10.88 -14.15
CA ARG F 551 19.27 10.79 -15.18
C ARG F 551 20.55 10.11 -14.72
N SER F 552 20.62 9.63 -13.48
CA SER F 552 21.81 8.95 -13.01
C SER F 552 21.45 8.13 -11.77
N VAL F 553 21.72 6.84 -11.80
CA VAL F 553 21.44 5.93 -10.71
C VAL F 553 22.74 5.25 -10.30
N PHE F 554 23.01 5.24 -9.00
CA PHE F 554 24.25 4.71 -8.45
C PHE F 554 23.94 3.61 -7.45
N CYS F 555 24.56 2.45 -7.63
CA CYS F 555 24.42 1.33 -6.71
C CYS F 555 25.81 0.98 -6.20
N SER F 556 26.06 1.24 -4.93
CA SER F 556 27.39 1.08 -4.35
C SER F 556 27.39 -0.02 -3.29
N GLU F 557 28.60 -0.37 -2.84
CA GLU F 557 28.82 -1.35 -1.78
C GLU F 557 28.21 -2.70 -2.14
N LEU F 558 28.74 -3.30 -3.20
CA LEU F 558 28.30 -4.61 -3.64
C LEU F 558 28.91 -5.69 -2.76
N PRO F 559 28.11 -6.55 -2.14
CA PRO F 559 28.67 -7.63 -1.33
C PRO F 559 29.39 -8.66 -2.19
N ASP F 560 30.35 -9.34 -1.58
CA ASP F 560 31.11 -10.37 -2.27
C ASP F 560 30.24 -11.60 -2.50
N PHE F 561 30.20 -12.08 -3.74
CA PHE F 561 29.43 -13.26 -4.07
C PHE F 561 30.20 -14.57 -3.88
N ALA F 562 31.50 -14.48 -3.58
CA ALA F 562 32.27 -15.70 -3.31
C ALA F 562 31.97 -16.29 -1.94
N CYS F 563 31.57 -15.44 -0.98
CA CYS F 563 31.33 -15.90 0.38
C CYS F 563 29.95 -16.56 0.49
N SER F 564 29.65 -17.07 1.68
CA SER F 564 28.39 -17.75 1.91
C SER F 564 27.23 -16.75 1.92
N GLY F 565 26.02 -17.28 1.72
CA GLY F 565 24.84 -16.45 1.65
C GLY F 565 24.78 -15.58 0.41
N SER F 566 25.53 -15.93 -0.64
CA SER F 566 25.59 -15.11 -1.83
C SER F 566 24.30 -15.22 -2.64
N LYS F 567 23.90 -14.09 -3.23
CA LYS F 567 22.77 -14.04 -4.15
C LYS F 567 23.32 -13.56 -5.49
N LYS F 568 23.42 -14.49 -6.45
CA LYS F 568 24.00 -14.16 -7.74
C LYS F 568 23.14 -13.12 -8.46
N ILE F 569 23.81 -12.27 -9.24
CA ILE F 569 23.12 -11.19 -9.93
C ILE F 569 22.15 -11.78 -10.94
N ARG F 570 20.89 -11.35 -10.86
CA ARG F 570 19.86 -11.87 -11.75
C ARG F 570 20.05 -11.31 -13.16
N SER F 571 20.33 -12.18 -14.12
CA SER F 571 20.49 -11.73 -15.50
C SER F 571 19.20 -11.13 -16.04
N ASP F 572 18.05 -11.65 -15.60
CA ASP F 572 16.78 -11.10 -16.06
C ASP F 572 16.61 -9.65 -15.62
N ASN F 573 17.07 -9.31 -14.42
CA ASN F 573 17.02 -7.92 -13.97
C ASN F 573 17.88 -7.03 -14.86
N ILE F 574 19.06 -7.52 -15.25
CA ILE F 574 19.93 -6.76 -16.14
C ILE F 574 19.25 -6.54 -17.49
N LYS F 575 18.64 -7.59 -18.04
CA LYS F 575 17.95 -7.45 -19.32
C LYS F 575 16.75 -6.53 -19.21
N LYS F 576 16.09 -6.50 -18.05
CA LYS F 576 14.90 -5.68 -17.87
C LYS F 576 15.25 -4.22 -17.62
N LEU F 577 16.43 -3.94 -17.07
CA LEU F 577 16.80 -2.58 -16.71
C LEU F 577 17.37 -1.79 -17.87
N THR F 578 17.47 -2.37 -19.06
CA THR F 578 17.96 -1.69 -20.25
C THR F 578 16.85 -1.51 -21.28
N GLU F 579 15.66 -1.15 -20.82
CA GLU F 579 14.50 -0.98 -21.68
C GLU F 579 13.92 0.42 -21.48
N PRO F 580 13.28 0.99 -22.52
CA PRO F 580 12.71 2.33 -22.37
C PRO F 580 11.66 2.43 -21.28
N CYS F 581 10.96 1.34 -20.98
CA CYS F 581 9.97 1.32 -19.91
C CYS F 581 10.29 0.18 -18.96
N VAL F 582 10.19 0.47 -17.66
CA VAL F 582 10.45 -0.50 -16.61
C VAL F 582 9.16 -0.70 -15.83
N ILE F 583 8.78 -1.96 -15.62
CA ILE F 583 7.51 -2.30 -15.01
C ILE F 583 7.71 -2.45 -13.50
N GLY F 584 7.05 -1.59 -12.74
CA GLY F 584 7.12 -1.64 -11.29
C GLY F 584 6.00 -0.83 -10.67
N ARG F 585 5.61 -1.21 -9.47
CA ARG F 585 4.47 -0.59 -8.82
C ARG F 585 4.90 0.12 -7.54
N PRO F 586 4.48 1.35 -7.32
CA PRO F 586 4.77 2.01 -6.04
C PRO F 586 3.92 1.46 -4.90
N CYS F 587 4.01 2.06 -3.73
CA CYS F 587 3.20 1.64 -2.60
C CYS F 587 1.83 2.31 -2.67
N PHE F 588 0.77 1.49 -2.60
CA PHE F 588 -0.61 1.96 -2.66
C PHE F 588 -0.87 2.75 -3.95
N SER F 589 -0.56 2.10 -5.08
CA SER F 589 -0.72 2.74 -6.38
C SER F 589 -1.02 1.69 -7.43
N ASN F 590 -1.31 2.16 -8.64
CA ASN F 590 -1.64 1.29 -9.76
C ASN F 590 -0.75 1.47 -10.97
N LYS F 591 0.02 2.56 -11.05
CA LYS F 591 0.91 2.77 -12.18
C LYS F 591 1.97 1.68 -12.23
N ILE F 592 2.19 1.13 -13.42
CA ILE F 592 3.12 0.01 -13.58
C ILE F 592 4.08 0.28 -14.73
N ASN F 593 4.28 1.56 -15.07
CA ASN F 593 5.20 1.93 -16.14
C ASN F 593 5.99 3.16 -15.73
N ASN F 594 7.29 3.13 -16.00
CA ASN F 594 8.19 4.23 -15.67
C ASN F 594 9.13 4.48 -16.83
N ARG F 595 9.43 5.75 -17.08
CA ARG F 595 10.38 6.12 -18.12
C ARG F 595 11.81 5.91 -17.63
N ASN F 596 12.65 5.37 -18.50
CA ASN F 596 14.03 5.03 -18.16
C ASN F 596 14.97 5.99 -18.88
N HIS F 597 15.53 6.94 -18.13
CA HIS F 597 16.53 7.86 -18.66
C HIS F 597 17.84 7.79 -17.89
N ALA F 598 18.01 6.80 -17.03
CA ALA F 598 19.08 6.79 -16.03
C ALA F 598 20.29 5.98 -16.52
N THR F 599 21.46 6.57 -16.37
CA THR F 599 22.71 5.82 -16.50
C THR F 599 22.98 5.11 -15.18
N ILE F 600 23.08 3.79 -15.22
CA ILE F 600 23.25 2.98 -14.02
C ILE F 600 24.73 2.68 -13.85
N ILE F 601 25.29 3.08 -12.72
CA ILE F 601 26.69 2.84 -12.40
C ILE F 601 26.75 2.06 -11.10
N ILE F 602 27.52 0.96 -11.11
CA ILE F 602 27.64 0.08 -9.97
C ILE F 602 29.08 0.14 -9.46
N ASP F 603 29.23 0.52 -8.20
CA ASP F 603 30.52 0.54 -7.53
C ASP F 603 30.74 -0.78 -6.82
N THR F 604 31.92 -1.38 -7.02
CA THR F 604 32.21 -2.69 -6.46
C THR F 604 33.67 -2.74 -6.02
N ASN F 605 33.96 -3.70 -5.15
CA ASN F 605 35.32 -3.96 -4.69
C ASN F 605 35.85 -5.31 -5.12
N TYR F 606 34.98 -6.25 -5.46
CA TYR F 606 35.35 -7.60 -5.86
C TYR F 606 34.82 -7.90 -7.26
N LYS F 607 35.09 -9.11 -7.74
CA LYS F 607 34.61 -9.51 -9.05
C LYS F 607 33.10 -9.73 -9.01
N PRO F 608 32.41 -9.44 -10.11
CA PRO F 608 30.96 -9.72 -10.18
C PRO F 608 30.68 -11.14 -10.63
N VAL F 609 29.61 -11.71 -10.07
CA VAL F 609 29.22 -13.08 -10.34
C VAL F 609 27.73 -13.10 -10.67
N PHE F 610 27.39 -13.74 -11.79
CA PHE F 610 26.01 -13.90 -12.23
C PHE F 610 25.59 -15.36 -12.12
N ASP F 611 24.29 -15.59 -12.26
CA ASP F 611 23.76 -16.94 -12.18
C ASP F 611 23.83 -17.67 -13.52
N ARG F 612 23.41 -17.01 -14.60
CA ARG F 612 23.43 -17.59 -15.93
C ARG F 612 24.05 -16.60 -16.90
N ILE F 613 24.89 -17.12 -17.81
CA ILE F 613 25.62 -16.31 -18.76
C ILE F 613 25.20 -16.71 -20.17
N ASP F 614 24.83 -15.72 -20.99
CA ASP F 614 24.41 -15.95 -22.36
C ASP F 614 24.93 -14.79 -23.22
N ASN F 615 24.69 -14.90 -24.52
CA ASN F 615 25.12 -13.84 -25.44
C ASN F 615 24.36 -12.55 -25.22
N ALA F 616 23.14 -12.63 -24.67
CA ALA F 616 22.37 -11.42 -24.42
C ALA F 616 23.02 -10.58 -23.33
N LEU F 617 23.60 -11.21 -22.31
CA LEU F 617 24.23 -10.46 -21.24
C LEU F 617 25.52 -9.80 -21.68
N MET F 618 26.25 -10.42 -22.61
CA MET F 618 27.55 -9.89 -23.02
C MET F 618 27.43 -8.53 -23.71
N ARG F 619 26.27 -8.20 -24.28
CA ARG F 619 26.07 -6.95 -24.97
C ARG F 619 25.46 -5.87 -24.07
N ARG F 620 25.35 -6.13 -22.77
CA ARG F 620 24.77 -5.20 -21.82
C ARG F 620 25.63 -5.09 -20.57
N ILE F 621 26.94 -4.93 -20.75
CA ILE F 621 27.85 -4.83 -19.62
C ILE F 621 29.08 -4.06 -20.05
N ALA F 622 29.66 -3.30 -19.12
CA ALA F 622 30.90 -2.56 -19.35
C ALA F 622 31.56 -2.34 -18.00
N VAL F 623 32.89 -2.20 -18.03
CA VAL F 623 33.68 -2.08 -16.80
C VAL F 623 34.79 -1.06 -17.01
N VAL F 624 35.10 -0.31 -15.95
CA VAL F 624 36.19 0.64 -15.92
C VAL F 624 37.09 0.29 -14.74
N ARG F 625 38.39 0.15 -15.00
CA ARG F 625 39.34 -0.28 -13.99
C ARG F 625 40.00 0.94 -13.34
N PHE F 626 40.03 0.94 -12.01
CA PHE F 626 40.61 2.02 -11.23
C PHE F 626 41.86 1.49 -10.55
N ARG F 627 43.04 1.93 -10.99
CA ARG F 627 44.31 1.46 -10.43
C ARG F 627 45.19 2.66 -10.11
N THR F 628 44.96 3.26 -8.93
CA THR F 628 45.85 4.27 -8.38
C THR F 628 45.54 4.43 -6.91
N HIS F 629 46.49 4.08 -6.05
CA HIS F 629 46.27 4.14 -4.62
C HIS F 629 46.58 5.52 -4.06
N PHE F 630 45.85 5.91 -3.03
CA PHE F 630 46.06 7.17 -2.31
C PHE F 630 46.20 6.82 -0.83
N SER F 631 47.45 6.71 -0.36
CA SER F 631 47.70 6.16 0.96
C SER F 631 48.59 7.10 1.78
N GLN F 632 48.47 6.97 3.09
CA GLN F 632 49.35 7.68 4.00
C GLN F 632 50.78 7.15 3.85
N PRO F 633 51.80 8.02 3.83
CA PRO F 633 53.19 7.55 3.74
C PRO F 633 53.57 6.53 4.81
N SER F 634 52.79 6.45 5.88
CA SER F 634 53.02 5.39 6.87
C SER F 634 52.92 4.01 6.24
N GLY F 635 52.07 3.86 5.23
CA GLY F 635 51.98 2.61 4.50
C GLY F 635 52.45 2.75 3.06
N ARG F 636 53.50 3.56 2.85
CA ARG F 636 54.03 3.76 1.52
C ARG F 636 54.52 2.45 0.92
N GLU F 637 55.50 1.82 1.56
CA GLU F 637 56.00 0.53 1.08
C GLU F 637 54.92 -0.55 1.18
N ALA F 638 54.00 -0.42 2.14
CA ALA F 638 52.94 -1.40 2.30
C ALA F 638 52.04 -1.50 1.08
N ALA F 639 52.03 -0.47 0.23
CA ALA F 639 51.25 -0.48 -1.00
C ALA F 639 52.08 -0.69 -2.25
N GLU F 640 53.34 -0.27 -2.25
CA GLU F 640 54.17 -0.41 -3.43
C GLU F 640 54.47 -1.87 -3.75
N ASN F 641 54.58 -2.71 -2.72
CA ASN F 641 54.80 -4.14 -2.95
C ASN F 641 53.59 -4.82 -3.55
N ASN F 642 52.39 -4.28 -3.35
CA ASN F 642 51.19 -4.89 -3.86
C ASN F 642 51.17 -4.86 -5.38
N ASP F 643 50.72 -5.97 -5.98
CA ASP F 643 50.62 -6.05 -7.43
C ASP F 643 49.33 -5.48 -7.98
N ALA F 644 48.39 -5.10 -7.11
CA ALA F 644 47.13 -4.54 -7.57
C ALA F 644 47.28 -3.06 -7.92
N TYR F 645 47.72 -2.26 -6.97
CA TYR F 645 47.94 -0.84 -7.22
C TYR F 645 49.08 -0.65 -8.22
N ASP F 646 48.91 0.32 -9.12
CA ASP F 646 49.91 0.60 -10.14
C ASP F 646 50.70 1.86 -9.86
N LYS F 647 50.20 2.75 -9.01
CA LYS F 647 50.90 4.01 -8.72
C LYS F 647 50.30 4.59 -7.45
N VAL F 648 51.14 4.86 -6.45
CA VAL F 648 50.71 5.24 -5.12
C VAL F 648 51.03 6.70 -4.89
N LYS F 649 50.07 7.45 -4.37
CA LYS F 649 50.22 8.86 -4.07
C LYS F 649 49.89 9.13 -2.60
N LEU F 650 50.17 10.36 -2.19
CA LEU F 650 49.91 10.77 -0.81
C LEU F 650 48.42 10.98 -0.60
N LEU F 651 47.87 10.31 0.41
CA LEU F 651 46.48 10.52 0.79
C LEU F 651 46.35 11.91 1.40
N ASP F 652 45.75 12.83 0.65
CA ASP F 652 45.57 14.20 1.10
C ASP F 652 44.23 14.34 1.80
N GLU F 653 44.26 14.83 3.04
CA GLU F 653 43.03 15.05 3.80
C GLU F 653 42.28 16.31 3.35
N GLY F 654 42.69 16.92 2.24
CA GLY F 654 41.97 18.04 1.68
C GLY F 654 40.68 17.58 1.01
N LEU F 655 40.21 18.34 0.03
CA LEU F 655 38.93 18.07 -0.61
C LEU F 655 37.84 17.93 0.45
N ASP F 656 37.20 16.77 0.48
CA ASP F 656 36.17 16.45 1.47
C ASP F 656 35.14 17.56 1.59
N GLY F 657 35.22 18.37 2.64
CA GLY F 657 34.21 19.38 2.88
C GLY F 657 34.07 20.35 1.71
N LYS F 658 35.20 20.71 1.09
CA LYS F 658 35.16 21.58 -0.08
C LYS F 658 34.26 20.99 -1.15
N ILE F 659 34.37 19.69 -1.41
CA ILE F 659 33.46 19.03 -2.34
C ILE F 659 32.03 19.10 -1.81
N GLN F 660 31.83 18.84 -0.52
CA GLN F 660 30.53 19.08 0.09
C GLN F 660 30.17 20.55 0.20
N ASN F 661 31.12 21.45 -0.05
CA ASN F 661 30.83 22.88 -0.10
C ASN F 661 30.64 23.37 -1.53
N ASN F 662 30.54 22.46 -2.49
CA ASN F 662 30.35 22.81 -3.90
C ASN F 662 31.45 23.73 -4.41
N ARG F 663 32.67 23.53 -3.93
CA ARG F 663 33.80 24.35 -4.40
C ARG F 663 34.16 24.04 -5.85
N TYR F 664 33.74 22.89 -6.36
CA TYR F 664 34.05 22.49 -7.74
C TYR F 664 32.78 22.12 -8.49
N ARG F 665 31.64 22.69 -8.10
CA ARG F 665 30.37 22.35 -8.74
C ARG F 665 30.36 22.82 -10.19
N PHE F 666 30.53 24.13 -10.42
CA PHE F 666 30.48 24.66 -11.77
C PHE F 666 31.71 24.30 -12.59
N ALA F 667 32.85 24.06 -11.94
CA ALA F 667 34.04 23.67 -12.68
C ALA F 667 33.85 22.34 -13.38
N PHE F 668 33.19 21.39 -12.71
CA PHE F 668 33.00 20.06 -13.30
C PHE F 668 32.02 20.10 -14.47
N LEU F 669 31.05 21.01 -14.44
CA LEU F 669 30.07 21.10 -15.52
C LEU F 669 30.73 21.47 -16.84
N TYR F 670 31.71 22.37 -16.81
CA TYR F 670 32.40 22.76 -18.03
C TYR F 670 33.10 21.55 -18.66
N LEU F 671 33.79 20.76 -17.84
CA LEU F 671 34.47 19.58 -18.34
C LEU F 671 33.47 18.56 -18.88
N LEU F 672 32.35 18.38 -18.18
CA LEU F 672 31.35 17.43 -18.63
C LEU F 672 30.75 17.85 -19.97
N VAL F 673 30.47 19.14 -20.13
CA VAL F 673 29.94 19.63 -21.40
C VAL F 673 30.96 19.47 -22.51
N LYS F 674 32.23 19.75 -22.21
CA LYS F 674 33.27 19.58 -23.20
C LYS F 674 33.37 18.12 -23.66
N TRP F 675 33.31 17.18 -22.71
CA TRP F 675 33.35 15.77 -23.08
C TRP F 675 32.12 15.36 -23.86
N TYR F 676 30.95 15.88 -23.49
CA TYR F 676 29.73 15.58 -24.24
C TYR F 676 29.84 16.06 -25.68
N LYS F 677 30.37 17.26 -25.89
CA LYS F 677 30.60 17.73 -27.25
C LYS F 677 31.64 16.88 -27.96
N LYS F 678 32.66 16.43 -27.24
CA LYS F 678 33.69 15.61 -27.86
C LYS F 678 33.14 14.28 -28.36
N TYR F 679 32.22 13.67 -27.60
CA TYR F 679 31.82 12.30 -27.86
C TYR F 679 30.41 12.16 -28.43
N HIS F 680 29.39 12.68 -27.73
CA HIS F 680 28.03 12.20 -27.92
C HIS F 680 27.17 13.01 -28.88
N ILE F 681 27.64 14.15 -29.40
CA ILE F 681 26.75 15.02 -30.16
C ILE F 681 26.16 14.37 -31.41
N PRO F 682 26.95 13.64 -32.25
CA PRO F 682 26.31 13.07 -33.46
C PRO F 682 25.27 12.02 -33.11
N ILE F 683 25.69 10.99 -32.39
CA ILE F 683 24.81 9.92 -31.91
C ILE F 683 25.31 9.47 -30.55
N MET F 684 24.41 9.42 -29.57
CA MET F 684 24.75 8.96 -28.23
C MET F 684 24.45 7.48 -28.12
N LYS F 685 25.48 6.68 -27.83
CA LYS F 685 25.30 5.24 -27.68
C LYS F 685 26.51 4.67 -26.94
N LEU F 686 26.25 3.81 -25.97
CA LEU F 686 27.32 3.15 -25.22
C LEU F 686 27.70 1.83 -25.89
N TYR F 687 28.85 1.30 -25.49
CA TYR F 687 29.37 0.09 -26.10
C TYR F 687 29.82 -0.90 -25.04
N PRO F 688 29.53 -2.18 -25.22
CA PRO F 688 29.95 -3.19 -24.24
C PRO F 688 31.44 -3.48 -24.34
N THR F 689 31.97 -4.07 -23.26
CA THR F 689 33.36 -4.50 -23.18
C THR F 689 33.41 -5.94 -22.72
N PRO F 690 33.08 -6.89 -23.61
CA PRO F 690 33.06 -8.31 -23.21
C PRO F 690 34.42 -8.90 -22.91
N GLU F 691 35.52 -8.22 -23.29
CA GLU F 691 36.84 -8.79 -23.11
C GLU F 691 37.19 -8.98 -21.64
N GLU F 692 36.73 -8.09 -20.78
CA GLU F 692 36.94 -8.22 -19.34
C GLU F 692 35.92 -9.22 -18.78
N ILE F 693 35.80 -9.26 -17.46
CA ILE F 693 34.91 -10.19 -16.77
C ILE F 693 35.31 -11.62 -17.15
N PRO F 694 36.42 -12.13 -16.63
CA PRO F 694 36.95 -13.41 -17.12
C PRO F 694 35.97 -14.57 -17.03
N ASP F 695 34.93 -14.47 -16.20
CA ASP F 695 33.89 -15.49 -16.21
C ASP F 695 33.27 -15.65 -17.59
N PHE F 696 33.15 -14.55 -18.33
CA PHE F 696 32.63 -14.60 -19.69
C PHE F 696 33.62 -15.23 -20.66
N ALA F 697 34.91 -15.22 -20.33
CA ALA F 697 35.96 -15.50 -21.31
C ALA F 697 35.77 -16.87 -21.95
N PHE F 698 35.45 -17.89 -21.14
CA PHE F 698 35.25 -19.22 -21.68
C PHE F 698 34.20 -19.21 -22.78
N TYR F 699 33.05 -18.58 -22.52
CA TYR F 699 32.00 -18.53 -23.53
C TYR F 699 32.46 -17.76 -24.76
N LEU F 700 33.37 -16.81 -24.57
CA LEU F 700 33.95 -16.13 -25.73
C LEU F 700 34.89 -17.04 -26.50
N LYS F 701 35.60 -17.93 -25.80
CA LYS F 701 36.55 -18.81 -26.48
C LYS F 701 35.85 -19.86 -27.31
N ILE F 702 34.75 -20.42 -26.80
CA ILE F 702 34.13 -21.59 -27.42
C ILE F 702 33.69 -21.26 -28.84
N GLY F 703 33.03 -20.10 -29.02
CA GLY F 703 32.63 -19.69 -30.36
C GLY F 703 33.81 -19.55 -31.29
N THR F 704 34.94 -19.08 -30.77
CA THR F 704 36.16 -19.05 -31.57
C THR F 704 36.75 -20.44 -31.76
N LEU F 705 36.60 -21.31 -30.76
CA LEU F 705 37.22 -22.63 -30.81
C LEU F 705 36.37 -23.66 -31.52
N LEU F 706 35.05 -23.60 -31.36
CA LEU F 706 34.14 -24.59 -31.92
C LEU F 706 33.35 -23.99 -33.07
N VAL F 707 33.01 -24.85 -34.05
CA VAL F 707 32.18 -24.46 -35.19
C VAL F 707 31.07 -25.50 -35.33
N SER F 708 29.99 -25.08 -35.98
CA SER F 708 28.83 -25.93 -36.16
C SER F 708 28.97 -26.75 -37.43
N SER F 709 28.82 -28.06 -37.30
CA SER F 709 28.83 -28.95 -38.47
C SER F 709 27.65 -28.66 -39.37
N SER F 710 27.87 -28.82 -40.67
CA SER F 710 26.83 -28.54 -41.67
C SER F 710 27.08 -29.42 -42.89
N VAL F 711 26.28 -29.20 -43.93
CA VAL F 711 26.41 -29.98 -45.16
C VAL F 711 27.71 -29.64 -45.90
N LYS F 712 28.26 -28.45 -45.68
CA LYS F 712 29.48 -28.07 -46.39
C LYS F 712 30.71 -28.83 -45.92
N HIS F 713 30.61 -29.58 -44.82
CA HIS F 713 31.69 -30.46 -44.39
C HIS F 713 31.59 -31.85 -44.99
N ILE F 714 30.60 -32.11 -45.85
CA ILE F 714 30.54 -33.40 -46.55
C ILE F 714 31.74 -33.62 -47.47
N PRO F 715 32.13 -32.67 -48.36
CA PRO F 715 33.14 -33.02 -49.39
C PRO F 715 34.48 -33.50 -48.86
N LEU F 716 34.70 -33.46 -47.55
CA LEU F 716 35.94 -33.94 -46.95
C LEU F 716 35.66 -35.05 -45.94
N MET F 717 34.78 -35.99 -46.29
CA MET F 717 34.50 -37.09 -45.38
C MET F 717 35.73 -37.92 -45.06
N THR F 718 36.73 -37.92 -45.94
CA THR F 718 37.97 -38.59 -45.62
C THR F 718 38.63 -37.96 -44.40
N ASP F 719 38.69 -36.63 -44.38
CA ASP F 719 39.40 -35.92 -43.30
C ASP F 719 38.78 -36.21 -41.95
N LEU F 720 37.45 -36.11 -41.84
CA LEU F 720 36.78 -36.49 -40.61
C LEU F 720 36.89 -37.99 -40.36
N SER F 721 36.96 -38.80 -41.42
CA SER F 721 37.27 -40.21 -41.21
C SER F 721 38.64 -40.37 -40.58
N LYS F 722 39.56 -39.45 -40.86
CA LYS F 722 40.84 -39.43 -40.16
C LYS F 722 40.63 -39.15 -38.68
N LYS F 723 39.73 -38.23 -38.35
CA LYS F 723 39.46 -37.92 -36.95
C LYS F 723 38.70 -39.06 -36.27
N GLY F 724 37.81 -39.73 -36.99
CA GLY F 724 37.04 -40.82 -36.44
C GLY F 724 35.56 -40.56 -36.25
N TYR F 725 35.03 -39.47 -36.81
CA TYR F 725 33.62 -39.15 -36.65
C TYR F 725 32.78 -39.96 -37.64
N ILE F 726 31.47 -39.99 -37.40
CA ILE F 726 30.55 -40.83 -38.16
C ILE F 726 29.43 -39.96 -38.71
N LEU F 727 28.88 -40.38 -39.85
CA LEU F 727 27.76 -39.71 -40.48
C LEU F 727 26.43 -40.36 -40.17
N TYR F 728 26.33 -41.04 -39.04
CA TYR F 728 25.05 -41.60 -38.62
C TYR F 728 24.07 -40.46 -38.40
N ASP F 729 22.86 -40.61 -38.96
CA ASP F 729 21.83 -39.57 -38.97
C ASP F 729 22.22 -38.35 -39.80
N ASN F 730 23.05 -38.55 -40.82
CA ASN F 730 23.43 -37.49 -41.76
C ASN F 730 23.99 -36.27 -41.04
N VAL F 731 24.82 -36.52 -40.02
CA VAL F 731 25.40 -35.45 -39.23
C VAL F 731 26.74 -35.93 -38.69
N VAL F 732 27.73 -35.04 -38.69
CA VAL F 732 29.03 -35.39 -38.15
C VAL F 732 28.89 -35.53 -36.63
N THR F 733 28.91 -36.77 -36.15
CA THR F 733 28.73 -37.06 -34.74
C THR F 733 29.99 -36.75 -33.96
N LEU F 734 29.85 -36.73 -32.64
CA LEU F 734 31.00 -36.49 -31.75
C LEU F 734 30.75 -37.18 -30.42
N PRO F 735 31.44 -38.30 -30.15
CA PRO F 735 31.25 -38.98 -28.86
C PRO F 735 31.63 -38.10 -27.69
N LEU F 736 30.90 -38.24 -26.59
CA LEU F 736 31.16 -37.45 -25.40
C LEU F 736 32.55 -37.73 -24.85
N THR F 737 32.95 -39.01 -24.84
CA THR F 737 34.30 -39.36 -24.39
C THR F 737 35.36 -38.65 -25.24
N THR F 738 35.17 -38.70 -26.56
CA THR F 738 36.07 -37.98 -27.47
C THR F 738 36.03 -36.49 -27.18
N PHE F 739 34.85 -35.94 -26.87
CA PHE F 739 34.73 -34.51 -26.64
C PHE F 739 35.49 -34.08 -25.40
N GLN F 740 35.33 -34.81 -24.29
CA GLN F 740 36.06 -34.42 -23.07
C GLN F 740 37.56 -34.66 -23.21
N GLN F 741 37.96 -35.77 -23.85
CA GLN F 741 39.39 -35.98 -24.05
C GLN F 741 39.97 -34.92 -24.98
N LYS F 742 39.16 -34.39 -25.90
CA LYS F 742 39.62 -33.33 -26.78
C LYS F 742 39.77 -32.01 -26.05
N ILE F 743 38.78 -31.65 -25.24
CA ILE F 743 38.81 -30.36 -24.55
C ILE F 743 39.76 -30.36 -23.36
N SER F 744 40.07 -31.53 -22.80
CA SER F 744 40.94 -31.59 -21.62
C SER F 744 42.34 -31.10 -21.94
N LYS F 745 42.86 -31.46 -23.12
CA LYS F 745 44.22 -31.06 -23.50
C LYS F 745 44.34 -29.58 -23.83
N TYR F 746 43.22 -28.87 -23.98
CA TYR F 746 43.25 -27.44 -24.27
C TYR F 746 42.64 -26.59 -23.17
N PHE F 747 41.69 -27.12 -22.41
CA PHE F 747 41.12 -26.43 -21.26
C PHE F 747 41.35 -27.26 -20.01
N ASN F 748 41.68 -26.58 -18.91
CA ASN F 748 42.03 -27.25 -17.66
C ASN F 748 40.82 -27.70 -16.86
N SER F 749 39.61 -27.46 -17.35
CA SER F 749 38.35 -27.94 -16.73
C SER F 749 38.26 -27.31 -15.34
N ARG F 750 37.81 -28.05 -14.34
CA ARG F 750 37.60 -27.55 -12.98
C ARG F 750 36.73 -26.30 -12.98
N LEU F 751 37.35 -25.13 -12.94
CA LEU F 751 36.58 -23.89 -13.07
C LEU F 751 35.88 -23.81 -14.43
N PHE F 752 36.44 -24.49 -15.45
CA PHE F 752 35.75 -24.64 -16.71
C PHE F 752 34.79 -25.82 -16.73
N GLY F 753 34.86 -26.71 -15.72
CA GLY F 753 34.04 -27.91 -15.75
C GLY F 753 32.55 -27.63 -15.65
N HIS F 754 32.17 -26.68 -14.79
CA HIS F 754 30.76 -26.39 -14.58
C HIS F 754 30.11 -25.88 -15.86
N ASP F 755 30.70 -24.86 -16.47
CA ASP F 755 30.21 -24.34 -17.73
C ASP F 755 30.38 -25.32 -18.90
N ILE F 756 31.38 -26.21 -18.84
CA ILE F 756 31.48 -27.26 -19.84
C ILE F 756 30.27 -28.20 -19.76
N GLU F 757 29.91 -28.60 -18.54
CA GLU F 757 28.72 -29.43 -18.36
C GLU F 757 27.46 -28.69 -18.74
N SER F 758 27.40 -27.39 -18.47
CA SER F 758 26.26 -26.58 -18.90
C SER F 758 26.14 -26.56 -20.41
N PHE F 759 27.27 -26.44 -21.11
CA PHE F 759 27.27 -26.55 -22.56
C PHE F 759 26.82 -27.93 -23.00
N ILE F 760 27.24 -28.97 -22.28
CA ILE F 760 26.88 -30.34 -22.61
C ILE F 760 25.36 -30.51 -22.58
N ASN F 761 24.74 -30.10 -21.48
CA ASN F 761 23.31 -30.34 -21.32
C ASN F 761 22.48 -29.37 -22.15
N ARG F 762 22.95 -28.13 -22.32
CA ARG F 762 22.20 -27.15 -23.09
C ARG F 762 22.13 -27.52 -24.56
N HIS F 763 23.18 -28.13 -25.09
CA HIS F 763 23.24 -28.56 -26.48
C HIS F 763 23.35 -30.07 -26.56
N LYS F 764 22.58 -30.77 -25.74
CA LYS F 764 22.64 -32.22 -25.68
C LYS F 764 21.74 -32.83 -26.75
N LYS F 765 22.28 -33.78 -27.52
CA LYS F 765 21.53 -34.45 -28.57
C LYS F 765 21.83 -35.94 -28.51
N PHE F 766 20.79 -36.74 -28.30
CA PHE F 766 20.88 -38.20 -28.30
C PHE F 766 20.22 -38.70 -29.58
N ALA F 767 21.05 -39.01 -30.58
CA ALA F 767 20.50 -39.56 -31.82
C ALA F 767 19.82 -40.90 -31.57
N ASN F 768 20.45 -41.77 -30.76
CA ASN F 768 19.81 -42.97 -30.28
C ASN F 768 19.94 -43.06 -28.77
N VAL F 769 19.66 -44.23 -28.19
CA VAL F 769 19.74 -44.40 -26.74
C VAL F 769 21.17 -44.16 -26.25
N SER F 770 22.17 -44.65 -27.00
CA SER F 770 23.54 -44.68 -26.50
C SER F 770 24.54 -43.94 -27.38
N ASP F 771 24.09 -43.25 -28.43
CA ASP F 771 24.99 -42.43 -29.25
C ASP F 771 24.87 -40.98 -28.80
N GLU F 772 25.69 -40.65 -27.80
CA GLU F 772 25.70 -39.30 -27.21
C GLU F 772 26.60 -38.39 -28.05
N TYR F 773 26.13 -38.11 -29.25
CA TYR F 773 26.86 -37.31 -30.23
C TYR F 773 26.61 -35.82 -30.02
N LEU F 774 27.40 -35.01 -30.71
CA LEU F 774 27.30 -33.55 -30.62
C LEU F 774 27.31 -32.95 -32.01
N GLN F 775 26.60 -31.83 -32.15
CA GLN F 775 26.49 -31.10 -33.41
C GLN F 775 27.49 -29.93 -33.41
N TYR F 776 28.78 -30.29 -33.42
CA TYR F 776 29.85 -29.32 -33.35
C TYR F 776 31.11 -29.91 -33.96
N ILE F 777 32.01 -29.03 -34.41
CA ILE F 777 33.28 -29.42 -35.02
C ILE F 777 34.40 -28.59 -34.40
N PHE F 778 35.47 -29.25 -33.97
CA PHE F 778 36.63 -28.56 -33.42
C PHE F 778 37.47 -28.00 -34.57
N ILE F 779 37.54 -26.68 -34.69
CA ILE F 779 38.25 -26.07 -35.81
C ILE F 779 39.76 -26.18 -35.68
N GLU F 780 40.28 -26.35 -34.46
CA GLU F 780 41.74 -26.35 -34.29
C GLU F 780 42.37 -27.61 -34.86
N ASP F 781 41.78 -28.79 -34.63
CA ASP F 781 42.36 -30.03 -35.11
C ASP F 781 41.68 -30.59 -36.34
N ILE F 782 40.49 -30.10 -36.70
CA ILE F 782 39.82 -30.58 -37.91
C ILE F 782 39.82 -29.46 -38.94
N SER F 783 40.86 -28.62 -38.89
CA SER F 783 41.10 -27.64 -39.94
C SER F 783 41.72 -28.35 -41.14
N SER F 784 40.89 -29.12 -41.83
CA SER F 784 41.29 -29.99 -42.94
C SER F 784 42.42 -30.92 -42.50
N PRO F 785 42.14 -31.91 -41.65
CA PRO F 785 43.19 -32.83 -41.19
C PRO F 785 43.43 -33.99 -42.15
P AMP H . 25.42 1.98 39.95
O1P AMP H . 24.09 1.94 39.22
O2P AMP H . 26.29 0.77 39.72
O3P AMP H . 25.33 2.43 41.39
O5' AMP H . 26.22 3.15 39.22
C5' AMP H . 27.63 3.19 39.21
C4' AMP H . 28.18 3.55 40.57
O4' AMP H . 29.61 3.73 40.48
C3' AMP H . 27.69 4.88 41.13
O3' AMP H . 26.41 4.79 41.72
C2' AMP H . 28.80 5.26 42.11
O2' AMP H . 28.59 4.63 43.37
C1' AMP H . 30.04 4.64 41.46
N9 AMP H . 30.88 5.66 40.81
C8 AMP H . 30.75 6.10 39.54
N7 AMP H . 31.67 7.05 39.26
C5 AMP H . 32.40 7.24 40.37
C6 AMP H . 33.54 8.11 40.76
N6 AMP H . 34.08 8.98 39.87
N1 AMP H . 34.02 8.01 42.02
C2 AMP H . 33.48 7.15 42.90
N3 AMP H . 32.44 6.33 42.61
C4 AMP H . 31.88 6.34 41.40
PG ATP I . -25.35 -31.62 8.79
O1G ATP I . -24.95 -32.46 7.62
O2G ATP I . -24.48 -31.81 10.02
O3G ATP I . -25.45 -30.13 8.47
PB ATP I . -27.62 -32.31 10.62
O1B ATP I . -27.15 -33.53 11.29
O2B ATP I . -27.56 -31.03 11.46
O3B ATP I . -26.83 -32.02 9.28
PA ATP I . -30.27 -31.47 9.61
O1A ATP I . -29.90 -30.77 8.36
O2A ATP I . -30.60 -30.56 10.79
O3A ATP I . -29.11 -32.44 10.09
O5' ATP I . -31.49 -32.45 9.38
C5' ATP I . -31.64 -33.18 8.14
C4' ATP I . -33.09 -33.22 7.78
O4' ATP I . -33.84 -33.85 8.83
C3' ATP I . -33.75 -31.85 7.57
O3' ATP I . -33.92 -31.57 6.18
C2' ATP I . -35.10 -31.94 8.31
O2' ATP I . -36.19 -31.62 7.45
C1' ATP I . -35.17 -33.41 8.72
N9 ATP I . -35.83 -33.65 9.99
C8 ATP I . -35.57 -33.04 11.19
N7 ATP I . -36.32 -33.44 12.18
C5 ATP I . -37.16 -34.37 11.59
C6 ATP I . -38.20 -35.17 12.11
N6 ATP I . -38.59 -35.15 13.38
N1 ATP I . -38.83 -36.01 11.25
C2 ATP I . -38.44 -36.04 9.98
N3 ATP I . -37.48 -35.33 9.38
C4 ATP I . -36.87 -34.51 10.25
MG MG J . -27.31 -30.17 9.66
PG ATP K . -13.33 -25.92 -22.61
O1G ATP K . -11.89 -26.01 -23.00
O2G ATP K . -13.69 -26.80 -21.41
O3G ATP K . -13.82 -24.50 -22.36
PB ATP K . -15.57 -27.30 -24.00
O1B ATP K . -15.33 -28.75 -23.90
O2B ATP K . -16.62 -26.73 -23.05
O3B ATP K . -14.25 -26.46 -23.79
PA ATP K . -16.35 -25.51 -26.23
O1A ATP K . -15.16 -24.65 -26.37
O2A ATP K . -17.51 -24.87 -25.47
O3A ATP K . -16.00 -26.86 -25.48
O5' ATP K . -16.89 -26.00 -27.62
C5' ATP K . -16.00 -26.47 -28.65
C4' ATP K . -16.32 -25.79 -29.96
O4' ATP K . -17.42 -26.47 -30.60
C3' ATP K . -16.71 -24.32 -29.85
O3' ATP K . -16.12 -23.55 -30.89
C2' ATP K . -18.24 -24.36 -29.99
O2' ATP K . -18.76 -23.16 -30.56
C1' ATP K . -18.42 -25.53 -30.94
N9 ATP K . -19.72 -26.20 -30.82
C8 ATP K . -20.44 -26.42 -29.67
N7 ATP K . -21.56 -27.04 -29.86
C5 ATP K . -21.60 -27.24 -31.23
C6 ATP K . -22.55 -27.86 -32.07
N6 ATP K . -23.69 -28.41 -31.64
N1 ATP K . -22.27 -27.91 -33.39
C2 ATP K . -21.14 -27.38 -33.84
N3 ATP K . -20.18 -26.77 -33.13
C4 ATP K . -20.46 -26.74 -31.84
MG MG L . -15.55 -25.04 -24.13
PG ATP M . 16.88 -9.13 -27.54
O1G ATP M . 18.21 -9.41 -26.93
O2G ATP M . 16.02 -10.38 -27.73
O3G ATP M . 16.07 -8.07 -26.79
PB ATP M . 16.27 -8.49 -30.39
O1B ATP M . 16.42 -9.75 -31.16
O2B ATP M . 14.84 -8.06 -30.09
O3B ATP M . 17.05 -8.54 -29.02
PA ATP M . 16.72 -5.71 -31.25
O1A ATP M . 16.46 -5.09 -29.94
O2A ATP M . 15.62 -5.53 -32.29
O3A ATP M . 16.98 -7.27 -31.12
O5' ATP M . 18.08 -5.19 -31.88
C5' ATP M . 18.39 -5.41 -33.26
C4' ATP M . 19.09 -4.18 -33.78
O4' ATP M . 19.12 -4.21 -35.23
C3' ATP M . 18.43 -2.86 -33.39
O3' ATP M . 19.39 -1.85 -33.12
C2' ATP M . 17.59 -2.52 -34.63
O2' ATP M . 17.41 -1.12 -34.77
C1' ATP M . 18.49 -3.06 -35.75
N9 ATP M . 17.76 -3.45 -36.95
C8 ATP M . 16.53 -4.04 -37.02
N7 ATP M . 16.11 -4.27 -38.24
C5 ATP M . 17.15 -3.80 -39.03
C6 ATP M . 17.33 -3.77 -40.42
N6 ATP M . 16.43 -4.22 -41.31
N1 ATP M . 18.47 -3.24 -40.90
C2 ATP M . 19.38 -2.78 -40.02
N3 ATP M . 19.31 -2.76 -38.68
C4 ATP M . 18.17 -3.30 -38.25
MG MG N . 15.65 -7.20 -28.55
PB ADP O . 37.34 3.95 -2.54
O1B ADP O . 35.97 4.29 -3.07
O2B ADP O . 37.36 3.41 -1.12
O3B ADP O . 38.21 3.20 -3.51
PA ADP O . 37.28 6.61 -1.73
O1A ADP O . 36.23 6.04 -0.80
O2A ADP O . 36.88 7.58 -2.81
O3A ADP O . 38.06 5.38 -2.41
O5' ADP O . 38.42 7.30 -0.82
C5' ADP O . 39.70 7.60 -1.38
C4' ADP O . 40.36 8.68 -0.54
O4' ADP O . 41.57 9.10 -1.17
C3' ADP O . 39.46 9.91 -0.44
O3' ADP O . 39.09 10.13 0.93
C2' ADP O . 40.27 11.08 -0.94
O2' ADP O . 40.35 12.09 0.06
C1' ADP O . 41.66 10.52 -1.21
N9 ADP O . 42.11 10.94 -2.56
C8 ADP O . 41.94 10.23 -3.69
N7 ADP O . 42.47 10.89 -4.75
C5 ADP O . 43.00 12.04 -4.30
C6 ADP O . 43.70 13.19 -4.89
N6 ADP O . 43.97 13.25 -6.22
N1 ADP O . 44.08 14.19 -4.06
C2 ADP O . 43.82 14.15 -2.74
N3 ADP O . 43.20 13.13 -2.14
C4 ADP O . 42.76 12.07 -2.85
#